data_1L2A
#
_entry.id   1L2A
#
_cell.length_a   148.027
_cell.length_b   207.640
_cell.length_c   215.354
_cell.angle_alpha   90.00
_cell.angle_beta   90.00
_cell.angle_gamma   90.00
#
_symmetry.space_group_name_H-M   'P 21 21 21'
#
loop_
_entity.id
_entity.type
_entity.pdbx_description
1 polymer cellobiohydrolase
2 branched beta-D-glucopyranose-(1-4)-beta-D-glucopyranose
3 branched beta-D-glucopyranose-(1-4)-beta-D-glucopyranose-(1-4)-beta-D-glucopyranose-(1-4)-beta-D-glucopyranose-(1-4)-beta-D-glucopyranose-(1-4)-beta-D-glucopyranose
4 water water
#
_entity_poly.entity_id   1
_entity_poly.type   'polypeptide(L)'
_entity_poly.pdbx_seq_one_letter_code
;MVKSRKISILLAVAMLVSIMIPTTAFAGPTKAPTKDGTSYKDLFLELYGKIKDPKNGYFSPDEGIPYHSIETLIVEAPDY
GHVTTSEAFSYYVWLEAMYGNLTGNWSGVETAWKVMEDWIIPDSTEQPGMSSYNPNSPATYADEYEDPSYYPSELKFDTV
RVGSDPVHNDLVSAYGPNMYLMHWLMDVDNWYGFGTGTRATFINTFQRGEQESTWETIPHPSIEEFKYGGPNGFLDLFTK
DRSYAKQWRYTNAPDAEGRAIQAVYWANKWAKEQGKGSAVASVVSKAAKMGDFLRNDMFDKYFMKIGAQDKTPATGYDSA
HYLMAWYTAWGGGIGASWAWKIGCSHAHFGYQNPFQGWVSATQSDFAPKSSNGKRDWTTSYKRQLEFYQWLQSAEGGIAG
GATNSWNGRYEKYPAGTSTFYGMAYVPHPVYADPGSNQWFGFQAWSMQRVMEYYLETGDSSVKNLIKKWVDWVMSEIKLY
DDGTFAIPSDLEWSGQPDTWTGTYTGNPNLHVRVTSYGTDLGVAGSLANALATYAAATERWEGKLDTKARDMAAELVNRA
WYNFYCSEGKGVVTEEARADYKRFFEQEVYVPAGWSGTMPNGDKIQPGIKFIDIRTKYRQDPYYDIVYQAYLRGEAPVLN
YHRFWHEVDLAVAMGVLATYFPDMTYKVPGTPSTKLYG
;
_entity_poly.pdbx_strand_id   A,B,C,D,E,F
#
# COMPACT_ATOMS: atom_id res chain seq x y z
N GLY A 28 -31.65 16.60 17.55
CA GLY A 28 -30.75 15.50 17.10
C GLY A 28 -29.38 15.94 16.58
N PRO A 29 -28.70 15.08 15.82
CA PRO A 29 -27.40 15.41 15.19
C PRO A 29 -27.34 16.41 14.03
N THR A 30 -26.26 17.17 14.08
CA THR A 30 -25.88 18.15 13.05
C THR A 30 -24.35 18.07 12.91
N LYS A 31 -23.83 18.40 11.73
CA LYS A 31 -22.39 18.29 11.46
C LYS A 31 -21.48 19.09 12.40
N ALA A 32 -20.32 18.52 12.71
CA ALA A 32 -19.31 19.21 13.50
C ALA A 32 -18.70 20.33 12.65
N PRO A 33 -18.66 21.54 13.21
CA PRO A 33 -17.98 22.67 12.56
C PRO A 33 -16.46 22.62 12.62
N THR A 34 -15.93 21.66 13.37
CA THR A 34 -14.48 21.54 13.63
C THR A 34 -13.58 21.82 12.41
N LYS A 35 -12.53 22.61 12.63
CA LYS A 35 -11.54 22.92 11.61
C LYS A 35 -10.69 21.68 11.31
N ASP A 36 -10.42 21.39 10.03
CA ASP A 36 -9.42 20.38 9.65
C ASP A 36 -8.06 20.72 10.28
N GLY A 37 -7.33 19.68 10.67
CA GLY A 37 -6.05 19.87 11.33
C GLY A 37 -6.14 20.03 12.84
N THR A 38 -7.34 19.89 13.40
CA THR A 38 -7.48 19.83 14.86
C THR A 38 -6.87 18.50 15.33
N SER A 39 -6.03 18.59 16.36
CA SER A 39 -5.34 17.45 16.93
C SER A 39 -6.35 16.60 17.66
N TYR A 40 -6.16 15.29 17.65
CA TYR A 40 -7.00 14.42 18.47
C TYR A 40 -6.96 14.78 19.94
N LYS A 41 -5.80 15.27 20.39
CA LYS A 41 -5.66 15.79 21.74
C LYS A 41 -6.71 16.85 21.99
N ASP A 42 -6.78 17.81 21.08
CA ASP A 42 -7.69 18.95 21.24
C ASP A 42 -9.14 18.54 21.13
N LEU A 43 -9.44 17.58 20.25
CA LEU A 43 -10.79 17.02 20.15
C LEU A 43 -11.22 16.38 21.46
N PHE A 44 -10.32 15.56 22.02
CA PHE A 44 -10.60 14.92 23.28
C PHE A 44 -10.83 15.97 24.37
N LEU A 45 -10.06 17.06 24.32
CA LEU A 45 -10.21 18.09 25.35
C LEU A 45 -11.54 18.79 25.24
N GLU A 46 -12.02 18.99 24.00
CA GLU A 46 -13.36 19.52 23.77
C GLU A 46 -14.43 18.58 24.32
N LEU A 47 -14.36 17.29 24.00
CA LEU A 47 -15.38 16.37 24.47
C LEU A 47 -15.34 16.24 25.98
N TYR A 48 -14.14 16.14 26.55
CA TYR A 48 -13.97 16.07 28.00
C TYR A 48 -14.68 17.25 28.64
N GLY A 49 -14.38 18.45 28.15
CA GLY A 49 -14.98 19.68 28.69
C GLY A 49 -16.50 19.59 28.71
N LYS A 50 -17.09 19.02 27.67
CA LYS A 50 -18.55 18.96 27.53
C LYS A 50 -19.14 17.91 28.45
N ILE A 51 -18.47 16.77 28.57
CA ILE A 51 -18.91 15.74 29.46
C ILE A 51 -18.90 16.25 30.89
N LYS A 52 -17.91 17.06 31.23
CA LYS A 52 -17.75 17.50 32.61
C LYS A 52 -18.45 18.84 32.93
N ASP A 53 -19.09 19.47 31.96
CA ASP A 53 -19.75 20.74 32.20
C ASP A 53 -21.06 20.51 32.97
N PRO A 54 -21.19 21.03 34.19
CA PRO A 54 -22.39 20.79 35.02
C PRO A 54 -23.71 21.20 34.34
N LYS A 55 -23.70 22.26 33.54
CA LYS A 55 -24.89 22.61 32.72
C LYS A 55 -25.38 21.46 31.79
N ASN A 56 -24.48 20.58 31.32
CA ASN A 56 -24.92 19.49 30.43
C ASN A 56 -25.70 18.37 31.10
N GLY A 57 -25.45 18.15 32.39
CA GLY A 57 -26.21 17.20 33.17
C GLY A 57 -25.81 15.74 33.07
N TYR A 58 -24.56 15.46 32.71
CA TYR A 58 -24.06 14.07 32.73
C TYR A 58 -23.94 13.44 34.13
N PHE A 59 -23.72 14.28 35.14
CA PHE A 59 -23.50 13.83 36.52
C PHE A 59 -24.55 14.40 37.48
N SER A 60 -24.81 13.68 38.57
CA SER A 60 -25.78 14.16 39.54
C SER A 60 -25.32 15.46 40.17
N PRO A 61 -26.24 16.44 40.28
CA PRO A 61 -25.92 17.75 40.89
C PRO A 61 -25.45 17.70 42.35
N ASP A 62 -26.04 16.82 43.18
CA ASP A 62 -25.69 16.78 44.62
C ASP A 62 -24.41 16.01 44.93
N GLU A 63 -24.17 14.90 44.22
CA GLU A 63 -23.03 14.05 44.57
C GLU A 63 -21.96 13.80 43.48
N GLY A 64 -22.24 14.20 42.23
CA GLY A 64 -21.27 14.03 41.15
C GLY A 64 -21.18 12.60 40.62
N ILE A 65 -22.25 11.83 40.79
CA ILE A 65 -22.36 10.48 40.25
C ILE A 65 -22.80 10.55 38.80
N PRO A 66 -22.13 9.81 37.92
CA PRO A 66 -22.47 9.81 36.50
C PRO A 66 -23.73 8.98 36.22
N TYR A 67 -24.77 9.58 35.64
CA TYR A 67 -26.00 8.88 35.27
C TYR A 67 -25.74 7.99 34.08
N HIS A 68 -26.63 7.06 33.81
CA HIS A 68 -26.53 6.24 32.62
C HIS A 68 -26.56 7.12 31.39
N SER A 69 -27.50 8.07 31.35
CA SER A 69 -27.60 9.04 30.26
C SER A 69 -28.25 10.33 30.72
N ILE A 70 -28.04 11.42 29.96
CA ILE A 70 -28.75 12.68 30.20
C ILE A 70 -30.28 12.47 30.18
N GLU A 71 -30.77 11.75 29.17
CA GLU A 71 -32.20 11.45 29.10
C GLU A 71 -32.61 10.41 30.14
N THR A 72 -33.81 10.61 30.69
CA THR A 72 -34.38 9.76 31.72
C THR A 72 -35.13 8.59 31.10
N LEU A 73 -35.80 8.83 29.96
CA LEU A 73 -36.59 7.76 29.34
C LEU A 73 -35.75 6.94 28.36
N ILE A 74 -35.30 5.79 28.85
CA ILE A 74 -34.42 4.89 28.10
C ILE A 74 -34.45 3.51 28.75
N VAL A 75 -34.56 2.48 27.92
CA VAL A 75 -34.68 1.11 28.42
C VAL A 75 -33.83 0.13 27.60
N GLU A 76 -32.89 -0.50 28.29
CA GLU A 76 -31.91 -1.45 27.76
C GLU A 76 -31.22 -1.75 29.08
N ALA A 77 -30.49 -2.84 29.24
CA ALA A 77 -29.86 -3.14 30.55
C ALA A 77 -30.44 -2.37 31.79
N PRO A 78 -30.05 -1.11 32.08
CA PRO A 78 -30.85 -0.28 33.03
C PRO A 78 -32.24 0.11 32.45
N ASP A 79 -33.28 0.35 33.27
CA ASP A 79 -34.57 0.67 32.67
C ASP A 79 -35.04 2.10 32.88
N TYR A 80 -34.09 2.95 33.25
CA TYR A 80 -34.33 4.34 33.55
C TYR A 80 -32.99 5.08 33.43
N GLY A 81 -33.03 6.27 32.84
CA GLY A 81 -31.83 6.98 32.45
C GLY A 81 -31.00 7.54 33.59
N HIS A 82 -31.65 7.75 34.74
CA HIS A 82 -30.99 8.41 35.85
C HIS A 82 -30.68 7.47 37.02
N VAL A 83 -30.62 6.18 36.72
CA VAL A 83 -29.80 5.24 37.50
C VAL A 83 -28.31 5.57 37.24
N THR A 84 -27.42 5.02 38.07
CA THR A 84 -26.03 4.89 37.68
C THR A 84 -25.75 3.42 37.65
N THR A 85 -24.65 3.05 37.03
CA THR A 85 -24.22 1.66 36.97
C THR A 85 -22.74 1.67 37.32
N SER A 86 -22.20 0.52 37.71
CA SER A 86 -20.76 0.44 37.94
C SER A 86 -19.99 0.65 36.62
N GLU A 87 -20.61 0.22 35.52
CA GLU A 87 -20.15 0.48 34.16
C GLU A 87 -19.85 1.96 33.99
N ALA A 88 -20.85 2.81 34.27
CA ALA A 88 -20.68 4.25 34.09
C ALA A 88 -19.49 4.78 34.89
N PHE A 89 -19.31 4.27 36.11
CA PHE A 89 -18.20 4.69 36.96
C PHE A 89 -16.86 4.26 36.37
N SER A 90 -16.80 3.04 35.83
CA SER A 90 -15.55 2.56 35.26
C SER A 90 -15.13 3.48 34.10
N TYR A 91 -16.10 3.86 33.26
CA TYR A 91 -15.87 4.83 32.19
C TYR A 91 -15.44 6.18 32.69
N TYR A 92 -16.01 6.57 33.84
CA TYR A 92 -15.69 7.85 34.45
C TYR A 92 -14.22 7.87 34.88
N VAL A 93 -13.77 6.76 35.46
CA VAL A 93 -12.35 6.62 35.82
C VAL A 93 -11.46 6.64 34.56
N TRP A 94 -11.85 5.88 33.52
CA TRP A 94 -11.11 5.87 32.26
C TRP A 94 -10.92 7.26 31.67
N LEU A 95 -12.00 8.04 31.65
CA LEU A 95 -11.99 9.40 31.14
C LEU A 95 -10.99 10.27 31.88
N GLU A 96 -11.00 10.18 33.22
CA GLU A 96 -10.07 10.97 34.00
C GLU A 96 -8.61 10.53 33.83
N ALA A 97 -8.38 9.22 33.72
CA ALA A 97 -7.04 8.69 33.39
C ALA A 97 -6.50 9.36 32.13
N MET A 98 -7.31 9.35 31.05
CA MET A 98 -6.88 9.92 29.79
C MET A 98 -6.65 11.42 29.93
N TYR A 99 -7.54 12.08 30.66
CA TYR A 99 -7.42 13.50 30.92
C TYR A 99 -6.08 13.79 31.56
N GLY A 100 -5.74 13.02 32.60
CA GLY A 100 -4.46 13.18 33.27
C GLY A 100 -3.29 13.06 32.31
N ASN A 101 -3.33 12.03 31.47
CA ASN A 101 -2.31 11.78 30.46
C ASN A 101 -2.07 13.01 29.56
N LEU A 102 -3.16 13.57 29.05
CA LEU A 102 -3.06 14.59 28.03
C LEU A 102 -2.78 15.97 28.63
N THR A 103 -2.86 16.07 29.94
CA THR A 103 -3.00 17.38 30.55
C THR A 103 -2.03 17.63 31.71
N GLY A 104 -1.70 16.58 32.45
CA GLY A 104 -0.91 16.71 33.65
C GLY A 104 -1.69 16.95 34.94
N ASN A 105 -3.01 17.21 34.90
CA ASN A 105 -3.85 17.37 36.10
C ASN A 105 -4.55 16.07 36.49
N TRP A 106 -4.06 15.44 37.57
CA TRP A 106 -4.53 14.12 37.99
C TRP A 106 -5.62 14.07 39.06
N SER A 107 -6.11 15.22 39.49
CA SER A 107 -7.04 15.24 40.62
C SER A 107 -8.34 14.51 40.28
N GLY A 108 -8.74 14.58 39.01
CA GLY A 108 -9.99 13.97 38.56
C GLY A 108 -10.07 12.48 38.79
N VAL A 109 -8.93 11.80 38.72
CA VAL A 109 -8.86 10.37 38.94
C VAL A 109 -9.19 10.04 40.40
N GLU A 110 -8.64 10.85 41.32
CA GLU A 110 -8.95 10.76 42.75
C GLU A 110 -10.41 11.05 43.06
N THR A 111 -10.92 12.13 42.46
CA THR A 111 -12.32 12.51 42.61
C THR A 111 -13.22 11.36 42.16
N ALA A 112 -12.99 10.87 40.95
CA ALA A 112 -13.75 9.75 40.42
C ALA A 112 -13.78 8.58 41.39
N TRP A 113 -12.63 8.22 41.95
CA TRP A 113 -12.57 7.02 42.76
C TRP A 113 -13.20 7.28 44.12
N LYS A 114 -13.12 8.53 44.58
CA LYS A 114 -13.81 8.96 45.80
C LYS A 114 -15.33 8.79 45.67
N VAL A 115 -15.89 9.30 44.58
CA VAL A 115 -17.33 9.26 44.36
C VAL A 115 -17.73 7.80 44.34
N MET A 116 -16.95 7.00 43.62
CA MET A 116 -17.17 5.56 43.58
C MET A 116 -17.27 4.93 44.98
N GLU A 117 -16.30 5.16 45.87
CA GLU A 117 -16.39 4.50 47.18
C GLU A 117 -17.40 5.12 48.17
N ASP A 118 -17.66 6.41 48.02
CA ASP A 118 -18.69 7.10 48.78
C ASP A 118 -20.11 6.61 48.46
N TRP A 119 -20.31 6.04 47.27
CA TRP A 119 -21.66 5.73 46.80
C TRP A 119 -21.93 4.31 46.30
N ILE A 120 -21.13 3.80 45.35
CA ILE A 120 -21.48 2.55 44.68
C ILE A 120 -20.82 1.30 45.27
N ILE A 121 -19.73 1.47 46.01
CA ILE A 121 -19.19 0.33 46.75
C ILE A 121 -19.88 0.36 48.11
N PRO A 122 -20.58 -0.73 48.44
CA PRO A 122 -21.15 -0.90 49.80
C PRO A 122 -20.05 -0.84 50.87
N ASP A 123 -20.12 0.10 51.80
CA ASP A 123 -19.14 0.12 52.91
C ASP A 123 -19.51 -0.85 54.07
N SER A 124 -18.70 -0.84 55.13
CA SER A 124 -18.86 -1.73 56.31
C SER A 124 -20.28 -1.74 56.90
N THR A 125 -20.87 -0.54 56.92
CA THR A 125 -22.20 -0.24 57.47
C THR A 125 -23.33 -0.74 56.59
N GLU A 126 -23.00 -1.21 55.39
CA GLU A 126 -24.02 -1.59 54.43
C GLU A 126 -23.94 -3.07 54.10
N GLN A 127 -23.01 -3.76 54.74
CA GLN A 127 -22.90 -5.22 54.67
C GLN A 127 -22.90 -5.88 56.08
N PRO A 128 -23.87 -5.52 56.96
CA PRO A 128 -23.84 -5.93 58.38
C PRO A 128 -23.71 -7.43 58.59
N GLY A 129 -22.76 -7.82 59.44
CA GLY A 129 -22.52 -9.22 59.75
C GLY A 129 -22.14 -10.09 58.57
N MET A 130 -21.37 -9.52 57.64
CA MET A 130 -20.73 -10.30 56.57
C MET A 130 -19.64 -11.17 57.23
N SER A 131 -19.14 -10.70 58.37
CA SER A 131 -18.26 -11.47 59.27
C SER A 131 -18.77 -12.87 59.64
N SER A 132 -20.07 -13.11 59.50
CA SER A 132 -20.64 -14.42 59.83
C SER A 132 -20.70 -15.40 58.66
N TYR A 133 -20.22 -14.94 57.50
CA TYR A 133 -20.15 -15.76 56.28
C TYR A 133 -19.32 -17.02 56.51
N ASN A 134 -19.83 -18.16 56.02
CA ASN A 134 -19.12 -19.40 56.20
C ASN A 134 -18.62 -19.97 54.87
N PRO A 135 -17.30 -20.03 54.72
CA PRO A 135 -16.62 -20.64 53.55
C PRO A 135 -16.97 -22.11 53.27
N ASN A 136 -17.33 -22.88 54.30
CA ASN A 136 -17.72 -24.27 54.07
C ASN A 136 -19.15 -24.45 53.59
N SER A 137 -19.98 -23.43 53.84
CA SER A 137 -21.38 -23.37 53.36
C SER A 137 -21.72 -21.99 52.80
N PRO A 138 -21.15 -21.68 51.63
CA PRO A 138 -21.20 -20.32 51.07
C PRO A 138 -22.64 -19.85 50.86
N ALA A 139 -23.49 -20.75 50.38
CA ALA A 139 -24.84 -20.41 49.99
C ALA A 139 -25.77 -21.64 49.86
N THR A 140 -27.06 -21.35 49.69
CA THR A 140 -28.12 -22.36 49.56
C THR A 140 -28.59 -22.49 48.11
N TYR A 141 -28.44 -23.68 47.56
CA TYR A 141 -28.75 -23.96 46.17
C TYR A 141 -30.20 -23.68 45.75
N ALA A 142 -30.36 -23.17 44.53
CA ALA A 142 -31.68 -22.94 43.93
C ALA A 142 -31.57 -23.08 42.43
N ASP A 143 -32.58 -23.68 41.82
CA ASP A 143 -32.58 -23.86 40.39
C ASP A 143 -32.79 -22.52 39.71
N GLU A 144 -32.37 -22.46 38.44
CA GLU A 144 -32.75 -21.38 37.55
C GLU A 144 -33.65 -22.02 36.52
N TYR A 145 -34.61 -21.24 36.02
CA TYR A 145 -35.58 -21.77 35.07
C TYR A 145 -35.65 -20.95 33.80
N GLU A 146 -36.15 -21.58 32.76
CA GLU A 146 -36.21 -21.04 31.41
C GLU A 146 -37.31 -19.99 31.17
N ASP A 147 -38.02 -19.60 32.23
CA ASP A 147 -39.09 -18.61 32.11
C ASP A 147 -39.37 -17.94 33.44
N PRO A 148 -39.61 -16.63 33.44
CA PRO A 148 -39.97 -15.91 34.68
C PRO A 148 -41.22 -16.43 35.40
N SER A 149 -42.10 -17.15 34.69
CA SER A 149 -43.32 -17.70 35.30
C SER A 149 -43.04 -18.80 36.33
N TYR A 150 -41.98 -19.59 36.11
CA TYR A 150 -41.52 -20.59 37.07
C TYR A 150 -41.07 -20.06 38.45
N TYR A 151 -41.00 -18.74 38.62
CA TYR A 151 -40.44 -18.13 39.83
C TYR A 151 -41.56 -17.65 40.76
N PRO A 152 -41.34 -17.60 42.07
CA PRO A 152 -40.04 -17.78 42.75
C PRO A 152 -39.47 -19.18 42.78
N SER A 153 -38.13 -19.23 42.81
CA SER A 153 -37.37 -20.47 42.82
C SER A 153 -37.12 -20.94 44.24
N GLU A 154 -37.18 -22.25 44.43
CA GLU A 154 -37.13 -22.80 45.78
C GLU A 154 -35.72 -23.04 46.29
N LEU A 155 -35.42 -22.43 47.44
CA LEU A 155 -34.19 -22.67 48.17
C LEU A 155 -34.21 -24.08 48.73
N LYS A 156 -33.10 -24.80 48.55
CA LYS A 156 -33.06 -26.23 48.89
C LYS A 156 -31.93 -26.62 49.87
N PHE A 157 -32.11 -26.32 51.16
CA PHE A 157 -31.20 -26.79 52.23
C PHE A 157 -31.33 -28.30 52.36
N ASP A 158 -32.40 -28.81 51.75
CA ASP A 158 -32.75 -30.22 51.68
C ASP A 158 -31.61 -31.07 51.09
N THR A 159 -31.72 -31.32 49.78
CA THR A 159 -30.95 -32.39 49.14
C THR A 159 -29.73 -31.94 48.31
N VAL A 160 -29.32 -30.68 48.47
CA VAL A 160 -28.18 -30.21 47.68
C VAL A 160 -27.04 -29.76 48.59
N ARG A 161 -25.98 -30.55 48.59
CA ARG A 161 -24.72 -30.16 49.21
C ARG A 161 -23.92 -29.24 48.26
N VAL A 162 -23.41 -28.16 48.84
CA VAL A 162 -22.73 -27.08 48.17
C VAL A 162 -21.21 -27.12 48.43
N GLY A 163 -20.41 -26.73 47.43
CA GLY A 163 -18.95 -26.73 47.55
C GLY A 163 -18.39 -25.67 48.48
N SER A 164 -17.08 -25.66 48.65
CA SER A 164 -16.42 -24.70 49.56
C SER A 164 -15.81 -23.51 48.83
N ASP A 165 -15.63 -22.40 49.57
CA ASP A 165 -15.04 -21.15 49.06
C ASP A 165 -13.57 -21.04 49.48
N PRO A 166 -12.66 -21.36 48.55
CA PRO A 166 -11.22 -21.44 48.83
C PRO A 166 -10.52 -20.09 48.83
N VAL A 167 -11.28 -19.03 48.59
CA VAL A 167 -10.70 -17.71 48.42
C VAL A 167 -11.00 -16.75 49.58
N HIS A 168 -12.13 -16.96 50.26
CA HIS A 168 -12.57 -16.02 51.30
C HIS A 168 -11.57 -15.75 52.42
N ASN A 169 -10.96 -16.81 52.95
CA ASN A 169 -10.03 -16.70 54.07
C ASN A 169 -8.84 -15.78 53.78
N ASP A 170 -8.11 -16.01 52.68
CA ASP A 170 -6.98 -15.11 52.40
C ASP A 170 -7.35 -13.72 51.94
N LEU A 171 -8.53 -13.56 51.35
CA LEU A 171 -9.10 -12.22 51.21
C LEU A 171 -9.31 -11.54 52.58
N VAL A 172 -10.08 -12.17 53.47
CA VAL A 172 -10.30 -11.66 54.84
C VAL A 172 -9.00 -11.34 55.57
N SER A 173 -8.07 -12.28 55.51
CA SER A 173 -6.77 -12.15 56.18
C SER A 173 -6.01 -10.87 55.76
N ALA A 174 -6.13 -10.52 54.48
CA ALA A 174 -5.56 -9.28 53.97
C ALA A 174 -6.44 -8.05 54.21
N TYR A 175 -7.74 -8.19 54.04
CA TYR A 175 -8.62 -6.99 53.93
C TYR A 175 -9.62 -6.68 55.06
N GLY A 176 -10.05 -7.72 55.75
CA GLY A 176 -11.15 -7.59 56.68
C GLY A 176 -12.28 -8.49 56.24
N PRO A 177 -13.45 -8.33 56.86
CA PRO A 177 -14.60 -9.20 56.58
C PRO A 177 -15.36 -8.79 55.31
N ASN A 178 -15.21 -7.53 54.90
CA ASN A 178 -16.07 -6.95 53.86
C ASN A 178 -15.64 -7.17 52.42
N MET A 179 -16.60 -7.00 51.53
CA MET A 179 -16.41 -7.22 50.10
C MET A 179 -16.13 -5.85 49.46
N TYR A 180 -15.02 -5.73 48.73
CA TYR A 180 -14.69 -4.45 48.06
C TYR A 180 -14.94 -4.54 46.54
N LEU A 181 -16.19 -4.43 46.17
CA LEU A 181 -16.64 -4.59 44.80
C LEU A 181 -17.71 -3.54 44.57
N MET A 182 -18.07 -3.33 43.32
CA MET A 182 -19.10 -2.35 43.03
C MET A 182 -20.40 -3.10 42.86
N HIS A 183 -21.45 -2.65 43.56
CA HIS A 183 -22.77 -3.11 43.20
C HIS A 183 -23.21 -2.46 41.86
N TRP A 184 -23.89 -3.19 40.98
CA TRP A 184 -24.03 -2.74 39.60
C TRP A 184 -24.99 -1.56 39.35
N LEU A 185 -26.02 -1.41 40.19
CA LEU A 185 -27.14 -0.51 39.93
C LEU A 185 -27.55 0.32 41.14
N MET A 186 -27.77 1.61 40.92
CA MET A 186 -28.10 2.52 42.00
C MET A 186 -29.05 3.59 41.47
N ASP A 187 -30.10 3.85 42.24
CA ASP A 187 -31.11 4.81 41.87
C ASP A 187 -30.70 6.18 42.39
N VAL A 188 -30.02 6.96 41.57
CA VAL A 188 -29.29 8.13 42.04
C VAL A 188 -30.15 9.18 42.75
N ASP A 189 -31.32 9.48 42.21
CA ASP A 189 -32.19 10.47 42.84
C ASP A 189 -33.45 9.78 43.35
N ASN A 190 -33.37 8.48 43.57
CA ASN A 190 -34.45 7.73 44.21
C ASN A 190 -35.78 7.87 43.48
N TRP A 191 -35.73 7.71 42.16
CA TRP A 191 -36.89 7.92 41.29
C TRP A 191 -37.94 6.83 41.50
N TYR A 192 -37.48 5.66 41.93
CA TYR A 192 -38.36 4.55 42.24
C TYR A 192 -39.05 4.76 43.59
N GLY A 193 -38.45 5.58 44.45
CA GLY A 193 -39.01 5.88 45.76
C GLY A 193 -38.60 4.96 46.92
N PHE A 194 -37.99 3.81 46.63
CA PHE A 194 -37.60 2.85 47.66
C PHE A 194 -36.79 3.47 48.79
N GLY A 195 -36.17 4.61 48.52
CA GLY A 195 -35.33 5.25 49.51
C GLY A 195 -35.98 6.36 50.29
N THR A 196 -35.25 6.85 51.28
CA THR A 196 -35.60 8.02 52.07
C THR A 196 -35.43 9.28 51.20
N GLY A 197 -36.27 10.29 51.43
CA GLY A 197 -36.23 11.55 50.68
C GLY A 197 -35.79 11.43 49.22
N THR A 198 -34.62 12.00 48.91
CA THR A 198 -34.07 11.93 47.56
C THR A 198 -32.68 11.19 47.45
N ARG A 199 -32.33 10.40 48.46
CA ARG A 199 -31.01 9.77 48.56
C ARG A 199 -30.81 8.68 47.51
N ALA A 200 -29.56 8.50 47.09
CA ALA A 200 -29.17 7.41 46.19
C ALA A 200 -29.29 6.07 46.88
N THR A 201 -29.96 5.14 46.21
CA THR A 201 -30.44 3.90 46.81
C THR A 201 -30.03 2.70 45.93
N PHE A 202 -29.48 1.65 46.53
CA PHE A 202 -29.14 0.45 45.79
C PHE A 202 -30.42 -0.22 45.36
N ILE A 203 -30.48 -0.65 44.12
CA ILE A 203 -31.66 -1.33 43.62
C ILE A 203 -31.18 -2.44 42.73
N ASN A 204 -32.07 -3.35 42.39
CA ASN A 204 -31.69 -4.42 41.51
C ASN A 204 -32.93 -4.75 40.70
N THR A 205 -32.77 -5.50 39.60
CA THR A 205 -33.89 -5.84 38.73
C THR A 205 -33.89 -7.31 38.34
N PHE A 206 -32.99 -7.72 37.45
CA PHE A 206 -32.95 -9.10 36.92
C PHE A 206 -32.84 -10.14 38.03
N GLN A 207 -33.70 -11.14 37.99
CA GLN A 207 -33.75 -12.18 39.02
C GLN A 207 -34.21 -13.51 38.48
N ARG A 208 -34.97 -13.48 37.39
CA ARG A 208 -35.82 -14.61 37.04
C ARG A 208 -35.41 -15.31 35.76
N GLY A 209 -34.12 -15.64 35.67
CA GLY A 209 -33.62 -16.49 34.59
C GLY A 209 -33.42 -15.84 33.24
N GLU A 210 -33.13 -16.69 32.25
CA GLU A 210 -32.72 -16.28 30.90
C GLU A 210 -33.76 -15.49 30.07
N GLN A 211 -35.05 -15.68 30.36
CA GLN A 211 -36.10 -15.04 29.56
C GLN A 211 -36.62 -13.79 30.24
N GLU A 212 -35.95 -13.35 31.29
CA GLU A 212 -36.33 -12.10 31.93
C GLU A 212 -35.49 -10.95 31.42
N SER A 213 -35.94 -10.33 30.33
CA SER A 213 -35.31 -9.11 29.81
C SER A 213 -35.56 -7.89 30.71
N THR A 214 -35.04 -6.73 30.31
CA THR A 214 -35.24 -5.46 31.02
C THR A 214 -36.72 -5.16 31.18
N TRP A 215 -37.49 -5.66 30.21
CA TRP A 215 -38.91 -5.36 30.11
C TRP A 215 -39.77 -6.22 31.02
N GLU A 216 -39.18 -7.26 31.61
CA GLU A 216 -39.97 -8.26 32.31
C GLU A 216 -39.61 -8.36 33.79
N THR A 217 -38.97 -7.30 34.31
CA THR A 217 -38.46 -7.26 35.68
C THR A 217 -39.39 -6.50 36.61
N ILE A 218 -39.13 -6.68 37.90
CA ILE A 218 -39.75 -5.89 38.96
C ILE A 218 -38.62 -5.27 39.80
N PRO A 219 -38.32 -4.00 39.55
CA PRO A 219 -37.26 -3.29 40.28
C PRO A 219 -37.52 -3.33 41.79
N HIS A 220 -36.48 -3.44 42.59
CA HIS A 220 -36.63 -3.56 44.03
C HIS A 220 -35.38 -3.06 44.72
N PRO A 221 -35.49 -2.66 46.00
CA PRO A 221 -34.31 -2.20 46.74
C PRO A 221 -33.38 -3.36 47.12
N SER A 222 -32.11 -3.05 47.31
CA SER A 222 -31.14 -4.07 47.65
C SER A 222 -31.20 -4.36 49.14
N ILE A 223 -31.28 -3.28 49.93
CA ILE A 223 -31.58 -3.36 51.35
C ILE A 223 -33.10 -3.54 51.53
N GLU A 224 -33.52 -4.78 51.79
CA GLU A 224 -34.95 -5.15 51.88
C GLU A 224 -35.52 -5.04 53.32
N GLU A 225 -36.22 -3.94 53.61
CA GLU A 225 -36.77 -3.69 54.95
C GLU A 225 -38.28 -3.94 55.04
N PHE A 226 -38.83 -4.63 54.04
CA PHE A 226 -40.28 -4.84 53.90
C PHE A 226 -41.09 -3.53 53.75
N LYS A 227 -40.41 -2.39 53.88
CA LYS A 227 -41.06 -1.08 53.74
C LYS A 227 -41.94 -0.93 52.47
N TYR A 228 -41.70 -1.74 51.42
CA TYR A 228 -42.52 -1.70 50.20
C TYR A 228 -42.67 -3.07 49.57
N GLY A 229 -43.51 -3.15 48.54
CA GLY A 229 -43.82 -4.40 47.87
C GLY A 229 -45.01 -5.13 48.50
N GLY A 230 -44.86 -6.45 48.68
CA GLY A 230 -45.82 -7.27 49.40
C GLY A 230 -45.54 -7.32 50.89
N PRO A 231 -46.11 -8.33 51.58
CA PRO A 231 -45.88 -8.51 53.02
C PRO A 231 -44.43 -8.88 53.38
N ASN A 232 -43.79 -9.67 52.51
CA ASN A 232 -42.37 -10.00 52.63
C ASN A 232 -41.52 -9.16 51.67
N GLY A 233 -41.89 -7.88 51.52
CA GLY A 233 -41.27 -7.01 50.52
C GLY A 233 -41.39 -7.58 49.10
N PHE A 234 -40.24 -7.83 48.47
CA PHE A 234 -40.21 -8.35 47.10
C PHE A 234 -39.68 -9.77 47.04
N LEU A 235 -39.20 -10.29 48.16
CA LEU A 235 -38.44 -11.54 48.22
C LEU A 235 -39.16 -12.73 47.62
N ASP A 236 -40.38 -12.98 48.07
CA ASP A 236 -41.16 -14.13 47.63
C ASP A 236 -41.59 -14.04 46.17
N LEU A 237 -41.24 -12.92 45.54
CA LEU A 237 -41.32 -12.78 44.09
C LEU A 237 -40.25 -13.62 43.39
N PHE A 238 -39.09 -13.77 44.03
CA PHE A 238 -37.90 -14.34 43.38
C PHE A 238 -37.40 -15.68 43.95
N THR A 239 -37.24 -15.73 45.27
CA THR A 239 -36.72 -16.93 45.90
C THR A 239 -37.62 -17.37 47.05
N LYS A 240 -38.22 -18.55 46.87
CA LYS A 240 -39.12 -19.19 47.83
C LYS A 240 -38.34 -19.80 49.03
N ASP A 241 -38.57 -19.22 50.20
CA ASP A 241 -37.92 -19.65 51.44
C ASP A 241 -38.95 -20.28 52.37
N ARG A 242 -38.49 -20.99 53.40
CA ARG A 242 -39.39 -21.47 54.47
C ARG A 242 -39.92 -20.29 55.32
N SER A 243 -39.03 -19.38 55.73
CA SER A 243 -39.41 -18.14 56.43
C SER A 243 -38.75 -16.90 55.77
N TYR A 244 -39.32 -15.72 55.93
CA TYR A 244 -38.78 -14.51 55.27
C TYR A 244 -38.30 -13.45 56.25
N ALA A 245 -37.05 -12.98 56.07
CA ALA A 245 -36.49 -11.95 56.97
C ALA A 245 -35.82 -10.77 56.25
N LYS A 246 -35.67 -9.67 56.98
CA LYS A 246 -35.08 -8.45 56.46
C LYS A 246 -33.60 -8.67 56.13
N GLN A 247 -33.23 -8.36 54.89
CA GLN A 247 -31.90 -8.69 54.36
C GLN A 247 -31.40 -7.65 53.36
N TRP A 248 -30.08 -7.63 53.15
CA TRP A 248 -29.47 -6.85 52.08
C TRP A 248 -28.81 -7.84 51.17
N ARG A 249 -28.77 -7.52 49.88
CA ARG A 249 -27.95 -8.27 48.92
C ARG A 249 -27.41 -7.37 47.79
N TYR A 250 -26.22 -7.71 47.27
CA TYR A 250 -25.60 -6.99 46.16
C TYR A 250 -25.12 -7.93 45.06
N THR A 251 -24.96 -7.37 43.85
CA THR A 251 -24.38 -8.05 42.69
C THR A 251 -23.36 -7.16 41.99
N ASN A 252 -22.20 -7.73 41.66
CA ASN A 252 -21.25 -6.99 40.82
C ASN A 252 -21.42 -7.41 39.35
N ALA A 253 -20.99 -6.53 38.45
CA ALA A 253 -20.85 -6.89 37.05
C ALA A 253 -19.36 -6.70 36.78
N PRO A 254 -18.60 -7.80 36.73
CA PRO A 254 -17.14 -7.73 36.85
C PRO A 254 -16.43 -6.96 35.73
N ASP A 255 -17.06 -6.90 34.55
CA ASP A 255 -16.50 -6.10 33.47
C ASP A 255 -16.32 -4.62 33.85
N ALA A 256 -17.21 -4.07 34.69
CA ALA A 256 -16.99 -2.73 35.26
C ALA A 256 -15.70 -2.61 36.09
N GLU A 257 -15.47 -3.56 36.99
CA GLU A 257 -14.25 -3.59 37.79
C GLU A 257 -12.97 -3.74 36.93
N GLY A 258 -13.00 -4.67 35.97
CA GLY A 258 -11.91 -4.85 35.01
C GLY A 258 -11.54 -3.54 34.32
N ARG A 259 -12.52 -2.87 33.72
CA ARG A 259 -12.33 -1.58 33.04
C ARG A 259 -11.67 -0.55 33.95
N ALA A 260 -12.15 -0.49 35.19
CA ALA A 260 -11.65 0.49 36.15
C ALA A 260 -10.19 0.23 36.51
N ILE A 261 -9.83 -1.03 36.78
CA ILE A 261 -8.45 -1.36 37.15
C ILE A 261 -7.56 -1.15 35.92
N GLN A 262 -8.09 -1.50 34.75
CA GLN A 262 -7.40 -1.27 33.49
C GLN A 262 -7.09 0.21 33.37
N ALA A 263 -8.06 1.04 33.69
CA ALA A 263 -7.89 2.49 33.57
C ALA A 263 -6.82 2.97 34.54
N VAL A 264 -6.80 2.37 35.71
CA VAL A 264 -5.84 2.78 36.76
C VAL A 264 -4.40 2.38 36.40
N TYR A 265 -4.23 1.24 35.72
CA TYR A 265 -2.92 0.89 35.16
C TYR A 265 -2.37 2.00 34.28
N TRP A 266 -3.18 2.44 33.31
CA TRP A 266 -2.82 3.56 32.48
C TRP A 266 -2.63 4.85 33.26
N ALA A 267 -3.50 5.13 34.24
CA ALA A 267 -3.33 6.34 35.08
C ALA A 267 -1.98 6.31 35.77
N ASN A 268 -1.64 5.16 36.33
CA ASN A 268 -0.35 4.96 36.95
C ASN A 268 0.84 5.11 35.99
N LYS A 269 0.78 4.43 34.84
CA LYS A 269 1.84 4.53 33.85
C LYS A 269 2.05 5.96 33.38
N TRP A 270 0.99 6.60 32.93
CA TRP A 270 1.06 7.97 32.42
C TRP A 270 1.50 8.96 33.48
N ALA A 271 1.07 8.74 34.72
CA ALA A 271 1.41 9.66 35.81
C ALA A 271 2.89 9.58 36.16
N LYS A 272 3.43 8.36 36.23
CA LYS A 272 4.87 8.19 36.47
C LYS A 272 5.76 8.74 35.36
N GLU A 273 5.36 8.61 34.10
CA GLU A 273 6.09 9.26 33.00
C GLU A 273 6.26 10.75 33.29
N GLN A 274 5.28 11.36 33.93
CA GLN A 274 5.31 12.79 34.19
C GLN A 274 5.96 13.15 35.53
N GLY A 275 6.42 12.13 36.27
CA GLY A 275 6.95 12.33 37.61
C GLY A 275 5.86 12.71 38.61
N LYS A 276 4.65 12.21 38.38
CA LYS A 276 3.52 12.58 39.21
C LYS A 276 2.77 11.38 39.79
N GLY A 277 3.43 10.23 39.85
CA GLY A 277 2.84 9.01 40.39
C GLY A 277 2.20 9.12 41.76
N SER A 278 2.66 10.06 42.58
CA SER A 278 2.11 10.21 43.91
C SER A 278 0.64 10.62 43.86
N ALA A 279 0.26 11.38 42.81
CA ALA A 279 -1.13 11.81 42.65
C ALA A 279 -2.13 10.67 42.47
N VAL A 280 -1.65 9.47 42.17
CA VAL A 280 -2.55 8.33 41.93
C VAL A 280 -2.24 7.08 42.77
N ALA A 281 -1.23 7.16 43.64
CA ALA A 281 -0.81 6.02 44.45
C ALA A 281 -1.96 5.43 45.26
N SER A 282 -2.71 6.24 46.02
CA SER A 282 -3.85 5.67 46.78
C SER A 282 -4.89 4.95 45.93
N VAL A 283 -5.27 5.54 44.79
CA VAL A 283 -6.18 4.88 43.85
C VAL A 283 -5.57 3.58 43.32
N VAL A 284 -4.26 3.60 43.05
CA VAL A 284 -3.62 2.37 42.60
C VAL A 284 -3.82 1.27 43.64
N SER A 285 -3.66 1.62 44.91
CA SER A 285 -3.82 0.65 46.02
C SER A 285 -5.23 0.09 46.11
N LYS A 286 -6.20 0.97 45.99
CA LYS A 286 -7.62 0.58 45.99
C LYS A 286 -7.98 -0.30 44.80
N ALA A 287 -7.42 0.06 43.63
CA ALA A 287 -7.63 -0.69 42.42
C ALA A 287 -7.04 -2.08 42.58
N ALA A 288 -5.87 -2.18 43.22
CA ALA A 288 -5.25 -3.49 43.50
C ALA A 288 -6.16 -4.37 44.34
N LYS A 289 -6.68 -3.79 45.42
CA LYS A 289 -7.61 -4.48 46.31
C LYS A 289 -8.81 -4.96 45.49
N MET A 290 -9.42 -4.03 44.75
CA MET A 290 -10.56 -4.35 43.90
C MET A 290 -10.27 -5.57 43.05
N GLY A 291 -9.06 -5.62 42.48
CA GLY A 291 -8.63 -6.73 41.65
C GLY A 291 -8.59 -8.05 42.39
N ASP A 292 -8.06 -8.03 43.61
CA ASP A 292 -8.05 -9.22 44.46
C ASP A 292 -9.47 -9.82 44.62
N PHE A 293 -10.45 -8.98 44.97
CA PHE A 293 -11.84 -9.40 45.10
C PHE A 293 -12.53 -9.94 43.87
N LEU A 294 -12.14 -9.45 42.69
CA LEU A 294 -12.66 -10.00 41.42
C LEU A 294 -12.43 -11.50 41.30
N ARG A 295 -11.60 -12.05 42.20
CA ARG A 295 -11.36 -13.49 42.25
C ARG A 295 -12.66 -14.24 42.56
N ASN A 296 -13.53 -13.61 43.33
CA ASN A 296 -14.86 -14.15 43.59
C ASN A 296 -15.64 -14.49 42.32
N ASP A 297 -15.39 -13.73 41.26
CA ASP A 297 -16.04 -13.91 39.98
C ASP A 297 -15.48 -15.11 39.23
N MET A 298 -14.49 -15.77 39.80
CA MET A 298 -13.86 -16.94 39.13
C MET A 298 -14.48 -18.30 39.42
N PHE A 299 -15.52 -18.36 40.25
CA PHE A 299 -16.05 -19.66 40.67
C PHE A 299 -17.45 -19.94 40.26
N ASP A 300 -17.71 -21.22 40.02
CA ASP A 300 -19.05 -21.75 39.83
C ASP A 300 -20.05 -21.15 40.82
N LYS A 301 -21.30 -21.03 40.40
CA LYS A 301 -22.33 -20.36 41.22
C LYS A 301 -22.39 -20.92 42.65
N TYR A 302 -22.47 -22.25 42.74
CA TYR A 302 -22.53 -22.94 44.02
C TYR A 302 -21.28 -23.80 44.27
N PHE A 303 -20.14 -23.31 43.77
CA PHE A 303 -18.84 -23.95 43.98
C PHE A 303 -18.89 -25.44 43.68
N MET A 304 -19.56 -25.80 42.59
CA MET A 304 -19.61 -27.16 42.14
C MET A 304 -18.39 -27.40 41.25
N LYS A 305 -17.92 -28.64 41.19
CA LYS A 305 -16.80 -29.01 40.33
C LYS A 305 -17.01 -28.52 38.91
N ILE A 306 -16.00 -27.87 38.34
CA ILE A 306 -16.02 -27.54 36.91
C ILE A 306 -16.01 -28.83 36.10
N GLY A 307 -16.98 -28.98 35.19
CA GLY A 307 -17.07 -30.13 34.31
C GLY A 307 -17.82 -31.34 34.86
N ALA A 308 -18.39 -31.20 36.05
CA ALA A 308 -19.11 -32.27 36.74
C ALA A 308 -20.34 -32.79 36.01
N GLN A 309 -21.06 -31.90 35.33
CA GLN A 309 -22.35 -32.21 34.69
C GLN A 309 -23.33 -32.78 35.74
N ASP A 310 -23.34 -32.14 36.92
CA ASP A 310 -23.90 -32.70 38.15
C ASP A 310 -23.65 -31.72 39.28
N LYS A 311 -24.33 -31.95 40.40
CA LYS A 311 -24.24 -31.05 41.56
C LYS A 311 -23.20 -31.56 42.57
N THR A 312 -22.02 -31.93 42.04
CA THR A 312 -20.89 -32.40 42.83
C THR A 312 -20.22 -31.22 43.49
N PRO A 313 -20.27 -31.13 44.83
CA PRO A 313 -19.60 -30.02 45.52
C PRO A 313 -18.10 -30.12 45.28
N ALA A 314 -17.42 -28.99 45.29
CA ALA A 314 -15.98 -28.99 45.07
C ALA A 314 -15.28 -28.62 46.34
N THR A 315 -14.05 -29.09 46.49
CA THR A 315 -13.31 -28.81 47.71
C THR A 315 -12.30 -27.66 47.58
N GLY A 316 -11.41 -27.74 46.59
CA GLY A 316 -10.33 -26.76 46.51
C GLY A 316 -10.60 -25.62 45.53
N TYR A 317 -9.72 -25.53 44.55
CA TYR A 317 -9.90 -24.66 43.40
C TYR A 317 -10.50 -25.47 42.27
N ASP A 318 -11.10 -26.60 42.62
CA ASP A 318 -11.81 -27.42 41.63
C ASP A 318 -13.11 -26.77 41.15
N SER A 319 -13.56 -25.75 41.87
CA SER A 319 -14.75 -25.03 41.45
C SER A 319 -14.41 -23.81 40.56
N ALA A 320 -13.10 -23.51 40.42
CA ALA A 320 -12.63 -22.32 39.67
C ALA A 320 -12.65 -22.55 38.17
N HIS A 321 -13.45 -21.77 37.46
CA HIS A 321 -13.34 -21.77 36.01
C HIS A 321 -12.24 -20.80 35.57
N TYR A 322 -11.89 -19.85 36.47
CA TYR A 322 -10.81 -18.87 36.26
C TYR A 322 -11.12 -17.77 35.21
N LEU A 323 -12.39 -17.72 34.79
CA LEU A 323 -12.92 -16.67 33.94
C LEU A 323 -13.68 -15.66 34.78
N MET A 324 -13.96 -14.49 34.18
CA MET A 324 -14.86 -13.50 34.77
C MET A 324 -16.28 -13.88 34.41
N ALA A 325 -16.98 -14.47 35.38
CA ALA A 325 -18.33 -14.97 35.18
C ALA A 325 -19.25 -13.75 35.14
N TRP A 326 -20.54 -13.98 34.91
CA TRP A 326 -21.51 -12.92 34.74
C TRP A 326 -21.67 -12.04 35.98
N TYR A 327 -21.55 -12.63 37.15
CA TYR A 327 -21.61 -11.86 38.40
C TYR A 327 -21.02 -12.60 39.58
N THR A 328 -20.80 -11.84 40.64
CA THR A 328 -20.72 -12.39 41.97
C THR A 328 -21.79 -11.61 42.71
N ALA A 329 -22.49 -12.30 43.60
CA ALA A 329 -23.49 -11.66 44.45
C ALA A 329 -23.31 -12.17 45.87
N TRP A 330 -23.60 -11.29 46.82
CA TRP A 330 -23.45 -11.62 48.23
C TRP A 330 -24.45 -10.82 49.06
N GLY A 331 -24.85 -11.39 50.19
CA GLY A 331 -25.75 -10.72 51.10
C GLY A 331 -25.81 -11.34 52.47
N GLY A 332 -26.56 -10.68 53.35
CA GLY A 332 -26.84 -11.21 54.67
C GLY A 332 -28.05 -10.56 55.28
N GLY A 333 -28.44 -11.07 56.45
CA GLY A 333 -29.56 -10.55 57.22
C GLY A 333 -29.33 -9.16 57.79
N ILE A 334 -30.42 -8.41 57.93
CA ILE A 334 -30.37 -7.09 58.56
C ILE A 334 -30.56 -7.22 60.07
N GLY A 335 -31.59 -7.97 60.48
CA GLY A 335 -31.81 -8.33 61.87
C GLY A 335 -30.68 -9.18 62.47
N ALA A 336 -30.93 -10.50 62.58
CA ALA A 336 -29.92 -11.46 63.05
C ALA A 336 -28.76 -11.57 62.06
N SER A 337 -27.56 -11.89 62.55
CA SER A 337 -26.37 -11.92 61.69
C SER A 337 -26.04 -13.28 61.01
N TRP A 338 -26.20 -13.31 59.69
CA TRP A 338 -25.83 -14.44 58.82
C TRP A 338 -25.47 -13.93 57.42
N ALA A 339 -24.81 -14.75 56.60
CA ALA A 339 -24.35 -14.30 55.28
C ALA A 339 -24.10 -15.40 54.25
N TRP A 340 -24.15 -15.02 52.97
CA TRP A 340 -23.99 -15.93 51.86
C TRP A 340 -23.27 -15.25 50.69
N LYS A 341 -22.67 -16.04 49.80
CA LYS A 341 -21.98 -15.54 48.62
C LYS A 341 -22.14 -16.55 47.51
N ILE A 342 -22.36 -16.05 46.30
CA ILE A 342 -22.31 -16.91 45.13
C ILE A 342 -21.33 -16.37 44.10
N GLY A 343 -20.80 -17.28 43.30
CA GLY A 343 -20.14 -16.92 42.05
C GLY A 343 -21.16 -17.01 40.94
N CYS A 344 -20.74 -17.49 39.77
CA CYS A 344 -21.65 -17.66 38.67
C CYS A 344 -21.10 -18.71 37.80
N SER A 345 -21.97 -19.49 37.21
CA SER A 345 -21.56 -20.66 36.46
C SER A 345 -21.44 -20.29 35.00
N HIS A 346 -21.99 -19.13 34.64
CA HIS A 346 -22.02 -18.69 33.25
C HIS A 346 -20.95 -17.65 32.92
N ALA A 347 -20.33 -17.82 31.75
CA ALA A 347 -19.20 -17.01 31.30
C ALA A 347 -19.37 -16.54 29.85
N HIS A 348 -19.15 -15.24 29.64
CA HIS A 348 -19.34 -14.59 28.35
C HIS A 348 -18.00 -13.99 27.99
N PHE A 349 -17.60 -14.15 26.73
CA PHE A 349 -16.34 -13.61 26.26
C PHE A 349 -16.28 -12.08 26.46
N GLY A 350 -17.42 -11.42 26.31
CA GLY A 350 -17.54 -9.97 26.43
C GLY A 350 -17.22 -9.40 27.80
N TYR A 351 -16.98 -10.29 28.77
CA TYR A 351 -16.78 -9.88 30.15
C TYR A 351 -15.34 -10.16 30.56
N GLN A 352 -14.60 -10.83 29.70
CA GLN A 352 -13.22 -11.15 30.01
C GLN A 352 -12.35 -9.90 29.95
N ASN A 353 -11.31 -9.84 30.77
CA ASN A 353 -10.34 -8.76 30.69
C ASN A 353 -8.92 -9.24 30.99
N PRO A 354 -8.33 -9.92 30.00
CA PRO A 354 -7.01 -10.53 30.17
C PRO A 354 -5.96 -9.49 30.50
N PHE A 355 -6.22 -8.25 30.10
CA PHE A 355 -5.30 -7.15 30.39
C PHE A 355 -5.27 -6.85 31.88
N GLN A 356 -6.44 -6.57 32.47
CA GLN A 356 -6.56 -6.37 33.93
C GLN A 356 -6.05 -7.58 34.67
N GLY A 357 -6.41 -8.78 34.21
CA GLY A 357 -5.87 -10.01 34.75
C GLY A 357 -4.35 -9.96 34.81
N TRP A 358 -3.73 -9.63 33.68
CA TRP A 358 -2.28 -9.50 33.59
C TRP A 358 -1.69 -8.40 34.47
N VAL A 359 -2.43 -7.30 34.68
CA VAL A 359 -1.97 -6.23 35.56
C VAL A 359 -1.86 -6.74 36.99
N SER A 360 -2.90 -7.41 37.49
CA SER A 360 -2.78 -7.83 38.87
C SER A 360 -1.85 -9.03 39.05
N ALA A 361 -1.72 -9.87 38.02
CA ALA A 361 -0.79 -10.99 38.06
C ALA A 361 0.72 -10.62 38.06
N THR A 362 1.10 -9.54 37.36
CA THR A 362 2.52 -9.29 37.05
C THR A 362 3.05 -7.95 37.53
N GLN A 363 2.19 -6.96 37.68
CA GLN A 363 2.65 -5.61 37.94
C GLN A 363 2.80 -5.28 39.41
N SER A 364 4.01 -4.90 39.76
CA SER A 364 4.41 -4.63 41.13
C SER A 364 3.42 -3.77 41.90
N ASP A 365 2.99 -2.64 41.33
CA ASP A 365 2.14 -1.68 42.05
C ASP A 365 0.72 -2.22 42.30
N PHE A 366 0.35 -3.27 41.58
CA PHE A 366 -0.99 -3.81 41.64
C PHE A 366 -0.96 -5.18 42.25
N ALA A 367 0.18 -5.54 42.86
CA ALA A 367 0.30 -6.82 43.59
C ALA A 367 -0.80 -6.92 44.66
N PRO A 368 -1.64 -7.94 44.56
CA PRO A 368 -2.63 -8.26 45.59
C PRO A 368 -1.97 -8.37 46.98
N LYS A 369 -2.59 -7.73 47.99
CA LYS A 369 -2.21 -7.94 49.40
C LYS A 369 -2.37 -9.41 49.87
N SER A 370 -3.37 -10.13 49.37
CA SER A 370 -3.58 -11.51 49.76
C SER A 370 -2.34 -12.33 49.40
N SER A 371 -2.21 -13.50 50.01
CA SER A 371 -1.05 -14.34 49.77
C SER A 371 -1.17 -15.18 48.48
N ASN A 372 -2.39 -15.36 47.99
CA ASN A 372 -2.61 -16.21 46.81
C ASN A 372 -3.10 -15.51 45.53
N GLY A 373 -3.43 -14.22 45.65
CA GLY A 373 -3.99 -13.46 44.55
C GLY A 373 -3.12 -13.43 43.29
N LYS A 374 -1.83 -13.14 43.47
CA LYS A 374 -0.90 -13.10 42.35
C LYS A 374 -0.93 -14.40 41.55
N ARG A 375 -0.94 -15.53 42.27
CA ARG A 375 -0.94 -16.84 41.63
C ARG A 375 -2.25 -17.12 40.87
N ASP A 376 -3.39 -16.82 41.50
CA ASP A 376 -4.69 -17.05 40.89
C ASP A 376 -4.85 -16.20 39.63
N TRP A 377 -4.48 -14.94 39.74
CA TRP A 377 -4.53 -14.05 38.60
C TRP A 377 -3.64 -14.51 37.45
N THR A 378 -2.43 -14.98 37.79
CA THR A 378 -1.56 -15.57 36.79
C THR A 378 -2.25 -16.72 36.04
N THR A 379 -3.02 -17.52 36.77
CA THR A 379 -3.73 -18.61 36.13
C THR A 379 -4.86 -18.01 35.28
N SER A 380 -5.55 -17.03 35.87
CA SER A 380 -6.76 -16.47 35.27
C SER A 380 -6.50 -15.83 33.91
N TYR A 381 -5.58 -14.86 33.85
CA TYR A 381 -5.37 -14.17 32.58
C TYR A 381 -5.01 -15.13 31.45
N LYS A 382 -4.10 -16.07 31.71
CA LYS A 382 -3.78 -17.06 30.69
C LYS A 382 -5.01 -17.85 30.30
N ARG A 383 -5.81 -18.20 31.30
CA ARG A 383 -6.99 -18.99 31.05
C ARG A 383 -7.98 -18.23 30.18
N GLN A 384 -8.11 -16.93 30.45
CA GLN A 384 -8.98 -16.06 29.66
C GLN A 384 -8.47 -15.96 28.24
N LEU A 385 -7.17 -15.76 28.08
CA LEU A 385 -6.63 -15.68 26.72
C LEU A 385 -6.95 -16.93 25.90
N GLU A 386 -7.01 -18.10 26.53
CA GLU A 386 -7.39 -19.31 25.78
C GLU A 386 -8.87 -19.32 25.39
N PHE A 387 -9.70 -18.70 26.23
CA PHE A 387 -11.14 -18.61 26.03
C PHE A 387 -11.47 -17.91 24.70
N TYR A 388 -10.90 -16.73 24.49
CA TYR A 388 -11.04 -15.99 23.24
C TYR A 388 -10.64 -16.87 22.09
N GLN A 389 -9.51 -17.57 22.21
CA GLN A 389 -9.03 -18.39 21.09
C GLN A 389 -10.04 -19.48 20.77
N TRP A 390 -10.52 -20.16 21.80
CA TRP A 390 -11.46 -21.28 21.64
C TRP A 390 -12.74 -20.79 20.94
N LEU A 391 -13.22 -19.62 21.35
CA LEU A 391 -14.46 -19.06 20.84
C LEU A 391 -14.41 -18.39 19.45
N GLN A 392 -13.23 -18.33 18.83
CA GLN A 392 -13.09 -17.60 17.58
C GLN A 392 -13.65 -18.34 16.38
N SER A 393 -14.73 -17.81 15.81
CA SER A 393 -15.39 -18.39 14.65
C SER A 393 -14.45 -18.45 13.45
N ALA A 394 -14.85 -19.24 12.45
CA ALA A 394 -14.09 -19.37 11.22
C ALA A 394 -13.91 -18.03 10.49
N GLU A 395 -14.87 -17.11 10.65
CA GLU A 395 -14.77 -15.79 10.04
C GLU A 395 -13.88 -14.86 10.85
N GLY A 396 -13.94 -14.95 12.19
CA GLY A 396 -13.08 -14.15 13.08
C GLY A 396 -13.68 -13.57 14.35
N GLY A 397 -14.98 -13.30 14.36
CA GLY A 397 -15.66 -12.79 15.54
C GLY A 397 -15.70 -13.81 16.65
N ILE A 398 -15.84 -13.34 17.88
CA ILE A 398 -15.74 -14.24 19.03
C ILE A 398 -17.12 -14.65 19.48
N ALA A 399 -17.35 -15.98 19.53
CA ALA A 399 -18.62 -16.54 19.98
C ALA A 399 -18.87 -16.33 21.48
N GLY A 400 -20.07 -16.65 21.95
CA GLY A 400 -20.55 -16.16 23.23
C GLY A 400 -19.78 -16.59 24.47
N GLY A 401 -19.69 -17.90 24.68
CA GLY A 401 -19.07 -18.39 25.91
C GLY A 401 -19.38 -19.80 26.33
N ALA A 402 -19.63 -19.97 27.62
CA ALA A 402 -19.66 -21.30 28.16
C ALA A 402 -20.28 -21.29 29.54
N THR A 403 -20.76 -22.47 29.92
CA THR A 403 -21.40 -22.65 31.22
C THR A 403 -20.93 -23.91 31.90
N ASN A 404 -20.88 -23.84 33.22
CA ASN A 404 -20.68 -25.02 34.05
C ASN A 404 -21.97 -25.64 34.64
N SER A 405 -23.12 -24.99 34.42
CA SER A 405 -24.42 -25.45 34.89
C SER A 405 -25.47 -25.38 33.79
N TRP A 406 -25.57 -26.42 32.98
CA TRP A 406 -26.51 -26.46 31.86
C TRP A 406 -27.98 -26.25 32.25
N ASN A 407 -28.68 -25.44 31.46
CA ASN A 407 -30.02 -24.93 31.82
C ASN A 407 -30.13 -24.35 33.23
N GLY A 408 -28.99 -24.05 33.84
CA GLY A 408 -28.96 -23.40 35.14
C GLY A 408 -29.16 -24.33 36.32
N ARG A 409 -29.25 -25.63 36.03
CA ARG A 409 -29.58 -26.64 37.02
C ARG A 409 -28.54 -27.81 37.02
N TYR A 410 -27.36 -27.54 36.47
CA TYR A 410 -26.28 -28.52 36.35
C TYR A 410 -26.73 -29.84 35.71
N GLU A 411 -27.41 -29.76 34.59
CA GLU A 411 -27.85 -30.96 33.88
C GLU A 411 -26.72 -31.52 33.03
N LYS A 412 -26.87 -32.77 32.57
CA LYS A 412 -25.94 -33.36 31.63
C LYS A 412 -25.97 -32.51 30.37
N TYR A 413 -24.81 -32.36 29.74
CA TYR A 413 -24.71 -31.63 28.48
C TYR A 413 -25.34 -32.49 27.38
N PRO A 414 -26.10 -31.88 26.48
CA PRO A 414 -26.57 -32.59 25.27
C PRO A 414 -25.45 -33.32 24.55
N ALA A 415 -25.76 -34.41 23.86
CA ALA A 415 -24.75 -35.15 23.13
C ALA A 415 -24.12 -34.22 22.09
N GLY A 416 -22.82 -34.37 21.85
CA GLY A 416 -22.11 -33.58 20.84
C GLY A 416 -21.81 -32.14 21.24
N THR A 417 -21.80 -31.87 22.54
CA THR A 417 -21.50 -30.54 23.06
C THR A 417 -20.00 -30.32 23.24
N SER A 418 -19.45 -29.38 22.46
CA SER A 418 -18.03 -29.12 22.54
C SER A 418 -17.75 -28.36 23.86
N THR A 419 -16.59 -28.62 24.47
CA THR A 419 -16.29 -28.09 25.79
C THR A 419 -14.95 -27.38 25.82
N PHE A 420 -14.73 -26.71 26.96
CA PHE A 420 -13.56 -25.91 27.21
C PHE A 420 -13.20 -26.08 28.66
N TYR A 421 -12.20 -26.91 28.94
CA TYR A 421 -11.89 -27.26 30.33
C TYR A 421 -13.16 -27.72 31.08
N GLY A 422 -13.95 -28.54 30.39
CA GLY A 422 -15.14 -29.09 31.00
C GLY A 422 -16.44 -28.31 30.92
N MET A 423 -16.40 -27.04 30.50
CA MET A 423 -17.61 -26.21 30.44
C MET A 423 -18.24 -26.30 29.07
N ALA A 424 -19.56 -26.26 29.03
CA ALA A 424 -20.27 -26.42 27.76
C ALA A 424 -20.27 -25.11 26.98
N TYR A 425 -20.11 -25.20 25.66
CA TYR A 425 -20.32 -24.05 24.79
C TYR A 425 -21.78 -23.52 24.79
N VAL A 426 -21.98 -22.24 25.09
CA VAL A 426 -23.27 -21.58 24.86
C VAL A 426 -23.15 -20.33 23.98
N PRO A 427 -23.88 -20.28 22.86
CA PRO A 427 -23.87 -19.14 21.93
C PRO A 427 -24.33 -17.83 22.56
N HIS A 428 -25.20 -17.92 23.56
CA HIS A 428 -25.76 -16.76 24.21
C HIS A 428 -25.81 -16.96 25.71
N PRO A 429 -24.67 -16.81 26.39
CA PRO A 429 -24.61 -16.98 27.85
C PRO A 429 -25.66 -16.15 28.55
N VAL A 430 -26.26 -16.69 29.62
CA VAL A 430 -27.14 -15.96 30.54
C VAL A 430 -28.52 -15.54 29.98
N TYR A 431 -28.56 -14.74 28.90
CA TYR A 431 -29.83 -14.22 28.39
C TYR A 431 -30.15 -14.60 26.94
N ALA A 432 -31.44 -14.86 26.66
CA ALA A 432 -31.86 -15.22 25.30
C ALA A 432 -32.82 -14.26 24.58
N ASP A 433 -33.31 -13.23 25.28
CA ASP A 433 -34.19 -12.18 24.68
C ASP A 433 -33.68 -10.76 25.00
N PRO A 434 -32.91 -10.15 24.09
CA PRO A 434 -32.32 -10.84 22.94
C PRO A 434 -31.13 -11.68 23.40
N GLY A 435 -30.64 -12.55 22.54
CA GLY A 435 -29.48 -13.38 22.88
C GLY A 435 -28.29 -12.51 23.24
N SER A 436 -27.64 -12.83 24.35
CA SER A 436 -26.57 -11.99 24.90
C SER A 436 -25.33 -11.79 23.98
N ASN A 437 -25.21 -12.58 22.90
CA ASN A 437 -24.11 -12.37 21.95
C ASN A 437 -24.57 -11.91 20.56
N GLN A 438 -25.77 -11.35 20.51
CA GLN A 438 -26.24 -10.70 19.29
C GLN A 438 -25.54 -9.32 19.12
N TRP A 439 -25.39 -8.59 20.22
CA TRP A 439 -24.80 -7.25 20.19
C TRP A 439 -23.32 -7.25 19.81
N PHE A 440 -23.01 -6.66 18.65
CA PHE A 440 -21.62 -6.51 18.23
C PHE A 440 -20.76 -5.71 19.25
N GLY A 441 -21.37 -4.91 20.11
CA GLY A 441 -20.60 -4.12 21.04
C GLY A 441 -19.57 -4.92 21.83
N PHE A 442 -19.92 -6.13 22.27
CA PHE A 442 -19.02 -6.97 23.06
C PHE A 442 -17.73 -7.26 22.31
N GLN A 443 -17.79 -7.39 20.99
CA GLN A 443 -16.61 -7.67 20.21
C GLN A 443 -15.60 -6.58 20.44
N ALA A 444 -16.03 -5.32 20.25
CA ALA A 444 -15.15 -4.16 20.42
C ALA A 444 -14.69 -4.03 21.88
N TRP A 445 -15.64 -3.90 22.81
CA TRP A 445 -15.34 -3.85 24.25
C TRP A 445 -14.27 -4.86 24.69
N SER A 446 -14.48 -6.12 24.32
CA SER A 446 -13.69 -7.22 24.83
C SER A 446 -12.32 -7.33 24.15
N MET A 447 -12.30 -7.26 22.81
CA MET A 447 -11.03 -7.33 22.06
C MET A 447 -10.18 -6.08 22.18
N GLN A 448 -10.74 -4.98 22.68
CA GLN A 448 -9.93 -3.81 22.99
C GLN A 448 -8.91 -4.16 24.09
N ARG A 449 -9.38 -4.90 25.10
CA ARG A 449 -8.56 -5.38 26.21
C ARG A 449 -7.42 -6.29 25.77
N VAL A 450 -7.74 -7.21 24.87
CA VAL A 450 -6.74 -8.08 24.29
C VAL A 450 -5.69 -7.27 23.53
N MET A 451 -6.10 -6.18 22.89
CA MET A 451 -5.14 -5.35 22.17
C MET A 451 -4.19 -4.67 23.14
N GLU A 452 -4.72 -4.16 24.24
CA GLU A 452 -3.86 -3.54 25.24
C GLU A 452 -2.90 -4.58 25.81
N TYR A 453 -3.38 -5.81 25.98
CA TYR A 453 -2.54 -6.88 26.44
C TYR A 453 -1.39 -7.15 25.47
N TYR A 454 -1.69 -7.22 24.17
CA TYR A 454 -0.61 -7.39 23.19
C TYR A 454 0.32 -6.17 23.15
N LEU A 455 -0.24 -4.96 23.21
CA LEU A 455 0.57 -3.77 23.29
C LEU A 455 1.65 -3.89 24.36
N GLU A 456 1.22 -4.27 25.57
CA GLU A 456 2.09 -4.23 26.75
C GLU A 456 2.97 -5.48 26.95
N THR A 457 2.70 -6.58 26.29
CA THR A 457 3.51 -7.78 26.50
C THR A 457 4.20 -8.29 25.25
N GLY A 458 3.67 -7.95 24.08
CA GLY A 458 4.15 -8.53 22.83
C GLY A 458 3.99 -10.04 22.73
N ASP A 459 3.11 -10.57 23.61
CA ASP A 459 2.76 -11.97 23.64
C ASP A 459 2.32 -12.45 22.26
N SER A 460 2.94 -13.56 21.87
CA SER A 460 3.04 -14.06 20.51
C SER A 460 1.91 -15.02 20.29
N SER A 461 1.49 -15.65 21.39
CA SER A 461 0.50 -16.71 21.37
C SER A 461 -0.87 -16.14 20.97
N VAL A 462 -0.95 -14.81 21.02
CA VAL A 462 -2.18 -14.06 20.85
C VAL A 462 -2.26 -13.36 19.48
N LYS A 463 -1.13 -13.30 18.79
CA LYS A 463 -1.02 -12.70 17.47
C LYS A 463 -2.05 -13.22 16.45
N ASN A 464 -2.20 -14.53 16.31
CA ASN A 464 -3.15 -15.04 15.32
C ASN A 464 -4.62 -14.69 15.62
N LEU A 465 -5.03 -14.79 16.89
CA LEU A 465 -6.34 -14.35 17.34
C LEU A 465 -6.59 -12.93 16.88
N ILE A 466 -5.70 -12.03 17.28
CA ILE A 466 -5.85 -10.63 17.04
C ILE A 466 -5.98 -10.34 15.56
N LYS A 467 -5.10 -10.92 14.73
CA LYS A 467 -5.08 -10.64 13.27
C LYS A 467 -6.34 -11.13 12.57
N LYS A 468 -6.77 -12.33 12.91
CA LYS A 468 -7.97 -12.84 12.32
C LYS A 468 -9.18 -11.93 12.68
N TRP A 469 -9.25 -11.50 13.95
CA TRP A 469 -10.35 -10.64 14.40
C TRP A 469 -10.34 -9.25 13.72
N VAL A 470 -9.16 -8.65 13.60
CA VAL A 470 -8.97 -7.42 12.86
C VAL A 470 -9.40 -7.61 11.41
N ASP A 471 -8.92 -8.65 10.75
CA ASP A 471 -9.33 -8.90 9.37
C ASP A 471 -10.87 -8.89 9.22
N TRP A 472 -11.55 -9.57 10.15
CA TRP A 472 -13.00 -9.69 10.11
C TRP A 472 -13.70 -8.32 10.25
N VAL A 473 -13.28 -7.59 11.28
CA VAL A 473 -13.81 -6.27 11.59
C VAL A 473 -13.54 -5.29 10.44
N MET A 474 -12.34 -5.33 9.88
CA MET A 474 -12.02 -4.51 8.70
C MET A 474 -12.92 -4.82 7.48
N SER A 475 -13.38 -6.07 7.37
CA SER A 475 -14.24 -6.48 6.26
C SER A 475 -15.69 -6.03 6.45
N GLU A 476 -16.04 -5.67 7.69
CA GLU A 476 -17.42 -5.33 8.04
C GLU A 476 -17.69 -3.84 8.29
N ILE A 477 -16.64 -3.03 8.44
CA ILE A 477 -16.81 -1.59 8.59
C ILE A 477 -17.15 -0.98 7.23
N LYS A 478 -18.22 -0.18 7.16
CA LYS A 478 -18.59 0.42 5.89
C LYS A 478 -18.35 1.93 5.91
N LEU A 479 -17.51 2.41 5.00
CA LEU A 479 -17.29 3.82 4.85
C LEU A 479 -17.97 4.31 3.58
N TYR A 480 -18.60 5.48 3.65
CA TYR A 480 -19.26 5.99 2.46
C TYR A 480 -18.63 7.28 1.98
N ASP A 481 -18.67 7.49 0.66
CA ASP A 481 -18.05 8.64 0.02
C ASP A 481 -18.67 9.96 0.52
N ASP A 482 -19.88 9.91 1.09
CA ASP A 482 -20.44 11.12 1.70
C ASP A 482 -19.98 11.34 3.16
N GLY A 483 -19.06 10.51 3.64
CA GLY A 483 -18.50 10.70 4.97
C GLY A 483 -19.26 10.04 6.08
N THR A 484 -20.35 9.34 5.76
CA THR A 484 -21.02 8.53 6.76
C THR A 484 -20.34 7.15 6.93
N PHE A 485 -20.82 6.38 7.88
CA PHE A 485 -20.21 5.09 8.15
C PHE A 485 -21.28 4.16 8.67
N ALA A 486 -21.00 2.87 8.64
CA ALA A 486 -21.87 1.94 9.31
C ALA A 486 -21.04 0.81 9.86
N ILE A 487 -21.43 0.28 11.01
CA ILE A 487 -20.72 -0.83 11.60
C ILE A 487 -21.75 -1.88 12.00
N PRO A 488 -21.30 -3.13 12.14
CA PRO A 488 -22.17 -4.20 12.55
C PRO A 488 -22.89 -3.86 13.85
N SER A 489 -24.15 -4.24 13.89
CA SER A 489 -25.04 -3.95 14.99
C SER A 489 -25.39 -5.27 15.62
N ASP A 490 -25.93 -6.20 14.82
CA ASP A 490 -26.43 -7.48 15.26
C ASP A 490 -25.76 -8.64 14.54
N LEU A 491 -25.51 -9.69 15.32
CA LEU A 491 -24.77 -10.85 14.89
C LEU A 491 -25.65 -12.07 15.03
N GLU A 492 -25.49 -13.00 14.11
CA GLU A 492 -26.21 -14.25 14.16
C GLU A 492 -25.17 -15.36 14.20
N TRP A 493 -25.37 -16.34 15.06
CA TRP A 493 -24.40 -17.42 15.21
C TRP A 493 -24.94 -18.79 14.84
N SER A 494 -24.10 -19.62 14.23
CA SER A 494 -24.38 -21.03 14.02
C SER A 494 -23.17 -21.92 14.32
N GLY A 495 -23.44 -23.19 14.65
CA GLY A 495 -22.42 -24.18 14.89
C GLY A 495 -21.79 -24.09 16.26
N GLN A 496 -20.68 -24.80 16.40
CA GLN A 496 -19.93 -24.88 17.65
C GLN A 496 -18.43 -24.77 17.36
N PRO A 497 -17.66 -24.22 18.30
CA PRO A 497 -16.21 -24.42 18.25
C PRO A 497 -15.87 -25.91 18.41
N ASP A 498 -14.71 -26.32 17.90
CA ASP A 498 -14.18 -27.63 18.26
C ASP A 498 -13.80 -27.60 19.74
N THR A 499 -13.90 -28.74 20.39
CA THR A 499 -13.56 -28.86 21.80
C THR A 499 -12.13 -28.46 22.04
N TRP A 500 -11.91 -27.67 23.08
CA TRP A 500 -10.57 -27.13 23.33
C TRP A 500 -9.53 -28.16 23.81
N THR A 501 -8.47 -28.24 23.01
CA THR A 501 -7.32 -29.10 23.20
C THR A 501 -6.05 -28.34 23.64
N GLY A 502 -6.17 -27.05 23.94
CA GLY A 502 -5.01 -26.21 24.17
C GLY A 502 -4.52 -25.46 22.93
N THR A 503 -5.14 -25.72 21.77
CA THR A 503 -4.64 -25.22 20.49
C THR A 503 -5.79 -24.90 19.52
N TYR A 504 -5.70 -23.75 18.87
CA TYR A 504 -6.74 -23.29 17.97
C TYR A 504 -6.84 -24.13 16.70
N THR A 505 -8.04 -24.63 16.39
CA THR A 505 -8.24 -25.46 15.18
C THR A 505 -8.71 -24.66 13.97
N GLY A 506 -9.11 -23.41 14.19
CA GLY A 506 -9.72 -22.64 13.12
C GLY A 506 -11.23 -22.66 13.13
N ASN A 507 -11.83 -23.44 14.03
CA ASN A 507 -13.28 -23.66 14.12
C ASN A 507 -14.08 -23.58 12.79
N PRO A 508 -13.81 -24.46 11.83
CA PRO A 508 -14.42 -24.33 10.48
C PRO A 508 -15.95 -24.44 10.48
N ASN A 509 -16.52 -24.90 11.59
CA ASN A 509 -17.96 -25.07 11.64
C ASN A 509 -18.68 -24.11 12.58
N LEU A 510 -17.93 -23.16 13.14
CA LEU A 510 -18.47 -22.05 13.92
C LEU A 510 -18.55 -20.79 13.06
N HIS A 511 -19.75 -20.31 12.81
CA HIS A 511 -19.93 -19.19 11.89
C HIS A 511 -20.65 -17.99 12.49
N VAL A 512 -20.19 -16.79 12.14
CA VAL A 512 -20.91 -15.56 12.48
C VAL A 512 -21.33 -14.85 11.21
N ARG A 513 -22.48 -14.22 11.27
CA ARG A 513 -23.04 -13.51 10.14
C ARG A 513 -23.56 -12.18 10.71
N VAL A 514 -23.29 -11.07 10.02
CA VAL A 514 -23.77 -9.75 10.46
C VAL A 514 -25.12 -9.54 9.82
N THR A 515 -26.15 -9.32 10.65
CA THR A 515 -27.49 -9.24 10.09
C THR A 515 -28.02 -7.81 9.99
N SER A 516 -27.45 -6.89 10.75
CA SER A 516 -27.76 -5.48 10.53
C SER A 516 -26.65 -4.56 10.98
N TYR A 517 -26.71 -3.32 10.52
CA TYR A 517 -25.66 -2.34 10.74
C TYR A 517 -26.28 -1.03 11.20
N GLY A 518 -25.49 -0.22 11.89
CA GLY A 518 -25.98 1.02 12.40
C GLY A 518 -24.82 1.96 12.63
N THR A 519 -25.01 2.81 13.60
CA THR A 519 -24.19 3.97 13.69
C THR A 519 -23.91 4.30 15.17
N ASP A 520 -23.83 3.24 15.98
CA ASP A 520 -23.70 3.32 17.42
C ASP A 520 -22.36 3.97 17.83
N LEU A 521 -22.45 5.10 18.52
CA LEU A 521 -21.30 5.97 18.78
C LEU A 521 -20.31 5.42 19.80
N GLY A 522 -20.79 4.73 20.82
CA GLY A 522 -19.89 4.12 21.81
C GLY A 522 -19.17 2.94 21.19
N VAL A 523 -19.94 2.09 20.54
CA VAL A 523 -19.36 0.96 19.83
C VAL A 523 -18.35 1.42 18.79
N ALA A 524 -18.65 2.51 18.09
CA ALA A 524 -17.67 2.99 17.11
C ALA A 524 -16.39 3.51 17.80
N GLY A 525 -16.54 4.23 18.91
CA GLY A 525 -15.40 4.70 19.68
C GLY A 525 -14.50 3.55 20.15
N SER A 526 -15.15 2.61 20.83
CA SER A 526 -14.57 1.36 21.33
C SER A 526 -13.76 0.56 20.28
N LEU A 527 -14.34 0.44 19.09
CA LEU A 527 -13.71 -0.29 17.96
C LEU A 527 -12.50 0.47 17.38
N ALA A 528 -12.60 1.80 17.36
CA ALA A 528 -11.52 2.70 16.94
C ALA A 528 -10.34 2.63 17.89
N ASN A 529 -10.65 2.56 19.19
CA ASN A 529 -9.68 2.33 20.25
C ASN A 529 -8.88 1.03 19.99
N ALA A 530 -9.64 -0.05 19.84
CA ALA A 530 -9.10 -1.37 19.56
C ALA A 530 -8.19 -1.36 18.34
N LEU A 531 -8.61 -0.69 17.27
CA LEU A 531 -7.79 -0.67 16.04
C LEU A 531 -6.54 0.21 16.19
N ALA A 532 -6.65 1.36 16.87
CA ALA A 532 -5.48 2.21 17.11
C ALA A 532 -4.46 1.54 18.06
N THR A 533 -4.99 0.91 19.10
CA THR A 533 -4.18 0.17 20.08
C THR A 533 -3.46 -0.99 19.39
N TYR A 534 -4.22 -1.78 18.64
CA TYR A 534 -3.64 -2.82 17.83
C TYR A 534 -2.52 -2.25 16.93
N ALA A 535 -2.84 -1.21 16.17
CA ALA A 535 -1.84 -0.56 15.30
C ALA A 535 -0.59 -0.17 16.07
N ALA A 536 -0.75 0.47 17.23
CA ALA A 536 0.36 0.83 18.11
C ALA A 536 1.16 -0.42 18.46
N ALA A 537 0.47 -1.49 18.80
CA ALA A 537 1.11 -2.78 19.08
C ALA A 537 1.88 -3.33 17.91
N THR A 538 1.40 -3.24 16.67
CA THR A 538 2.23 -3.76 15.56
C THR A 538 3.52 -2.95 15.38
N GLU A 539 3.49 -1.66 15.72
CA GLU A 539 4.65 -0.79 15.59
C GLU A 539 5.75 -1.19 16.58
N ARG A 540 5.35 -1.40 17.83
CA ARG A 540 6.25 -1.75 18.91
C ARG A 540 6.85 -3.16 18.71
N TRP A 541 6.03 -4.14 18.27
CA TRP A 541 6.43 -5.56 18.27
C TRP A 541 6.70 -6.24 16.91
N GLU A 542 6.16 -5.69 15.83
CA GLU A 542 6.26 -6.38 14.57
C GLU A 542 7.25 -5.68 13.63
N GLY A 543 7.43 -6.24 12.43
CA GLY A 543 8.34 -5.67 11.45
C GLY A 543 7.98 -4.24 11.05
N LYS A 544 6.68 -3.97 11.01
CA LYS A 544 6.20 -2.65 10.56
C LYS A 544 4.83 -2.26 11.17
N LEU A 545 4.57 -0.96 11.21
CA LEU A 545 3.26 -0.44 11.57
C LEU A 545 2.12 -0.88 10.60
N ASP A 546 1.03 -1.39 11.17
CA ASP A 546 -0.22 -1.63 10.42
C ASP A 546 -0.99 -0.36 10.12
N THR A 547 -0.62 0.22 9.00
CA THR A 547 -1.12 1.49 8.55
C THR A 547 -2.61 1.46 8.30
N LYS A 548 -3.14 0.33 7.88
CA LYS A 548 -4.56 0.25 7.57
C LYS A 548 -5.41 0.28 8.84
N ALA A 549 -4.99 -0.46 9.87
CA ALA A 549 -5.69 -0.39 11.15
C ALA A 549 -5.68 1.04 11.72
N ARG A 550 -4.52 1.70 11.66
CA ARG A 550 -4.39 3.03 12.23
C ARG A 550 -5.33 3.97 11.51
N ASP A 551 -5.39 3.89 10.20
CA ASP A 551 -6.20 4.84 9.41
C ASP A 551 -7.69 4.63 9.62
N MET A 552 -8.09 3.38 9.79
CA MET A 552 -9.49 3.03 10.05
C MET A 552 -9.91 3.55 11.42
N ALA A 553 -9.02 3.48 12.41
CA ALA A 553 -9.34 4.06 13.73
C ALA A 553 -9.68 5.52 13.56
N ALA A 554 -8.86 6.22 12.78
CA ALA A 554 -9.02 7.65 12.57
C ALA A 554 -10.32 7.96 11.82
N GLU A 555 -10.69 7.08 10.87
CA GLU A 555 -11.92 7.24 10.10
C GLU A 555 -13.14 7.12 10.98
N LEU A 556 -13.14 6.10 11.84
CA LEU A 556 -14.27 5.91 12.73
C LEU A 556 -14.48 7.15 13.60
N VAL A 557 -13.40 7.66 14.21
CA VAL A 557 -13.47 8.80 15.11
C VAL A 557 -13.88 10.01 14.33
N ASN A 558 -13.30 10.20 13.14
CA ASN A 558 -13.65 11.35 12.33
C ASN A 558 -15.15 11.38 12.02
N ARG A 559 -15.68 10.21 11.67
CA ARG A 559 -17.04 10.08 11.16
C ARG A 559 -18.06 10.08 12.25
N ALA A 560 -17.73 9.53 13.40
CA ALA A 560 -18.64 9.59 14.53
C ALA A 560 -18.84 11.03 15.05
N TRP A 561 -17.80 11.85 14.93
CA TRP A 561 -17.75 13.18 15.49
C TRP A 561 -18.35 14.18 14.51
N TYR A 562 -17.91 14.08 13.25
CA TYR A 562 -18.47 14.90 12.19
C TYR A 562 -19.98 14.69 12.07
N ASN A 563 -20.41 13.44 12.02
CA ASN A 563 -21.82 13.16 11.72
C ASN A 563 -22.78 13.23 12.90
N PHE A 564 -22.28 13.17 14.14
CA PHE A 564 -23.22 13.13 15.28
C PHE A 564 -23.00 14.19 16.36
N TYR A 565 -22.29 15.24 15.98
CA TYR A 565 -22.05 16.41 16.80
C TYR A 565 -23.34 17.00 17.35
N CYS A 566 -23.33 17.37 18.60
CA CYS A 566 -24.47 18.04 19.22
C CYS A 566 -24.25 19.56 19.22
N SER A 567 -25.08 20.29 18.48
CA SER A 567 -24.88 21.75 18.34
C SER A 567 -25.27 22.52 19.60
N GLU A 568 -26.01 21.89 20.52
CA GLU A 568 -26.22 22.53 21.82
C GLU A 568 -25.04 22.37 22.80
N GLY A 569 -23.93 21.78 22.35
CA GLY A 569 -22.71 21.70 23.15
C GLY A 569 -22.60 20.56 24.16
N LYS A 570 -23.40 19.51 24.00
CA LYS A 570 -23.38 18.37 24.93
C LYS A 570 -22.47 17.23 24.52
N GLY A 571 -21.79 17.38 23.38
CA GLY A 571 -20.86 16.35 22.92
C GLY A 571 -21.26 15.74 21.59
N VAL A 572 -21.54 14.44 21.59
CA VAL A 572 -22.13 13.79 20.44
C VAL A 572 -23.49 13.26 20.86
N VAL A 573 -24.33 12.96 19.87
CA VAL A 573 -25.73 12.61 20.15
C VAL A 573 -26.20 11.64 19.10
N THR A 574 -26.99 10.69 19.56
CA THR A 574 -27.44 9.59 18.74
C THR A 574 -28.82 9.93 18.14
N GLU A 575 -29.20 9.24 17.06
CA GLU A 575 -30.58 9.31 16.54
C GLU A 575 -31.01 7.88 16.27
N GLU A 576 -31.97 7.38 17.03
CA GLU A 576 -32.27 5.95 16.96
C GLU A 576 -33.76 5.65 17.02
N ALA A 577 -34.22 4.85 16.07
CA ALA A 577 -35.58 4.31 16.13
C ALA A 577 -35.64 3.14 17.12
N ARG A 578 -36.44 3.32 18.17
CA ARG A 578 -36.56 2.31 19.21
C ARG A 578 -37.88 1.57 19.07
N ALA A 579 -37.93 0.61 18.14
CA ALA A 579 -39.15 -0.19 17.90
C ALA A 579 -39.55 -0.92 19.18
N ASP A 580 -38.54 -1.34 19.93
CA ASP A 580 -38.73 -2.10 21.14
C ASP A 580 -39.56 -1.33 22.20
N TYR A 581 -39.68 -0.01 22.04
CA TYR A 581 -40.42 0.80 23.02
C TYR A 581 -41.93 0.55 23.06
N LYS A 582 -42.46 -0.21 22.10
CA LYS A 582 -43.86 -0.65 22.19
C LYS A 582 -44.07 -1.52 23.44
N ARG A 583 -42.98 -2.12 23.91
CA ARG A 583 -43.04 -2.97 25.10
C ARG A 583 -43.31 -2.17 26.38
N PHE A 584 -43.16 -0.85 26.31
CA PHE A 584 -43.60 0.03 27.40
C PHE A 584 -45.01 -0.32 27.81
N PHE A 585 -45.86 -0.58 26.82
CA PHE A 585 -47.30 -0.75 27.02
C PHE A 585 -47.84 -2.15 26.71
N GLU A 586 -47.06 -2.97 25.98
CA GLU A 586 -47.47 -4.32 25.56
C GLU A 586 -46.93 -5.47 26.41
N GLN A 587 -45.83 -5.24 27.13
CA GLN A 587 -45.16 -6.34 27.82
C GLN A 587 -45.80 -6.63 29.15
N GLU A 588 -46.24 -7.87 29.31
CA GLU A 588 -46.76 -8.31 30.59
C GLU A 588 -45.60 -8.74 31.49
N VAL A 589 -45.63 -8.26 32.73
CA VAL A 589 -44.69 -8.64 33.76
C VAL A 589 -45.34 -9.72 34.62
N TYR A 590 -44.79 -10.93 34.58
CA TYR A 590 -45.30 -12.00 35.42
C TYR A 590 -45.29 -11.57 36.88
N VAL A 591 -46.41 -11.85 37.56
CA VAL A 591 -46.49 -11.79 39.01
C VAL A 591 -47.18 -13.12 39.36
N PRO A 592 -46.69 -13.86 40.36
CA PRO A 592 -47.35 -15.13 40.73
C PRO A 592 -48.81 -14.88 41.16
N ALA A 593 -49.70 -15.78 40.76
CA ALA A 593 -51.13 -15.66 41.13
C ALA A 593 -51.28 -15.66 42.66
N GLY A 594 -52.08 -14.73 43.17
CA GLY A 594 -52.25 -14.56 44.60
C GLY A 594 -51.33 -13.52 45.23
N TRP A 595 -50.16 -13.31 44.62
CA TRP A 595 -49.21 -12.29 45.08
C TRP A 595 -49.77 -10.86 44.85
N SER A 596 -49.55 -9.97 45.81
CA SER A 596 -49.98 -8.56 45.73
C SER A 596 -49.07 -7.63 46.53
N GLY A 597 -48.91 -6.39 46.03
CA GLY A 597 -48.01 -5.41 46.61
C GLY A 597 -48.00 -4.07 45.89
N THR A 598 -47.33 -3.08 46.47
CA THR A 598 -47.35 -1.72 45.93
C THR A 598 -45.97 -1.08 45.82
N MET A 599 -45.75 -0.33 44.73
CA MET A 599 -44.55 0.50 44.61
C MET A 599 -44.69 1.76 45.49
N PRO A 600 -43.56 2.37 45.87
CA PRO A 600 -43.57 3.57 46.74
C PRO A 600 -44.54 4.69 46.38
N ASN A 601 -45.16 4.62 45.21
CA ASN A 601 -46.06 5.68 44.77
C ASN A 601 -47.50 5.17 44.57
N GLY A 602 -47.77 3.95 45.06
CA GLY A 602 -49.09 3.35 44.96
C GLY A 602 -49.25 2.37 43.82
N ASP A 603 -48.51 2.55 42.72
CA ASP A 603 -48.69 1.66 41.57
C ASP A 603 -48.78 0.22 42.06
N LYS A 604 -49.79 -0.49 41.56
CA LYS A 604 -50.16 -1.76 42.15
C LYS A 604 -49.49 -2.93 41.45
N ILE A 605 -48.67 -3.69 42.19
CA ILE A 605 -47.99 -4.89 41.68
C ILE A 605 -48.91 -6.10 41.81
N GLN A 606 -49.49 -6.51 40.69
CA GLN A 606 -50.44 -7.64 40.67
C GLN A 606 -50.42 -8.30 39.31
N PRO A 607 -50.88 -9.56 39.22
CA PRO A 607 -50.91 -10.28 37.94
C PRO A 607 -51.67 -9.49 36.88
N GLY A 608 -51.10 -9.39 35.68
CA GLY A 608 -51.72 -8.66 34.57
C GLY A 608 -51.01 -7.39 34.14
N ILE A 609 -50.08 -6.93 34.98
CA ILE A 609 -49.37 -5.66 34.76
C ILE A 609 -48.46 -5.65 33.53
N LYS A 610 -48.28 -4.44 33.02
CA LYS A 610 -47.39 -4.14 31.93
C LYS A 610 -46.22 -3.38 32.55
N PHE A 611 -45.07 -3.39 31.86
CA PHE A 611 -43.92 -2.55 32.19
C PHE A 611 -44.27 -1.20 32.81
N ILE A 612 -45.17 -0.47 32.16
CA ILE A 612 -45.51 0.90 32.55
C ILE A 612 -46.30 1.01 33.86
N ASP A 613 -47.01 -0.06 34.21
CA ASP A 613 -47.89 -0.06 35.38
C ASP A 613 -47.15 0.13 36.73
N ILE A 614 -45.95 -0.46 36.85
CA ILE A 614 -45.13 -0.31 38.07
C ILE A 614 -44.10 0.82 37.97
N ARG A 615 -44.08 1.47 36.82
CA ARG A 615 -43.22 2.62 36.56
C ARG A 615 -44.10 3.79 36.08
N THR A 616 -45.09 4.15 36.90
CA THR A 616 -46.16 5.06 36.50
C THR A 616 -45.71 6.52 36.37
N LYS A 617 -44.64 6.85 37.09
CA LYS A 617 -44.02 8.17 37.02
C LYS A 617 -43.52 8.49 35.61
N TYR A 618 -43.26 7.46 34.79
CA TYR A 618 -42.81 7.65 33.42
C TYR A 618 -43.75 8.54 32.62
N ARG A 619 -45.03 8.52 32.98
CA ARG A 619 -46.06 9.32 32.29
C ARG A 619 -45.81 10.82 32.37
N GLN A 620 -45.03 11.25 33.37
CA GLN A 620 -44.62 12.64 33.53
C GLN A 620 -43.28 12.97 32.85
N ASP A 621 -42.70 11.98 32.17
CA ASP A 621 -41.44 12.18 31.46
C ASP A 621 -41.63 13.07 30.24
N PRO A 622 -40.70 14.00 30.02
CA PRO A 622 -40.67 14.81 28.80
C PRO A 622 -40.83 14.00 27.51
N TYR A 623 -40.42 12.73 27.51
CA TYR A 623 -40.49 11.92 26.29
C TYR A 623 -41.59 10.87 26.32
N TYR A 624 -42.45 10.93 27.34
CA TYR A 624 -43.59 10.02 27.43
C TYR A 624 -44.56 10.20 26.28
N ASP A 625 -45.06 11.42 26.08
CA ASP A 625 -45.99 11.72 24.99
C ASP A 625 -45.42 11.09 23.71
N ILE A 626 -44.23 11.52 23.31
CA ILE A 626 -43.55 11.07 22.10
C ILE A 626 -43.54 9.55 21.91
N VAL A 627 -43.22 8.80 22.96
CA VAL A 627 -43.15 7.35 22.81
C VAL A 627 -44.54 6.72 22.83
N TYR A 628 -45.45 7.32 23.60
CA TYR A 628 -46.84 6.87 23.68
C TYR A 628 -47.64 7.15 22.40
N GLN A 629 -47.45 8.33 21.79
CA GLN A 629 -48.13 8.66 20.53
C GLN A 629 -47.63 7.78 19.39
N ALA A 630 -46.35 7.45 19.45
CA ALA A 630 -45.78 6.49 18.50
C ALA A 630 -46.34 5.08 18.72
N TYR A 631 -46.72 4.77 19.96
CA TYR A 631 -47.39 3.52 20.24
C TYR A 631 -48.77 3.48 19.55
N LEU A 632 -49.60 4.47 19.84
CA LEU A 632 -50.95 4.57 19.25
C LEU A 632 -50.91 4.38 17.74
N ARG A 633 -50.10 5.19 17.06
CA ARG A 633 -49.96 5.13 15.60
C ARG A 633 -49.21 3.89 15.08
N GLY A 634 -48.84 2.97 15.97
CA GLY A 634 -48.14 1.74 15.56
C GLY A 634 -46.80 1.87 14.84
N GLU A 635 -45.99 2.87 15.25
CA GLU A 635 -44.67 3.15 14.67
C GLU A 635 -43.58 3.21 15.75
N ALA A 636 -42.34 2.96 15.37
CA ALA A 636 -41.21 3.14 16.30
C ALA A 636 -40.97 4.64 16.57
N PRO A 637 -40.87 5.03 17.85
CA PRO A 637 -40.49 6.41 18.18
C PRO A 637 -39.02 6.61 17.84
N VAL A 638 -38.65 7.87 17.64
CA VAL A 638 -37.28 8.23 17.29
C VAL A 638 -36.67 8.96 18.47
N LEU A 639 -35.52 8.47 18.95
CA LEU A 639 -34.88 9.11 20.12
C LEU A 639 -33.47 9.66 19.89
N ASN A 640 -33.18 10.74 20.60
CA ASN A 640 -31.82 11.26 20.69
C ASN A 640 -31.24 11.05 22.07
N TYR A 641 -30.13 10.29 22.13
CA TYR A 641 -29.54 9.94 23.42
C TYR A 641 -28.11 10.37 23.54
N HIS A 642 -27.79 10.94 24.71
CA HIS A 642 -26.43 11.16 25.15
C HIS A 642 -26.13 10.21 26.32
N ARG A 643 -25.79 8.95 26.01
CA ARG A 643 -25.33 8.01 27.06
C ARG A 643 -23.95 8.41 27.55
N PHE A 644 -23.75 8.35 28.86
CA PHE A 644 -22.42 8.62 29.40
C PHE A 644 -21.32 7.82 28.69
N TRP A 645 -21.45 6.49 28.64
CA TRP A 645 -20.38 5.65 28.10
C TRP A 645 -20.11 5.79 26.58
N HIS A 646 -21.13 6.20 25.81
CA HIS A 646 -20.94 6.54 24.41
C HIS A 646 -19.97 7.70 24.30
N GLU A 647 -20.20 8.77 25.06
CA GLU A 647 -19.31 9.91 25.03
C GLU A 647 -17.88 9.51 25.42
N VAL A 648 -17.74 8.66 26.45
CA VAL A 648 -16.39 8.34 26.92
C VAL A 648 -15.64 7.43 25.96
N ASP A 649 -16.31 6.41 25.45
CA ASP A 649 -15.68 5.51 24.50
C ASP A 649 -15.17 6.29 23.28
N LEU A 650 -15.92 7.30 22.84
CA LEU A 650 -15.45 8.13 21.76
C LEU A 650 -14.28 9.00 22.21
N ALA A 651 -14.39 9.66 23.36
CA ALA A 651 -13.30 10.51 23.90
C ALA A 651 -12.00 9.74 24.09
N VAL A 652 -12.07 8.56 24.67
CA VAL A 652 -10.88 7.77 24.93
C VAL A 652 -10.19 7.35 23.60
N ALA A 653 -10.99 6.94 22.63
CA ALA A 653 -10.50 6.63 21.29
C ALA A 653 -9.68 7.81 20.71
N MET A 654 -10.22 9.02 20.82
CA MET A 654 -9.48 10.23 20.46
C MET A 654 -8.16 10.28 21.24
N GLY A 655 -8.23 10.01 22.53
CA GLY A 655 -7.07 10.09 23.40
C GLY A 655 -6.02 9.05 23.06
N VAL A 656 -6.48 7.86 22.67
CA VAL A 656 -5.58 6.83 22.17
C VAL A 656 -4.82 7.26 20.89
N LEU A 657 -5.54 7.80 19.91
CA LEU A 657 -4.90 8.40 18.76
C LEU A 657 -3.92 9.49 19.19
N ALA A 658 -4.32 10.34 20.14
CA ALA A 658 -3.41 11.37 20.66
C ALA A 658 -2.16 10.79 21.31
N THR A 659 -2.28 9.62 21.93
CA THR A 659 -1.16 9.01 22.62
C THR A 659 -0.15 8.28 21.72
N TYR A 660 -0.63 7.42 20.84
CA TYR A 660 0.28 6.64 20.03
C TYR A 660 0.56 7.22 18.66
N PHE A 661 -0.20 8.25 18.26
CA PHE A 661 -0.06 8.82 16.92
C PHE A 661 -0.27 10.31 17.00
N PRO A 662 0.63 10.98 17.74
CA PRO A 662 0.43 12.38 18.12
C PRO A 662 0.48 13.35 16.94
N ASP A 663 0.99 12.91 15.79
CA ASP A 663 0.96 13.75 14.59
C ASP A 663 -0.35 13.69 13.82
N MET A 664 -1.19 12.70 14.13
CA MET A 664 -2.48 12.59 13.47
C MET A 664 -3.43 13.71 13.86
N THR A 665 -4.35 14.00 12.95
CA THR A 665 -5.03 15.26 12.93
C THR A 665 -6.33 15.10 12.16
N TYR A 666 -7.45 15.36 12.87
CA TYR A 666 -8.83 15.42 12.35
C TYR A 666 -9.03 16.17 11.02
N LYS A 667 -9.91 15.63 10.19
CA LYS A 667 -10.28 16.27 8.90
C LYS A 667 -11.72 15.87 8.67
N VAL A 668 -12.55 16.69 8.02
CA VAL A 668 -13.89 16.20 7.70
C VAL A 668 -13.77 15.06 6.69
N PRO A 669 -14.51 13.98 6.93
CA PRO A 669 -14.35 12.72 6.20
C PRO A 669 -14.94 12.72 4.78
N GLY B 28 22.57 -50.72 -30.54
CA GLY B 28 23.40 -49.79 -29.73
C GLY B 28 23.82 -48.48 -30.41
N PRO B 29 24.72 -47.74 -29.76
CA PRO B 29 25.15 -46.41 -30.20
C PRO B 29 25.97 -46.39 -31.50
N THR B 30 25.97 -45.23 -32.16
CA THR B 30 26.42 -45.08 -33.52
C THR B 30 26.79 -43.64 -33.74
N LYS B 31 27.86 -43.38 -34.48
CA LYS B 31 28.24 -42.01 -34.81
C LYS B 31 27.07 -41.30 -35.51
N ALA B 32 26.72 -40.11 -35.01
CA ALA B 32 25.64 -39.31 -35.55
C ALA B 32 26.04 -38.81 -36.92
N PRO B 33 25.09 -38.80 -37.86
CA PRO B 33 25.32 -38.32 -39.22
C PRO B 33 25.39 -36.81 -39.30
N THR B 34 24.78 -36.13 -38.33
CA THR B 34 24.59 -34.67 -38.30
C THR B 34 25.83 -33.89 -38.74
N LYS B 35 25.62 -32.86 -39.54
CA LYS B 35 26.74 -32.11 -40.13
C LYS B 35 27.14 -30.87 -39.32
N ASP B 36 28.43 -30.52 -39.35
CA ASP B 36 28.93 -29.24 -38.84
C ASP B 36 28.02 -28.04 -39.16
N GLY B 37 27.54 -27.30 -38.16
CA GLY B 37 26.71 -26.14 -38.42
C GLY B 37 25.24 -26.27 -38.08
N THR B 38 24.76 -27.50 -37.86
CA THR B 38 23.40 -27.67 -37.36
C THR B 38 23.22 -26.82 -36.12
N SER B 39 22.17 -26.00 -36.11
CA SER B 39 21.88 -25.11 -34.99
C SER B 39 21.57 -26.02 -33.78
N TYR B 40 21.71 -25.51 -32.56
CA TYR B 40 21.20 -26.29 -31.42
C TYR B 40 19.69 -26.34 -31.44
N LYS B 41 19.08 -25.31 -32.04
CA LYS B 41 17.62 -25.26 -32.26
C LYS B 41 17.10 -26.45 -33.10
N ASP B 42 17.63 -26.67 -34.30
CA ASP B 42 17.25 -27.83 -35.13
C ASP B 42 17.53 -29.16 -34.45
N LEU B 43 18.68 -29.25 -33.79
CA LEU B 43 18.99 -30.45 -33.02
C LEU B 43 17.97 -30.73 -31.91
N PHE B 44 17.42 -29.67 -31.29
CA PHE B 44 16.38 -29.90 -30.29
C PHE B 44 15.14 -30.47 -30.99
N LEU B 45 14.80 -29.83 -32.11
CA LEU B 45 13.62 -30.17 -32.92
C LEU B 45 13.66 -31.60 -33.46
N GLU B 46 14.86 -32.02 -33.89
CA GLU B 46 15.08 -33.40 -34.29
C GLU B 46 14.82 -34.33 -33.11
N LEU B 47 15.49 -34.07 -31.98
CA LEU B 47 15.35 -34.93 -30.80
C LEU B 47 13.91 -34.94 -30.32
N TYR B 48 13.28 -33.76 -30.38
CA TYR B 48 11.89 -33.64 -29.92
C TYR B 48 10.97 -34.47 -30.81
N GLY B 49 11.10 -34.25 -32.13
CA GLY B 49 10.40 -35.03 -33.14
C GLY B 49 10.44 -36.51 -32.85
N LYS B 50 11.64 -37.03 -32.59
CA LYS B 50 11.81 -38.45 -32.30
C LYS B 50 11.16 -38.87 -30.98
N ILE B 51 11.12 -37.99 -29.98
CA ILE B 51 10.52 -38.38 -28.70
C ILE B 51 9.00 -38.51 -28.82
N LYS B 52 8.43 -37.63 -29.63
CA LYS B 52 6.99 -37.55 -29.79
C LYS B 52 6.43 -38.53 -30.84
N ASP B 53 7.30 -39.06 -31.71
CA ASP B 53 6.90 -40.02 -32.75
C ASP B 53 6.31 -41.30 -32.15
N PRO B 54 5.08 -41.63 -32.51
CA PRO B 54 4.36 -42.79 -31.95
C PRO B 54 4.98 -44.16 -32.34
N LYS B 55 5.58 -44.23 -33.52
CA LYS B 55 6.37 -45.41 -33.94
C LYS B 55 7.47 -45.72 -32.92
N ASN B 56 8.14 -44.67 -32.42
CA ASN B 56 9.20 -44.80 -31.40
C ASN B 56 8.82 -45.45 -30.06
N GLY B 57 7.59 -45.20 -29.59
CA GLY B 57 7.06 -45.89 -28.43
C GLY B 57 7.39 -45.31 -27.06
N TYR B 58 7.74 -44.02 -27.00
CA TYR B 58 8.02 -43.36 -25.72
C TYR B 58 6.79 -43.21 -24.81
N PHE B 59 5.64 -42.94 -25.40
CA PHE B 59 4.38 -42.78 -24.68
C PHE B 59 3.45 -44.00 -24.87
N SER B 60 2.50 -44.18 -23.96
CA SER B 60 1.57 -45.28 -24.11
C SER B 60 0.62 -45.00 -25.29
N PRO B 61 0.24 -46.04 -26.06
CA PRO B 61 -0.64 -45.85 -27.22
C PRO B 61 -2.08 -45.43 -26.82
N ASP B 62 -2.61 -46.02 -25.75
CA ASP B 62 -3.95 -45.68 -25.27
C ASP B 62 -4.04 -44.21 -24.78
N GLU B 63 -3.42 -43.91 -23.64
CA GLU B 63 -3.63 -42.66 -22.90
C GLU B 63 -2.67 -41.51 -23.23
N GLY B 64 -1.60 -41.79 -23.97
CA GLY B 64 -0.59 -40.79 -24.27
C GLY B 64 0.35 -40.55 -23.09
N ILE B 65 0.64 -41.60 -22.32
CA ILE B 65 1.43 -41.45 -21.08
C ILE B 65 2.93 -41.80 -21.26
N PRO B 66 3.82 -40.93 -20.75
CA PRO B 66 5.26 -41.19 -20.76
C PRO B 66 5.62 -42.37 -19.87
N TYR B 67 6.24 -43.41 -20.44
CA TYR B 67 6.82 -44.51 -19.68
C TYR B 67 8.19 -44.09 -19.17
N HIS B 68 8.70 -44.81 -18.17
CA HIS B 68 10.05 -44.57 -17.70
C HIS B 68 11.05 -44.72 -18.85
N SER B 69 10.88 -45.80 -19.62
CA SER B 69 11.74 -46.09 -20.75
C SER B 69 11.07 -47.00 -21.77
N ILE B 70 11.53 -46.89 -23.02
CA ILE B 70 11.08 -47.77 -24.10
C ILE B 70 11.24 -49.24 -23.73
N GLU B 71 12.47 -49.63 -23.42
CA GLU B 71 12.77 -50.99 -23.01
C GLU B 71 11.99 -51.32 -21.75
N THR B 72 11.69 -52.60 -21.54
CA THR B 72 10.90 -53.04 -20.38
C THR B 72 11.74 -53.61 -19.24
N LEU B 73 12.86 -54.27 -19.56
CA LEU B 73 13.77 -54.80 -18.54
C LEU B 73 14.62 -53.63 -18.04
N ILE B 74 14.32 -53.15 -16.83
CA ILE B 74 15.10 -52.08 -16.19
C ILE B 74 14.74 -51.95 -14.73
N VAL B 75 15.77 -51.91 -13.89
CA VAL B 75 15.59 -51.76 -12.46
C VAL B 75 16.56 -50.65 -11.99
N GLU B 76 16.01 -49.58 -11.39
CA GLU B 76 16.81 -48.48 -10.81
C GLU B 76 16.14 -47.77 -9.63
N ALA B 77 14.95 -47.24 -9.85
CA ALA B 77 14.11 -46.80 -8.75
C ALA B 77 12.70 -47.33 -9.00
N PRO B 78 12.18 -47.14 -10.22
CA PRO B 78 11.10 -47.99 -10.70
C PRO B 78 11.73 -49.33 -11.08
N ASP B 79 10.99 -50.43 -10.95
CA ASP B 79 11.55 -51.77 -11.23
C ASP B 79 11.04 -52.41 -12.52
N TYR B 80 10.58 -51.55 -13.45
CA TYR B 80 9.99 -52.00 -14.70
C TYR B 80 9.80 -50.79 -15.63
N GLY B 81 10.25 -50.92 -16.87
CA GLY B 81 10.33 -49.77 -17.76
C GLY B 81 9.01 -49.15 -18.18
N HIS B 82 7.94 -49.94 -18.13
CA HIS B 82 6.65 -49.47 -18.62
C HIS B 82 5.67 -48.99 -17.54
N VAL B 83 6.19 -48.78 -16.33
CA VAL B 83 5.53 -47.90 -15.37
C VAL B 83 5.73 -46.46 -15.83
N THR B 84 4.97 -45.55 -15.23
CA THR B 84 5.22 -44.10 -15.34
C THR B 84 5.47 -43.54 -13.95
N THR B 85 6.09 -42.36 -13.90
CA THR B 85 6.43 -41.71 -12.64
C THR B 85 6.03 -40.26 -12.72
N SER B 86 5.72 -39.69 -11.56
CA SER B 86 5.57 -38.24 -11.46
C SER B 86 6.75 -37.58 -12.16
N GLU B 87 7.94 -38.18 -12.00
CA GLU B 87 9.16 -37.71 -12.65
C GLU B 87 9.02 -37.59 -14.16
N ALA B 88 8.58 -38.66 -14.84
CA ALA B 88 8.45 -38.60 -16.31
C ALA B 88 7.44 -37.54 -16.72
N PHE B 89 6.37 -37.42 -15.94
CA PHE B 89 5.41 -36.35 -16.21
C PHE B 89 6.03 -34.96 -16.18
N SER B 90 6.87 -34.69 -15.18
CA SER B 90 7.48 -33.37 -15.09
C SER B 90 8.44 -33.11 -16.25
N TYR B 91 9.19 -34.14 -16.68
CA TYR B 91 10.06 -33.96 -17.84
C TYR B 91 9.27 -33.72 -19.12
N TYR B 92 8.16 -34.44 -19.28
CA TYR B 92 7.20 -34.22 -20.36
C TYR B 92 6.72 -32.77 -20.46
N VAL B 93 6.24 -32.19 -19.34
CA VAL B 93 5.86 -30.78 -19.32
C VAL B 93 7.05 -29.96 -19.76
N TRP B 94 8.20 -30.24 -19.16
CA TRP B 94 9.40 -29.46 -19.40
C TRP B 94 9.75 -29.55 -20.90
N LEU B 95 9.61 -30.74 -21.48
CA LEU B 95 9.86 -30.92 -22.92
C LEU B 95 8.94 -30.04 -23.76
N GLU B 96 7.64 -30.09 -23.46
CA GLU B 96 6.67 -29.25 -24.16
C GLU B 96 6.94 -27.76 -24.03
N ALA B 97 7.34 -27.32 -22.84
CA ALA B 97 7.62 -25.89 -22.63
C ALA B 97 8.75 -25.37 -23.50
N MET B 98 9.81 -26.17 -23.65
CA MET B 98 10.95 -25.78 -24.48
C MET B 98 10.53 -25.80 -25.95
N TYR B 99 9.68 -26.77 -26.30
CA TYR B 99 9.06 -26.80 -27.62
C TYR B 99 8.30 -25.51 -27.94
N GLY B 100 7.37 -25.14 -27.06
CA GLY B 100 6.63 -23.90 -27.22
C GLY B 100 7.53 -22.70 -27.39
N ASN B 101 8.62 -22.69 -26.62
CA ASN B 101 9.59 -21.60 -26.67
C ASN B 101 10.25 -21.54 -28.04
N LEU B 102 10.59 -22.68 -28.60
CA LEU B 102 11.33 -22.70 -29.86
C LEU B 102 10.45 -22.67 -31.11
N THR B 103 9.25 -23.27 -31.05
CA THR B 103 8.33 -23.29 -32.19
C THR B 103 7.41 -22.08 -32.18
N GLY B 104 6.53 -22.02 -31.19
CA GLY B 104 5.52 -20.97 -31.11
C GLY B 104 4.18 -21.61 -30.84
N ASN B 105 4.12 -22.94 -30.88
CA ASN B 105 2.88 -23.66 -30.65
C ASN B 105 2.85 -24.31 -29.25
N TRP B 106 1.84 -23.92 -28.48
CA TRP B 106 1.77 -24.23 -27.05
C TRP B 106 0.82 -25.36 -26.71
N SER B 107 0.40 -26.10 -27.73
CA SER B 107 -0.51 -27.25 -27.57
C SER B 107 0.00 -28.17 -26.53
N GLY B 108 1.26 -28.57 -26.72
CA GLY B 108 1.93 -29.55 -25.87
C GLY B 108 1.80 -29.31 -24.38
N VAL B 109 2.02 -28.06 -23.94
CA VAL B 109 1.97 -27.70 -22.54
C VAL B 109 0.61 -28.09 -21.96
N GLU B 110 -0.46 -27.56 -22.56
CA GLU B 110 -1.86 -27.88 -22.21
C GLU B 110 -2.15 -29.38 -22.24
N THR B 111 -1.75 -30.02 -23.34
CA THR B 111 -1.91 -31.45 -23.52
C THR B 111 -1.20 -32.28 -22.41
N ALA B 112 0.06 -31.95 -22.17
CA ALA B 112 0.85 -32.67 -21.18
C ALA B 112 0.23 -32.60 -19.81
N TRP B 113 -0.14 -31.39 -19.40
CA TRP B 113 -0.80 -31.18 -18.10
C TRP B 113 -2.13 -31.91 -18.01
N LYS B 114 -2.90 -31.92 -19.09
CA LYS B 114 -4.15 -32.66 -19.09
C LYS B 114 -3.93 -34.17 -18.88
N VAL B 115 -2.94 -34.76 -19.56
CA VAL B 115 -2.65 -36.18 -19.34
C VAL B 115 -2.30 -36.41 -17.87
N MET B 116 -1.46 -35.52 -17.32
CA MET B 116 -1.05 -35.58 -15.91
C MET B 116 -2.25 -35.51 -14.97
N GLU B 117 -3.12 -34.54 -15.23
CA GLU B 117 -4.32 -34.34 -14.43
C GLU B 117 -5.33 -35.49 -14.60
N ASP B 118 -5.47 -35.99 -15.82
CA ASP B 118 -6.35 -37.13 -16.08
C ASP B 118 -5.86 -38.36 -15.35
N TRP B 119 -4.55 -38.59 -15.36
CA TRP B 119 -3.99 -39.90 -14.98
C TRP B 119 -3.26 -39.99 -13.65
N ILE B 120 -2.27 -39.14 -13.40
CA ILE B 120 -1.41 -39.32 -12.25
C ILE B 120 -1.71 -38.52 -10.96
N ILE B 121 -2.57 -37.49 -11.06
CA ILE B 121 -3.11 -36.80 -9.89
C ILE B 121 -4.44 -37.42 -9.47
N PRO B 122 -4.49 -38.11 -8.33
CA PRO B 122 -5.74 -38.74 -7.88
C PRO B 122 -6.84 -37.68 -7.83
N ASP B 123 -7.96 -37.92 -8.50
CA ASP B 123 -9.08 -36.95 -8.46
C ASP B 123 -9.93 -37.16 -7.21
N SER B 124 -10.98 -36.34 -7.03
CA SER B 124 -11.89 -36.48 -5.87
C SER B 124 -12.42 -37.90 -5.66
N THR B 125 -12.75 -38.55 -6.78
CA THR B 125 -13.25 -39.92 -6.82
C THR B 125 -12.24 -40.90 -6.25
N GLU B 126 -10.96 -40.55 -6.36
CA GLU B 126 -9.90 -41.44 -5.95
C GLU B 126 -9.34 -41.13 -4.55
N GLN B 127 -9.96 -40.16 -3.87
CA GLN B 127 -9.56 -39.78 -2.51
C GLN B 127 -10.72 -39.73 -1.50
N PRO B 128 -11.58 -40.75 -1.47
CA PRO B 128 -12.80 -40.67 -0.64
C PRO B 128 -12.52 -40.56 0.85
N GLY B 129 -13.21 -39.64 1.52
CA GLY B 129 -13.10 -39.57 2.98
C GLY B 129 -12.12 -38.53 3.47
N MET B 130 -11.47 -37.88 2.52
CA MET B 130 -10.46 -36.86 2.79
C MET B 130 -11.06 -35.72 3.62
N SER B 131 -12.31 -35.35 3.36
CA SER B 131 -12.94 -34.30 4.15
C SER B 131 -13.07 -34.69 5.63
N SER B 132 -12.62 -35.91 5.97
CA SER B 132 -12.60 -36.44 7.34
C SER B 132 -11.31 -36.16 8.09
N TYR B 133 -10.26 -35.85 7.32
CA TYR B 133 -8.95 -35.55 7.86
C TYR B 133 -9.04 -34.63 9.08
N ASN B 134 -8.26 -34.95 10.11
CA ASN B 134 -8.24 -34.15 11.34
C ASN B 134 -6.87 -33.46 11.57
N PRO B 135 -6.74 -32.18 11.19
CA PRO B 135 -5.49 -31.43 11.37
C PRO B 135 -4.88 -31.59 12.74
N ASN B 136 -5.68 -31.65 13.80
CA ASN B 136 -5.16 -31.91 15.14
C ASN B 136 -4.69 -33.36 15.42
N SER B 137 -4.95 -34.29 14.50
CA SER B 137 -4.46 -35.65 14.67
C SER B 137 -4.10 -36.27 13.33
N PRO B 138 -3.08 -35.72 12.66
CA PRO B 138 -2.89 -35.96 11.23
C PRO B 138 -2.68 -37.42 10.92
N ALA B 139 -1.95 -38.09 11.79
CA ALA B 139 -1.66 -39.51 11.64
C ALA B 139 -1.22 -40.19 12.95
N THR B 140 -0.93 -41.48 12.84
CA THR B 140 -0.59 -42.31 13.98
C THR B 140 0.90 -42.67 13.92
N TYR B 141 1.61 -42.51 15.03
CA TYR B 141 3.05 -42.76 15.03
C TYR B 141 3.44 -44.23 14.79
N ALA B 142 4.42 -44.45 13.93
CA ALA B 142 5.14 -45.74 13.90
C ALA B 142 6.66 -45.57 13.64
N ASP B 143 7.48 -46.36 14.35
CA ASP B 143 8.92 -46.43 14.11
C ASP B 143 9.29 -46.65 12.64
N GLU B 144 10.48 -46.18 12.26
CA GLU B 144 11.15 -46.63 11.04
C GLU B 144 12.33 -47.52 11.50
N TYR B 145 12.78 -48.46 10.66
CA TYR B 145 13.81 -49.39 11.10
C TYR B 145 14.94 -49.58 10.10
N GLU B 146 16.06 -50.12 10.59
CA GLU B 146 17.29 -50.27 9.81
C GLU B 146 17.38 -51.47 8.86
N ASP B 147 16.40 -52.36 8.88
CA ASP B 147 16.34 -53.46 7.90
C ASP B 147 14.87 -53.81 7.63
N PRO B 148 14.54 -54.20 6.41
CA PRO B 148 13.16 -54.64 6.10
C PRO B 148 12.66 -55.77 7.01
N SER B 149 13.60 -56.52 7.59
CA SER B 149 13.31 -57.67 8.41
C SER B 149 12.60 -57.28 9.70
N TYR B 150 12.65 -56.00 10.07
CA TYR B 150 11.95 -55.50 11.25
C TYR B 150 10.47 -55.18 10.99
N TYR B 151 10.06 -55.15 9.72
CA TYR B 151 8.68 -54.79 9.34
C TYR B 151 7.79 -56.03 9.22
N PRO B 152 6.49 -55.95 9.55
CA PRO B 152 5.73 -54.69 9.77
C PRO B 152 6.05 -53.86 11.01
N SER B 153 5.89 -52.53 10.88
CA SER B 153 6.10 -51.61 12.00
C SER B 153 4.78 -51.32 12.68
N GLU B 154 4.77 -51.27 14.00
CA GLU B 154 3.51 -51.14 14.71
C GLU B 154 3.03 -49.70 14.92
N LEU B 155 1.77 -49.45 14.55
CA LEU B 155 1.07 -48.22 14.89
C LEU B 155 0.89 -48.07 16.38
N LYS B 156 0.97 -46.83 16.86
CA LYS B 156 0.92 -46.59 18.29
C LYS B 156 -0.15 -45.53 18.57
N PHE B 157 -1.38 -45.99 18.74
CA PHE B 157 -2.53 -45.10 18.91
C PHE B 157 -2.53 -44.43 20.28
N ASP B 158 -2.05 -45.12 21.31
CA ASP B 158 -2.24 -44.63 22.68
C ASP B 158 -1.02 -44.01 23.32
N THR B 159 0.16 -44.49 22.90
CA THR B 159 1.42 -44.19 23.60
C THR B 159 2.17 -42.95 23.11
N VAL B 160 1.88 -42.47 21.90
CA VAL B 160 2.67 -41.42 21.25
C VAL B 160 1.81 -40.28 20.70
N ARG B 161 1.90 -39.14 21.36
CA ARG B 161 1.18 -37.95 20.94
C ARG B 161 1.84 -37.35 19.68
N VAL B 162 1.02 -36.77 18.81
CA VAL B 162 1.47 -36.31 17.51
C VAL B 162 1.14 -34.81 17.43
N GLY B 163 1.89 -34.08 16.62
CA GLY B 163 1.69 -32.65 16.53
C GLY B 163 0.53 -32.28 15.64
N SER B 164 0.30 -30.99 15.43
CA SER B 164 -0.78 -30.54 14.57
C SER B 164 -0.31 -30.10 13.18
N ASP B 165 -1.22 -30.24 12.22
CA ASP B 165 -1.01 -29.82 10.85
C ASP B 165 -1.52 -28.37 10.68
N PRO B 166 -0.61 -27.42 10.49
CA PRO B 166 -0.97 -25.99 10.45
C PRO B 166 -1.38 -25.48 9.07
N VAL B 167 -1.32 -26.35 8.08
CA VAL B 167 -1.44 -25.95 6.69
C VAL B 167 -2.76 -26.38 6.02
N HIS B 168 -3.32 -27.49 6.49
CA HIS B 168 -4.53 -28.05 5.90
C HIS B 168 -5.74 -27.12 5.74
N ASN B 169 -6.16 -26.51 6.85
CA ASN B 169 -7.27 -25.53 6.87
C ASN B 169 -7.10 -24.45 5.78
N ASP B 170 -5.92 -23.81 5.78
CA ASP B 170 -5.56 -22.80 4.79
C ASP B 170 -5.80 -23.34 3.38
N LEU B 171 -5.43 -24.60 3.15
CA LEU B 171 -5.55 -25.21 1.82
C LEU B 171 -6.97 -25.63 1.40
N VAL B 172 -7.73 -26.17 2.35
CA VAL B 172 -9.11 -26.60 2.11
C VAL B 172 -9.94 -25.38 1.76
N SER B 173 -9.81 -24.38 2.62
CA SER B 173 -10.50 -23.13 2.42
C SER B 173 -10.29 -22.56 1.01
N ALA B 174 -9.16 -22.84 0.37
CA ALA B 174 -8.94 -22.35 -0.99
C ALA B 174 -9.32 -23.37 -2.09
N TYR B 175 -9.15 -24.67 -1.81
CA TYR B 175 -9.30 -25.70 -2.86
C TYR B 175 -10.28 -26.87 -2.61
N GLY B 176 -10.87 -26.95 -1.43
CA GLY B 176 -11.73 -28.08 -1.13
C GLY B 176 -10.91 -29.11 -0.38
N PRO B 177 -11.46 -30.31 -0.17
CA PRO B 177 -10.86 -31.32 0.74
C PRO B 177 -9.72 -32.15 0.11
N ASN B 178 -9.62 -32.15 -1.21
CA ASN B 178 -8.68 -33.03 -1.91
C ASN B 178 -7.27 -32.49 -2.12
N MET B 179 -6.31 -33.40 -2.07
CA MET B 179 -4.93 -33.09 -2.31
C MET B 179 -4.73 -32.92 -3.81
N TYR B 180 -3.93 -31.95 -4.21
CA TYR B 180 -3.58 -31.79 -5.61
C TYR B 180 -2.06 -31.95 -5.85
N LEU B 181 -1.59 -33.19 -5.66
CA LEU B 181 -0.20 -33.57 -5.89
C LEU B 181 -0.15 -34.86 -6.73
N MET B 182 0.98 -35.13 -7.36
CA MET B 182 1.06 -36.35 -8.17
C MET B 182 1.49 -37.51 -7.31
N HIS B 183 0.77 -38.62 -7.41
CA HIS B 183 1.31 -39.90 -6.92
C HIS B 183 2.54 -40.23 -7.78
N TRP B 184 3.54 -40.90 -7.23
CA TRP B 184 4.83 -41.03 -7.93
C TRP B 184 4.95 -42.13 -8.98
N LEU B 185 4.24 -43.24 -8.74
CA LEU B 185 4.36 -44.44 -9.54
C LEU B 185 3.01 -44.94 -10.10
N MET B 186 2.97 -45.22 -11.39
CA MET B 186 1.77 -45.79 -12.01
C MET B 186 2.10 -46.87 -13.06
N ASP B 187 1.39 -47.99 -12.99
CA ASP B 187 1.50 -49.09 -13.96
C ASP B 187 0.62 -48.87 -15.21
N VAL B 188 1.23 -48.31 -16.25
CA VAL B 188 0.52 -47.77 -17.40
C VAL B 188 -0.41 -48.75 -18.15
N ASP B 189 -0.01 -50.02 -18.22
CA ASP B 189 -0.73 -51.02 -19.01
C ASP B 189 -0.97 -52.26 -18.17
N ASN B 190 -0.97 -52.05 -16.85
CA ASN B 190 -1.31 -53.09 -15.87
C ASN B 190 -0.47 -54.36 -16.02
N TRP B 191 0.83 -54.15 -16.22
CA TRP B 191 1.83 -55.21 -16.37
C TRP B 191 1.87 -56.04 -15.11
N TYR B 192 1.86 -55.38 -13.96
CA TYR B 192 1.64 -56.14 -12.75
C TYR B 192 0.30 -56.84 -12.87
N GLY B 193 -0.78 -56.09 -12.95
CA GLY B 193 -2.10 -56.69 -13.14
C GLY B 193 -2.97 -56.67 -11.90
N PHE B 194 -2.70 -55.72 -11.02
CA PHE B 194 -3.56 -55.39 -9.90
C PHE B 194 -4.85 -54.72 -10.40
N GLY B 195 -4.84 -54.28 -11.66
CA GLY B 195 -6.03 -53.68 -12.22
C GLY B 195 -6.88 -54.63 -13.04
N THR B 196 -7.52 -54.06 -14.05
CA THR B 196 -8.53 -54.74 -14.86
C THR B 196 -8.20 -54.55 -16.34
N GLY B 197 -7.61 -55.57 -16.94
CA GLY B 197 -7.31 -55.51 -18.36
C GLY B 197 -5.99 -54.81 -18.63
N THR B 198 -6.01 -53.78 -19.48
CA THR B 198 -4.81 -53.02 -19.86
C THR B 198 -4.73 -51.64 -19.11
N ARG B 199 -5.42 -51.54 -17.98
CA ARG B 199 -5.79 -50.22 -17.41
C ARG B 199 -4.88 -49.61 -16.34
N ALA B 200 -4.36 -48.42 -16.66
CA ALA B 200 -3.44 -47.64 -15.81
C ALA B 200 -3.80 -47.76 -14.32
N THR B 201 -2.91 -48.34 -13.53
CA THR B 201 -3.13 -48.58 -12.09
C THR B 201 -2.10 -47.82 -11.23
N PHE B 202 -2.56 -47.31 -10.09
CA PHE B 202 -1.73 -46.69 -9.08
C PHE B 202 -1.05 -47.75 -8.25
N ILE B 203 0.29 -47.75 -8.25
CA ILE B 203 1.06 -48.66 -7.40
C ILE B 203 2.14 -47.97 -6.54
N ASN B 204 2.52 -48.66 -5.48
CA ASN B 204 3.70 -48.32 -4.69
C ASN B 204 4.63 -49.54 -4.51
N THR B 205 5.81 -49.30 -3.93
CA THR B 205 6.79 -50.37 -3.67
C THR B 205 7.47 -50.17 -2.31
N PHE B 206 8.36 -49.16 -2.24
CA PHE B 206 9.11 -48.85 -1.02
C PHE B 206 8.22 -48.66 0.19
N GLN B 207 8.56 -49.34 1.28
CA GLN B 207 7.79 -49.26 2.51
C GLN B 207 8.66 -49.48 3.75
N ARG B 208 9.86 -50.04 3.56
CA ARG B 208 10.54 -50.68 4.68
C ARG B 208 11.90 -50.14 5.10
N GLY B 209 12.02 -48.82 5.17
CA GLY B 209 13.18 -48.22 5.81
C GLY B 209 14.39 -48.17 4.91
N GLU B 210 15.52 -47.78 5.50
CA GLU B 210 16.70 -47.36 4.73
C GLU B 210 17.39 -48.47 3.96
N GLN B 211 17.28 -49.72 4.45
CA GLN B 211 17.98 -50.84 3.80
C GLN B 211 17.18 -51.56 2.75
N GLU B 212 16.01 -51.03 2.40
CA GLU B 212 15.15 -51.62 1.38
C GLU B 212 15.38 -50.98 0.01
N SER B 213 16.30 -51.55 -0.76
CA SER B 213 16.56 -51.09 -2.13
C SER B 213 15.42 -51.48 -3.07
N THR B 214 15.53 -51.07 -4.33
CA THR B 214 14.54 -51.40 -5.34
C THR B 214 14.38 -52.90 -5.45
N TRP B 215 15.46 -53.64 -5.13
CA TRP B 215 15.48 -55.09 -5.32
C TRP B 215 14.76 -55.82 -4.21
N GLU B 216 14.36 -55.09 -3.18
CA GLU B 216 13.90 -55.70 -1.93
C GLU B 216 12.45 -55.38 -1.55
N THR B 217 11.74 -54.75 -2.49
CA THR B 217 10.34 -54.34 -2.32
C THR B 217 9.35 -55.44 -2.67
N ILE B 218 8.09 -55.23 -2.26
CA ILE B 218 6.97 -56.03 -2.75
C ILE B 218 5.97 -55.06 -3.39
N PRO B 219 6.01 -54.90 -4.71
CA PRO B 219 5.03 -54.04 -5.38
C PRO B 219 3.62 -54.39 -4.90
N HIS B 220 2.79 -53.37 -4.75
CA HIS B 220 1.43 -53.51 -4.25
C HIS B 220 0.55 -52.38 -4.83
N PRO B 221 -0.78 -52.56 -4.83
CA PRO B 221 -1.66 -51.54 -5.39
C PRO B 221 -1.88 -50.43 -4.35
N SER B 222 -1.88 -49.18 -4.85
CA SER B 222 -2.18 -48.01 -4.01
C SER B 222 -3.58 -48.08 -3.42
N ILE B 223 -4.53 -48.57 -4.21
CA ILE B 223 -5.89 -48.79 -3.74
C ILE B 223 -6.03 -50.23 -3.23
N GLU B 224 -5.98 -50.39 -1.91
CA GLU B 224 -5.98 -51.71 -1.30
C GLU B 224 -7.40 -52.24 -1.07
N GLU B 225 -7.84 -53.12 -1.97
CA GLU B 225 -9.18 -53.72 -1.92
C GLU B 225 -9.20 -55.20 -1.60
N PHE B 226 -8.12 -55.68 -0.97
CA PHE B 226 -7.92 -57.10 -0.60
C PHE B 226 -8.06 -58.12 -1.74
N LYS B 227 -8.07 -57.66 -2.99
CA LYS B 227 -8.19 -58.56 -4.15
C LYS B 227 -6.89 -59.31 -4.49
N TYR B 228 -5.76 -58.87 -3.93
CA TYR B 228 -4.46 -59.60 -4.04
C TYR B 228 -3.64 -59.65 -2.75
N GLY B 229 -2.44 -60.20 -2.86
CA GLY B 229 -1.59 -60.43 -1.70
C GLY B 229 -2.16 -61.50 -0.78
N GLY B 230 -2.15 -61.22 0.51
CA GLY B 230 -2.65 -62.17 1.49
C GLY B 230 -4.04 -61.86 2.01
N PRO B 231 -4.34 -62.34 3.22
CA PRO B 231 -5.69 -62.20 3.80
C PRO B 231 -6.08 -60.72 3.89
N ASN B 232 -5.11 -59.90 4.26
CA ASN B 232 -5.30 -58.47 4.48
C ASN B 232 -4.71 -57.62 3.35
N GLY B 233 -4.65 -58.17 2.14
CA GLY B 233 -3.91 -57.54 1.04
C GLY B 233 -2.41 -57.54 1.37
N PHE B 234 -1.78 -56.37 1.31
CA PHE B 234 -0.35 -56.23 1.64
C PHE B 234 -0.13 -55.47 2.93
N LEU B 235 -1.16 -54.79 3.41
CA LEU B 235 -1.09 -54.00 4.63
C LEU B 235 -0.16 -54.55 5.72
N ASP B 236 -0.32 -55.82 6.07
CA ASP B 236 0.45 -56.40 7.20
C ASP B 236 1.89 -56.80 6.90
N LEU B 237 2.33 -56.59 5.66
CA LEU B 237 3.76 -56.61 5.33
C LEU B 237 4.47 -55.36 5.88
N PHE B 238 3.73 -54.25 5.92
CA PHE B 238 4.35 -52.95 6.15
C PHE B 238 4.01 -52.31 7.48
N THR B 239 2.75 -52.38 7.88
CA THR B 239 2.36 -51.77 9.15
C THR B 239 1.36 -52.64 9.96
N LYS B 240 1.64 -52.81 11.25
CA LYS B 240 0.79 -53.59 12.16
C LYS B 240 -0.30 -52.75 12.84
N ASP B 241 -1.55 -53.16 12.64
CA ASP B 241 -2.73 -52.49 13.17
C ASP B 241 -3.48 -53.47 14.08
N ARG B 242 -4.42 -52.96 14.88
CA ARG B 242 -5.31 -53.83 15.65
C ARG B 242 -6.28 -54.60 14.71
N SER B 243 -6.74 -53.93 13.65
CA SER B 243 -7.53 -54.58 12.62
C SER B 243 -7.29 -53.91 11.29
N TYR B 244 -7.49 -54.65 10.21
CA TYR B 244 -7.16 -54.17 8.87
C TYR B 244 -8.43 -53.85 8.10
N ALA B 245 -8.38 -52.84 7.23
CA ALA B 245 -9.55 -52.41 6.48
C ALA B 245 -9.16 -51.92 5.11
N LYS B 246 -10.03 -52.09 4.13
CA LYS B 246 -9.74 -51.61 2.79
C LYS B 246 -9.45 -50.11 2.83
N GLN B 247 -8.46 -49.69 2.04
CA GLN B 247 -7.96 -48.31 2.07
C GLN B 247 -7.23 -47.89 0.80
N TRP B 248 -6.99 -46.60 0.71
CA TRP B 248 -6.19 -46.03 -0.36
C TRP B 248 -5.12 -45.19 0.31
N ARG B 249 -4.04 -44.93 -0.41
CA ARG B 249 -2.97 -44.08 0.08
C ARG B 249 -2.04 -43.79 -1.05
N TYR B 250 -1.62 -42.54 -1.13
CA TYR B 250 -0.65 -42.08 -2.12
C TYR B 250 0.58 -41.47 -1.47
N THR B 251 1.60 -41.28 -2.30
CA THR B 251 2.89 -40.71 -1.91
C THR B 251 3.42 -39.87 -3.04
N ASN B 252 3.79 -38.63 -2.76
CA ASN B 252 4.42 -37.81 -3.79
C ASN B 252 5.95 -37.92 -3.79
N ALA B 253 6.58 -37.52 -4.88
CA ALA B 253 8.01 -37.26 -4.91
C ALA B 253 8.16 -35.78 -5.29
N PRO B 254 8.36 -34.94 -4.28
CA PRO B 254 8.24 -33.49 -4.43
C PRO B 254 9.09 -32.91 -5.56
N ASP B 255 10.20 -33.55 -5.92
CA ASP B 255 11.01 -32.99 -7.01
C ASP B 255 10.32 -33.02 -8.37
N ALA B 256 9.32 -33.87 -8.54
CA ALA B 256 8.57 -33.90 -9.79
C ALA B 256 7.64 -32.69 -9.90
N GLU B 257 6.78 -32.54 -8.90
CA GLU B 257 5.98 -31.32 -8.80
C GLU B 257 6.84 -30.06 -9.01
N GLY B 258 7.94 -29.93 -8.26
CA GLY B 258 8.83 -28.80 -8.39
C GLY B 258 9.31 -28.54 -9.81
N ARG B 259 9.69 -29.60 -10.50
CA ARG B 259 10.19 -29.49 -11.86
C ARG B 259 9.07 -29.08 -12.85
N ALA B 260 7.87 -29.64 -12.67
CA ALA B 260 6.70 -29.25 -13.49
C ALA B 260 6.38 -27.75 -13.39
N ILE B 261 6.32 -27.25 -12.15
CA ILE B 261 6.07 -25.82 -11.89
C ILE B 261 7.19 -25.04 -12.51
N GLN B 262 8.43 -25.46 -12.25
CA GLN B 262 9.57 -24.85 -12.93
C GLN B 262 9.27 -24.70 -14.44
N ALA B 263 8.78 -25.77 -15.07
CA ALA B 263 8.65 -25.76 -16.51
C ALA B 263 7.57 -24.75 -16.90
N VAL B 264 6.46 -24.78 -16.16
CA VAL B 264 5.36 -23.87 -16.44
C VAL B 264 5.77 -22.40 -16.27
N TYR B 265 6.65 -22.12 -15.29
CA TYR B 265 7.20 -20.76 -15.20
C TYR B 265 7.78 -20.34 -16.54
N TRP B 266 8.51 -21.26 -17.14
CA TRP B 266 9.23 -20.94 -18.36
C TRP B 266 8.25 -20.93 -19.52
N ALA B 267 7.29 -21.85 -19.50
CA ALA B 267 6.24 -21.80 -20.52
C ALA B 267 5.58 -20.41 -20.47
N ASN B 268 5.08 -20.06 -19.29
CA ASN B 268 4.46 -18.78 -19.06
C ASN B 268 5.31 -17.64 -19.54
N LYS B 269 6.59 -17.60 -19.15
CA LYS B 269 7.44 -16.46 -19.48
C LYS B 269 7.68 -16.35 -20.98
N TRP B 270 7.85 -17.51 -21.61
CA TRP B 270 8.12 -17.56 -23.03
C TRP B 270 6.86 -17.20 -23.83
N ALA B 271 5.73 -17.81 -23.49
CA ALA B 271 4.45 -17.41 -24.08
C ALA B 271 4.22 -15.89 -23.96
N LYS B 272 4.23 -15.35 -22.74
CA LYS B 272 4.16 -13.92 -22.56
C LYS B 272 5.19 -13.17 -23.42
N GLU B 273 6.38 -13.72 -23.59
CA GLU B 273 7.39 -13.02 -24.38
C GLU B 273 7.05 -12.98 -25.88
N GLN B 274 6.22 -13.93 -26.29
CA GLN B 274 5.78 -14.05 -27.67
C GLN B 274 4.54 -13.20 -27.93
N GLY B 275 3.80 -12.91 -26.87
CA GLY B 275 2.52 -12.23 -26.95
C GLY B 275 1.40 -13.24 -26.96
N LYS B 276 1.65 -14.38 -26.34
CA LYS B 276 0.68 -15.49 -26.33
C LYS B 276 0.41 -16.02 -24.92
N GLY B 277 0.53 -15.12 -23.94
CA GLY B 277 0.37 -15.45 -22.53
C GLY B 277 -0.88 -16.24 -22.23
N SER B 278 -1.88 -16.00 -23.06
CA SER B 278 -3.20 -16.58 -22.96
C SER B 278 -3.24 -18.08 -23.15
N ALA B 279 -2.35 -18.61 -23.98
CA ALA B 279 -2.42 -20.02 -24.41
C ALA B 279 -2.03 -21.02 -23.33
N VAL B 280 -1.29 -20.55 -22.32
CA VAL B 280 -0.85 -21.41 -21.20
C VAL B 280 -1.45 -21.01 -19.84
N ALA B 281 -2.33 -20.00 -19.86
CA ALA B 281 -2.93 -19.41 -18.66
C ALA B 281 -3.54 -20.38 -17.66
N SER B 282 -4.21 -21.40 -18.16
CA SER B 282 -4.91 -22.31 -17.27
C SER B 282 -3.97 -23.35 -16.71
N VAL B 283 -2.85 -23.59 -17.40
CA VAL B 283 -1.80 -24.46 -16.87
C VAL B 283 -1.13 -23.74 -15.69
N VAL B 284 -0.74 -22.48 -15.91
CA VAL B 284 -0.18 -21.57 -14.90
C VAL B 284 -0.98 -21.62 -13.60
N SER B 285 -2.28 -21.37 -13.74
CA SER B 285 -3.22 -21.42 -12.63
C SER B 285 -3.13 -22.76 -11.85
N LYS B 286 -3.02 -23.86 -12.59
CA LYS B 286 -2.99 -25.19 -11.99
C LYS B 286 -1.66 -25.53 -11.30
N ALA B 287 -0.56 -25.09 -11.89
CA ALA B 287 0.77 -25.20 -11.32
C ALA B 287 0.86 -24.43 -10.03
N ALA B 288 0.29 -23.21 -10.02
CA ALA B 288 0.22 -22.40 -8.82
C ALA B 288 -0.40 -23.20 -7.71
N LYS B 289 -1.54 -23.85 -7.99
CA LYS B 289 -2.23 -24.65 -7.00
C LYS B 289 -1.36 -25.82 -6.53
N MET B 290 -0.69 -26.48 -7.48
CA MET B 290 0.22 -27.60 -7.16
C MET B 290 1.35 -27.12 -6.23
N GLY B 291 1.94 -25.96 -6.56
CA GLY B 291 2.93 -25.35 -5.70
C GLY B 291 2.42 -25.18 -4.28
N ASP B 292 1.18 -24.72 -4.17
CA ASP B 292 0.59 -24.47 -2.88
C ASP B 292 0.51 -25.76 -2.08
N PHE B 293 0.12 -26.87 -2.71
CA PHE B 293 0.00 -28.16 -2.00
C PHE B 293 1.34 -28.75 -1.58
N LEU B 294 2.39 -28.31 -2.27
CA LEU B 294 3.75 -28.70 -1.97
C LEU B 294 4.20 -28.25 -0.58
N ARG B 295 3.53 -27.26 0.03
CA ARG B 295 3.85 -26.91 1.42
C ARG B 295 3.69 -28.10 2.37
N ASN B 296 2.92 -29.12 1.97
CA ASN B 296 2.71 -30.33 2.79
C ASN B 296 4.01 -31.09 3.00
N ASP B 297 4.94 -30.91 2.07
CA ASP B 297 6.29 -31.51 2.10
C ASP B 297 7.29 -30.80 3.02
N MET B 298 6.86 -29.72 3.67
CA MET B 298 7.77 -28.90 4.47
C MET B 298 7.77 -29.30 5.93
N PHE B 299 7.05 -30.37 6.26
CA PHE B 299 6.78 -30.69 7.66
C PHE B 299 7.41 -31.98 8.11
N ASP B 300 7.78 -32.03 9.40
CA ASP B 300 8.24 -33.27 10.00
C ASP B 300 7.18 -34.35 9.77
N LYS B 301 7.59 -35.60 9.56
CA LYS B 301 6.68 -36.75 9.32
C LYS B 301 5.41 -36.76 10.19
N TYR B 302 5.56 -36.64 11.52
CA TYR B 302 4.40 -36.61 12.41
C TYR B 302 4.26 -35.31 13.14
N PHE B 303 4.69 -34.22 12.51
CA PHE B 303 4.57 -32.87 13.06
C PHE B 303 5.19 -32.75 14.47
N MET B 304 6.36 -33.37 14.65
CA MET B 304 7.14 -33.13 15.88
C MET B 304 7.96 -31.86 15.73
N LYS B 305 8.35 -31.23 16.84
CA LYS B 305 9.19 -30.02 16.79
C LYS B 305 10.48 -30.26 16.04
N ILE B 306 10.80 -29.34 15.14
CA ILE B 306 12.16 -29.31 14.64
C ILE B 306 13.14 -29.07 15.78
N GLY B 307 14.10 -29.98 15.91
CA GLY B 307 15.15 -29.86 16.89
C GLY B 307 14.86 -30.67 18.14
N ALA B 308 13.66 -31.23 18.19
CA ALA B 308 13.15 -31.94 19.37
C ALA B 308 14.12 -32.97 19.93
N GLN B 309 14.77 -33.72 19.03
CA GLN B 309 15.65 -34.83 19.40
C GLN B 309 14.92 -35.79 20.34
N ASP B 310 13.62 -35.91 20.09
CA ASP B 310 12.64 -36.60 20.92
C ASP B 310 11.25 -36.45 20.28
N LYS B 311 10.29 -37.24 20.73
CA LYS B 311 8.94 -37.18 20.16
C LYS B 311 8.10 -36.05 20.77
N THR B 312 8.55 -34.80 20.60
CA THR B 312 7.82 -33.65 21.12
C THR B 312 6.87 -33.15 20.03
N PRO B 313 5.57 -33.21 20.30
CA PRO B 313 4.56 -32.80 19.31
C PRO B 313 4.62 -31.28 19.13
N ALA B 314 4.48 -30.79 17.90
CA ALA B 314 4.56 -29.36 17.65
C ALA B 314 3.18 -28.76 17.49
N THR B 315 3.05 -27.46 17.71
CA THR B 315 1.74 -26.84 17.47
C THR B 315 1.68 -25.90 16.25
N GLY B 316 2.63 -25.03 16.05
CA GLY B 316 2.31 -24.04 15.04
C GLY B 316 2.96 -24.48 13.76
N TYR B 317 3.86 -23.62 13.29
CA TYR B 317 4.83 -24.01 12.31
C TYR B 317 6.10 -24.54 12.97
N ASP B 318 6.02 -24.90 14.24
CA ASP B 318 7.18 -25.45 14.95
C ASP B 318 7.62 -26.79 14.40
N SER B 319 6.77 -27.38 13.57
CA SER B 319 7.12 -28.64 12.91
C SER B 319 7.60 -28.44 11.48
N ALA B 320 7.67 -27.20 11.02
CA ALA B 320 8.11 -26.97 9.65
C ALA B 320 9.62 -26.88 9.59
N HIS B 321 10.22 -27.71 8.72
CA HIS B 321 11.62 -27.54 8.37
C HIS B 321 11.79 -26.69 7.10
N TYR B 322 10.68 -26.47 6.39
CA TYR B 322 10.66 -25.63 5.18
C TYR B 322 11.55 -26.11 4.04
N LEU B 323 11.93 -27.38 4.06
CA LEU B 323 12.62 -27.99 2.92
C LEU B 323 11.65 -28.93 2.20
N MET B 324 12.00 -29.29 0.97
CA MET B 324 11.29 -30.35 0.29
C MET B 324 11.76 -31.66 0.87
N ALA B 325 10.96 -32.26 1.74
CA ALA B 325 11.29 -33.56 2.30
C ALA B 325 11.17 -34.66 1.24
N TRP B 326 11.50 -35.90 1.61
CA TRP B 326 11.47 -37.02 0.65
C TRP B 326 10.06 -37.24 0.03
N TYR B 327 8.99 -36.90 0.76
CA TYR B 327 7.60 -37.07 0.31
C TYR B 327 6.58 -36.54 1.31
N THR B 328 5.33 -36.39 0.87
CA THR B 328 4.18 -36.50 1.76
C THR B 328 3.40 -37.69 1.30
N ALA B 329 2.75 -38.33 2.26
CA ALA B 329 1.86 -39.44 1.98
C ALA B 329 0.56 -39.16 2.68
N TRP B 330 -0.51 -39.55 2.00
CA TRP B 330 -1.84 -39.43 2.55
C TRP B 330 -2.75 -40.57 2.10
N GLY B 331 -3.70 -40.95 2.94
CA GLY B 331 -4.67 -41.97 2.57
C GLY B 331 -5.94 -41.94 3.38
N GLY B 332 -6.85 -42.85 3.06
CA GLY B 332 -8.10 -42.91 3.78
C GLY B 332 -8.81 -44.23 3.62
N GLY B 333 -9.78 -44.49 4.50
CA GLY B 333 -10.63 -45.67 4.40
C GLY B 333 -11.48 -45.70 3.14
N ILE B 334 -11.71 -46.90 2.62
CA ILE B 334 -12.62 -47.11 1.49
C ILE B 334 -14.05 -47.40 1.94
N GLY B 335 -14.21 -48.30 2.92
CA GLY B 335 -15.54 -48.60 3.42
C GLY B 335 -16.04 -47.71 4.57
N ALA B 336 -15.34 -46.62 4.83
CA ALA B 336 -15.56 -45.78 6.01
C ALA B 336 -14.94 -44.40 5.83
N SER B 337 -15.31 -43.45 6.69
CA SER B 337 -14.75 -42.12 6.55
C SER B 337 -13.68 -41.86 7.59
N TRP B 338 -12.43 -41.94 7.14
CA TRP B 338 -11.27 -41.48 7.90
C TRP B 338 -10.12 -41.20 6.95
N ALA B 339 -9.17 -40.39 7.42
CA ALA B 339 -8.03 -39.97 6.61
C ALA B 339 -6.80 -39.60 7.45
N TRP B 340 -5.65 -39.58 6.78
CA TRP B 340 -4.40 -39.23 7.43
C TRP B 340 -3.45 -38.58 6.45
N LYS B 341 -2.44 -37.94 7.03
CA LYS B 341 -1.43 -37.26 6.26
C LYS B 341 -0.13 -37.25 7.07
N ILE B 342 0.97 -37.47 6.38
CA ILE B 342 2.28 -37.33 7.01
C ILE B 342 3.14 -36.47 6.08
N GLY B 343 4.05 -35.70 6.68
CA GLY B 343 5.12 -35.09 5.92
C GLY B 343 6.27 -36.09 5.93
N CYS B 344 7.52 -35.60 6.00
CA CYS B 344 8.69 -36.47 6.12
C CYS B 344 9.83 -35.71 6.81
N SER B 345 10.55 -36.43 7.67
CA SER B 345 11.58 -35.84 8.52
C SER B 345 12.96 -35.74 7.86
N HIS B 346 13.11 -36.37 6.70
CA HIS B 346 14.39 -36.48 6.03
C HIS B 346 14.36 -35.64 4.77
N ALA B 347 15.42 -34.87 4.56
CA ALA B 347 15.49 -34.05 3.37
C ALA B 347 16.85 -34.25 2.73
N HIS B 348 16.86 -34.18 1.40
CA HIS B 348 18.02 -34.46 0.59
C HIS B 348 18.16 -33.24 -0.30
N PHE B 349 19.37 -32.70 -0.40
CA PHE B 349 19.56 -31.52 -1.26
C PHE B 349 19.07 -31.75 -2.70
N GLY B 350 19.18 -32.99 -3.18
CA GLY B 350 18.83 -33.33 -4.54
C GLY B 350 17.36 -33.11 -4.87
N TYR B 351 16.50 -32.96 -3.86
CA TYR B 351 15.05 -32.74 -4.00
C TYR B 351 14.62 -31.28 -3.85
N GLN B 352 15.54 -30.41 -3.44
CA GLN B 352 15.20 -29.00 -3.28
C GLN B 352 15.03 -28.36 -4.65
N ASN B 353 14.11 -27.42 -4.74
CA ASN B 353 13.99 -26.59 -5.93
C ASN B 353 13.72 -25.15 -5.52
N PRO B 354 14.80 -24.44 -5.22
CA PRO B 354 14.65 -23.07 -4.72
C PRO B 354 14.19 -22.16 -5.86
N PHE B 355 14.31 -22.62 -7.10
CA PHE B 355 13.73 -21.89 -8.21
C PHE B 355 12.20 -21.96 -8.19
N GLN B 356 11.62 -23.15 -8.14
CA GLN B 356 10.18 -23.27 -7.99
C GLN B 356 9.69 -22.55 -6.72
N GLY B 357 10.44 -22.69 -5.62
CA GLY B 357 10.10 -22.01 -4.38
C GLY B 357 10.01 -20.51 -4.57
N TRP B 358 11.00 -19.94 -5.26
CA TRP B 358 11.02 -18.51 -5.56
C TRP B 358 9.89 -18.11 -6.50
N VAL B 359 9.49 -19.02 -7.41
CA VAL B 359 8.36 -18.80 -8.31
C VAL B 359 7.04 -18.65 -7.52
N SER B 360 6.77 -19.61 -6.64
CA SER B 360 5.59 -19.57 -5.81
C SER B 360 5.60 -18.35 -4.88
N ALA B 361 6.79 -17.94 -4.45
CA ALA B 361 6.91 -16.87 -3.48
C ALA B 361 6.73 -15.47 -4.04
N THR B 362 7.19 -15.22 -5.28
CA THR B 362 7.32 -13.85 -5.76
C THR B 362 6.61 -13.53 -7.07
N GLN B 363 6.16 -14.53 -7.82
CA GLN B 363 5.62 -14.28 -9.16
C GLN B 363 4.10 -14.30 -9.07
N SER B 364 3.46 -13.16 -9.37
CA SER B 364 2.02 -13.01 -9.14
C SER B 364 1.17 -14.04 -9.91
N ASP B 365 1.60 -14.38 -11.12
CA ASP B 365 0.89 -15.38 -11.90
C ASP B 365 0.80 -16.70 -11.15
N PHE B 366 1.80 -16.95 -10.31
CA PHE B 366 1.89 -18.21 -9.58
C PHE B 366 1.48 -18.06 -8.11
N ALA B 367 0.81 -16.96 -7.81
CA ALA B 367 0.44 -16.65 -6.43
C ALA B 367 -0.47 -17.72 -5.86
N PRO B 368 -0.08 -18.31 -4.75
CA PRO B 368 -0.96 -19.22 -4.04
C PRO B 368 -2.29 -18.54 -3.78
N LYS B 369 -3.35 -19.33 -3.97
CA LYS B 369 -4.70 -18.89 -3.66
C LYS B 369 -5.00 -19.03 -2.15
N SER B 370 -4.21 -19.81 -1.42
CA SER B 370 -4.38 -19.88 0.03
C SER B 370 -3.94 -18.56 0.67
N SER B 371 -4.10 -18.43 1.98
CA SER B 371 -3.81 -17.14 2.58
C SER B 371 -2.39 -17.02 3.17
N ASN B 372 -1.76 -18.18 3.44
CA ASN B 372 -0.38 -18.24 3.96
C ASN B 372 0.66 -18.84 3.00
N GLY B 373 0.21 -19.28 1.83
CA GLY B 373 1.07 -19.90 0.85
C GLY B 373 2.26 -19.07 0.42
N LYS B 374 2.02 -17.78 0.15
CA LYS B 374 3.09 -16.92 -0.30
C LYS B 374 4.16 -16.72 0.81
N ARG B 375 3.69 -16.48 2.04
CA ARG B 375 4.59 -16.26 3.17
C ARG B 375 5.43 -17.53 3.39
N ASP B 376 4.76 -18.69 3.47
CA ASP B 376 5.44 -19.98 3.64
C ASP B 376 6.51 -20.23 2.56
N TRP B 377 6.16 -20.00 1.30
CA TRP B 377 7.10 -20.17 0.19
C TRP B 377 8.24 -19.19 0.22
N THR B 378 7.98 -17.99 0.73
CA THR B 378 9.05 -17.00 0.95
C THR B 378 10.09 -17.51 1.97
N THR B 379 9.63 -18.13 3.06
CA THR B 379 10.55 -18.76 3.99
C THR B 379 11.28 -19.97 3.37
N SER B 380 10.55 -20.83 2.67
CA SER B 380 11.10 -22.08 2.18
C SER B 380 12.25 -21.94 1.17
N TYR B 381 12.07 -21.11 0.14
CA TYR B 381 13.09 -21.02 -0.88
C TYR B 381 14.38 -20.41 -0.30
N LYS B 382 14.25 -19.51 0.67
CA LYS B 382 15.46 -18.99 1.31
C LYS B 382 16.11 -20.04 2.21
N ARG B 383 15.30 -20.84 2.88
CA ARG B 383 15.84 -21.92 3.70
C ARG B 383 16.53 -22.95 2.79
N GLN B 384 15.93 -23.21 1.62
CA GLN B 384 16.54 -24.13 0.67
C GLN B 384 17.89 -23.63 0.21
N LEU B 385 17.99 -22.37 -0.13
CA LEU B 385 19.28 -21.76 -0.49
C LEU B 385 20.36 -21.92 0.58
N GLU B 386 19.99 -21.81 1.85
CA GLU B 386 20.95 -21.96 2.94
C GLU B 386 21.38 -23.40 3.04
N PHE B 387 20.48 -24.30 2.65
CA PHE B 387 20.72 -25.75 2.76
C PHE B 387 21.83 -26.22 1.82
N TYR B 388 21.82 -25.75 0.57
CA TYR B 388 22.90 -26.03 -0.36
C TYR B 388 24.22 -25.51 0.18
N GLN B 389 24.21 -24.33 0.79
CA GLN B 389 25.48 -23.74 1.20
C GLN B 389 26.08 -24.52 2.37
N TRP B 390 25.23 -24.93 3.30
CA TRP B 390 25.66 -25.72 4.43
C TRP B 390 26.28 -27.05 4.03
N LEU B 391 25.72 -27.69 3.00
CA LEU B 391 26.13 -29.03 2.59
C LEU B 391 27.27 -29.03 1.56
N GLN B 392 27.79 -27.85 1.21
CA GLN B 392 28.88 -27.80 0.25
C GLN B 392 30.22 -28.26 0.82
N SER B 393 30.79 -29.30 0.21
CA SER B 393 32.05 -29.88 0.67
C SER B 393 33.25 -28.96 0.41
N ALA B 394 34.41 -29.33 0.94
CA ALA B 394 35.64 -28.54 0.68
C ALA B 394 35.98 -28.52 -0.80
N GLU B 395 35.64 -29.59 -1.53
CA GLU B 395 35.94 -29.68 -2.96
C GLU B 395 34.91 -28.95 -3.82
N GLY B 396 33.64 -28.89 -3.36
CA GLY B 396 32.59 -28.21 -4.11
C GLY B 396 31.26 -28.95 -4.29
N GLY B 397 31.25 -30.28 -4.20
CA GLY B 397 30.02 -31.05 -4.34
C GLY B 397 29.12 -30.90 -3.14
N ILE B 398 27.82 -31.15 -3.33
CA ILE B 398 26.83 -30.91 -2.28
C ILE B 398 26.52 -32.23 -1.58
N ALA B 399 26.74 -32.27 -0.26
CA ALA B 399 26.52 -33.46 0.58
C ALA B 399 25.02 -33.75 0.77
N GLY B 400 24.71 -34.89 1.38
CA GLY B 400 23.37 -35.45 1.34
C GLY B 400 22.20 -34.61 1.78
N GLY B 401 22.17 -34.28 3.07
CA GLY B 401 21.02 -33.66 3.68
C GLY B 401 21.02 -33.76 5.20
N ALA B 402 19.83 -33.85 5.76
CA ALA B 402 19.65 -33.73 7.19
C ALA B 402 18.32 -34.37 7.57
N THR B 403 18.15 -34.64 8.87
CA THR B 403 16.92 -35.23 9.38
C THR B 403 16.48 -34.60 10.70
N ASN B 404 15.16 -34.54 10.91
CA ASN B 404 14.63 -34.24 12.25
C ASN B 404 14.27 -35.50 13.05
N SER B 405 14.42 -36.68 12.45
CA SER B 405 14.16 -37.92 13.16
C SER B 405 15.34 -38.85 13.05
N TRP B 406 16.25 -38.78 14.03
CA TRP B 406 17.43 -39.65 14.01
C TRP B 406 17.03 -41.13 14.05
N ASN B 407 17.47 -41.89 13.06
CA ASN B 407 17.09 -43.31 12.89
C ASN B 407 15.60 -43.60 12.60
N GLY B 408 14.85 -42.53 12.35
CA GLY B 408 13.44 -42.65 12.06
C GLY B 408 12.65 -42.87 13.32
N ARG B 409 13.23 -42.52 14.46
CA ARG B 409 12.56 -42.78 15.74
C ARG B 409 12.75 -41.65 16.72
N TYR B 410 13.08 -40.46 16.20
CA TYR B 410 13.36 -39.28 17.02
C TYR B 410 14.34 -39.56 18.17
N GLU B 411 15.48 -40.17 17.85
CA GLU B 411 16.54 -40.39 18.84
C GLU B 411 17.38 -39.12 19.05
N LYS B 412 18.05 -39.06 20.20
CA LYS B 412 19.06 -38.04 20.46
C LYS B 412 20.12 -38.14 19.37
N TYR B 413 20.56 -37.00 18.85
CA TYR B 413 21.67 -37.00 17.92
C TYR B 413 22.92 -37.52 18.62
N PRO B 414 23.70 -38.36 17.93
CA PRO B 414 25.03 -38.73 18.45
C PRO B 414 25.83 -37.48 18.83
N ALA B 415 26.74 -37.63 19.79
CA ALA B 415 27.65 -36.56 20.21
C ALA B 415 28.35 -35.95 18.99
N GLY B 416 28.48 -34.62 18.96
CA GLY B 416 29.17 -33.92 17.89
C GLY B 416 28.52 -34.02 16.53
N THR B 417 27.19 -34.13 16.49
CA THR B 417 26.46 -34.14 15.23
C THR B 417 26.24 -32.68 14.77
N SER B 418 26.67 -32.38 13.55
CA SER B 418 26.52 -31.02 13.08
C SER B 418 25.04 -30.80 12.62
N THR B 419 24.48 -29.62 12.86
CA THR B 419 23.06 -29.39 12.61
C THR B 419 22.74 -28.18 11.72
N PHE B 420 21.52 -28.18 11.19
CA PHE B 420 21.02 -27.11 10.32
C PHE B 420 19.62 -26.82 10.82
N TYR B 421 19.47 -25.66 11.42
CA TYR B 421 18.19 -25.29 12.06
C TYR B 421 17.63 -26.45 12.87
N GLY B 422 18.50 -27.12 13.61
CA GLY B 422 18.07 -28.13 14.58
C GLY B 422 17.94 -29.53 14.00
N MET B 423 18.18 -29.65 12.69
CA MET B 423 18.21 -30.94 12.01
C MET B 423 19.62 -31.46 11.86
N ALA B 424 19.78 -32.77 12.07
CA ALA B 424 21.08 -33.42 12.06
C ALA B 424 21.57 -33.73 10.65
N TYR B 425 22.85 -33.53 10.39
CA TYR B 425 23.42 -33.88 9.09
C TYR B 425 23.33 -35.38 8.85
N VAL B 426 22.90 -35.78 7.65
CA VAL B 426 23.08 -37.17 7.24
C VAL B 426 23.67 -37.25 5.81
N PRO B 427 24.74 -38.02 5.65
CA PRO B 427 25.40 -38.17 4.34
C PRO B 427 24.53 -38.77 3.23
N HIS B 428 23.63 -39.66 3.62
CA HIS B 428 22.77 -40.34 2.65
C HIS B 428 21.32 -40.39 3.16
N PRO B 429 20.58 -39.29 3.02
CA PRO B 429 19.22 -39.24 3.57
C PRO B 429 18.40 -40.40 3.01
N VAL B 430 17.63 -41.04 3.89
CA VAL B 430 16.60 -42.00 3.52
C VAL B 430 17.07 -43.42 3.18
N TYR B 431 17.99 -43.56 2.22
CA TYR B 431 18.44 -44.88 1.76
C TYR B 431 19.94 -45.12 1.84
N ALA B 432 20.30 -46.33 2.27
CA ALA B 432 21.71 -46.75 2.45
C ALA B 432 22.30 -47.75 1.41
N ASP B 433 21.46 -48.37 0.58
CA ASP B 433 21.86 -49.45 -0.36
C ASP B 433 21.23 -49.18 -1.75
N PRO B 434 21.99 -48.50 -2.63
CA PRO B 434 23.20 -47.76 -2.25
C PRO B 434 22.83 -46.39 -1.63
N GLY B 435 23.79 -45.72 -1.01
CA GLY B 435 23.56 -44.42 -0.41
C GLY B 435 22.84 -43.48 -1.36
N SER B 436 21.82 -42.79 -0.86
CA SER B 436 21.08 -41.83 -1.68
C SER B 436 21.94 -40.71 -2.27
N ASN B 437 23.14 -40.49 -1.73
CA ASN B 437 24.00 -39.46 -2.29
C ASN B 437 25.24 -39.96 -3.01
N GLN B 438 25.24 -41.23 -3.39
CA GLN B 438 26.29 -41.77 -4.23
C GLN B 438 26.15 -41.35 -5.70
N TRP B 439 24.91 -41.21 -6.16
CA TRP B 439 24.67 -40.89 -7.56
C TRP B 439 25.05 -39.43 -7.85
N PHE B 440 25.91 -39.20 -8.82
CA PHE B 440 26.25 -37.85 -9.20
C PHE B 440 25.07 -37.06 -9.81
N GLY B 441 24.03 -37.75 -10.29
CA GLY B 441 22.93 -37.10 -11.00
C GLY B 441 22.27 -35.98 -10.18
N PHE B 442 22.07 -36.24 -8.90
CA PHE B 442 21.52 -35.22 -7.99
C PHE B 442 22.29 -33.89 -8.04
N GLN B 443 23.61 -33.97 -8.22
CA GLN B 443 24.43 -32.78 -8.30
C GLN B 443 23.93 -31.95 -9.45
N ALA B 444 23.86 -32.57 -10.63
CA ALA B 444 23.40 -31.89 -11.84
C ALA B 444 21.96 -31.40 -11.74
N TRP B 445 21.04 -32.30 -11.41
CA TRP B 445 19.63 -31.98 -11.29
C TRP B 445 19.38 -30.82 -10.36
N SER B 446 19.94 -30.89 -9.16
CA SER B 446 19.59 -29.92 -8.13
C SER B 446 20.26 -28.55 -8.34
N MET B 447 21.55 -28.54 -8.69
CA MET B 447 22.27 -27.30 -8.92
C MET B 447 21.81 -26.59 -10.19
N GLN B 448 21.25 -27.34 -11.15
CA GLN B 448 20.63 -26.75 -12.33
C GLN B 448 19.50 -25.79 -11.91
N ARG B 449 18.73 -26.17 -10.88
CA ARG B 449 17.69 -25.30 -10.35
C ARG B 449 18.26 -24.02 -9.70
N VAL B 450 19.37 -24.16 -8.98
CA VAL B 450 20.03 -23.02 -8.38
C VAL B 450 20.54 -22.10 -9.48
N MET B 451 20.97 -22.67 -10.60
CA MET B 451 21.50 -21.84 -11.69
C MET B 451 20.40 -20.99 -12.29
N GLU B 452 19.21 -21.59 -12.46
CA GLU B 452 18.03 -20.86 -12.94
C GLU B 452 17.65 -19.77 -11.96
N TYR B 453 17.71 -20.09 -10.65
CA TYR B 453 17.43 -19.10 -9.64
C TYR B 453 18.39 -17.93 -9.75
N TYR B 454 19.67 -18.23 -9.88
CA TYR B 454 20.66 -17.17 -10.11
C TYR B 454 20.36 -16.42 -11.41
N LEU B 455 20.10 -17.15 -12.49
CA LEU B 455 19.83 -16.56 -13.80
C LEU B 455 18.74 -15.51 -13.71
N GLU B 456 17.65 -15.87 -13.02
CA GLU B 456 16.47 -15.04 -13.01
C GLU B 456 16.53 -13.85 -12.05
N THR B 457 17.25 -13.97 -10.92
CA THR B 457 17.31 -12.94 -9.90
C THR B 457 18.62 -12.15 -9.80
N GLY B 458 19.74 -12.75 -10.20
CA GLY B 458 21.05 -12.15 -9.97
C GLY B 458 21.42 -12.03 -8.50
N ASP B 459 20.81 -12.85 -7.64
CA ASP B 459 21.03 -12.79 -6.19
C ASP B 459 22.47 -13.25 -5.88
N SER B 460 23.27 -12.34 -5.34
CA SER B 460 24.68 -12.61 -5.05
C SER B 460 24.97 -13.51 -3.86
N SER B 461 23.97 -13.69 -2.98
CA SER B 461 24.16 -14.53 -1.81
C SER B 461 24.55 -15.96 -2.21
N VAL B 462 24.33 -16.30 -3.47
CA VAL B 462 24.43 -17.68 -3.92
C VAL B 462 25.57 -17.87 -4.95
N LYS B 463 26.24 -16.77 -5.26
CA LYS B 463 27.39 -16.73 -6.17
C LYS B 463 28.58 -17.67 -5.79
N ASN B 464 29.01 -17.67 -4.52
CA ASN B 464 30.16 -18.50 -4.14
C ASN B 464 29.84 -19.99 -4.22
N LEU B 465 28.61 -20.33 -3.81
CA LEU B 465 28.09 -21.68 -3.90
C LEU B 465 28.24 -22.17 -5.33
N ILE B 466 27.81 -21.34 -6.27
CA ILE B 466 27.77 -21.74 -7.66
C ILE B 466 29.15 -21.84 -8.27
N LYS B 467 29.99 -20.83 -8.03
CA LYS B 467 31.35 -20.82 -8.57
C LYS B 467 32.14 -22.05 -8.10
N LYS B 468 32.03 -22.38 -6.82
CA LYS B 468 32.82 -23.48 -6.29
C LYS B 468 32.35 -24.82 -6.86
N TRP B 469 31.03 -24.99 -7.02
CA TRP B 469 30.46 -26.20 -7.63
C TRP B 469 30.81 -26.29 -9.12
N VAL B 470 30.78 -25.16 -9.81
CA VAL B 470 31.18 -25.14 -11.21
C VAL B 470 32.64 -25.58 -11.35
N ASP B 471 33.53 -25.06 -10.49
CA ASP B 471 34.94 -25.48 -10.51
C ASP B 471 35.12 -26.95 -10.27
N TRP B 472 34.43 -27.47 -9.28
CA TRP B 472 34.55 -28.88 -8.97
C TRP B 472 34.16 -29.73 -10.20
N VAL B 473 32.97 -29.48 -10.71
CA VAL B 473 32.46 -30.16 -11.88
C VAL B 473 33.40 -30.01 -13.11
N MET B 474 33.85 -28.78 -13.40
CA MET B 474 34.81 -28.57 -14.49
C MET B 474 36.15 -29.32 -14.37
N SER B 475 36.58 -29.63 -13.14
CA SER B 475 37.84 -30.34 -12.91
C SER B 475 37.68 -31.86 -13.01
N GLU B 476 36.42 -32.31 -13.09
CA GLU B 476 36.07 -33.72 -13.04
C GLU B 476 35.51 -34.27 -14.35
N ILE B 477 35.26 -33.41 -15.33
CA ILE B 477 34.76 -33.87 -16.62
C ILE B 477 35.94 -34.28 -17.48
N LYS B 478 35.76 -35.38 -18.20
CA LYS B 478 36.82 -35.89 -19.08
C LYS B 478 36.41 -35.81 -20.54
N LEU B 479 37.13 -34.97 -21.28
CA LEU B 479 37.03 -34.89 -22.74
C LEU B 479 38.22 -35.58 -23.39
N TYR B 480 37.94 -36.63 -24.15
CA TYR B 480 39.02 -37.36 -24.81
C TYR B 480 39.28 -36.84 -26.21
N ASP B 481 40.53 -36.96 -26.64
CA ASP B 481 40.96 -36.64 -28.01
C ASP B 481 40.13 -37.30 -29.12
N ASP B 482 39.67 -38.54 -28.92
CA ASP B 482 38.87 -39.22 -29.96
C ASP B 482 37.41 -38.78 -29.99
N GLY B 483 37.06 -37.77 -29.19
CA GLY B 483 35.71 -37.20 -29.20
C GLY B 483 34.70 -37.87 -28.30
N THR B 484 35.15 -38.84 -27.50
CA THR B 484 34.32 -39.39 -26.44
C THR B 484 34.40 -38.46 -25.22
N PHE B 485 33.71 -38.83 -24.16
CA PHE B 485 33.72 -38.07 -22.94
C PHE B 485 33.46 -39.05 -21.80
N ALA B 486 33.63 -38.59 -20.57
CA ALA B 486 33.14 -39.31 -19.41
C ALA B 486 32.85 -38.31 -18.30
N ILE B 487 31.88 -38.61 -17.46
CA ILE B 487 31.55 -37.74 -16.34
C ILE B 487 31.45 -38.59 -15.07
N PRO B 488 31.56 -37.95 -13.91
CA PRO B 488 31.42 -38.68 -12.66
C PRO B 488 30.05 -39.35 -12.60
N SER B 489 30.01 -40.53 -11.99
CA SER B 489 28.76 -41.24 -11.74
C SER B 489 28.61 -41.60 -10.26
N ASP B 490 29.72 -42.00 -9.63
CA ASP B 490 29.70 -42.38 -8.22
C ASP B 490 30.58 -41.51 -7.34
N LEU B 491 30.04 -41.17 -6.18
CA LEU B 491 30.62 -40.24 -5.24
C LEU B 491 30.81 -40.95 -3.91
N GLU B 492 31.88 -40.60 -3.21
CA GLU B 492 32.13 -41.12 -1.88
C GLU B 492 32.36 -39.93 -0.94
N TRP B 493 31.74 -39.98 0.23
CA TRP B 493 31.70 -38.84 1.13
C TRP B 493 32.34 -39.16 2.46
N SER B 494 33.01 -38.18 3.07
CA SER B 494 33.45 -38.33 4.47
C SER B 494 33.37 -37.02 5.24
N GLY B 495 33.29 -37.15 6.58
CA GLY B 495 33.19 -36.00 7.47
C GLY B 495 31.81 -35.39 7.55
N GLN B 496 31.74 -34.13 8.00
CA GLN B 496 30.48 -33.43 8.21
C GLN B 496 30.71 -31.96 7.90
N PRO B 497 29.67 -31.26 7.48
CA PRO B 497 29.76 -29.80 7.37
C PRO B 497 29.88 -29.27 8.79
N ASP B 498 30.32 -28.03 8.97
CA ASP B 498 30.25 -27.44 10.30
C ASP B 498 28.80 -27.03 10.53
N THR B 499 28.37 -27.05 11.79
CA THR B 499 27.04 -26.60 12.17
C THR B 499 26.75 -25.27 11.55
N TRP B 500 25.57 -25.16 10.96
CA TRP B 500 25.17 -23.95 10.26
C TRP B 500 24.88 -22.82 11.24
N THR B 501 25.52 -21.72 10.98
CA THR B 501 25.64 -20.62 11.89
C THR B 501 25.26 -19.38 11.08
N GLY B 502 24.80 -19.64 9.85
CA GLY B 502 24.27 -18.61 8.97
C GLY B 502 25.22 -18.20 7.86
N THR B 503 26.40 -18.83 7.83
CA THR B 503 27.49 -18.43 6.94
C THR B 503 28.35 -19.63 6.62
N TYR B 504 28.64 -19.79 5.34
CA TYR B 504 29.46 -20.87 4.86
C TYR B 504 30.83 -20.74 5.46
N THR B 505 31.34 -21.81 6.05
CA THR B 505 32.70 -21.82 6.59
C THR B 505 33.72 -22.44 5.65
N GLY B 506 33.30 -23.01 4.52
CA GLY B 506 34.23 -23.71 3.65
C GLY B 506 34.29 -25.21 3.96
N ASN B 507 33.62 -25.63 5.02
CA ASN B 507 33.57 -27.03 5.47
C ASN B 507 34.85 -27.83 5.22
N PRO B 508 35.98 -27.42 5.83
CA PRO B 508 37.29 -28.04 5.50
C PRO B 508 37.33 -29.52 5.84
N ASN B 509 36.41 -29.99 6.69
CA ASN B 509 36.32 -31.42 7.02
C ASN B 509 35.24 -32.22 6.28
N LEU B 510 34.55 -31.61 5.31
CA LEU B 510 33.59 -32.34 4.47
C LEU B 510 34.18 -32.71 3.11
N HIS B 511 34.30 -33.99 2.80
CA HIS B 511 35.00 -34.37 1.58
C HIS B 511 34.16 -35.27 0.68
N VAL B 512 34.27 -35.00 -0.60
CA VAL B 512 33.71 -35.86 -1.61
C VAL B 512 34.86 -36.24 -2.51
N ARG B 513 34.82 -37.47 -2.95
CA ARG B 513 35.74 -38.01 -3.92
C ARG B 513 34.93 -38.80 -5.00
N VAL B 514 35.28 -38.62 -6.28
CA VAL B 514 34.60 -39.32 -7.38
C VAL B 514 35.24 -40.70 -7.53
N THR B 515 34.45 -41.76 -7.34
CA THR B 515 34.96 -43.14 -7.40
C THR B 515 34.75 -43.83 -8.74
N SER B 516 33.84 -43.31 -9.57
CA SER B 516 33.74 -43.86 -10.92
C SER B 516 33.20 -42.86 -11.93
N TYR B 517 33.52 -43.09 -13.20
CA TYR B 517 33.10 -42.22 -14.28
C TYR B 517 32.27 -43.00 -15.28
N GLY B 518 31.51 -42.29 -16.10
CA GLY B 518 30.57 -42.99 -16.92
C GLY B 518 30.09 -42.08 -18.01
N THR B 519 29.06 -42.54 -18.68
CA THR B 519 28.64 -41.88 -19.89
C THR B 519 27.14 -41.61 -19.88
N ASP B 520 26.53 -41.70 -18.68
CA ASP B 520 25.11 -41.40 -18.43
C ASP B 520 24.59 -40.14 -19.17
N LEU B 521 23.60 -40.33 -20.03
CA LEU B 521 23.22 -39.29 -20.99
C LEU B 521 22.26 -38.26 -20.43
N GLY B 522 21.40 -38.68 -19.51
CA GLY B 522 20.54 -37.76 -18.80
C GLY B 522 21.42 -36.80 -18.00
N VAL B 523 22.24 -37.38 -17.12
CA VAL B 523 23.14 -36.61 -16.28
C VAL B 523 23.99 -35.69 -17.14
N ALA B 524 24.46 -36.18 -18.29
CA ALA B 524 25.28 -35.33 -19.16
C ALA B 524 24.47 -34.12 -19.63
N GLY B 525 23.21 -34.38 -19.96
CA GLY B 525 22.32 -33.34 -20.45
C GLY B 525 22.00 -32.34 -19.36
N SER B 526 21.66 -32.83 -18.18
CA SER B 526 21.40 -32.00 -17.02
C SER B 526 22.60 -31.10 -16.68
N LEU B 527 23.80 -31.70 -16.75
CA LEU B 527 25.05 -31.02 -16.49
C LEU B 527 25.31 -29.92 -17.50
N ALA B 528 25.09 -30.24 -18.77
CA ALA B 528 25.16 -29.26 -19.86
C ALA B 528 24.18 -28.13 -19.59
N ASN B 529 22.98 -28.49 -19.13
CA ASN B 529 21.96 -27.50 -18.79
C ASN B 529 22.44 -26.53 -17.70
N ALA B 530 22.79 -27.09 -16.55
CA ALA B 530 23.37 -26.33 -15.45
C ALA B 530 24.48 -25.40 -15.93
N LEU B 531 25.42 -25.95 -16.70
CA LEU B 531 26.57 -25.16 -17.14
C LEU B 531 26.21 -24.03 -18.09
N ALA B 532 25.34 -24.30 -19.06
CA ALA B 532 24.89 -23.27 -20.00
C ALA B 532 24.08 -22.15 -19.29
N THR B 533 23.12 -22.58 -18.46
CA THR B 533 22.32 -21.67 -17.63
C THR B 533 23.22 -20.75 -16.81
N TYR B 534 24.17 -21.36 -16.11
CA TYR B 534 25.17 -20.62 -15.38
C TYR B 534 25.94 -19.63 -16.25
N ALA B 535 26.35 -20.06 -17.44
CA ALA B 535 27.12 -19.16 -18.31
C ALA B 535 26.27 -17.97 -18.62
N ALA B 536 25.03 -18.24 -19.02
CA ALA B 536 24.06 -17.20 -19.35
C ALA B 536 23.91 -16.24 -18.19
N ALA B 537 23.84 -16.80 -16.98
CA ALA B 537 23.76 -15.99 -15.75
C ALA B 537 24.94 -15.04 -15.57
N THR B 538 26.15 -15.52 -15.83
CA THR B 538 27.32 -14.62 -15.71
C THR B 538 27.28 -13.48 -16.71
N GLU B 539 26.77 -13.74 -17.90
CA GLU B 539 26.63 -12.70 -18.92
C GLU B 539 25.59 -11.66 -18.47
N ARG B 540 24.48 -12.14 -17.94
CA ARG B 540 23.38 -11.25 -17.55
C ARG B 540 23.75 -10.34 -16.36
N TRP B 541 24.43 -10.89 -15.35
CA TRP B 541 24.63 -10.15 -14.09
C TRP B 541 26.09 -9.76 -13.75
N GLU B 542 27.05 -10.52 -14.26
CA GLU B 542 28.43 -10.36 -13.78
C GLU B 542 29.31 -9.50 -14.67
N GLY B 543 28.77 -9.08 -15.82
CA GLY B 543 29.53 -8.30 -16.79
C GLY B 543 30.62 -9.06 -17.54
N LYS B 544 30.67 -10.39 -17.38
CA LYS B 544 31.70 -11.22 -17.99
C LYS B 544 31.14 -12.62 -18.16
N LEU B 545 30.90 -12.99 -19.41
CA LEU B 545 30.45 -14.34 -19.75
C LEU B 545 31.51 -15.39 -19.44
N ASP B 546 31.16 -16.39 -18.63
CA ASP B 546 32.05 -17.52 -18.41
C ASP B 546 32.03 -18.43 -19.63
N THR B 547 33.01 -18.18 -20.48
CA THR B 547 33.20 -18.83 -21.78
C THR B 547 33.42 -20.36 -21.67
N LYS B 548 34.22 -20.74 -20.67
CA LYS B 548 34.58 -22.12 -20.44
C LYS B 548 33.40 -22.99 -20.04
N ALA B 549 32.46 -22.42 -19.29
CA ALA B 549 31.26 -23.15 -18.92
C ALA B 549 30.33 -23.31 -20.12
N ARG B 550 30.21 -22.23 -20.91
CA ARG B 550 29.44 -22.27 -22.17
C ARG B 550 29.95 -23.40 -23.08
N ASP B 551 31.27 -23.46 -23.23
CA ASP B 551 31.89 -24.35 -24.20
C ASP B 551 31.82 -25.78 -23.72
N MET B 552 31.89 -25.95 -22.41
CA MET B 552 31.80 -27.28 -21.85
C MET B 552 30.38 -27.79 -22.02
N ALA B 553 29.41 -26.88 -21.95
CA ALA B 553 28.01 -27.24 -22.11
C ALA B 553 27.83 -27.77 -23.53
N ALA B 554 28.43 -27.07 -24.49
CA ALA B 554 28.40 -27.47 -25.89
C ALA B 554 29.14 -28.79 -26.13
N GLU B 555 30.35 -28.92 -25.57
CA GLU B 555 31.11 -30.17 -25.62
C GLU B 555 30.29 -31.33 -25.10
N LEU B 556 29.58 -31.14 -24.00
CA LEU B 556 28.78 -32.23 -23.43
C LEU B 556 27.64 -32.63 -24.36
N VAL B 557 26.93 -31.65 -24.94
CA VAL B 557 25.83 -31.96 -25.84
C VAL B 557 26.34 -32.63 -27.15
N ASN B 558 27.32 -32.02 -27.81
CA ASN B 558 27.99 -32.61 -28.97
C ASN B 558 28.41 -34.08 -28.73
N ARG B 559 29.23 -34.32 -27.70
CA ARG B 559 29.73 -35.66 -27.40
C ARG B 559 28.66 -36.64 -27.01
N ALA B 560 27.56 -36.16 -26.46
CA ALA B 560 26.47 -37.07 -26.15
C ALA B 560 25.69 -37.35 -27.43
N TRP B 561 25.55 -36.34 -28.27
CA TRP B 561 24.73 -36.52 -29.45
C TRP B 561 25.49 -37.40 -30.44
N TYR B 562 26.68 -36.95 -30.82
CA TYR B 562 27.59 -37.71 -31.67
C TYR B 562 27.69 -39.21 -31.40
N ASN B 563 28.09 -39.57 -30.18
CA ASN B 563 28.53 -40.92 -29.88
C ASN B 563 27.40 -41.86 -29.51
N PHE B 564 26.21 -41.33 -29.30
CA PHE B 564 25.14 -42.17 -28.74
C PHE B 564 23.85 -42.08 -29.53
N TYR B 565 23.99 -41.52 -30.73
CA TYR B 565 22.94 -41.45 -31.73
C TYR B 565 22.40 -42.84 -32.02
N CYS B 566 21.08 -42.96 -32.05
CA CYS B 566 20.43 -44.23 -32.35
C CYS B 566 20.13 -44.33 -33.84
N SER B 567 20.61 -45.43 -34.44
CA SER B 567 20.43 -45.71 -35.86
C SER B 567 18.96 -45.96 -36.23
N GLU B 568 18.26 -46.76 -35.42
CA GLU B 568 16.81 -46.97 -35.57
C GLU B 568 15.93 -45.69 -35.48
N GLY B 569 16.56 -44.52 -35.31
CA GLY B 569 15.86 -43.24 -35.27
C GLY B 569 15.14 -42.81 -33.98
N LYS B 570 15.29 -43.59 -32.89
CA LYS B 570 14.64 -43.30 -31.60
C LYS B 570 15.24 -42.14 -30.74
N GLY B 571 16.30 -41.51 -31.20
CA GLY B 571 16.91 -40.47 -30.41
C GLY B 571 18.30 -40.79 -29.91
N VAL B 572 18.45 -41.25 -28.66
CA VAL B 572 19.80 -41.44 -28.11
C VAL B 572 19.88 -42.64 -27.19
N VAL B 573 20.83 -43.52 -27.49
CA VAL B 573 20.87 -44.79 -26.79
C VAL B 573 22.15 -45.01 -26.01
N THR B 574 21.92 -45.12 -24.72
CA THR B 574 22.87 -45.59 -23.75
C THR B 574 23.53 -46.92 -24.14
N GLU B 575 24.71 -47.19 -23.58
CA GLU B 575 25.23 -48.55 -23.47
C GLU B 575 25.91 -48.64 -22.13
N GLU B 576 25.31 -49.42 -21.23
CA GLU B 576 25.77 -49.44 -19.86
C GLU B 576 25.93 -50.88 -19.36
N ALA B 577 26.98 -51.11 -18.59
CA ALA B 577 27.15 -52.39 -17.89
C ALA B 577 26.39 -52.35 -16.58
N ARG B 578 25.51 -53.32 -16.37
CA ARG B 578 24.70 -53.36 -15.16
C ARG B 578 25.08 -54.56 -14.28
N ALA B 579 26.16 -54.38 -13.53
CA ALA B 579 26.63 -55.40 -12.61
C ALA B 579 25.56 -55.81 -11.61
N ASP B 580 24.75 -54.82 -11.21
CA ASP B 580 23.68 -55.00 -10.23
C ASP B 580 22.57 -55.95 -10.69
N TYR B 581 22.45 -56.20 -12.00
CA TYR B 581 21.37 -57.07 -12.52
C TYR B 581 21.48 -58.53 -12.08
N LYS B 582 22.65 -58.91 -11.58
CA LYS B 582 22.79 -60.19 -10.92
C LYS B 582 21.76 -60.34 -9.79
N ARG B 583 21.29 -59.21 -9.24
CA ARG B 583 20.36 -59.16 -8.11
C ARG B 583 18.94 -59.61 -8.49
N PHE B 584 18.63 -59.57 -9.79
CA PHE B 584 17.43 -60.22 -10.33
C PHE B 584 17.25 -61.60 -9.69
N PHE B 585 18.35 -62.36 -9.66
CA PHE B 585 18.32 -63.78 -9.27
C PHE B 585 18.90 -64.09 -7.88
N GLU B 586 19.78 -63.22 -7.36
CA GLU B 586 20.44 -63.48 -6.07
C GLU B 586 19.76 -62.89 -4.85
N GLN B 587 19.06 -61.76 -5.05
CA GLN B 587 18.54 -60.97 -3.94
C GLN B 587 17.28 -61.54 -3.32
N GLU B 588 17.39 -61.92 -2.04
CA GLU B 588 16.23 -62.31 -1.24
C GLU B 588 15.38 -61.10 -0.88
N VAL B 589 14.07 -61.24 -1.10
CA VAL B 589 13.08 -60.28 -0.63
C VAL B 589 12.57 -60.75 0.72
N TYR B 590 12.72 -59.94 1.77
CA TYR B 590 12.20 -60.35 3.08
C TYR B 590 10.66 -60.47 3.09
N VAL B 591 10.17 -61.54 3.70
CA VAL B 591 8.74 -61.74 3.94
C VAL B 591 8.64 -62.30 5.35
N PRO B 592 7.73 -61.77 6.17
CA PRO B 592 7.62 -62.21 7.56
C PRO B 592 7.30 -63.71 7.63
N ALA B 593 7.85 -64.36 8.65
CA ALA B 593 7.60 -65.79 8.87
C ALA B 593 6.09 -66.08 8.99
N GLY B 594 5.62 -67.10 8.28
CA GLY B 594 4.21 -67.46 8.27
C GLY B 594 3.28 -66.54 7.51
N TRP B 595 3.82 -65.69 6.65
CA TRP B 595 2.99 -64.82 5.81
C TRP B 595 2.97 -65.43 4.41
N SER B 596 1.77 -65.47 3.82
CA SER B 596 1.63 -65.90 2.44
C SER B 596 0.55 -65.08 1.75
N GLY B 597 0.71 -64.94 0.44
CA GLY B 597 -0.26 -64.31 -0.41
C GLY B 597 0.22 -64.55 -1.82
N THR B 598 -0.52 -64.07 -2.81
CA THR B 598 -0.11 -64.27 -4.20
C THR B 598 -0.18 -62.96 -4.99
N MET B 599 0.58 -62.89 -6.08
CA MET B 599 0.47 -61.81 -7.06
C MET B 599 -0.62 -62.21 -8.06
N PRO B 600 -1.20 -61.24 -8.78
CA PRO B 600 -2.28 -61.51 -9.75
C PRO B 600 -2.01 -62.67 -10.71
N ASN B 601 -0.78 -62.76 -11.20
CA ASN B 601 -0.36 -63.78 -12.15
C ASN B 601 -0.10 -65.17 -11.56
N GLY B 602 -0.20 -65.33 -10.24
CA GLY B 602 0.07 -66.60 -9.60
C GLY B 602 1.49 -66.80 -9.08
N ASP B 603 2.28 -65.72 -9.00
CA ASP B 603 3.54 -65.80 -8.27
C ASP B 603 3.26 -65.85 -6.77
N LYS B 604 3.86 -66.78 -6.06
CA LYS B 604 3.63 -66.91 -4.62
C LYS B 604 4.54 -65.99 -3.81
N ILE B 605 3.99 -65.31 -2.82
CA ILE B 605 4.77 -64.39 -1.99
C ILE B 605 4.95 -65.04 -0.63
N GLN B 606 6.12 -65.66 -0.46
CA GLN B 606 6.39 -66.47 0.71
C GLN B 606 7.85 -66.23 1.14
N PRO B 607 8.20 -66.48 2.42
CA PRO B 607 9.60 -66.31 2.86
C PRO B 607 10.55 -67.10 1.95
N GLY B 608 11.65 -66.48 1.56
CA GLY B 608 12.65 -67.11 0.72
C GLY B 608 12.66 -66.65 -0.71
N ILE B 609 11.66 -65.85 -1.11
CA ILE B 609 11.59 -65.30 -2.47
C ILE B 609 12.80 -64.47 -2.95
N LYS B 610 12.89 -64.31 -4.26
CA LYS B 610 13.93 -63.53 -4.90
C LYS B 610 13.27 -62.46 -5.75
N PHE B 611 14.01 -61.43 -6.12
CA PHE B 611 13.48 -60.39 -6.98
C PHE B 611 12.59 -61.01 -8.07
N ILE B 612 13.12 -61.98 -8.80
CA ILE B 612 12.45 -62.56 -9.99
C ILE B 612 11.15 -63.35 -9.69
N ASP B 613 11.07 -63.92 -8.49
CA ASP B 613 9.98 -64.83 -8.14
C ASP B 613 8.62 -64.16 -8.23
N ILE B 614 8.45 -63.05 -7.53
CA ILE B 614 7.22 -62.28 -7.57
C ILE B 614 7.07 -61.49 -8.87
N ARG B 615 8.03 -61.64 -9.76
CA ARG B 615 7.93 -60.96 -11.05
C ARG B 615 8.11 -61.89 -12.26
N THR B 616 7.40 -63.02 -12.27
CA THR B 616 7.50 -64.05 -13.32
C THR B 616 7.44 -63.49 -14.73
N LYS B 617 6.42 -62.67 -15.01
CA LYS B 617 6.16 -62.17 -16.37
C LYS B 617 7.40 -61.50 -16.95
N TYR B 618 8.47 -61.48 -16.15
CA TYR B 618 9.77 -60.93 -16.57
C TYR B 618 10.59 -61.95 -17.40
N ARG B 619 10.35 -63.25 -17.16
CA ARG B 619 10.91 -64.36 -17.96
C ARG B 619 10.42 -64.37 -19.42
N GLN B 620 9.33 -63.64 -19.72
CA GLN B 620 8.86 -63.48 -21.09
C GLN B 620 9.39 -62.22 -21.74
N ASP B 621 10.35 -61.56 -21.09
CA ASP B 621 10.90 -60.30 -21.57
C ASP B 621 11.93 -60.52 -22.69
N PRO B 622 11.87 -59.72 -23.76
CA PRO B 622 12.81 -59.84 -24.86
C PRO B 622 14.29 -59.73 -24.46
N TYR B 623 14.56 -59.21 -23.26
CA TYR B 623 15.95 -59.09 -22.78
C TYR B 623 16.27 -59.93 -21.53
N TYR B 624 15.33 -60.77 -21.13
CA TYR B 624 15.54 -61.65 -19.99
C TYR B 624 16.68 -62.61 -20.26
N ASP B 625 16.73 -63.15 -21.48
CA ASP B 625 17.80 -64.06 -21.88
C ASP B 625 19.18 -63.44 -21.68
N ILE B 626 19.45 -62.37 -22.43
CA ILE B 626 20.72 -61.65 -22.35
C ILE B 626 21.18 -61.49 -20.90
N VAL B 627 20.26 -61.11 -20.03
CA VAL B 627 20.58 -60.90 -18.63
C VAL B 627 20.88 -62.22 -17.95
N TYR B 628 19.98 -63.19 -18.09
CA TYR B 628 20.17 -64.52 -17.47
C TYR B 628 21.43 -65.21 -17.96
N GLN B 629 21.61 -65.26 -19.29
CA GLN B 629 22.77 -65.92 -19.90
C GLN B 629 24.09 -65.30 -19.42
N ALA B 630 24.26 -63.99 -19.62
CA ALA B 630 25.43 -63.25 -19.10
C ALA B 630 25.64 -63.52 -17.61
N TYR B 631 24.55 -63.73 -16.87
CA TYR B 631 24.61 -64.10 -15.44
C TYR B 631 25.11 -65.53 -15.13
N LEU B 632 24.72 -66.54 -15.92
CA LEU B 632 25.24 -67.90 -15.76
C LEU B 632 26.77 -67.90 -15.98
N ARG B 633 27.20 -67.07 -16.94
CA ARG B 633 28.63 -66.86 -17.28
C ARG B 633 29.40 -66.28 -16.08
N GLY B 634 28.71 -65.54 -15.23
CA GLY B 634 29.31 -64.78 -14.14
C GLY B 634 29.68 -63.34 -14.51
N GLU B 635 29.10 -62.82 -15.60
CA GLU B 635 29.40 -61.47 -16.13
C GLU B 635 28.28 -60.42 -15.89
N ALA B 636 28.36 -59.28 -16.57
CA ALA B 636 27.37 -58.20 -16.49
C ALA B 636 26.87 -57.81 -17.88
N PRO B 637 25.54 -57.71 -18.08
CA PRO B 637 24.91 -57.51 -19.41
C PRO B 637 25.34 -56.34 -20.34
N VAL B 638 25.36 -56.60 -21.66
CA VAL B 638 25.55 -55.59 -22.72
C VAL B 638 24.18 -55.07 -23.27
N LEU B 639 23.36 -54.51 -22.38
CA LEU B 639 22.09 -53.89 -22.81
C LEU B 639 22.15 -52.36 -23.17
N ASN B 640 21.06 -51.87 -23.79
CA ASN B 640 20.93 -50.51 -24.33
C ASN B 640 19.59 -49.89 -23.95
N TYR B 641 19.50 -48.56 -23.94
CA TYR B 641 18.31 -47.91 -23.38
C TYR B 641 17.83 -46.65 -24.05
N HIS B 642 16.59 -46.28 -23.73
CA HIS B 642 16.03 -44.98 -24.07
C HIS B 642 15.10 -44.63 -22.90
N ARG B 643 15.68 -44.17 -21.79
CA ARG B 643 14.91 -43.62 -20.68
C ARG B 643 14.30 -42.31 -21.15
N PHE B 644 13.00 -42.12 -20.89
CA PHE B 644 12.34 -40.86 -21.28
C PHE B 644 13.14 -39.64 -20.76
N TRP B 645 13.52 -39.66 -19.48
CA TRP B 645 14.17 -38.48 -18.92
C TRP B 645 15.52 -38.19 -19.50
N HIS B 646 16.25 -39.24 -19.87
CA HIS B 646 17.53 -39.03 -20.56
C HIS B 646 17.33 -38.26 -21.84
N GLU B 647 16.35 -38.68 -22.63
CA GLU B 647 16.04 -38.03 -23.90
C GLU B 647 15.66 -36.55 -23.67
N VAL B 648 14.82 -36.29 -22.67
CA VAL B 648 14.42 -34.90 -22.41
C VAL B 648 15.58 -34.02 -21.90
N ASP B 649 16.30 -34.48 -20.87
CA ASP B 649 17.37 -33.67 -20.29
C ASP B 649 18.37 -33.23 -21.35
N LEU B 650 18.67 -34.13 -22.27
CA LEU B 650 19.53 -33.83 -23.40
C LEU B 650 18.85 -32.80 -24.32
N ALA B 651 17.60 -33.06 -24.71
CA ALA B 651 16.86 -32.10 -25.53
C ALA B 651 16.81 -30.72 -24.86
N VAL B 652 16.45 -30.68 -23.57
CA VAL B 652 16.32 -29.39 -22.90
C VAL B 652 17.66 -28.66 -22.91
N ALA B 653 18.75 -29.42 -22.82
CA ALA B 653 20.09 -28.79 -22.84
C ALA B 653 20.39 -28.18 -24.20
N MET B 654 20.01 -28.89 -25.25
CA MET B 654 20.01 -28.31 -26.61
C MET B 654 19.15 -27.04 -26.67
N GLY B 655 17.94 -27.10 -26.11
CA GLY B 655 17.06 -25.95 -26.01
C GLY B 655 17.71 -24.75 -25.30
N VAL B 656 18.31 -25.03 -24.14
CA VAL B 656 18.96 -23.97 -23.37
C VAL B 656 20.06 -23.29 -24.17
N LEU B 657 20.90 -24.06 -24.84
CA LEU B 657 21.87 -23.51 -25.80
C LEU B 657 21.22 -22.65 -26.90
N ALA B 658 20.12 -23.16 -27.47
CA ALA B 658 19.41 -22.46 -28.55
C ALA B 658 18.90 -21.10 -28.04
N THR B 659 18.44 -21.10 -26.79
CA THR B 659 17.82 -19.95 -26.14
C THR B 659 18.82 -18.89 -25.70
N TYR B 660 19.89 -19.27 -25.02
CA TYR B 660 20.84 -18.25 -24.53
C TYR B 660 22.06 -18.06 -25.41
N PHE B 661 22.40 -19.09 -26.20
CA PHE B 661 23.53 -18.96 -27.14
C PHE B 661 23.12 -19.34 -28.57
N PRO B 662 22.34 -18.48 -29.21
CA PRO B 662 21.63 -18.86 -30.45
C PRO B 662 22.55 -18.97 -31.69
N ASP B 663 23.73 -18.33 -31.67
CA ASP B 663 24.73 -18.41 -32.75
C ASP B 663 25.57 -19.70 -32.73
N MET B 664 25.49 -20.43 -31.62
CA MET B 664 26.32 -21.60 -31.43
C MET B 664 25.76 -22.75 -32.22
N THR B 665 26.64 -23.71 -32.47
CA THR B 665 26.49 -24.65 -33.57
C THR B 665 27.19 -25.96 -33.23
N TYR B 666 26.45 -27.07 -33.32
CA TYR B 666 27.02 -28.42 -33.23
C TYR B 666 28.23 -28.59 -34.15
N LYS B 667 29.20 -29.37 -33.70
CA LYS B 667 30.37 -29.71 -34.50
C LYS B 667 30.73 -31.12 -34.10
N VAL B 668 31.02 -31.97 -35.09
CA VAL B 668 31.41 -33.34 -34.79
C VAL B 668 32.75 -33.33 -34.04
N PRO B 669 32.74 -33.86 -32.81
CA PRO B 669 33.90 -33.83 -31.92
C PRO B 669 34.99 -34.84 -32.30
N GLY C 28 39.41 2.17 -6.04
CA GLY C 28 38.19 1.29 -5.97
C GLY C 28 37.08 1.78 -5.04
N PRO C 29 35.84 1.29 -5.20
CA PRO C 29 34.74 1.73 -4.34
C PRO C 29 34.76 1.09 -2.95
N THR C 30 34.35 1.83 -1.91
CA THR C 30 34.13 1.29 -0.55
C THR C 30 32.78 1.79 -0.03
N LYS C 31 32.34 1.30 1.14
CA LYS C 31 31.05 1.74 1.70
C LYS C 31 31.10 3.12 2.34
N ALA C 32 30.07 3.92 2.11
CA ALA C 32 29.98 5.27 2.69
C ALA C 32 29.83 5.24 4.20
N PRO C 33 30.61 6.07 4.91
CA PRO C 33 30.50 6.19 6.36
C PRO C 33 29.35 7.14 6.78
N THR C 34 28.68 7.77 5.80
CA THR C 34 27.57 8.70 6.05
C THR C 34 26.60 8.21 7.13
N LYS C 35 26.26 9.09 8.07
CA LYS C 35 25.31 8.80 9.15
C LYS C 35 23.87 8.72 8.60
N ASP C 36 23.11 7.68 9.00
CA ASP C 36 21.67 7.64 8.72
C ASP C 36 21.03 8.96 9.18
N GLY C 37 20.02 9.42 8.42
CA GLY C 37 19.34 10.67 8.73
C GLY C 37 19.98 11.91 8.14
N THR C 38 21.09 11.76 7.41
CA THR C 38 21.62 12.86 6.62
C THR C 38 20.63 13.20 5.51
N SER C 39 20.28 14.48 5.40
CA SER C 39 19.36 14.95 4.38
C SER C 39 19.95 14.85 2.99
N TYR C 40 19.09 14.67 2.00
CA TYR C 40 19.54 14.71 0.61
C TYR C 40 20.14 16.05 0.21
N LYS C 41 19.65 17.15 0.80
CA LYS C 41 20.32 18.44 0.63
C LYS C 41 21.79 18.34 0.98
N ASP C 42 22.07 17.80 2.16
CA ASP C 42 23.46 17.69 2.62
C ASP C 42 24.29 16.71 1.82
N LEU C 43 23.70 15.61 1.36
CA LEU C 43 24.44 14.73 0.47
C LEU C 43 24.78 15.46 -0.81
N PHE C 44 23.84 16.25 -1.33
CA PHE C 44 24.11 16.95 -2.57
C PHE C 44 25.30 17.89 -2.35
N LEU C 45 25.26 18.63 -1.24
CA LEU C 45 26.27 19.62 -0.94
C LEU C 45 27.65 18.94 -0.82
N GLU C 46 27.68 17.78 -0.18
CA GLU C 46 28.92 17.00 -0.08
C GLU C 46 29.50 16.54 -1.43
N LEU C 47 28.66 15.97 -2.30
CA LEU C 47 29.11 15.56 -3.63
C LEU C 47 29.49 16.78 -4.47
N TYR C 48 28.67 17.83 -4.39
CA TYR C 48 28.91 19.04 -5.13
C TYR C 48 30.31 19.56 -4.78
N GLY C 49 30.56 19.81 -3.49
CA GLY C 49 31.88 20.22 -3.00
C GLY C 49 33.10 19.42 -3.48
N LYS C 50 32.93 18.09 -3.56
CA LYS C 50 33.95 17.19 -4.07
C LYS C 50 34.06 17.23 -5.60
N ILE C 51 32.95 17.39 -6.31
CA ILE C 51 33.07 17.58 -7.76
C ILE C 51 33.84 18.87 -8.10
N LYS C 52 33.73 19.88 -7.25
CA LYS C 52 34.32 21.20 -7.50
C LYS C 52 35.70 21.41 -6.87
N ASP C 53 36.11 20.51 -5.99
CA ASP C 53 37.39 20.65 -5.30
C ASP C 53 38.58 20.51 -6.27
N PRO C 54 39.40 21.56 -6.36
CA PRO C 54 40.64 21.54 -7.18
C PRO C 54 41.52 20.28 -7.07
N LYS C 55 41.75 19.78 -5.85
CA LYS C 55 42.59 18.60 -5.61
C LYS C 55 42.11 17.36 -6.40
N ASN C 56 40.80 17.26 -6.64
CA ASN C 56 40.22 16.10 -7.33
C ASN C 56 40.42 16.13 -8.85
N GLY C 57 40.53 17.33 -9.42
CA GLY C 57 40.76 17.50 -10.84
C GLY C 57 39.70 17.00 -11.81
N TYR C 58 38.43 17.31 -11.56
CA TYR C 58 37.39 17.11 -12.57
C TYR C 58 37.44 18.17 -13.65
N PHE C 59 38.02 19.33 -13.32
CA PHE C 59 38.11 20.46 -14.23
C PHE C 59 39.57 20.75 -14.61
N SER C 60 39.79 21.23 -15.82
CA SER C 60 41.13 21.66 -16.22
C SER C 60 41.63 22.81 -15.32
N PRO C 61 42.91 22.78 -14.96
CA PRO C 61 43.44 23.77 -14.01
C PRO C 61 43.61 25.17 -14.60
N ASP C 62 43.90 25.29 -15.89
CA ASP C 62 44.17 26.62 -16.46
C ASP C 62 42.92 27.37 -16.91
N GLU C 63 41.84 26.64 -17.17
CA GLU C 63 40.65 27.28 -17.72
C GLU C 63 39.29 26.86 -17.12
N GLY C 64 39.30 25.81 -16.28
CA GLY C 64 38.10 25.40 -15.56
C GLY C 64 37.06 24.69 -16.43
N ILE C 65 37.55 23.87 -17.36
CA ILE C 65 36.71 23.11 -18.27
C ILE C 65 36.55 21.71 -17.70
N PRO C 66 35.31 21.21 -17.70
CA PRO C 66 35.04 19.84 -17.26
C PRO C 66 35.62 18.82 -18.21
N TYR C 67 36.42 17.91 -17.67
CA TYR C 67 36.95 16.79 -18.42
C TYR C 67 35.85 15.78 -18.52
N HIS C 68 35.92 14.93 -19.55
CA HIS C 68 35.05 13.77 -19.59
C HIS C 68 35.19 12.90 -18.32
N SER C 69 36.41 12.73 -17.84
CA SER C 69 36.59 11.96 -16.61
C SER C 69 37.91 12.32 -15.94
N ILE C 70 38.05 12.00 -14.66
CA ILE C 70 39.30 12.27 -13.97
C ILE C 70 40.40 11.45 -14.65
N GLU C 71 40.14 10.17 -14.86
CA GLU C 71 41.10 9.29 -15.53
C GLU C 71 41.17 9.63 -17.02
N THR C 72 42.29 9.28 -17.65
CA THR C 72 42.60 9.64 -19.03
C THR C 72 42.42 8.49 -20.01
N LEU C 73 42.68 7.28 -19.54
CA LEU C 73 42.56 6.13 -20.42
C LEU C 73 41.13 5.62 -20.33
N ILE C 74 40.33 5.99 -21.33
CA ILE C 74 38.91 5.62 -21.39
C ILE C 74 38.43 5.78 -22.80
N VAL C 75 37.67 4.80 -23.28
CA VAL C 75 37.16 4.81 -24.65
C VAL C 75 35.73 4.35 -24.61
N GLU C 76 34.82 5.23 -25.03
CA GLU C 76 33.42 4.84 -25.09
C GLU C 76 32.63 5.62 -26.13
N ALA C 77 32.84 6.94 -26.19
CA ALA C 77 32.32 7.76 -27.29
C ALA C 77 33.29 8.89 -27.62
N PRO C 78 33.80 9.62 -26.61
CA PRO C 78 35.15 10.20 -26.73
C PRO C 78 36.16 9.06 -26.52
N ASP C 79 37.37 9.20 -27.04
CA ASP C 79 38.36 8.13 -26.96
C ASP C 79 39.55 8.45 -26.06
N TYR C 80 39.44 9.56 -25.33
CA TYR C 80 40.46 9.97 -24.39
C TYR C 80 39.78 10.70 -23.23
N GLY C 81 40.22 10.44 -22.01
CA GLY C 81 39.52 10.94 -20.84
C GLY C 81 39.55 12.44 -20.66
N HIS C 82 40.50 13.09 -21.32
CA HIS C 82 40.70 14.51 -21.04
C HIS C 82 40.32 15.40 -22.20
N VAL C 83 39.49 14.86 -23.09
CA VAL C 83 38.70 15.71 -23.96
C VAL C 83 37.63 16.35 -23.07
N THR C 84 36.99 17.41 -23.55
CA THR C 84 35.69 17.84 -23.03
C THR C 84 34.62 17.61 -24.10
N THR C 85 33.37 17.54 -23.66
CA THR C 85 32.24 17.35 -24.56
C THR C 85 31.24 18.43 -24.23
N SER C 86 30.41 18.80 -25.21
CA SER C 86 29.28 19.66 -24.93
C SER C 86 28.39 18.98 -23.85
N GLU C 87 28.28 17.67 -23.94
CA GLU C 87 27.67 16.88 -22.87
C GLU C 87 28.11 17.29 -21.47
N ALA C 88 29.40 17.20 -21.17
CA ALA C 88 29.93 17.55 -19.86
C ALA C 88 29.60 18.99 -19.47
N PHE C 89 29.59 19.88 -20.45
CA PHE C 89 29.20 21.26 -20.17
C PHE C 89 27.75 21.39 -19.74
N SER C 90 26.83 20.72 -20.47
CA SER C 90 25.41 20.76 -20.16
C SER C 90 25.16 20.25 -18.73
N TYR C 91 25.87 19.20 -18.32
CA TYR C 91 25.85 18.75 -16.92
C TYR C 91 26.43 19.76 -15.93
N TYR C 92 27.49 20.45 -16.34
CA TYR C 92 28.13 21.43 -15.48
C TYR C 92 27.12 22.53 -15.15
N VAL C 93 26.38 22.99 -16.15
CA VAL C 93 25.30 23.95 -15.93
C VAL C 93 24.21 23.40 -14.96
N TRP C 94 23.82 22.15 -15.17
CA TRP C 94 22.77 21.53 -14.36
C TRP C 94 23.18 21.45 -12.88
N LEU C 95 24.37 20.92 -12.64
CA LEU C 95 24.97 20.94 -11.30
C LEU C 95 24.95 22.31 -10.64
N GLU C 96 25.29 23.37 -11.38
CA GLU C 96 25.32 24.70 -10.79
C GLU C 96 23.92 25.33 -10.54
N ALA C 97 22.98 25.04 -11.45
CA ALA C 97 21.57 25.30 -11.23
C ALA C 97 21.08 24.70 -9.89
N MET C 98 21.35 23.42 -9.67
CA MET C 98 20.94 22.76 -8.41
C MET C 98 21.63 23.36 -7.17
N TYR C 99 22.84 23.86 -7.34
CA TYR C 99 23.57 24.42 -6.22
C TYR C 99 22.97 25.74 -5.81
N GLY C 100 22.61 26.58 -6.79
CA GLY C 100 21.89 27.82 -6.53
C GLY C 100 20.55 27.58 -5.84
N ASN C 101 19.84 26.53 -6.27
CA ASN C 101 18.54 26.19 -5.73
C ASN C 101 18.66 25.86 -4.25
N LEU C 102 19.61 25.00 -3.92
CA LEU C 102 19.69 24.54 -2.53
C LEU C 102 20.40 25.50 -1.60
N THR C 103 21.14 26.46 -2.15
CA THR C 103 22.14 27.21 -1.41
C THR C 103 21.88 28.72 -1.40
N GLY C 104 21.45 29.28 -2.54
CA GLY C 104 21.21 30.70 -2.66
C GLY C 104 22.33 31.44 -3.37
N ASN C 105 23.39 30.73 -3.74
CA ASN C 105 24.54 31.32 -4.45
C ASN C 105 24.53 30.94 -5.93
N TRP C 106 24.33 31.96 -6.78
CA TRP C 106 24.07 31.73 -8.20
C TRP C 106 25.24 31.98 -9.18
N SER C 107 26.43 32.27 -8.68
CA SER C 107 27.51 32.73 -9.54
C SER C 107 28.10 31.56 -10.32
N GLY C 108 28.01 30.35 -9.74
CA GLY C 108 28.34 29.13 -10.44
C GLY C 108 27.67 29.03 -11.82
N VAL C 109 26.44 29.54 -11.97
CA VAL C 109 25.74 29.42 -13.24
C VAL C 109 26.31 30.36 -14.31
N GLU C 110 26.60 31.61 -13.93
CA GLU C 110 27.26 32.53 -14.84
C GLU C 110 28.64 31.94 -15.15
N THR C 111 29.37 31.52 -14.12
CA THR C 111 30.72 30.98 -14.29
C THR C 111 30.70 29.83 -15.29
N ALA C 112 29.76 28.91 -15.14
CA ALA C 112 29.69 27.75 -16.04
C ALA C 112 29.41 28.15 -17.47
N TRP C 113 28.46 29.04 -17.68
CA TRP C 113 28.09 29.45 -19.03
C TRP C 113 29.24 30.25 -19.66
N LYS C 114 29.93 31.02 -18.82
CA LYS C 114 31.11 31.76 -19.28
C LYS C 114 32.16 30.81 -19.86
N VAL C 115 32.49 29.75 -19.13
CA VAL C 115 33.46 28.78 -19.60
C VAL C 115 32.98 28.15 -20.90
N MET C 116 31.69 27.81 -20.97
CA MET C 116 31.13 27.27 -22.19
C MET C 116 31.32 28.21 -23.39
N GLU C 117 30.83 29.43 -23.25
CA GLU C 117 30.94 30.47 -24.27
C GLU C 117 32.40 30.85 -24.63
N ASP C 118 33.31 30.81 -23.66
CA ASP C 118 34.73 31.11 -23.91
C ASP C 118 35.45 30.03 -24.72
N TRP C 119 34.93 28.80 -24.71
CA TRP C 119 35.72 27.68 -25.19
C TRP C 119 35.06 26.77 -26.23
N ILE C 120 33.91 26.19 -25.87
CA ILE C 120 33.26 25.17 -26.70
C ILE C 120 32.25 25.72 -27.69
N ILE C 121 31.84 26.97 -27.50
CA ILE C 121 31.02 27.64 -28.50
C ILE C 121 31.94 28.49 -29.40
N PRO C 122 32.06 28.07 -30.66
CA PRO C 122 32.84 28.82 -31.66
C PRO C 122 32.37 30.26 -31.75
N ASP C 123 33.22 31.23 -31.37
CA ASP C 123 32.92 32.66 -31.57
C ASP C 123 33.11 33.06 -33.06
N SER C 124 32.94 34.35 -33.39
CA SER C 124 33.01 34.80 -34.81
C SER C 124 34.36 34.66 -35.51
N THR C 125 35.45 34.80 -34.77
CA THR C 125 36.80 34.65 -35.35
C THR C 125 37.03 33.18 -35.72
N GLU C 126 36.22 32.30 -35.15
CA GLU C 126 36.34 30.87 -35.39
C GLU C 126 35.36 30.37 -36.44
N GLN C 127 34.50 31.25 -36.95
CA GLN C 127 33.54 30.93 -38.02
C GLN C 127 33.68 31.82 -39.30
N PRO C 128 34.87 31.85 -39.92
CA PRO C 128 35.13 32.79 -41.02
C PRO C 128 34.32 32.52 -42.29
N GLY C 129 33.65 33.55 -42.79
CA GLY C 129 32.91 33.42 -44.04
C GLY C 129 31.54 32.79 -43.92
N MET C 130 31.09 32.57 -42.68
CA MET C 130 29.73 32.11 -42.41
C MET C 130 28.70 33.03 -43.08
N SER C 131 29.06 34.30 -43.22
CA SER C 131 28.21 35.29 -43.88
C SER C 131 27.97 34.96 -45.37
N SER C 132 28.83 34.10 -45.96
CA SER C 132 28.70 33.69 -47.37
C SER C 132 27.75 32.51 -47.58
N TYR C 133 27.21 31.98 -46.48
CA TYR C 133 26.34 30.82 -46.54
C TYR C 133 25.13 31.10 -47.43
N ASN C 134 24.75 30.12 -48.23
CA ASN C 134 23.58 30.29 -49.07
C ASN C 134 22.44 29.36 -48.70
N PRO C 135 21.38 29.92 -48.10
CA PRO C 135 20.16 29.19 -47.75
C PRO C 135 19.52 28.45 -48.91
N ASN C 136 19.83 28.88 -50.12
CA ASN C 136 19.27 28.23 -51.30
C ASN C 136 20.12 27.06 -51.78
N SER C 137 21.36 27.01 -51.29
CA SER C 137 22.28 25.92 -51.60
C SER C 137 23.13 25.62 -50.37
N PRO C 138 22.50 25.04 -49.35
CA PRO C 138 23.12 24.85 -48.04
C PRO C 138 24.39 23.99 -48.04
N ALA C 139 24.42 22.96 -48.88
CA ALA C 139 25.54 22.03 -48.94
C ALA C 139 25.56 21.21 -50.23
N THR C 140 26.59 20.36 -50.35
CA THR C 140 26.69 19.48 -51.51
C THR C 140 26.51 18.05 -51.06
N TYR C 141 25.53 17.40 -51.66
CA TYR C 141 25.20 16.02 -51.36
C TYR C 141 26.39 15.05 -51.41
N ALA C 142 26.32 13.99 -50.61
CA ALA C 142 27.25 12.87 -50.62
C ALA C 142 26.57 11.70 -49.95
N ASP C 143 26.86 10.51 -50.46
CA ASP C 143 26.33 9.28 -49.89
C ASP C 143 26.87 9.08 -48.50
N GLU C 144 26.11 8.40 -47.65
CA GLU C 144 26.64 7.75 -46.47
C GLU C 144 26.80 6.28 -46.87
N TYR C 145 27.75 5.57 -46.27
CA TYR C 145 27.94 4.18 -46.65
C TYR C 145 27.97 3.25 -45.45
N GLU C 146 27.72 1.97 -45.72
CA GLU C 146 27.64 0.91 -44.72
C GLU C 146 28.96 0.42 -44.10
N ASP C 147 30.11 0.96 -44.53
CA ASP C 147 31.40 0.59 -43.95
C ASP C 147 32.39 1.76 -44.05
N PRO C 148 33.32 1.91 -43.11
CA PRO C 148 34.37 2.93 -43.26
C PRO C 148 35.16 2.72 -44.58
N SER C 149 35.27 1.46 -44.99
CA SER C 149 36.02 1.05 -46.18
C SER C 149 35.49 1.62 -47.50
N TYR C 150 34.25 2.13 -47.48
CA TYR C 150 33.67 2.77 -48.64
C TYR C 150 34.06 4.22 -48.76
N TYR C 151 34.82 4.73 -47.79
CA TYR C 151 35.15 6.15 -47.71
C TYR C 151 36.56 6.40 -48.21
N PRO C 152 36.81 7.57 -48.81
CA PRO C 152 35.92 8.75 -48.72
C PRO C 152 34.69 8.75 -49.62
N SER C 153 33.69 9.50 -49.19
CA SER C 153 32.50 9.66 -49.99
C SER C 153 32.67 10.86 -50.92
N GLU C 154 32.18 10.70 -52.14
CA GLU C 154 32.38 11.71 -53.15
C GLU C 154 31.25 12.73 -53.17
N LEU C 155 31.64 13.98 -53.12
CA LEU C 155 30.70 15.09 -53.23
C LEU C 155 30.14 15.11 -54.64
N LYS C 156 28.85 15.34 -54.76
CA LYS C 156 28.18 15.28 -56.04
C LYS C 156 27.61 16.64 -56.41
N PHE C 157 28.47 17.46 -57.02
CA PHE C 157 28.21 18.87 -57.23
C PHE C 157 27.04 19.24 -58.14
N ASP C 158 26.76 18.47 -59.19
CA ASP C 158 25.78 18.99 -60.16
C ASP C 158 24.73 18.05 -60.77
N THR C 159 24.54 16.88 -60.16
CA THR C 159 23.50 15.94 -60.60
C THR C 159 22.52 15.60 -59.45
N VAL C 160 22.71 16.28 -58.32
CA VAL C 160 21.84 16.18 -57.15
C VAL C 160 21.54 17.61 -56.68
N ARG C 161 20.38 18.13 -57.08
CA ARG C 161 19.90 19.38 -56.52
C ARG C 161 19.41 19.12 -55.09
N VAL C 162 19.75 20.05 -54.21
CA VAL C 162 19.58 20.00 -52.77
C VAL C 162 18.43 20.95 -52.37
N GLY C 163 17.88 20.78 -51.16
CA GLY C 163 16.75 21.61 -50.75
C GLY C 163 17.13 22.98 -50.22
N SER C 164 16.11 23.80 -49.91
CA SER C 164 16.29 25.14 -49.33
C SER C 164 16.14 25.17 -47.81
N ASP C 165 17.03 25.93 -47.16
CA ASP C 165 17.05 26.14 -45.72
C ASP C 165 16.15 27.31 -45.34
N PRO C 166 15.01 27.03 -44.69
CA PRO C 166 13.96 28.02 -44.40
C PRO C 166 14.07 28.71 -43.04
N VAL C 167 15.16 28.48 -42.31
CA VAL C 167 15.24 28.99 -40.96
C VAL C 167 16.38 29.98 -40.85
N HIS C 168 17.36 29.86 -41.74
CA HIS C 168 18.53 30.71 -41.73
C HIS C 168 18.30 32.25 -41.69
N ASN C 169 17.52 32.78 -42.62
CA ASN C 169 17.24 34.22 -42.66
C ASN C 169 16.63 34.72 -41.35
N ASP C 170 15.73 33.91 -40.80
CA ASP C 170 15.09 34.23 -39.52
C ASP C 170 16.15 34.34 -38.39
N LEU C 171 17.10 33.41 -38.34
CA LEU C 171 18.12 33.48 -37.29
C LEU C 171 19.04 34.67 -37.53
N VAL C 172 19.55 34.80 -38.76
CA VAL C 172 20.40 35.94 -39.14
C VAL C 172 19.76 37.26 -38.75
N SER C 173 18.50 37.46 -39.17
CA SER C 173 17.72 38.66 -38.80
C SER C 173 17.88 39.06 -37.34
N ALA C 174 17.81 38.07 -36.46
CA ALA C 174 17.80 38.34 -35.04
C ALA C 174 19.17 38.34 -34.39
N TYR C 175 20.08 37.48 -34.86
CA TYR C 175 21.37 37.24 -34.17
C TYR C 175 22.67 37.55 -34.92
N GLY C 176 22.58 37.85 -36.22
CA GLY C 176 23.76 37.98 -37.06
C GLY C 176 24.10 36.67 -37.77
N PRO C 177 25.24 36.65 -38.45
CA PRO C 177 25.54 35.54 -39.38
C PRO C 177 25.97 34.24 -38.70
N ASN C 178 26.41 34.31 -37.44
CA ASN C 178 27.12 33.19 -36.82
C ASN C 178 26.22 32.16 -36.13
N MET C 179 26.78 30.99 -35.89
CA MET C 179 26.07 29.89 -35.28
C MET C 179 26.31 29.94 -33.77
N TYR C 180 25.24 29.86 -32.98
CA TYR C 180 25.41 29.84 -31.52
C TYR C 180 25.02 28.45 -30.98
N LEU C 181 25.90 27.48 -31.17
CA LEU C 181 25.73 26.11 -30.71
C LEU C 181 27.09 25.61 -30.19
N MET C 182 27.11 24.57 -29.36
CA MET C 182 28.36 24.02 -28.86
C MET C 182 28.85 22.98 -29.84
N HIS C 183 30.12 23.05 -30.23
CA HIS C 183 30.71 21.93 -30.97
C HIS C 183 30.93 20.79 -29.94
N TRP C 184 30.73 19.55 -30.34
CA TRP C 184 30.60 18.47 -29.35
C TRP C 184 31.90 18.05 -28.65
N LEU C 185 33.04 18.19 -29.34
CA LEU C 185 34.30 17.61 -28.86
C LEU C 185 35.47 18.62 -28.86
N MET C 186 36.18 18.66 -27.75
CA MET C 186 37.31 19.57 -27.61
C MET C 186 38.47 18.95 -26.80
N ASP C 187 39.65 18.91 -27.41
CA ASP C 187 40.86 18.35 -26.81
C ASP C 187 41.47 19.35 -25.83
N VAL C 188 41.07 19.26 -24.57
CA VAL C 188 41.32 20.32 -23.59
C VAL C 188 42.80 20.68 -23.39
N ASP C 189 43.65 19.71 -23.18
CA ASP C 189 45.06 20.00 -22.93
C ASP C 189 45.89 19.66 -24.16
N ASN C 190 45.28 19.64 -25.35
CA ASN C 190 45.99 19.37 -26.61
C ASN C 190 46.82 18.07 -26.60
N TRP C 191 46.22 17.00 -26.11
CA TRP C 191 46.87 15.69 -25.99
C TRP C 191 47.17 15.04 -27.33
N TYR C 192 46.29 15.25 -28.30
CA TYR C 192 46.47 14.73 -29.65
C TYR C 192 47.52 15.54 -30.40
N GLY C 193 47.79 16.76 -29.93
CA GLY C 193 48.85 17.58 -30.47
C GLY C 193 48.54 18.50 -31.63
N PHE C 194 47.29 18.53 -32.10
CA PHE C 194 46.89 19.34 -33.27
C PHE C 194 47.01 20.84 -33.09
N GLY C 195 46.93 21.31 -31.85
CA GLY C 195 46.98 22.73 -31.56
C GLY C 195 48.36 23.23 -31.17
N THR C 196 48.47 24.52 -30.88
CA THR C 196 49.73 25.07 -30.36
C THR C 196 49.97 24.69 -28.88
N GLY C 197 51.16 24.14 -28.60
CA GLY C 197 51.59 23.87 -27.23
C GLY C 197 50.64 23.09 -26.33
N THR C 198 49.84 23.84 -25.57
CA THR C 198 48.93 23.27 -24.57
C THR C 198 47.47 23.71 -24.76
N ARG C 199 47.24 24.58 -25.75
CA ARG C 199 45.92 25.19 -26.01
C ARG C 199 44.81 24.18 -26.29
N ALA C 200 43.67 24.35 -25.61
CA ALA C 200 42.49 23.54 -25.86
C ALA C 200 42.08 23.69 -27.32
N THR C 201 41.72 22.57 -27.96
CA THR C 201 41.58 22.52 -29.42
C THR C 201 40.32 21.77 -29.86
N PHE C 202 39.54 22.37 -30.74
CA PHE C 202 38.44 21.69 -31.40
C PHE C 202 38.91 20.46 -32.21
N ILE C 203 38.43 19.29 -31.85
CA ILE C 203 38.66 18.08 -32.63
C ILE C 203 37.35 17.38 -33.01
N ASN C 204 37.41 16.50 -34.01
CA ASN C 204 36.30 15.66 -34.34
C ASN C 204 36.80 14.23 -34.55
N THR C 205 35.88 13.26 -34.60
CA THR C 205 36.32 11.90 -34.84
C THR C 205 35.43 11.22 -35.87
N PHE C 206 34.22 10.84 -35.45
CA PHE C 206 33.26 10.16 -36.33
C PHE C 206 33.07 10.87 -37.67
N GLN C 207 33.25 10.13 -38.75
CA GLN C 207 33.04 10.64 -40.10
C GLN C 207 32.48 9.58 -41.03
N ARG C 208 32.67 8.31 -40.71
CA ARG C 208 32.52 7.29 -41.72
C ARG C 208 31.37 6.29 -41.56
N GLY C 209 30.17 6.79 -41.24
CA GLY C 209 28.96 5.98 -41.33
C GLY C 209 28.69 5.02 -40.19
N GLU C 210 27.60 4.26 -40.35
CA GLU C 210 27.04 3.42 -39.28
C GLU C 210 27.98 2.41 -38.59
N GLN C 211 29.05 2.00 -39.26
CA GLN C 211 29.93 0.97 -38.73
C GLN C 211 31.29 1.51 -38.32
N GLU C 212 31.39 2.83 -38.21
CA GLU C 212 32.58 3.38 -37.64
C GLU C 212 32.35 3.55 -36.16
N SER C 213 32.71 2.55 -35.38
CA SER C 213 32.65 2.66 -33.91
C SER C 213 33.75 3.61 -33.41
N THR C 214 33.74 3.91 -32.11
CA THR C 214 34.73 4.82 -31.52
C THR C 214 36.16 4.35 -31.74
N TRP C 215 36.30 3.03 -31.84
CA TRP C 215 37.59 2.38 -32.05
C TRP C 215 38.17 2.53 -33.47
N GLU C 216 37.32 2.88 -34.44
CA GLU C 216 37.67 2.81 -35.87
C GLU C 216 37.78 4.20 -36.51
N THR C 217 38.11 5.22 -35.72
CA THR C 217 38.10 6.59 -36.23
C THR C 217 39.52 7.10 -36.44
N ILE C 218 39.63 8.24 -37.12
CA ILE C 218 40.88 8.96 -37.17
C ILE C 218 40.67 10.36 -36.61
N PRO C 219 41.06 10.55 -35.35
CA PRO C 219 40.92 11.86 -34.71
C PRO C 219 41.59 12.90 -35.58
N HIS C 220 40.97 14.06 -35.73
CA HIS C 220 41.52 15.10 -36.59
C HIS C 220 41.12 16.49 -36.08
N PRO C 221 41.86 17.52 -36.49
CA PRO C 221 41.50 18.90 -36.12
C PRO C 221 40.29 19.43 -36.89
N SER C 222 39.47 20.22 -36.18
CA SER C 222 38.27 20.85 -36.73
C SER C 222 38.63 21.98 -37.68
N ILE C 223 39.66 22.72 -37.31
CA ILE C 223 40.23 23.77 -38.12
C ILE C 223 41.35 23.12 -38.94
N GLU C 224 41.05 22.79 -40.21
CA GLU C 224 41.99 22.06 -41.07
C GLU C 224 42.95 23.02 -41.77
N GLU C 225 44.22 22.96 -41.37
CA GLU C 225 45.25 23.85 -41.91
C GLU C 225 46.36 23.06 -42.64
N PHE C 226 46.04 21.82 -43.01
CA PHE C 226 46.99 20.84 -43.52
C PHE C 226 48.31 20.72 -42.74
N LYS C 227 48.38 21.25 -41.52
CA LYS C 227 49.63 21.15 -40.76
C LYS C 227 49.97 19.68 -40.34
N TYR C 228 48.98 18.80 -40.36
CA TYR C 228 49.17 17.40 -39.97
C TYR C 228 48.37 16.49 -40.88
N GLY C 229 48.55 15.18 -40.71
CA GLY C 229 47.89 14.21 -41.57
C GLY C 229 48.72 13.95 -42.82
N GLY C 230 48.07 14.02 -43.98
CA GLY C 230 48.76 13.90 -45.26
C GLY C 230 48.82 15.22 -46.04
N PRO C 231 48.96 15.14 -47.36
CA PRO C 231 49.03 16.33 -48.23
C PRO C 231 47.79 17.22 -48.14
N ASN C 232 46.62 16.63 -47.91
CA ASN C 232 45.39 17.38 -47.74
C ASN C 232 44.86 17.30 -46.29
N GLY C 233 45.78 17.31 -45.32
CA GLY C 233 45.43 17.07 -43.94
C GLY C 233 44.71 15.74 -43.81
N PHE C 234 43.47 15.77 -43.33
CA PHE C 234 42.67 14.56 -43.15
C PHE C 234 41.49 14.53 -44.10
N LEU C 235 41.19 15.66 -44.72
CA LEU C 235 40.01 15.78 -45.57
C LEU C 235 39.78 14.57 -46.45
N ASP C 236 40.81 14.14 -47.18
CA ASP C 236 40.63 13.11 -48.20
C ASP C 236 40.51 11.68 -47.66
N LEU C 237 40.46 11.52 -46.34
CA LEU C 237 40.07 10.25 -45.72
C LEU C 237 38.56 10.11 -45.73
N PHE C 238 37.88 11.26 -45.72
CA PHE C 238 36.46 11.34 -45.45
C PHE C 238 35.62 11.74 -46.67
N THR C 239 35.95 12.86 -47.30
CA THR C 239 35.20 13.27 -48.48
C THR C 239 36.11 13.61 -49.64
N LYS C 240 35.79 13.03 -50.81
CA LYS C 240 36.53 13.30 -52.06
C LYS C 240 35.94 14.49 -52.78
N ASP C 241 36.82 15.45 -53.07
CA ASP C 241 36.45 16.67 -53.79
C ASP C 241 37.30 16.77 -55.06
N ARG C 242 36.86 17.64 -56.00
CA ARG C 242 37.70 18.05 -57.13
C ARG C 242 39.00 18.72 -56.63
N SER C 243 38.87 19.72 -55.73
CA SER C 243 40.02 20.41 -55.12
C SER C 243 39.97 20.28 -53.59
N TYR C 244 41.06 20.62 -52.91
CA TYR C 244 41.12 20.52 -51.45
C TYR C 244 41.68 21.79 -50.86
N ALA C 245 41.00 22.35 -49.84
CA ALA C 245 41.41 23.66 -49.29
C ALA C 245 41.34 23.68 -47.77
N LYS C 246 42.16 24.54 -47.16
CA LYS C 246 42.08 24.77 -45.72
C LYS C 246 40.66 25.25 -45.36
N GLN C 247 40.05 24.57 -44.39
CA GLN C 247 38.67 24.87 -44.00
C GLN C 247 38.41 24.53 -42.54
N TRP C 248 37.28 24.99 -42.04
CA TRP C 248 36.81 24.65 -40.70
C TRP C 248 35.43 23.98 -40.75
N ARG C 249 35.16 23.11 -39.76
CA ARG C 249 33.84 22.48 -39.60
C ARG C 249 33.56 22.09 -38.15
N TYR C 250 32.31 22.27 -37.75
CA TYR C 250 31.83 21.92 -36.41
C TYR C 250 30.59 21.05 -36.45
N THR C 251 30.48 20.19 -35.44
CA THR C 251 29.27 19.39 -35.25
C THR C 251 28.73 19.56 -33.84
N ASN C 252 27.43 19.84 -33.72
CA ASN C 252 26.80 19.79 -32.39
C ASN C 252 26.17 18.43 -32.07
N ALA C 253 25.97 18.20 -30.77
CA ALA C 253 25.17 17.08 -30.27
C ALA C 253 24.03 17.76 -29.55
N PRO C 254 22.86 17.82 -30.19
CA PRO C 254 21.80 18.70 -29.70
C PRO C 254 21.22 18.30 -28.33
N ASP C 255 21.43 17.07 -27.88
CA ASP C 255 20.99 16.75 -26.52
C ASP C 255 21.78 17.54 -25.47
N ALA C 256 23.02 17.89 -25.77
CA ALA C 256 23.76 18.76 -24.88
C ALA C 256 23.09 20.12 -24.71
N GLU C 257 22.77 20.75 -25.83
CA GLU C 257 22.08 22.04 -25.80
C GLU C 257 20.74 21.95 -25.11
N GLY C 258 20.05 20.83 -25.30
CA GLY C 258 18.73 20.61 -24.74
C GLY C 258 18.80 20.60 -23.24
N ARG C 259 19.70 19.77 -22.72
CA ARG C 259 19.95 19.69 -21.30
C ARG C 259 20.37 21.07 -20.70
N ALA C 260 21.26 21.78 -21.38
CA ALA C 260 21.74 23.04 -20.84
C ALA C 260 20.60 24.06 -20.73
N ILE C 261 19.73 24.11 -21.75
CA ILE C 261 18.58 25.02 -21.69
C ILE C 261 17.59 24.59 -20.59
N GLN C 262 17.38 23.28 -20.48
CA GLN C 262 16.51 22.73 -19.48
C GLN C 262 17.06 23.09 -18.10
N ALA C 263 18.37 22.90 -17.89
CA ALA C 263 19.01 23.39 -16.65
C ALA C 263 18.73 24.87 -16.36
N VAL C 264 18.75 25.70 -17.41
CA VAL C 264 18.57 27.14 -17.20
C VAL C 264 17.11 27.49 -16.88
N TYR C 265 16.17 26.69 -17.34
CA TYR C 265 14.78 26.92 -16.94
C TYR C 265 14.65 26.80 -15.42
N TRP C 266 15.28 25.80 -14.83
CA TRP C 266 15.20 25.62 -13.38
C TRP C 266 16.03 26.64 -12.63
N ALA C 267 17.19 26.95 -13.16
CA ALA C 267 18.01 28.01 -12.58
C ALA C 267 17.12 29.25 -12.48
N ASN C 268 16.43 29.59 -13.57
CA ASN C 268 15.56 30.75 -13.58
C ASN C 268 14.34 30.68 -12.63
N LYS C 269 13.68 29.53 -12.59
CA LYS C 269 12.56 29.30 -11.67
C LYS C 269 13.03 29.40 -10.22
N TRP C 270 14.14 28.74 -9.89
CA TRP C 270 14.65 28.72 -8.53
C TRP C 270 15.23 30.04 -8.10
N ALA C 271 16.02 30.68 -8.95
CA ALA C 271 16.54 32.02 -8.62
C ALA C 271 15.42 33.04 -8.33
N LYS C 272 14.35 32.99 -9.12
CA LYS C 272 13.26 33.97 -8.97
C LYS C 272 12.43 33.77 -7.72
N GLU C 273 12.21 32.52 -7.33
CA GLU C 273 11.52 32.19 -6.08
C GLU C 273 12.29 32.77 -4.90
N GLN C 274 13.56 33.07 -5.15
CA GLN C 274 14.43 33.59 -4.10
C GLN C 274 14.65 35.09 -4.22
N GLY C 275 13.94 35.77 -5.11
CA GLY C 275 14.16 37.19 -5.37
C GLY C 275 15.53 37.56 -5.95
N LYS C 276 16.27 36.58 -6.47
CA LYS C 276 17.63 36.78 -6.97
C LYS C 276 17.76 36.57 -8.49
N GLY C 277 16.61 36.43 -9.15
CA GLY C 277 16.52 36.30 -10.60
C GLY C 277 17.51 37.10 -11.43
N SER C 278 17.80 38.32 -11.01
CA SER C 278 18.78 39.17 -11.71
C SER C 278 20.13 38.46 -11.93
N ALA C 279 20.51 37.55 -11.02
CA ALA C 279 21.83 36.87 -11.13
C ALA C 279 21.99 35.84 -12.25
N VAL C 280 20.91 35.40 -12.89
CA VAL C 280 20.96 34.42 -13.99
C VAL C 280 20.32 34.94 -15.28
N ALA C 281 19.79 36.17 -15.21
CA ALA C 281 19.04 36.80 -16.28
C ALA C 281 19.76 36.73 -17.62
N SER C 282 21.04 37.10 -17.64
CA SER C 282 21.79 37.09 -18.88
C SER C 282 22.08 35.67 -19.40
N VAL C 283 22.24 34.71 -18.49
CA VAL C 283 22.31 33.29 -18.89
C VAL C 283 20.99 32.82 -19.52
N VAL C 284 19.86 33.29 -18.99
CA VAL C 284 18.55 32.89 -19.50
C VAL C 284 18.43 33.37 -20.95
N SER C 285 18.83 34.60 -21.15
CA SER C 285 18.84 35.19 -22.46
C SER C 285 19.76 34.47 -23.50
N LYS C 286 20.91 33.97 -23.05
CA LYS C 286 21.81 33.17 -23.90
C LYS C 286 21.29 31.77 -24.22
N ALA C 287 20.67 31.15 -23.23
CA ALA C 287 20.00 29.87 -23.43
C ALA C 287 18.84 30.01 -24.45
N ALA C 288 18.12 31.13 -24.38
CA ALA C 288 17.02 31.38 -25.33
C ALA C 288 17.56 31.42 -26.74
N LYS C 289 18.65 32.16 -26.93
CA LYS C 289 19.36 32.20 -28.22
C LYS C 289 19.77 30.78 -28.68
N MET C 290 20.50 30.06 -27.82
CA MET C 290 20.87 28.66 -28.11
C MET C 290 19.66 27.81 -28.51
N GLY C 291 18.52 28.00 -27.84
CA GLY C 291 17.29 27.29 -28.17
C GLY C 291 16.78 27.56 -29.57
N ASP C 292 16.85 28.83 -29.93
CA ASP C 292 16.49 29.27 -31.28
C ASP C 292 17.36 28.60 -32.35
N PHE C 293 18.68 28.53 -32.10
CA PHE C 293 19.58 27.90 -33.07
C PHE C 293 19.42 26.41 -33.24
N LEU C 294 18.86 25.76 -32.22
CA LEU C 294 18.59 24.34 -32.25
C LEU C 294 17.51 23.97 -33.26
N ARG C 295 16.83 24.99 -33.84
CA ARG C 295 15.88 24.72 -34.93
C ARG C 295 16.62 24.10 -36.10
N ASN C 296 17.92 24.38 -36.18
CA ASN C 296 18.80 23.75 -37.18
C ASN C 296 18.79 22.24 -37.14
N ASP C 297 18.66 21.67 -35.96
CA ASP C 297 18.62 20.21 -35.81
C ASP C 297 17.30 19.58 -36.25
N MET C 298 16.33 20.40 -36.67
CA MET C 298 15.01 19.90 -37.05
C MET C 298 14.86 19.54 -38.54
N PHE C 299 15.96 19.59 -39.28
CA PHE C 299 15.92 19.40 -40.75
C PHE C 299 16.64 18.19 -41.30
N ASP C 300 16.06 17.60 -42.33
CA ASP C 300 16.74 16.60 -43.14
C ASP C 300 18.18 17.04 -43.51
N LYS C 301 19.11 16.07 -43.63
CA LYS C 301 20.51 16.38 -43.95
C LYS C 301 20.69 17.41 -45.10
N TYR C 302 20.05 17.14 -46.24
CA TYR C 302 20.23 17.97 -47.43
C TYR C 302 18.99 18.74 -47.80
N PHE C 303 18.08 18.87 -46.84
CA PHE C 303 16.82 19.60 -47.01
C PHE C 303 15.97 18.96 -48.09
N MET C 304 16.03 17.63 -48.15
CA MET C 304 15.08 16.87 -48.95
C MET C 304 13.71 16.81 -48.25
N LYS C 305 12.64 16.63 -49.03
CA LYS C 305 11.31 16.48 -48.42
C LYS C 305 11.26 15.31 -47.43
N ILE C 306 10.52 15.48 -46.34
CA ILE C 306 10.26 14.39 -45.41
C ILE C 306 9.34 13.36 -46.08
N GLY C 307 9.75 12.10 -46.09
CA GLY C 307 8.92 11.03 -46.61
C GLY C 307 9.01 10.84 -48.12
N ALA C 308 9.89 11.60 -48.76
CA ALA C 308 10.14 11.52 -50.21
C ALA C 308 10.53 10.11 -50.66
N GLN C 309 11.25 9.40 -49.78
CA GLN C 309 11.92 8.15 -50.14
C GLN C 309 12.73 8.33 -51.41
N ASP C 310 13.23 9.55 -51.58
CA ASP C 310 13.92 9.93 -52.79
C ASP C 310 14.72 11.21 -52.56
N LYS C 311 15.45 11.62 -53.59
CA LYS C 311 16.23 12.84 -53.51
C LYS C 311 15.47 14.07 -54.00
N THR C 312 14.20 14.15 -53.61
CA THR C 312 13.35 15.30 -53.89
C THR C 312 13.72 16.44 -52.94
N PRO C 313 14.22 17.55 -53.50
CA PRO C 313 14.54 18.74 -52.69
C PRO C 313 13.27 19.43 -52.25
N ALA C 314 13.28 20.02 -51.05
CA ALA C 314 12.10 20.70 -50.53
C ALA C 314 12.30 22.21 -50.55
N THR C 315 11.19 22.94 -50.44
CA THR C 315 11.26 24.41 -50.37
C THR C 315 10.86 25.05 -49.02
N GLY C 316 9.77 24.61 -48.43
CA GLY C 316 9.33 25.37 -47.26
C GLY C 316 9.84 24.71 -46.00
N TYR C 317 8.88 24.28 -45.19
CA TYR C 317 9.18 23.47 -44.02
C TYR C 317 8.95 21.99 -44.37
N ASP C 318 8.80 21.72 -45.67
CA ASP C 318 8.69 20.35 -46.21
C ASP C 318 9.88 19.46 -45.87
N SER C 319 11.00 20.05 -45.47
CA SER C 319 12.13 19.25 -45.04
C SER C 319 12.31 19.14 -43.50
N ALA C 320 11.37 19.68 -42.74
CA ALA C 320 11.42 19.60 -41.28
C ALA C 320 10.73 18.32 -40.77
N HIS C 321 11.50 17.47 -40.08
CA HIS C 321 10.92 16.40 -39.27
C HIS C 321 10.55 16.98 -37.90
N TYR C 322 11.13 18.13 -37.57
CA TYR C 322 10.80 18.83 -36.33
C TYR C 322 11.25 18.04 -35.07
N LEU C 323 12.11 17.04 -35.26
CA LEU C 323 12.78 16.36 -34.16
C LEU C 323 14.18 16.95 -33.93
N MET C 324 14.79 16.63 -32.78
CA MET C 324 16.24 16.81 -32.64
C MET C 324 16.91 15.64 -33.34
N ALA C 325 17.53 15.91 -34.49
CA ALA C 325 18.24 14.89 -35.25
C ALA C 325 19.59 14.60 -34.60
N TRP C 326 20.38 13.67 -35.15
CA TRP C 326 21.68 13.31 -34.56
C TRP C 326 22.67 14.48 -34.45
N TYR C 327 22.57 15.45 -35.35
CA TYR C 327 23.50 16.58 -35.36
C TYR C 327 23.10 17.67 -36.36
N THR C 328 23.68 18.86 -36.18
CA THR C 328 23.87 19.84 -37.27
C THR C 328 25.34 20.10 -37.36
N ALA C 329 25.82 20.14 -38.60
CA ALA C 329 27.21 20.49 -38.90
C ALA C 329 27.24 21.66 -39.85
N TRP C 330 28.27 22.47 -39.73
CA TRP C 330 28.38 23.65 -40.56
C TRP C 330 29.87 23.94 -40.71
N GLY C 331 30.26 24.44 -41.88
CA GLY C 331 31.65 24.74 -42.14
C GLY C 331 31.94 25.82 -43.16
N GLY C 332 33.23 26.12 -43.31
CA GLY C 332 33.67 27.13 -44.24
C GLY C 332 35.17 27.12 -44.47
N GLY C 333 35.60 27.81 -45.53
CA GLY C 333 37.02 27.89 -45.88
C GLY C 333 37.80 28.83 -45.00
N ILE C 334 39.06 28.48 -44.72
CA ILE C 334 39.97 29.42 -44.06
C ILE C 334 40.47 30.43 -45.10
N GLY C 335 40.77 29.96 -46.31
CA GLY C 335 41.24 30.78 -47.43
C GLY C 335 40.30 31.89 -47.90
N ALA C 336 39.53 31.63 -48.96
CA ALA C 336 38.49 32.57 -49.39
C ALA C 336 37.18 32.33 -48.62
N SER C 337 36.08 32.95 -49.06
CA SER C 337 34.83 32.91 -48.33
C SER C 337 33.75 32.02 -48.98
N TRP C 338 33.49 30.90 -48.30
CA TRP C 338 32.34 30.04 -48.58
C TRP C 338 31.89 29.28 -47.31
N ALA C 339 30.61 28.91 -47.26
CA ALA C 339 30.07 28.23 -46.10
C ALA C 339 29.01 27.25 -46.48
N TRP C 340 28.93 26.18 -45.70
CA TRP C 340 27.88 25.18 -45.85
C TRP C 340 27.29 24.84 -44.47
N LYS C 341 26.08 24.26 -44.47
CA LYS C 341 25.40 23.79 -43.27
C LYS C 341 24.63 22.53 -43.63
N ILE C 342 24.64 21.51 -42.78
CA ILE C 342 23.75 20.37 -42.94
C ILE C 342 22.90 20.06 -41.70
N GLY C 343 21.69 19.55 -41.94
CA GLY C 343 20.88 18.99 -40.88
C GLY C 343 21.31 17.55 -40.65
N CYS C 344 20.35 16.68 -40.35
CA CYS C 344 20.56 15.24 -40.30
C CYS C 344 19.23 14.58 -40.50
N SER C 345 19.24 13.44 -41.15
CA SER C 345 18.00 12.78 -41.55
C SER C 345 17.54 11.77 -40.53
N HIS C 346 18.39 11.49 -39.55
CA HIS C 346 18.19 10.40 -38.61
C HIS C 346 17.89 10.95 -37.24
N ALA C 347 16.88 10.40 -36.58
CA ALA C 347 16.53 10.84 -35.24
C ALA C 347 16.42 9.68 -34.23
N HIS C 348 17.00 9.91 -33.05
CA HIS C 348 17.01 8.96 -31.96
C HIS C 348 16.14 9.57 -30.89
N PHE C 349 15.26 8.76 -30.30
CA PHE C 349 14.43 9.20 -29.18
C PHE C 349 15.29 9.72 -28.00
N GLY C 350 16.48 9.14 -27.86
CA GLY C 350 17.39 9.47 -26.78
C GLY C 350 17.88 10.90 -26.83
N TYR C 351 17.68 11.54 -27.98
CA TYR C 351 18.13 12.90 -28.22
C TYR C 351 17.01 13.90 -28.10
N GLN C 352 15.77 13.44 -27.94
CA GLN C 352 14.66 14.38 -27.84
C GLN C 352 14.67 15.10 -26.50
N ASN C 353 14.17 16.34 -26.50
CA ASN C 353 13.92 17.06 -25.26
C ASN C 353 12.71 17.96 -25.34
N PRO C 354 11.54 17.35 -25.14
CA PRO C 354 10.27 18.07 -25.22
C PRO C 354 10.17 19.07 -24.10
N PHE C 355 10.83 18.81 -22.97
CA PHE C 355 10.78 19.82 -21.92
C PHE C 355 11.43 21.11 -22.42
N GLN C 356 12.67 21.03 -22.87
CA GLN C 356 13.32 22.21 -23.48
C GLN C 356 12.49 22.79 -24.63
N GLY C 357 11.88 21.91 -25.41
CA GLY C 357 11.03 22.32 -26.51
C GLY C 357 9.90 23.18 -26.00
N TRP C 358 9.24 22.71 -24.94
CA TRP C 358 8.12 23.41 -24.33
C TRP C 358 8.54 24.75 -23.74
N VAL C 359 9.71 24.79 -23.08
CA VAL C 359 10.29 26.02 -22.58
C VAL C 359 10.40 27.08 -23.69
N SER C 360 11.10 26.75 -24.77
CA SER C 360 11.28 27.70 -25.88
C SER C 360 9.95 28.13 -26.47
N ALA C 361 9.02 27.19 -26.62
CA ALA C 361 7.73 27.48 -27.24
C ALA C 361 6.81 28.36 -26.37
N THR C 362 6.86 28.23 -25.03
CA THR C 362 5.81 28.84 -24.19
C THR C 362 6.28 29.81 -23.11
N GLN C 363 7.53 29.68 -22.68
CA GLN C 363 7.99 30.47 -21.53
C GLN C 363 8.49 31.85 -21.94
N SER C 364 7.87 32.88 -21.37
CA SER C 364 8.21 34.29 -21.62
C SER C 364 9.70 34.65 -21.67
N ASP C 365 10.52 34.14 -20.75
CA ASP C 365 11.93 34.57 -20.65
C ASP C 365 12.81 33.87 -21.67
N PHE C 366 12.31 32.76 -22.19
CA PHE C 366 13.03 31.98 -23.17
C PHE C 366 12.44 32.21 -24.55
N ALA C 367 11.55 33.19 -24.70
CA ALA C 367 11.00 33.50 -26.03
C ALA C 367 12.14 33.80 -27.00
N PRO C 368 12.18 33.05 -28.09
CA PRO C 368 13.17 33.29 -29.16
C PRO C 368 13.06 34.73 -29.64
N LYS C 369 14.21 35.39 -29.79
CA LYS C 369 14.29 36.74 -30.36
C LYS C 369 13.85 36.77 -31.85
N SER C 370 14.03 35.64 -32.55
CA SER C 370 13.63 35.52 -33.93
C SER C 370 12.10 35.56 -34.10
N SER C 371 11.68 35.72 -35.35
CA SER C 371 10.29 36.02 -35.66
C SER C 371 9.43 34.74 -35.68
N ASN C 372 10.01 33.63 -36.12
CA ASN C 372 9.31 32.34 -36.23
C ASN C 372 9.70 31.23 -35.19
N GLY C 373 10.70 31.47 -34.36
CA GLY C 373 11.14 30.50 -33.39
C GLY C 373 10.04 29.98 -32.49
N LYS C 374 9.26 30.89 -31.90
CA LYS C 374 8.17 30.47 -31.04
C LYS C 374 7.30 29.48 -31.78
N ARG C 375 6.94 29.81 -33.01
CA ARG C 375 6.06 28.97 -33.80
C ARG C 375 6.69 27.61 -34.10
N ASP C 376 7.93 27.58 -34.57
CA ASP C 376 8.60 26.31 -34.87
C ASP C 376 8.75 25.40 -33.61
N TRP C 377 9.08 25.99 -32.48
CA TRP C 377 9.19 25.25 -31.24
C TRP C 377 7.88 24.68 -30.72
N THR C 378 6.79 25.43 -30.90
CA THR C 378 5.46 24.94 -30.63
C THR C 378 5.11 23.68 -31.42
N THR C 379 5.42 23.68 -32.71
CA THR C 379 5.23 22.47 -33.51
C THR C 379 6.16 21.37 -33.03
N SER C 380 7.40 21.73 -32.75
CA SER C 380 8.43 20.72 -32.49
C SER C 380 8.19 19.91 -31.20
N TYR C 381 7.96 20.60 -30.09
CA TYR C 381 7.81 19.90 -28.85
C TYR C 381 6.61 18.96 -28.87
N LYS C 382 5.55 19.34 -29.58
CA LYS C 382 4.40 18.46 -29.74
C LYS C 382 4.75 17.25 -30.60
N ARG C 383 5.54 17.46 -31.66
CA ARG C 383 5.95 16.37 -32.53
C ARG C 383 6.83 15.41 -31.75
N GLN C 384 7.72 15.96 -30.94
CA GLN C 384 8.59 15.12 -30.15
C GLN C 384 7.76 14.20 -29.25
N LEU C 385 6.73 14.74 -28.61
CA LEU C 385 5.87 13.96 -27.71
C LEU C 385 5.22 12.84 -28.44
N GLU C 386 4.81 13.06 -29.69
CA GLU C 386 4.19 11.96 -30.46
C GLU C 386 5.22 10.88 -30.79
N PHE C 387 6.44 11.32 -31.02
CA PHE C 387 7.56 10.45 -31.35
C PHE C 387 7.80 9.43 -30.25
N TYR C 388 7.87 9.87 -28.98
CA TYR C 388 8.03 8.93 -27.87
C TYR C 388 6.89 7.91 -27.86
N GLN C 389 5.67 8.37 -28.14
CA GLN C 389 4.47 7.53 -28.06
C GLN C 389 4.48 6.50 -29.18
N TRP C 390 4.93 6.90 -30.36
CA TRP C 390 4.96 6.02 -31.50
C TRP C 390 5.95 4.92 -31.23
N LEU C 391 7.06 5.30 -30.58
CA LEU C 391 8.15 4.37 -30.32
C LEU C 391 7.99 3.40 -29.12
N GLN C 392 6.91 3.56 -28.34
CA GLN C 392 6.79 2.78 -27.11
C GLN C 392 6.50 1.33 -27.37
N SER C 393 7.43 0.47 -26.97
CA SER C 393 7.28 -0.96 -27.15
C SER C 393 6.08 -1.51 -26.39
N ALA C 394 5.73 -2.75 -26.66
CA ALA C 394 4.62 -3.40 -25.94
C ALA C 394 4.83 -3.41 -24.41
N GLU C 395 6.09 -3.52 -23.99
CA GLU C 395 6.51 -3.63 -22.59
C GLU C 395 6.62 -2.25 -21.92
N GLY C 396 7.17 -1.27 -22.64
CA GLY C 396 7.19 0.12 -22.16
C GLY C 396 8.43 0.91 -22.51
N GLY C 397 9.50 0.25 -22.90
CA GLY C 397 10.72 0.95 -23.25
C GLY C 397 10.56 1.66 -24.57
N ILE C 398 11.28 2.76 -24.75
CA ILE C 398 11.16 3.50 -26.01
C ILE C 398 12.17 2.98 -27.03
N ALA C 399 11.68 2.61 -28.21
CA ALA C 399 12.52 2.13 -29.30
C ALA C 399 13.33 3.25 -29.94
N GLY C 400 14.16 2.89 -30.93
CA GLY C 400 15.24 3.74 -31.41
C GLY C 400 14.89 5.08 -32.03
N GLY C 401 14.19 5.06 -33.15
CA GLY C 401 13.81 6.28 -33.82
C GLY C 401 13.55 6.06 -35.29
N ALA C 402 13.98 7.01 -36.09
CA ALA C 402 13.53 7.08 -37.48
C ALA C 402 14.49 7.82 -38.37
N THR C 403 14.41 7.50 -39.66
CA THR C 403 15.19 8.22 -40.67
C THR C 403 14.33 8.65 -41.81
N ASN C 404 14.77 9.73 -42.46
CA ASN C 404 14.19 10.17 -43.72
C ASN C 404 15.07 9.78 -44.89
N SER C 405 16.21 9.15 -44.58
CA SER C 405 17.19 8.83 -45.61
C SER C 405 17.67 7.40 -45.45
N TRP C 406 16.87 6.45 -45.92
CA TRP C 406 17.21 5.05 -45.81
C TRP C 406 18.65 4.77 -46.33
N ASN C 407 19.44 4.07 -45.51
CA ASN C 407 20.82 3.72 -45.78
C ASN C 407 21.67 4.94 -46.07
N GLY C 408 21.14 6.10 -45.71
CA GLY C 408 21.88 7.35 -45.80
C GLY C 408 21.97 7.86 -47.23
N ARG C 409 21.12 7.33 -48.09
CA ARG C 409 21.19 7.59 -49.51
C ARG C 409 19.80 7.83 -50.11
N TYR C 410 18.87 8.22 -49.25
CA TYR C 410 17.49 8.49 -49.65
C TYR C 410 16.92 7.33 -50.46
N GLU C 411 17.34 6.13 -50.08
CA GLU C 411 16.83 4.89 -50.67
C GLU C 411 15.37 4.68 -50.31
N LYS C 412 14.72 3.82 -51.10
CA LYS C 412 13.31 3.50 -50.92
C LYS C 412 13.12 2.58 -49.70
N TYR C 413 12.05 2.78 -48.93
CA TYR C 413 11.84 2.01 -47.72
C TYR C 413 11.46 0.61 -48.14
N PRO C 414 12.10 -0.38 -47.48
CA PRO C 414 11.68 -1.79 -47.58
C PRO C 414 10.19 -1.97 -47.39
N ALA C 415 9.64 -2.98 -48.06
CA ALA C 415 8.23 -3.35 -47.88
C ALA C 415 7.93 -3.60 -46.41
N GLY C 416 6.73 -3.22 -45.96
CA GLY C 416 6.33 -3.43 -44.58
C GLY C 416 6.92 -2.37 -43.65
N THR C 417 7.71 -1.43 -44.18
CA THR C 417 8.36 -0.49 -43.27
C THR C 417 7.36 0.42 -42.61
N SER C 418 7.47 0.50 -41.30
CA SER C 418 6.56 1.34 -40.54
C SER C 418 7.09 2.78 -40.48
N THR C 419 6.19 3.77 -40.46
CA THR C 419 6.59 5.17 -40.63
C THR C 419 5.98 6.17 -39.63
N PHE C 420 6.64 7.31 -39.52
CA PHE C 420 6.21 8.33 -38.60
C PHE C 420 6.31 9.66 -39.34
N TYR C 421 5.16 10.23 -39.70
CA TYR C 421 5.14 11.39 -40.59
C TYR C 421 6.06 11.17 -41.80
N GLY C 422 5.99 9.97 -42.38
CA GLY C 422 6.79 9.66 -43.57
C GLY C 422 8.22 9.17 -43.35
N MET C 423 8.75 9.37 -42.15
CA MET C 423 10.06 8.84 -41.78
C MET C 423 9.99 7.36 -41.43
N ALA C 424 11.05 6.63 -41.77
CA ALA C 424 11.10 5.18 -41.62
C ALA C 424 11.61 4.75 -40.24
N TYR C 425 10.92 3.80 -39.63
CA TYR C 425 11.35 3.30 -38.33
C TYR C 425 12.73 2.70 -38.45
N VAL C 426 13.63 3.08 -37.55
CA VAL C 426 14.88 2.34 -37.40
C VAL C 426 15.23 2.01 -35.94
N PRO C 427 15.60 0.76 -35.68
CA PRO C 427 15.87 0.30 -34.31
C PRO C 427 17.13 0.92 -33.74
N HIS C 428 18.13 1.17 -34.58
CA HIS C 428 19.38 1.74 -34.11
C HIS C 428 19.81 2.92 -34.98
N PRO C 429 19.18 4.07 -34.78
CA PRO C 429 19.50 5.24 -35.57
C PRO C 429 20.98 5.49 -35.54
N VAL C 430 21.56 5.62 -36.73
CA VAL C 430 22.89 6.13 -36.93
C VAL C 430 24.03 5.13 -36.72
N TYR C 431 23.99 4.31 -35.66
CA TYR C 431 25.11 3.41 -35.35
C TYR C 431 24.75 1.96 -35.14
N ALA C 432 25.59 1.07 -35.67
CA ALA C 432 25.33 -0.36 -35.67
C ALA C 432 26.27 -1.17 -34.76
N ASP C 433 27.38 -0.57 -34.34
CA ASP C 433 28.36 -1.26 -33.51
C ASP C 433 28.87 -0.43 -32.31
N PRO C 434 28.26 -0.62 -31.14
CA PRO C 434 27.06 -1.46 -31.00
C PRO C 434 25.89 -0.61 -31.45
N GLY C 435 24.71 -1.22 -31.60
CA GLY C 435 23.53 -0.46 -31.95
C GLY C 435 23.26 0.69 -30.98
N SER C 436 22.92 1.86 -31.52
CA SER C 436 22.72 3.08 -30.76
C SER C 436 21.58 3.01 -29.74
N ASN C 437 20.70 2.02 -29.87
CA ASN C 437 19.65 1.86 -28.86
C ASN C 437 19.77 0.61 -27.98
N GLN C 438 20.99 0.09 -27.91
CA GLN C 438 21.30 -1.02 -27.00
C GLN C 438 21.42 -0.49 -25.59
N TRP C 439 22.01 0.69 -25.45
CA TRP C 439 22.32 1.22 -24.14
C TRP C 439 21.04 1.67 -23.42
N PHE C 440 20.73 1.03 -22.29
CA PHE C 440 19.63 1.47 -21.45
C PHE C 440 19.65 2.96 -21.06
N GLY C 441 20.84 3.57 -21.00
CA GLY C 441 20.99 4.94 -20.53
C GLY C 441 20.05 5.95 -21.15
N PHE C 442 19.76 5.78 -22.44
CA PHE C 442 18.88 6.73 -23.11
C PHE C 442 17.47 6.71 -22.55
N GLN C 443 17.03 5.55 -22.06
CA GLN C 443 15.70 5.44 -21.47
C GLN C 443 15.59 6.50 -20.36
N ALA C 444 16.56 6.50 -19.44
CA ALA C 444 16.62 7.42 -18.34
C ALA C 444 16.81 8.89 -18.75
N TRP C 445 17.88 9.17 -19.48
CA TRP C 445 18.18 10.56 -19.87
C TRP C 445 16.98 11.23 -20.52
N SER C 446 16.28 10.48 -21.37
CA SER C 446 15.26 11.02 -22.23
C SER C 446 13.86 11.04 -21.62
N MET C 447 13.44 9.95 -20.96
CA MET C 447 12.18 10.00 -20.23
C MET C 447 12.21 10.98 -19.05
N GLN C 448 13.40 11.18 -18.46
CA GLN C 448 13.54 12.20 -17.44
C GLN C 448 13.01 13.54 -17.94
N ARG C 449 13.20 13.83 -19.23
CA ARG C 449 12.78 15.14 -19.75
C ARG C 449 11.26 15.19 -19.89
N VAL C 450 10.69 14.09 -20.35
CA VAL C 450 9.25 13.92 -20.40
C VAL C 450 8.65 14.11 -19.00
N MET C 451 9.29 13.58 -17.96
CA MET C 451 8.75 13.70 -16.60
C MET C 451 8.68 15.16 -16.20
N GLU C 452 9.74 15.90 -16.49
CA GLU C 452 9.76 17.33 -16.14
C GLU C 452 8.68 18.05 -16.91
N TYR C 453 8.49 17.64 -18.17
CA TYR C 453 7.44 18.21 -18.98
C TYR C 453 6.06 17.95 -18.40
N TYR C 454 5.82 16.74 -17.92
CA TYR C 454 4.57 16.46 -17.25
C TYR C 454 4.47 17.25 -15.93
N LEU C 455 5.56 17.33 -15.18
CA LEU C 455 5.55 18.07 -13.92
C LEU C 455 4.99 19.48 -14.12
N GLU C 456 5.58 20.20 -15.09
CA GLU C 456 5.32 21.60 -15.29
C GLU C 456 4.08 21.91 -16.15
N THR C 457 3.49 20.93 -16.84
CA THR C 457 2.31 21.20 -17.67
C THR C 457 1.05 20.49 -17.22
N GLY C 458 1.21 19.31 -16.63
CA GLY C 458 0.09 18.44 -16.35
C GLY C 458 -0.61 17.95 -17.63
N ASP C 459 0.12 17.91 -18.75
CA ASP C 459 -0.41 17.42 -20.03
C ASP C 459 -0.88 15.94 -19.96
N SER C 460 -2.19 15.78 -19.94
CA SER C 460 -2.88 14.49 -19.98
C SER C 460 -2.48 13.51 -21.07
N SER C 461 -2.19 14.02 -22.26
CA SER C 461 -1.96 13.17 -23.40
C SER C 461 -0.67 12.40 -23.21
N VAL C 462 0.07 12.72 -22.17
CA VAL C 462 1.37 12.09 -21.99
C VAL C 462 1.35 11.07 -20.82
N LYS C 463 0.23 11.04 -20.11
CA LYS C 463 0.09 10.27 -18.89
C LYS C 463 0.20 8.74 -19.09
N ASN C 464 -0.39 8.22 -20.14
CA ASN C 464 -0.26 6.78 -20.42
C ASN C 464 1.18 6.40 -20.83
N LEU C 465 1.78 7.19 -21.71
CA LEU C 465 3.17 6.99 -22.09
C LEU C 465 4.02 6.86 -20.82
N ILE C 466 3.93 7.88 -19.96
CA ILE C 466 4.68 7.87 -18.70
C ILE C 466 4.37 6.68 -17.79
N LYS C 467 3.11 6.39 -17.52
CA LYS C 467 2.79 5.30 -16.58
C LYS C 467 3.31 3.99 -17.08
N LYS C 468 3.17 3.76 -18.39
CA LYS C 468 3.64 2.51 -18.97
C LYS C 468 5.16 2.38 -18.83
N TRP C 469 5.90 3.44 -19.09
CA TRP C 469 7.34 3.42 -18.96
C TRP C 469 7.78 3.23 -17.50
N VAL C 470 7.06 3.83 -16.56
CA VAL C 470 7.41 3.70 -15.14
C VAL C 470 7.21 2.24 -14.73
N ASP C 471 6.06 1.66 -15.08
CA ASP C 471 5.81 0.23 -14.81
C ASP C 471 6.96 -0.65 -15.32
N TRP C 472 7.37 -0.41 -16.56
CA TRP C 472 8.40 -1.24 -17.18
C TRP C 472 9.73 -1.19 -16.41
N VAL C 473 10.22 0.03 -16.22
CA VAL C 473 11.42 0.33 -15.47
C VAL C 473 11.33 -0.17 -14.00
N MET C 474 10.19 0.02 -13.34
CA MET C 474 10.02 -0.49 -11.98
C MET C 474 10.15 -2.02 -11.88
N SER C 475 9.78 -2.74 -12.96
CA SER C 475 9.93 -4.20 -13.02
C SER C 475 11.33 -4.62 -13.43
N GLU C 476 12.22 -3.67 -13.71
CA GLU C 476 13.56 -4.02 -14.16
C GLU C 476 14.68 -3.54 -13.21
N ILE C 477 14.31 -2.82 -12.18
CA ILE C 477 15.29 -2.43 -11.17
C ILE C 477 15.38 -3.53 -10.14
N LYS C 478 16.60 -3.98 -9.86
CA LYS C 478 16.79 -5.07 -8.92
C LYS C 478 17.42 -4.56 -7.64
N LEU C 479 16.70 -4.74 -6.54
CA LEU C 479 17.20 -4.37 -5.23
C LEU C 479 17.54 -5.63 -4.46
N TYR C 480 18.65 -5.59 -3.72
CA TYR C 480 19.03 -6.77 -2.92
C TYR C 480 19.15 -6.48 -1.41
N ASP C 481 18.94 -7.52 -0.60
CA ASP C 481 18.92 -7.40 0.86
C ASP C 481 20.24 -6.86 1.44
N ASP C 482 21.36 -7.16 0.78
CA ASP C 482 22.65 -6.66 1.22
C ASP C 482 22.88 -5.18 0.87
N GLY C 483 21.85 -4.51 0.35
CA GLY C 483 21.93 -3.11 0.00
C GLY C 483 22.53 -2.79 -1.36
N THR C 484 22.84 -3.79 -2.17
CA THR C 484 23.22 -3.55 -3.55
C THR C 484 21.98 -3.45 -4.43
N PHE C 485 22.22 -3.11 -5.70
CA PHE C 485 21.19 -2.94 -6.71
C PHE C 485 21.76 -3.32 -8.06
N ALA C 486 20.89 -3.58 -9.04
CA ALA C 486 21.29 -3.77 -10.41
C ALA C 486 20.28 -3.05 -11.27
N ILE C 487 20.73 -2.44 -12.35
CA ILE C 487 19.80 -1.89 -13.30
C ILE C 487 20.11 -2.34 -14.73
N PRO C 488 19.13 -2.27 -15.62
CA PRO C 488 19.35 -2.71 -17.01
C PRO C 488 20.53 -1.96 -17.61
N SER C 489 21.34 -2.70 -18.36
CA SER C 489 22.53 -2.14 -18.96
C SER C 489 22.35 -2.21 -20.46
N ASP C 490 21.97 -3.39 -20.94
CA ASP C 490 21.91 -3.69 -22.37
C ASP C 490 20.49 -4.11 -22.78
N LEU C 491 20.04 -3.57 -23.90
CA LEU C 491 18.70 -3.82 -24.41
C LEU C 491 18.75 -4.49 -25.78
N GLU C 492 17.74 -5.31 -26.05
CA GLU C 492 17.58 -6.03 -27.33
C GLU C 492 16.16 -5.82 -27.88
N TRP C 493 16.07 -5.33 -29.11
CA TRP C 493 14.79 -4.94 -29.72
C TRP C 493 14.40 -5.86 -30.87
N SER C 494 13.10 -6.11 -31.02
CA SER C 494 12.58 -6.78 -32.21
C SER C 494 11.22 -6.24 -32.62
N GLY C 495 10.92 -6.39 -33.93
CA GLY C 495 9.67 -5.94 -34.52
C GLY C 495 9.66 -4.45 -34.81
N GLN C 496 8.46 -3.91 -34.94
CA GLN C 496 8.27 -2.54 -35.39
C GLN C 496 7.03 -1.96 -34.72
N PRO C 497 7.01 -0.65 -34.51
CA PRO C 497 5.77 0.02 -34.13
C PRO C 497 4.79 -0.02 -35.31
N ASP C 498 3.49 0.08 -35.06
CA ASP C 498 2.55 0.31 -36.14
C ASP C 498 2.79 1.73 -36.66
N THR C 499 2.59 1.92 -37.95
CA THR C 499 2.70 3.24 -38.59
C THR C 499 1.89 4.25 -37.78
N TRP C 500 2.48 5.42 -37.51
CA TRP C 500 1.79 6.42 -36.70
C TRP C 500 0.58 7.02 -37.41
N THR C 501 -0.49 7.17 -36.64
CA THR C 501 -1.78 7.67 -37.12
C THR C 501 -2.30 8.78 -36.21
N GLY C 502 -1.50 9.16 -35.21
CA GLY C 502 -1.91 10.16 -34.23
C GLY C 502 -2.29 9.58 -32.86
N THR C 503 -2.47 8.27 -32.81
CA THR C 503 -3.01 7.55 -31.66
C THR C 503 -2.14 6.31 -31.38
N TYR C 504 -1.73 6.15 -30.12
CA TYR C 504 -0.98 4.99 -29.70
C TYR C 504 -1.79 3.70 -29.90
N THR C 505 -1.21 2.68 -30.54
CA THR C 505 -1.91 1.40 -30.72
C THR C 505 -1.58 0.41 -29.63
N GLY C 506 -0.49 0.66 -28.90
CA GLY C 506 0.01 -0.32 -27.94
C GLY C 506 1.18 -1.11 -28.49
N ASN C 507 1.55 -0.85 -29.74
CA ASN C 507 2.61 -1.54 -30.48
C ASN C 507 2.84 -3.01 -30.10
N PRO C 508 1.82 -3.88 -30.20
CA PRO C 508 1.92 -5.26 -29.68
C PRO C 508 3.02 -6.08 -30.36
N ASN C 509 3.54 -5.64 -31.51
CA ASN C 509 4.64 -6.36 -32.15
C ASN C 509 6.05 -5.77 -31.95
N LEU C 510 6.14 -4.74 -31.11
CA LEU C 510 7.42 -4.11 -30.85
C LEU C 510 7.86 -4.53 -29.47
N HIS C 511 8.94 -5.28 -29.39
CA HIS C 511 9.35 -5.87 -28.12
C HIS C 511 10.73 -5.43 -27.69
N VAL C 512 10.93 -5.33 -26.38
CA VAL C 512 12.23 -5.06 -25.81
C VAL C 512 12.49 -6.07 -24.71
N ARG C 513 13.75 -6.47 -24.57
CA ARG C 513 14.19 -7.47 -23.62
C ARG C 513 15.47 -6.89 -22.99
N VAL C 514 15.63 -6.98 -21.65
CA VAL C 514 16.92 -6.63 -21.04
C VAL C 514 17.87 -7.84 -21.11
N THR C 515 19.09 -7.67 -21.63
CA THR C 515 20.00 -8.83 -21.78
C THR C 515 21.15 -8.88 -20.79
N SER C 516 21.49 -7.73 -20.22
CA SER C 516 22.46 -7.68 -19.13
C SER C 516 22.17 -6.52 -18.18
N TYR C 517 22.73 -6.62 -16.98
CA TYR C 517 22.46 -5.68 -15.92
C TYR C 517 23.75 -5.25 -15.31
N GLY C 518 23.72 -4.14 -14.59
CA GLY C 518 24.91 -3.58 -14.02
C GLY C 518 24.59 -2.52 -12.99
N THR C 519 25.52 -1.59 -12.89
CA THR C 519 25.62 -0.83 -11.68
C THR C 519 26.08 0.60 -12.02
N ASP C 520 25.86 0.94 -13.28
CA ASP C 520 26.21 2.23 -13.84
C ASP C 520 25.65 3.39 -12.98
N LEU C 521 26.55 4.21 -12.45
CA LEU C 521 26.17 5.24 -11.48
C LEU C 521 25.44 6.45 -12.06
N GLY C 522 25.85 6.90 -13.24
CA GLY C 522 25.15 7.97 -13.91
C GLY C 522 23.76 7.55 -14.36
N VAL C 523 23.66 6.35 -14.92
CA VAL C 523 22.35 5.84 -15.29
C VAL C 523 21.47 5.70 -14.05
N ALA C 524 22.01 5.26 -12.93
CA ALA C 524 21.18 5.14 -11.73
C ALA C 524 20.74 6.53 -11.23
N GLY C 525 21.64 7.50 -11.25
CA GLY C 525 21.31 8.86 -10.84
C GLY C 525 20.20 9.41 -11.73
N SER C 526 20.40 9.28 -13.03
CA SER C 526 19.44 9.69 -14.04
C SER C 526 18.06 9.01 -13.83
N LEU C 527 18.06 7.71 -13.56
CA LEU C 527 16.80 6.97 -13.41
C LEU C 527 16.07 7.36 -12.11
N ALA C 528 16.83 7.50 -11.03
CA ALA C 528 16.29 8.08 -9.80
C ALA C 528 15.69 9.45 -10.02
N ASN C 529 16.38 10.31 -10.77
CA ASN C 529 15.85 11.63 -11.11
C ASN C 529 14.46 11.51 -11.80
N ALA C 530 14.38 10.68 -12.85
CA ALA C 530 13.12 10.46 -13.57
C ALA C 530 12.01 10.00 -12.61
N LEU C 531 12.29 9.04 -11.76
CA LEU C 531 11.25 8.57 -10.86
C LEU C 531 10.83 9.62 -9.82
N ALA C 532 11.80 10.34 -9.25
CA ALA C 532 11.46 11.35 -8.26
C ALA C 532 10.63 12.43 -8.93
N THR C 533 11.03 12.82 -10.14
CA THR C 533 10.33 13.87 -10.88
C THR C 533 8.91 13.40 -11.21
N TYR C 534 8.78 12.15 -11.67
CA TYR C 534 7.46 11.59 -11.90
C TYR C 534 6.59 11.62 -10.61
N ALA C 535 7.17 11.16 -9.49
CA ALA C 535 6.47 11.18 -8.19
C ALA C 535 5.98 12.57 -7.87
N ALA C 536 6.83 13.57 -8.04
CA ALA C 536 6.45 14.95 -7.80
C ALA C 536 5.26 15.34 -8.68
N ALA C 537 5.29 14.91 -9.93
CA ALA C 537 4.20 15.17 -10.85
C ALA C 537 2.87 14.52 -10.45
N THR C 538 2.89 13.30 -9.91
CA THR C 538 1.62 12.67 -9.59
C THR C 538 0.98 13.43 -8.45
N GLU C 539 1.83 13.90 -7.52
CA GLU C 539 1.36 14.68 -6.39
C GLU C 539 0.73 16.01 -6.82
N ARG C 540 1.35 16.69 -7.79
CA ARG C 540 0.78 17.96 -8.25
C ARG C 540 -0.53 17.74 -9.04
N TRP C 541 -0.54 16.76 -9.96
CA TRP C 541 -1.60 16.65 -10.94
C TRP C 541 -2.64 15.55 -10.71
N GLU C 542 -2.29 14.55 -9.92
CA GLU C 542 -3.14 13.38 -9.81
C GLU C 542 -3.89 13.32 -8.48
N GLY C 543 -4.68 12.26 -8.28
CA GLY C 543 -5.43 12.10 -7.03
C GLY C 543 -4.51 11.91 -5.83
N LYS C 544 -3.37 11.25 -6.04
CA LYS C 544 -2.46 10.90 -4.96
C LYS C 544 -1.03 10.79 -5.45
N LEU C 545 -0.09 11.07 -4.55
CA LEU C 545 1.33 10.87 -4.78
C LEU C 545 1.67 9.41 -5.04
N ASP C 546 2.44 9.13 -6.10
CA ASP C 546 3.01 7.80 -6.30
C ASP C 546 4.20 7.55 -5.37
N THR C 547 3.84 7.15 -4.16
CA THR C 547 4.73 6.63 -3.12
C THR C 547 5.83 5.66 -3.58
N LYS C 548 5.48 4.69 -4.42
CA LYS C 548 6.46 3.70 -4.85
C LYS C 548 7.57 4.28 -5.69
N ALA C 549 7.23 5.21 -6.59
CA ALA C 549 8.20 5.86 -7.44
C ALA C 549 9.11 6.74 -6.58
N ARG C 550 8.53 7.45 -5.59
CA ARG C 550 9.33 8.27 -4.68
C ARG C 550 10.34 7.41 -3.94
N ASP C 551 9.88 6.29 -3.40
CA ASP C 551 10.74 5.44 -2.58
C ASP C 551 11.83 4.76 -3.39
N MET C 552 11.48 4.38 -4.62
CA MET C 552 12.46 3.78 -5.51
C MET C 552 13.58 4.75 -5.92
N ALA C 553 13.25 6.03 -6.11
CA ALA C 553 14.25 7.07 -6.38
C ALA C 553 15.28 7.17 -5.26
N ALA C 554 14.80 7.21 -4.02
CA ALA C 554 15.64 7.22 -2.81
C ALA C 554 16.51 5.97 -2.69
N GLU C 555 15.91 4.80 -2.93
CA GLU C 555 16.65 3.54 -2.93
C GLU C 555 17.86 3.58 -3.87
N LEU C 556 17.65 4.04 -5.10
CA LEU C 556 18.73 4.10 -6.07
C LEU C 556 19.81 5.07 -5.64
N VAL C 557 19.41 6.28 -5.19
CA VAL C 557 20.39 7.25 -4.69
C VAL C 557 21.12 6.64 -3.50
N ASN C 558 20.39 6.11 -2.54
CA ASN C 558 21.00 5.52 -1.34
C ASN C 558 21.97 4.43 -1.73
N ARG C 559 21.59 3.61 -2.70
CA ARG C 559 22.41 2.46 -3.05
C ARG C 559 23.61 2.80 -3.91
N ALA C 560 23.49 3.81 -4.77
CA ALA C 560 24.66 4.23 -5.55
C ALA C 560 25.69 4.88 -4.62
N TRP C 561 25.21 5.71 -3.68
CA TRP C 561 26.09 6.42 -2.77
C TRP C 561 26.75 5.47 -1.78
N TYR C 562 25.95 4.63 -1.13
CA TYR C 562 26.51 3.68 -0.16
C TYR C 562 27.54 2.75 -0.77
N ASN C 563 27.27 2.19 -1.95
CA ASN C 563 28.13 1.17 -2.49
C ASN C 563 29.33 1.67 -3.31
N PHE C 564 29.29 2.92 -3.76
CA PHE C 564 30.33 3.35 -4.69
C PHE C 564 31.07 4.58 -4.24
N TYR C 565 30.96 4.81 -2.94
CA TYR C 565 31.65 5.86 -2.23
C TYR C 565 33.15 5.76 -2.41
N CYS C 566 33.77 6.90 -2.63
CA CYS C 566 35.22 7.01 -2.80
C CYS C 566 35.93 7.49 -1.51
N SER C 567 36.80 6.64 -0.96
CA SER C 567 37.59 6.96 0.24
C SER C 567 38.59 8.10 0.05
N GLU C 568 39.12 8.25 -1.16
CA GLU C 568 40.07 9.31 -1.49
C GLU C 568 39.44 10.71 -1.56
N GLY C 569 38.10 10.80 -1.41
CA GLY C 569 37.39 12.06 -1.37
C GLY C 569 36.95 12.59 -2.72
N LYS C 570 36.90 11.71 -3.72
CA LYS C 570 36.62 12.13 -5.10
C LYS C 570 35.16 12.12 -5.50
N GLY C 571 34.30 11.57 -4.65
CA GLY C 571 32.89 11.46 -4.96
C GLY C 571 32.37 10.03 -4.93
N VAL C 572 31.95 9.54 -6.08
CA VAL C 572 31.64 8.12 -6.23
C VAL C 572 32.52 7.56 -7.34
N VAL C 573 32.81 6.28 -7.28
CA VAL C 573 33.72 5.69 -8.22
C VAL C 573 33.13 4.40 -8.69
N THR C 574 33.42 4.08 -9.93
CA THR C 574 32.86 2.95 -10.61
C THR C 574 33.75 1.69 -10.46
N GLU C 575 33.19 0.51 -10.74
CA GLU C 575 34.05 -0.66 -10.93
C GLU C 575 33.52 -1.47 -12.11
N GLU C 576 34.30 -1.46 -13.19
CA GLU C 576 33.82 -1.94 -14.49
C GLU C 576 34.86 -2.74 -15.32
N ALA C 577 34.50 -3.97 -15.64
CA ALA C 577 35.23 -4.79 -16.63
C ALA C 577 35.06 -4.18 -18.02
N ARG C 578 36.18 -3.95 -18.68
CA ARG C 578 36.16 -3.41 -20.03
C ARG C 578 36.74 -4.46 -20.94
N ALA C 579 35.87 -5.34 -21.43
CA ALA C 579 36.27 -6.40 -22.35
C ALA C 579 36.67 -5.80 -23.69
N ASP C 580 35.89 -4.80 -24.12
CA ASP C 580 36.14 -4.11 -25.38
C ASP C 580 37.50 -3.41 -25.46
N TYR C 581 38.24 -3.39 -24.35
CA TYR C 581 39.55 -2.73 -24.32
C TYR C 581 40.65 -3.54 -25.02
N LYS C 582 40.29 -4.74 -25.50
CA LYS C 582 41.19 -5.51 -26.35
C LYS C 582 41.29 -4.86 -27.74
N ARG C 583 40.26 -4.11 -28.10
CA ARG C 583 40.24 -3.35 -29.34
C ARG C 583 41.31 -2.24 -29.40
N PHE C 584 41.96 -1.96 -28.27
CA PHE C 584 43.15 -1.11 -28.25
C PHE C 584 44.23 -1.64 -29.18
N PHE C 585 44.26 -2.95 -29.33
CA PHE C 585 45.34 -3.64 -30.01
C PHE C 585 44.85 -4.45 -31.19
N GLU C 586 43.66 -5.03 -31.08
CA GLU C 586 43.13 -5.88 -32.13
C GLU C 586 42.45 -5.10 -33.25
N GLN C 587 42.00 -3.88 -32.96
CA GLN C 587 41.13 -3.20 -33.90
C GLN C 587 41.88 -2.50 -35.02
N GLU C 588 41.62 -2.96 -36.24
CA GLU C 588 42.19 -2.33 -37.43
C GLU C 588 41.39 -1.11 -37.87
N VAL C 589 42.10 0.00 -37.99
CA VAL C 589 41.52 1.26 -38.42
C VAL C 589 41.69 1.36 -39.92
N TYR C 590 40.59 1.29 -40.67
CA TYR C 590 40.68 1.47 -42.12
C TYR C 590 41.37 2.77 -42.54
N VAL C 591 42.27 2.66 -43.51
CA VAL C 591 42.87 3.81 -44.21
C VAL C 591 43.01 3.39 -45.67
N PRO C 592 42.61 4.25 -46.61
CA PRO C 592 42.59 3.87 -48.03
C PRO C 592 44.00 3.57 -48.58
N ALA C 593 44.12 2.50 -49.37
CA ALA C 593 45.38 2.14 -50.05
C ALA C 593 46.04 3.34 -50.74
N GLY C 594 47.33 3.55 -50.45
CA GLY C 594 48.10 4.65 -51.01
C GLY C 594 48.03 5.98 -50.27
N TRP C 595 47.15 6.06 -49.28
CA TRP C 595 47.08 7.22 -48.40
C TRP C 595 48.20 7.12 -47.35
N SER C 596 48.86 8.24 -47.07
CA SER C 596 49.92 8.27 -46.06
C SER C 596 49.96 9.61 -45.34
N GLY C 597 50.29 9.57 -44.05
CA GLY C 597 50.35 10.78 -43.26
C GLY C 597 50.88 10.55 -41.87
N THR C 598 51.03 11.64 -41.12
CA THR C 598 51.56 11.57 -39.77
C THR C 598 50.64 12.29 -38.79
N MET C 599 50.60 11.78 -37.55
CA MET C 599 50.05 12.48 -36.40
C MET C 599 51.07 13.49 -35.87
N PRO C 600 50.61 14.52 -35.14
CA PRO C 600 51.49 15.46 -34.47
C PRO C 600 52.67 14.86 -33.70
N ASN C 601 52.57 13.62 -33.24
CA ASN C 601 53.66 13.01 -32.50
C ASN C 601 54.52 12.08 -33.37
N GLY C 602 54.26 12.11 -34.68
CA GLY C 602 54.99 11.28 -35.62
C GLY C 602 54.39 9.92 -35.96
N ASP C 603 53.30 9.53 -35.30
CA ASP C 603 52.64 8.25 -35.60
C ASP C 603 52.25 8.16 -37.07
N LYS C 604 52.42 6.97 -37.65
CA LYS C 604 52.20 6.79 -39.08
C LYS C 604 50.79 6.32 -39.42
N ILE C 605 50.05 7.17 -40.15
CA ILE C 605 48.71 6.84 -40.61
C ILE C 605 48.78 6.16 -41.97
N GLN C 606 48.70 4.84 -41.97
CA GLN C 606 48.83 4.05 -43.19
C GLN C 606 48.02 2.77 -43.04
N PRO C 607 47.64 2.12 -44.15
CA PRO C 607 46.89 0.85 -44.07
C PRO C 607 47.48 -0.12 -43.03
N GLY C 608 46.62 -0.85 -42.33
CA GLY C 608 47.06 -1.85 -41.37
C GLY C 608 47.27 -1.36 -39.94
N ILE C 609 47.09 -0.05 -39.70
CA ILE C 609 47.19 0.53 -38.36
C ILE C 609 46.10 0.06 -37.40
N LYS C 610 46.45 0.02 -36.11
CA LYS C 610 45.52 -0.33 -35.04
C LYS C 610 45.19 0.91 -34.21
N PHE C 611 44.12 0.82 -33.42
CA PHE C 611 43.69 1.93 -32.56
C PHE C 611 44.89 2.62 -31.90
N ILE C 612 45.69 1.82 -31.21
CA ILE C 612 46.85 2.28 -30.46
C ILE C 612 47.97 2.90 -31.32
N ASP C 613 48.03 2.50 -32.59
CA ASP C 613 49.10 2.94 -33.50
C ASP C 613 49.05 4.42 -33.87
N ILE C 614 47.86 5.04 -33.87
CA ILE C 614 47.78 6.48 -34.10
C ILE C 614 47.54 7.27 -32.82
N ARG C 615 47.63 6.56 -31.69
CA ARG C 615 47.51 7.16 -30.36
C ARG C 615 48.64 6.64 -29.47
N THR C 616 49.87 6.94 -29.86
CA THR C 616 51.05 6.32 -29.24
C THR C 616 51.32 6.81 -27.84
N LYS C 617 50.88 8.03 -27.54
CA LYS C 617 51.00 8.62 -26.20
C LYS C 617 50.29 7.79 -25.12
N TYR C 618 49.37 6.93 -25.55
CA TYR C 618 48.70 6.01 -24.63
C TYR C 618 49.65 5.02 -23.93
N ARG C 619 50.79 4.72 -24.55
CA ARG C 619 51.82 3.90 -23.89
C ARG C 619 52.44 4.57 -22.65
N GLN C 620 52.30 5.90 -22.52
CA GLN C 620 52.79 6.65 -21.36
C GLN C 620 51.76 6.79 -20.24
N ASP C 621 50.57 6.19 -20.43
CA ASP C 621 49.43 6.38 -19.53
C ASP C 621 49.49 5.55 -18.24
N PRO C 622 49.15 6.17 -17.11
CA PRO C 622 49.14 5.48 -15.81
C PRO C 622 48.46 4.10 -15.83
N TYR C 623 47.51 3.88 -16.74
CA TYR C 623 46.77 2.62 -16.75
C TYR C 623 47.07 1.75 -17.96
N TYR C 624 48.04 2.19 -18.78
CA TYR C 624 48.41 1.46 -19.99
C TYR C 624 48.83 0.04 -19.69
N ASP C 625 49.73 -0.12 -18.73
CA ASP C 625 50.22 -1.44 -18.34
C ASP C 625 49.09 -2.39 -17.94
N ILE C 626 48.16 -1.89 -17.12
CA ILE C 626 47.03 -2.70 -16.67
C ILE C 626 46.22 -3.28 -17.84
N VAL C 627 45.86 -2.41 -18.78
CA VAL C 627 45.06 -2.83 -19.92
C VAL C 627 45.88 -3.63 -20.93
N TYR C 628 47.15 -3.28 -21.13
CA TYR C 628 48.00 -4.08 -22.03
C TYR C 628 48.31 -5.46 -21.46
N GLN C 629 48.70 -5.54 -20.19
CA GLN C 629 48.97 -6.84 -19.58
C GLN C 629 47.71 -7.71 -19.57
N ALA C 630 46.54 -7.08 -19.38
CA ALA C 630 45.27 -7.80 -19.45
C ALA C 630 45.05 -8.43 -20.83
N TYR C 631 45.43 -7.71 -21.90
CA TYR C 631 45.28 -8.20 -23.28
C TYR C 631 46.08 -9.48 -23.49
N LEU C 632 47.32 -9.47 -22.99
CA LEU C 632 48.22 -10.60 -23.09
C LEU C 632 47.63 -11.86 -22.45
N ARG C 633 47.17 -11.75 -21.20
CA ARG C 633 46.53 -12.88 -20.53
C ARG C 633 45.17 -13.25 -21.14
N GLY C 634 44.71 -12.46 -22.12
CA GLY C 634 43.43 -12.69 -22.76
C GLY C 634 42.22 -12.40 -21.88
N GLU C 635 42.37 -11.50 -20.92
CA GLU C 635 41.30 -11.16 -19.98
C GLU C 635 40.97 -9.66 -20.06
N ALA C 636 39.72 -9.32 -19.75
CA ALA C 636 39.27 -7.94 -19.71
C ALA C 636 39.86 -7.17 -18.50
N PRO C 637 40.40 -5.97 -18.73
CA PRO C 637 40.89 -5.12 -17.65
C PRO C 637 39.75 -4.56 -16.79
N VAL C 638 39.99 -4.45 -15.49
CA VAL C 638 39.00 -3.93 -14.57
C VAL C 638 39.43 -2.52 -14.20
N LEU C 639 38.51 -1.57 -14.40
CA LEU C 639 38.82 -0.14 -14.25
C LEU C 639 37.90 0.61 -13.29
N ASN C 640 38.45 1.69 -12.71
CA ASN C 640 37.74 2.56 -11.77
C ASN C 640 37.58 3.95 -12.35
N TYR C 641 36.36 4.34 -12.66
CA TYR C 641 36.15 5.63 -13.34
C TYR C 641 35.36 6.63 -12.51
N HIS C 642 35.79 7.88 -12.60
CA HIS C 642 35.07 9.03 -12.10
C HIS C 642 34.70 9.87 -13.32
N ARG C 643 33.66 9.48 -14.04
CA ARG C 643 33.14 10.31 -15.12
C ARG C 643 32.41 11.53 -14.57
N PHE C 644 32.65 12.70 -15.16
CA PHE C 644 32.01 13.91 -14.68
C PHE C 644 30.48 13.76 -14.70
N TRP C 645 29.92 13.31 -15.83
CA TRP C 645 28.47 13.20 -15.89
C TRP C 645 27.85 12.16 -14.93
N HIS C 646 28.64 11.16 -14.50
CA HIS C 646 28.17 10.24 -13.48
C HIS C 646 27.96 10.93 -12.12
N GLU C 647 28.96 11.71 -11.69
CA GLU C 647 28.87 12.46 -10.43
C GLU C 647 27.68 13.43 -10.48
N VAL C 648 27.53 14.14 -11.58
CA VAL C 648 26.47 15.14 -11.67
C VAL C 648 25.06 14.50 -11.67
N ASP C 649 24.83 13.49 -12.50
CA ASP C 649 23.52 12.87 -12.54
C ASP C 649 23.14 12.32 -11.18
N LEU C 650 24.14 11.83 -10.43
CA LEU C 650 23.89 11.35 -9.09
C LEU C 650 23.59 12.56 -8.18
N ALA C 651 24.44 13.59 -8.23
CA ALA C 651 24.21 14.80 -7.46
C ALA C 651 22.82 15.37 -7.72
N VAL C 652 22.50 15.61 -8.98
CA VAL C 652 21.20 16.21 -9.33
C VAL C 652 20.01 15.39 -8.81
N ALA C 653 20.09 14.07 -8.90
CA ALA C 653 19.08 13.22 -8.27
C ALA C 653 18.93 13.54 -6.76
N MET C 654 20.05 13.66 -6.03
CA MET C 654 20.00 14.10 -4.63
C MET C 654 19.25 15.42 -4.50
N GLY C 655 19.50 16.35 -5.40
CA GLY C 655 18.86 17.65 -5.37
C GLY C 655 17.38 17.62 -5.67
N VAL C 656 16.97 16.72 -6.54
CA VAL C 656 15.54 16.58 -6.89
C VAL C 656 14.78 16.06 -5.67
N LEU C 657 15.32 15.03 -5.03
CA LEU C 657 14.78 14.57 -3.76
C LEU C 657 14.71 15.70 -2.69
N ALA C 658 15.77 16.50 -2.59
CA ALA C 658 15.77 17.59 -1.62
C ALA C 658 14.76 18.68 -2.00
N THR C 659 14.43 18.76 -3.29
CA THR C 659 13.51 19.80 -3.76
C THR C 659 12.05 19.40 -3.57
N TYR C 660 11.67 18.20 -3.98
CA TYR C 660 10.26 17.85 -3.94
C TYR C 660 9.91 17.04 -2.71
N PHE C 661 10.93 16.45 -2.08
CA PHE C 661 10.71 15.65 -0.87
C PHE C 661 11.67 16.07 0.26
N PRO C 662 11.56 17.34 0.67
CA PRO C 662 12.57 18.00 1.52
C PRO C 662 12.77 17.36 2.90
N ASP C 663 11.84 16.49 3.30
CA ASP C 663 11.81 15.89 4.63
C ASP C 663 12.42 14.47 4.60
N MET C 664 12.70 13.97 3.40
CA MET C 664 13.33 12.66 3.21
C MET C 664 14.81 12.69 3.49
N THR C 665 15.34 11.51 3.76
CA THR C 665 16.58 11.36 4.47
C THR C 665 17.34 10.10 4.01
N TYR C 666 18.66 10.18 3.89
CA TYR C 666 19.46 9.00 3.58
C TYR C 666 19.49 8.02 4.78
N LYS C 667 19.51 6.71 4.50
CA LYS C 667 19.76 5.65 5.49
C LYS C 667 20.66 4.62 4.81
N VAL C 668 21.47 3.82 5.53
CA VAL C 668 22.14 2.71 4.85
C VAL C 668 21.09 1.72 4.29
N PRO C 669 21.26 1.36 3.02
CA PRO C 669 20.27 0.57 2.25
C PRO C 669 20.03 -0.84 2.79
N GLY D 28 40.95 -11.16 63.60
CA GLY D 28 40.45 -12.54 63.28
C GLY D 28 39.00 -12.87 63.64
N PRO D 29 38.45 -13.92 63.06
CA PRO D 29 37.07 -14.35 63.36
C PRO D 29 36.92 -15.01 64.73
N THR D 30 35.82 -14.72 65.42
CA THR D 30 35.50 -15.39 66.68
C THR D 30 34.05 -15.80 66.69
N LYS D 31 33.70 -16.70 67.60
CA LYS D 31 32.33 -17.15 67.80
C LYS D 31 31.40 -15.98 68.18
N ALA D 32 30.25 -15.90 67.52
CA ALA D 32 29.29 -14.80 67.79
C ALA D 32 28.58 -14.95 69.16
N PRO D 33 28.47 -13.86 69.91
CA PRO D 33 27.74 -13.85 71.21
C PRO D 33 26.24 -14.13 71.09
N THR D 34 25.67 -13.86 69.91
CA THR D 34 24.23 -13.91 69.60
C THR D 34 23.41 -15.05 70.22
N LYS D 35 22.29 -14.70 70.85
CA LYS D 35 21.46 -15.66 71.58
C LYS D 35 20.47 -16.37 70.67
N ASP D 36 20.32 -17.68 70.87
CA ASP D 36 19.26 -18.46 70.25
C ASP D 36 17.94 -17.70 70.16
N GLY D 37 17.26 -17.83 69.01
CA GLY D 37 15.97 -17.22 68.79
C GLY D 37 15.96 -15.74 68.42
N THR D 38 17.13 -15.15 68.17
CA THR D 38 17.20 -13.83 67.55
C THR D 38 16.61 -13.91 66.12
N SER D 39 15.73 -12.97 65.79
CA SER D 39 15.11 -12.93 64.46
C SER D 39 16.17 -12.54 63.42
N TYR D 40 16.07 -13.12 62.23
CA TYR D 40 16.93 -12.71 61.13
C TYR D 40 16.73 -11.22 60.82
N LYS D 41 15.51 -10.72 61.04
CA LYS D 41 15.33 -9.28 60.97
C LYS D 41 16.34 -8.59 61.86
N ASP D 42 16.48 -9.07 63.09
CA ASP D 42 17.36 -8.42 64.06
C ASP D 42 18.82 -8.61 63.70
N LEU D 43 19.17 -9.81 63.23
CA LEU D 43 20.50 -9.99 62.62
C LEU D 43 20.76 -9.00 61.49
N PHE D 44 19.80 -8.86 60.57
CA PHE D 44 19.99 -7.91 59.51
C PHE D 44 20.29 -6.52 60.04
N LEU D 45 19.48 -6.04 60.99
CA LEU D 45 19.65 -4.67 61.49
C LEU D 45 21.00 -4.40 62.15
N GLU D 46 21.54 -5.44 62.78
CA GLU D 46 22.85 -5.37 63.40
C GLU D 46 23.97 -5.27 62.34
N LEU D 47 24.01 -6.23 61.41
CA LEU D 47 24.99 -6.18 60.32
C LEU D 47 24.87 -4.89 59.54
N TYR D 48 23.64 -4.52 59.20
CA TYR D 48 23.42 -3.25 58.54
C TYR D 48 24.07 -2.12 59.31
N GLY D 49 23.79 -2.05 60.61
CA GLY D 49 24.34 -0.98 61.46
C GLY D 49 25.85 -0.89 61.49
N LYS D 50 26.50 -2.06 61.58
CA LYS D 50 27.96 -2.16 61.60
C LYS D 50 28.54 -1.78 60.24
N ILE D 51 27.91 -2.26 59.14
CA ILE D 51 28.31 -1.86 57.78
C ILE D 51 28.25 -0.33 57.65
N LYS D 52 27.22 0.29 58.24
CA LYS D 52 27.01 1.73 58.08
C LYS D 52 27.73 2.67 59.06
N ASP D 53 28.21 2.15 60.19
CA ASP D 53 28.90 2.94 61.22
C ASP D 53 30.18 3.55 60.66
N PRO D 54 30.33 4.87 60.69
CA PRO D 54 31.53 5.51 60.15
C PRO D 54 32.86 5.01 60.76
N LYS D 55 32.88 4.60 62.03
CA LYS D 55 34.13 4.16 62.68
C LYS D 55 34.68 2.88 62.05
N ASN D 56 33.80 2.05 61.49
CA ASN D 56 34.23 0.82 60.83
C ASN D 56 34.94 1.01 59.49
N GLY D 57 34.63 2.09 58.78
CA GLY D 57 35.46 2.51 57.65
C GLY D 57 35.13 1.87 56.32
N TYR D 58 33.90 1.38 56.15
CA TYR D 58 33.46 0.73 54.91
C TYR D 58 33.28 1.72 53.75
N PHE D 59 32.97 2.98 54.07
CA PHE D 59 32.74 4.05 53.09
C PHE D 59 33.79 5.16 53.23
N SER D 60 34.10 5.86 52.14
CA SER D 60 35.07 6.94 52.21
C SER D 60 34.57 8.06 53.13
N PRO D 61 35.44 8.62 53.97
CA PRO D 61 35.04 9.71 54.86
C PRO D 61 34.56 10.99 54.13
N ASP D 62 35.27 11.42 53.09
CA ASP D 62 34.94 12.69 52.40
C ASP D 62 33.69 12.62 51.50
N GLU D 63 33.34 11.46 50.95
CA GLU D 63 32.16 11.45 50.09
C GLU D 63 31.13 10.31 50.22
N GLY D 64 31.41 9.36 51.10
CA GLY D 64 30.52 8.23 51.30
C GLY D 64 30.54 7.19 50.18
N ILE D 65 31.69 6.96 49.54
CA ILE D 65 31.79 5.93 48.51
C ILE D 65 32.23 4.60 49.12
N PRO D 66 31.51 3.52 48.83
CA PRO D 66 31.86 2.21 49.39
C PRO D 66 33.18 1.67 48.83
N TYR D 67 34.12 1.26 49.70
CA TYR D 67 35.38 0.73 49.22
C TYR D 67 35.16 -0.72 48.83
N HIS D 68 36.09 -1.32 48.09
CA HIS D 68 36.04 -2.78 47.86
C HIS D 68 36.12 -3.51 49.21
N SER D 69 37.05 -3.11 50.05
CA SER D 69 37.21 -3.75 51.36
C SER D 69 37.79 -2.72 52.33
N ILE D 70 37.60 -2.97 53.62
CA ILE D 70 38.21 -2.11 54.63
C ILE D 70 39.73 -2.10 54.47
N GLU D 71 40.27 -3.29 54.27
CA GLU D 71 41.71 -3.47 54.16
C GLU D 71 42.22 -2.96 52.83
N THR D 72 43.43 -2.40 52.84
CA THR D 72 44.00 -1.84 51.62
C THR D 72 44.73 -2.86 50.74
N LEU D 73 45.44 -3.81 51.34
CA LEU D 73 46.21 -4.81 50.60
C LEU D 73 45.37 -6.05 50.32
N ILE D 74 44.91 -6.10 49.07
CA ILE D 74 44.05 -7.18 48.59
C ILE D 74 44.13 -7.22 47.05
N VAL D 75 44.32 -8.42 46.51
CA VAL D 75 44.46 -8.58 45.09
C VAL D 75 43.59 -9.74 44.63
N GLU D 76 42.67 -9.42 43.74
CA GLU D 76 41.71 -10.32 43.07
C GLU D 76 41.16 -9.35 42.01
N ALA D 77 40.06 -9.58 41.32
CA ALA D 77 39.61 -8.52 40.37
C ALA D 77 40.19 -7.06 40.49
N PRO D 78 39.84 -6.25 41.49
CA PRO D 78 40.62 -5.03 41.77
C PRO D 78 41.98 -5.35 42.43
N ASP D 79 42.96 -4.46 42.36
CA ASP D 79 44.26 -4.81 42.94
C ASP D 79 44.66 -3.96 44.15
N TYR D 80 43.67 -3.29 44.74
CA TYR D 80 43.89 -2.41 45.88
C TYR D 80 42.54 -2.24 46.55
N GLY D 81 42.51 -2.28 47.88
CA GLY D 81 41.27 -2.39 48.64
C GLY D 81 40.47 -1.10 48.71
N HIS D 82 41.13 0.02 48.52
CA HIS D 82 40.43 1.30 48.56
C HIS D 82 40.19 1.93 47.18
N VAL D 83 40.21 1.12 46.14
CA VAL D 83 39.47 1.51 44.95
C VAL D 83 38.00 1.31 45.35
N THR D 84 37.10 1.81 44.51
CA THR D 84 35.69 1.39 44.55
C THR D 84 35.36 0.76 43.22
N THR D 85 34.34 -0.10 43.21
CA THR D 85 33.84 -0.70 41.98
C THR D 85 32.34 -0.47 41.79
N SER D 86 31.87 -0.58 40.55
CA SER D 86 30.44 -0.51 40.28
C SER D 86 29.69 -1.62 40.98
N GLU D 87 30.34 -2.75 41.14
CA GLU D 87 29.84 -3.86 41.95
C GLU D 87 29.53 -3.38 43.39
N ALA D 88 30.53 -2.77 44.04
CA ALA D 88 30.33 -2.21 45.37
C ALA D 88 29.08 -1.30 45.40
N PHE D 89 28.98 -0.37 44.45
CA PHE D 89 27.79 0.47 44.40
C PHE D 89 26.48 -0.32 44.30
N SER D 90 26.50 -1.45 43.59
CA SER D 90 25.26 -2.15 43.31
C SER D 90 24.80 -2.89 44.57
N TYR D 91 25.78 -3.42 45.31
CA TYR D 91 25.53 -4.00 46.62
C TYR D 91 25.01 -2.95 47.61
N TYR D 92 25.55 -1.74 47.50
CA TYR D 92 25.18 -0.65 48.40
C TYR D 92 23.66 -0.34 48.29
N VAL D 93 23.19 -0.14 47.06
CA VAL D 93 21.79 0.04 46.76
C VAL D 93 20.96 -1.17 47.24
N TRP D 94 21.44 -2.38 46.98
CA TRP D 94 20.74 -3.56 47.48
C TRP D 94 20.55 -3.50 49.00
N LEU D 95 21.61 -3.09 49.71
CA LEU D 95 21.63 -3.06 51.17
C LEU D 95 20.54 -2.12 51.70
N GLU D 96 20.56 -0.90 51.19
CA GLU D 96 19.54 0.10 51.48
C GLU D 96 18.12 -0.31 51.09
N ALA D 97 17.99 -1.09 50.02
CA ALA D 97 16.68 -1.61 49.65
C ALA D 97 16.13 -2.55 50.74
N MET D 98 16.97 -3.49 51.18
CA MET D 98 16.58 -4.40 52.25
C MET D 98 16.29 -3.63 53.53
N TYR D 99 17.08 -2.62 53.84
CA TYR D 99 16.79 -1.77 54.99
C TYR D 99 15.43 -1.10 54.92
N GLY D 100 15.12 -0.45 53.80
CA GLY D 100 13.82 0.19 53.60
C GLY D 100 12.70 -0.80 53.80
N ASN D 101 12.91 -2.04 53.35
CA ASN D 101 11.92 -3.10 53.52
C ASN D 101 11.61 -3.38 54.99
N LEU D 102 12.65 -3.57 55.79
CA LEU D 102 12.50 -4.10 57.14
C LEU D 102 12.27 -3.00 58.16
N THR D 103 12.41 -1.75 57.73
CA THR D 103 12.47 -0.58 58.58
C THR D 103 11.39 0.45 58.24
N GLY D 104 11.15 0.68 56.94
CA GLY D 104 10.31 1.76 56.49
C GLY D 104 11.00 3.10 56.30
N ASN D 105 12.32 3.17 56.55
CA ASN D 105 13.08 4.37 56.24
C ASN D 105 13.73 4.18 54.86
N TRP D 106 13.42 5.07 53.93
CA TRP D 106 13.79 4.87 52.53
C TRP D 106 14.83 5.86 52.02
N SER D 107 15.22 6.81 52.87
CA SER D 107 16.19 7.81 52.48
C SER D 107 17.47 7.14 51.96
N GLY D 108 17.81 5.98 52.51
CA GLY D 108 19.04 5.28 52.20
C GLY D 108 19.21 4.96 50.72
N VAL D 109 18.10 4.62 50.06
CA VAL D 109 18.11 4.31 48.65
C VAL D 109 18.41 5.59 47.82
N GLU D 110 17.76 6.71 48.13
CA GLU D 110 18.07 7.97 47.45
C GLU D 110 19.53 8.33 47.64
N THR D 111 20.03 8.09 48.84
CA THR D 111 21.40 8.50 49.20
C THR D 111 22.40 7.70 48.39
N ALA D 112 22.18 6.39 48.33
CA ALA D 112 23.10 5.52 47.62
C ALA D 112 23.12 5.88 46.14
N TRP D 113 21.95 6.16 45.57
CA TRP D 113 21.90 6.45 44.16
C TRP D 113 22.55 7.79 43.88
N LYS D 114 22.40 8.74 44.79
CA LYS D 114 23.00 10.04 44.60
C LYS D 114 24.52 9.94 44.60
N VAL D 115 25.08 9.10 45.48
CA VAL D 115 26.54 8.95 45.53
C VAL D 115 26.98 8.30 44.21
N MET D 116 26.26 7.26 43.80
CA MET D 116 26.52 6.65 42.50
C MET D 116 26.56 7.69 41.37
N GLU D 117 25.51 8.50 41.27
CA GLU D 117 25.44 9.51 40.21
C GLU D 117 26.51 10.56 40.33
N ASP D 118 26.87 10.93 41.55
CA ASP D 118 27.85 11.99 41.77
C ASP D 118 29.26 11.57 41.43
N TRP D 119 29.53 10.26 41.46
CA TRP D 119 30.91 9.79 41.41
C TRP D 119 31.25 8.79 40.27
N ILE D 120 30.52 7.69 40.16
CA ILE D 120 30.94 6.60 39.27
C ILE D 120 30.24 6.52 37.87
N ILE D 121 29.17 7.30 37.67
CA ILE D 121 28.56 7.41 36.38
C ILE D 121 29.15 8.66 35.81
N PRO D 122 29.93 8.57 34.74
CA PRO D 122 30.48 9.78 34.12
C PRO D 122 29.32 10.66 33.64
N ASP D 123 29.36 11.95 33.98
CA ASP D 123 28.29 12.90 33.62
C ASP D 123 28.61 13.59 32.28
N SER D 124 27.79 14.55 31.85
CA SER D 124 27.97 15.27 30.55
C SER D 124 29.39 15.78 30.31
N THR D 125 29.97 16.32 31.37
CA THR D 125 31.27 16.98 31.39
C THR D 125 32.41 15.99 31.22
N GLU D 126 32.14 14.73 31.53
CA GLU D 126 33.21 13.72 31.55
C GLU D 126 33.18 12.81 30.32
N GLN D 127 32.30 13.14 29.38
CA GLN D 127 32.18 12.45 28.11
C GLN D 127 32.20 13.40 26.92
N PRO D 128 33.18 14.30 26.83
CA PRO D 128 33.10 15.34 25.80
C PRO D 128 33.24 14.71 24.42
N GLY D 129 32.39 15.13 23.49
CA GLY D 129 32.52 14.68 22.11
C GLY D 129 31.60 13.54 21.70
N MET D 130 30.82 13.01 22.65
CA MET D 130 29.93 11.87 22.40
C MET D 130 28.90 12.11 21.29
N SER D 131 28.54 13.36 21.05
CA SER D 131 27.60 13.66 19.99
C SER D 131 28.23 13.58 18.59
N SER D 132 29.57 13.41 18.49
CA SER D 132 30.28 13.13 17.23
C SER D 132 30.25 11.66 16.85
N TYR D 133 29.74 10.85 17.76
CA TYR D 133 29.71 9.41 17.57
C TYR D 133 28.93 9.07 16.31
N ASN D 134 29.38 8.06 15.58
CA ASN D 134 28.79 7.71 14.31
C ASN D 134 28.37 6.25 14.28
N PRO D 135 27.07 6.02 14.41
CA PRO D 135 26.53 4.67 14.55
C PRO D 135 26.84 3.80 13.33
N ASN D 136 27.07 4.44 12.17
CA ASN D 136 27.52 3.73 10.98
C ASN D 136 29.05 3.53 10.94
N SER D 137 29.76 4.05 11.95
CA SER D 137 31.21 3.79 12.09
C SER D 137 31.65 3.86 13.56
N PRO D 138 31.13 2.92 14.36
CA PRO D 138 31.21 2.99 15.82
C PRO D 138 32.61 2.90 16.42
N ALA D 139 33.54 2.25 15.73
CA ALA D 139 34.89 2.04 16.23
C ALA D 139 35.82 1.42 15.17
N THR D 140 37.10 1.30 15.52
CA THR D 140 38.11 0.70 14.65
C THR D 140 38.51 -0.69 15.15
N TYR D 141 38.51 -1.65 14.23
CA TYR D 141 38.92 -3.00 14.55
C TYR D 141 40.36 -3.13 15.11
N ALA D 142 40.54 -4.01 16.08
CA ALA D 142 41.84 -4.46 16.51
C ALA D 142 41.74 -5.91 16.97
N ASP D 143 42.81 -6.69 16.77
CA ASP D 143 42.88 -8.07 17.25
C ASP D 143 42.97 -8.12 18.78
N GLU D 144 42.39 -9.16 19.37
CA GLU D 144 42.73 -9.61 20.72
C GLU D 144 43.80 -10.69 20.53
N TYR D 145 44.70 -10.85 21.50
CA TYR D 145 45.76 -11.89 21.41
C TYR D 145 45.86 -12.80 22.64
N GLU D 146 46.54 -13.93 22.45
CA GLU D 146 46.60 -15.01 23.42
C GLU D 146 47.50 -14.71 24.63
N ASP D 147 48.30 -13.65 24.56
CA ASP D 147 49.31 -13.38 25.58
C ASP D 147 49.60 -11.87 25.64
N PRO D 148 49.81 -11.30 26.82
CA PRO D 148 50.07 -9.85 26.89
C PRO D 148 51.27 -9.39 26.04
N SER D 149 52.22 -10.29 25.80
CA SER D 149 53.40 -9.95 25.03
C SER D 149 53.10 -9.58 23.57
N TYR D 150 51.88 -9.84 23.07
CA TYR D 150 51.57 -9.44 21.68
C TYR D 150 51.25 -7.95 21.55
N TYR D 151 50.93 -7.31 22.68
CA TYR D 151 50.35 -5.97 22.74
C TYR D 151 51.49 -4.96 22.81
N PRO D 152 51.33 -3.74 22.28
CA PRO D 152 50.05 -3.20 21.76
C PRO D 152 49.51 -3.86 20.49
N SER D 153 48.19 -3.87 20.40
CA SER D 153 47.44 -4.39 19.27
C SER D 153 47.13 -3.25 18.26
N GLU D 154 47.44 -3.49 17.00
CA GLU D 154 47.30 -2.43 16.01
C GLU D 154 45.86 -2.18 15.56
N LEU D 155 45.41 -0.93 15.66
CA LEU D 155 44.15 -0.53 15.07
C LEU D 155 44.19 -0.67 13.53
N LYS D 156 43.13 -1.26 12.97
CA LYS D 156 43.13 -1.49 11.52
C LYS D 156 42.10 -0.57 10.84
N PHE D 157 42.53 0.66 10.54
CA PHE D 157 41.65 1.72 10.10
C PHE D 157 41.02 1.52 8.72
N ASP D 158 41.79 0.95 7.79
CA ASP D 158 41.31 0.90 6.39
C ASP D 158 40.96 -0.47 5.84
N THR D 159 41.19 -1.50 6.64
CA THR D 159 41.20 -2.86 6.11
C THR D 159 40.10 -3.75 6.66
N VAL D 160 39.43 -3.28 7.70
CA VAL D 160 38.47 -4.10 8.40
C VAL D 160 37.26 -3.22 8.60
N ARG D 161 36.22 -3.52 7.83
CA ARG D 161 35.00 -2.81 7.98
C ARG D 161 34.24 -3.39 9.17
N VAL D 162 33.69 -2.49 9.95
CA VAL D 162 33.01 -2.77 11.21
C VAL D 162 31.50 -2.58 11.01
N GLY D 163 30.66 -3.30 11.73
CA GLY D 163 29.22 -3.16 11.54
C GLY D 163 28.60 -1.87 12.07
N SER D 164 27.28 -1.83 12.06
CA SER D 164 26.55 -0.64 12.47
C SER D 164 25.79 -0.85 13.79
N ASP D 165 25.59 0.26 14.50
CA ASP D 165 25.03 0.28 15.85
C ASP D 165 23.55 0.69 15.76
N PRO D 166 22.66 -0.26 16.06
CA PRO D 166 21.24 -0.10 15.76
C PRO D 166 20.44 0.48 16.92
N VAL D 167 21.12 0.79 18.02
CA VAL D 167 20.48 1.14 19.26
C VAL D 167 20.79 2.59 19.69
N HIS D 168 21.91 3.12 19.19
CA HIS D 168 22.32 4.45 19.61
C HIS D 168 21.28 5.56 19.39
N ASN D 169 20.73 5.66 18.17
CA ASN D 169 19.78 6.74 17.92
C ASN D 169 18.48 6.62 18.72
N ASP D 170 18.04 5.39 18.96
CA ASP D 170 16.87 5.15 19.81
C ASP D 170 17.13 5.74 21.23
N LEU D 171 18.35 5.56 21.76
CA LEU D 171 18.73 6.06 23.08
C LEU D 171 18.87 7.58 23.13
N VAL D 172 19.59 8.16 22.16
CA VAL D 172 19.75 9.60 22.02
C VAL D 172 18.41 10.37 22.01
N SER D 173 17.42 9.88 21.26
CA SER D 173 16.21 10.67 21.17
C SER D 173 15.36 10.59 22.45
N ALA D 174 15.61 9.56 23.26
CA ALA D 174 15.05 9.49 24.59
C ALA D 174 15.85 10.33 25.61
N TYR D 175 17.20 10.31 25.53
CA TYR D 175 18.03 10.83 26.64
C TYR D 175 19.16 11.82 26.33
N GLY D 176 19.33 12.23 25.07
CA GLY D 176 20.46 13.06 24.71
C GLY D 176 21.70 12.23 24.37
N PRO D 177 22.82 12.91 24.14
CA PRO D 177 24.03 12.28 23.56
C PRO D 177 24.85 11.33 24.44
N ASN D 178 24.71 11.42 25.76
CA ASN D 178 25.66 10.75 26.62
C ASN D 178 25.23 9.38 27.09
N MET D 179 26.18 8.66 27.68
CA MET D 179 25.91 7.34 28.21
C MET D 179 25.54 7.40 29.68
N TYR D 180 24.55 6.60 30.10
CA TYR D 180 24.19 6.53 31.52
C TYR D 180 24.47 5.13 32.06
N LEU D 181 25.73 4.89 32.41
CA LEU D 181 26.21 3.58 32.85
C LEU D 181 27.35 3.82 33.80
N MET D 182 27.66 2.82 34.62
CA MET D 182 28.74 2.99 35.58
C MET D 182 30.07 2.57 34.98
N HIS D 183 31.07 3.43 35.07
CA HIS D 183 32.44 2.94 34.85
C HIS D 183 32.74 2.00 36.01
N TRP D 184 33.56 0.96 35.79
CA TRP D 184 33.65 -0.14 36.77
C TRP D 184 34.59 0.08 37.94
N LEU D 185 35.56 0.97 37.78
CA LEU D 185 36.65 1.08 38.74
C LEU D 185 37.02 2.52 39.03
N MET D 186 37.10 2.88 40.30
CA MET D 186 37.52 4.21 40.66
C MET D 186 38.54 4.17 41.80
N ASP D 187 39.59 4.96 41.68
CA ASP D 187 40.59 5.11 42.74
C ASP D 187 40.12 6.19 43.72
N VAL D 188 39.31 5.79 44.72
CA VAL D 188 38.53 6.72 45.52
C VAL D 188 39.37 7.82 46.15
N ASP D 189 40.56 7.46 46.66
CA ASP D 189 41.43 8.41 47.38
C ASP D 189 42.72 8.69 46.67
N ASN D 190 42.74 8.33 45.38
CA ASN D 190 43.83 8.68 44.46
C ASN D 190 45.15 8.09 44.96
N TRP D 191 45.08 6.86 45.45
CA TRP D 191 46.24 6.08 45.85
C TRP D 191 47.32 5.95 44.78
N TYR D 192 46.92 5.83 43.50
CA TYR D 192 47.84 5.63 42.40
C TYR D 192 48.45 6.95 42.00
N GLY D 193 47.80 8.03 42.40
CA GLY D 193 48.31 9.36 42.18
C GLY D 193 48.09 9.95 40.80
N PHE D 194 47.19 9.37 39.99
CA PHE D 194 46.88 9.91 38.65
C PHE D 194 46.10 11.23 38.69
N GLY D 195 45.23 11.37 39.69
CA GLY D 195 44.47 12.58 39.87
C GLY D 195 45.21 13.61 40.70
N THR D 196 44.53 14.71 41.01
CA THR D 196 45.06 15.76 41.90
C THR D 196 44.70 15.52 43.37
N GLY D 197 45.64 15.81 44.25
CA GLY D 197 45.43 15.70 45.67
C GLY D 197 44.97 14.31 46.05
N THR D 198 43.68 14.23 46.34
CA THR D 198 43.09 13.10 47.01
C THR D 198 41.76 12.77 46.27
N ARG D 199 41.55 13.43 45.12
CA ARG D 199 40.28 13.32 44.38
C ARG D 199 40.05 11.91 43.84
N ALA D 200 38.82 11.42 43.99
CA ALA D 200 38.38 10.17 43.37
C ALA D 200 38.61 10.26 41.84
N THR D 201 39.29 9.25 41.31
CA THR D 201 39.80 9.26 39.94
C THR D 201 39.43 7.96 39.21
N PHE D 202 38.79 8.10 38.05
CA PHE D 202 38.52 6.95 37.16
C PHE D 202 39.82 6.33 36.71
N ILE D 203 40.01 5.04 36.98
CA ILE D 203 41.20 4.33 36.51
C ILE D 203 40.76 3.06 35.81
N ASN D 204 41.69 2.38 35.13
CA ASN D 204 41.39 1.10 34.49
C ASN D 204 42.62 0.20 34.57
N THR D 205 42.43 -1.10 34.38
CA THR D 205 43.56 -1.99 34.42
C THR D 205 43.61 -2.95 33.23
N PHE D 206 42.77 -3.98 33.21
CA PHE D 206 42.82 -4.97 32.13
C PHE D 206 42.75 -4.35 30.75
N GLN D 207 43.65 -4.76 29.86
CA GLN D 207 43.66 -4.30 28.47
C GLN D 207 44.20 -5.32 27.48
N ARG D 208 44.88 -6.36 27.95
CA ARG D 208 45.73 -7.21 27.10
C ARG D 208 45.32 -8.71 27.01
N GLY D 209 44.02 -8.97 26.83
CA GLY D 209 43.55 -10.31 26.50
C GLY D 209 43.49 -11.32 27.62
N GLU D 210 43.19 -12.57 27.22
CA GLU D 210 42.85 -13.66 28.14
C GLU D 210 43.89 -14.07 29.14
N GLN D 211 45.16 -13.75 28.90
CA GLN D 211 46.22 -14.15 29.82
C GLN D 211 46.71 -12.99 30.63
N GLU D 212 46.01 -11.87 30.59
CA GLU D 212 46.40 -10.80 31.49
C GLU D 212 45.60 -10.93 32.80
N SER D 213 46.19 -11.55 33.82
CA SER D 213 45.54 -11.62 35.12
C SER D 213 45.70 -10.31 35.87
N THR D 214 45.05 -10.19 37.03
CA THR D 214 45.15 -9.00 37.87
C THR D 214 46.58 -8.63 38.16
N TRP D 215 47.45 -9.63 38.22
CA TRP D 215 48.85 -9.45 38.58
C TRP D 215 49.68 -8.86 37.45
N GLU D 216 49.11 -8.84 36.24
CA GLU D 216 49.88 -8.56 35.02
C GLU D 216 49.48 -7.25 34.31
N THR D 217 48.57 -6.50 34.92
CA THR D 217 48.08 -5.25 34.35
C THR D 217 49.03 -4.11 34.60
N ILE D 218 48.86 -3.03 33.89
CA ILE D 218 49.47 -1.76 34.24
C ILE D 218 48.32 -0.77 34.52
N PRO D 219 48.10 -0.44 35.78
CA PRO D 219 47.05 0.50 36.14
C PRO D 219 47.28 1.88 35.49
N HIS D 220 46.20 2.50 35.02
CA HIS D 220 46.30 3.76 34.28
C HIS D 220 45.04 4.61 34.40
N PRO D 221 45.17 5.90 34.11
CA PRO D 221 44.05 6.82 34.21
C PRO D 221 43.06 6.65 33.04
N SER D 222 41.76 6.68 33.36
CA SER D 222 40.69 6.61 32.35
C SER D 222 40.68 7.85 31.46
N ILE D 223 41.03 8.97 32.08
CA ILE D 223 41.17 10.22 31.36
C ILE D 223 42.67 10.40 31.10
N GLU D 224 43.06 10.16 29.84
CA GLU D 224 44.46 10.14 29.44
C GLU D 224 44.88 11.49 28.93
N GLU D 225 45.79 12.12 29.67
CA GLU D 225 46.27 13.46 29.38
C GLU D 225 47.79 13.51 29.26
N PHE D 226 48.40 12.32 29.19
CA PHE D 226 49.85 12.19 29.11
C PHE D 226 50.59 12.76 30.35
N LYS D 227 49.91 12.94 31.48
CA LYS D 227 50.64 13.52 32.63
C LYS D 227 51.63 12.47 33.14
N TYR D 228 51.22 11.21 33.14
CA TYR D 228 52.01 10.11 33.63
C TYR D 228 52.22 9.02 32.59
N GLY D 229 53.08 8.05 32.88
CA GLY D 229 53.39 6.96 31.97
C GLY D 229 54.55 7.32 31.07
N GLY D 230 54.35 7.19 29.76
CA GLY D 230 55.37 7.52 28.79
C GLY D 230 55.00 8.74 27.96
N PRO D 231 55.71 8.97 26.86
CA PRO D 231 55.49 10.19 26.08
C PRO D 231 54.04 10.19 25.60
N ASN D 232 53.49 9.00 25.34
CA ASN D 232 52.06 8.85 24.95
C ASN D 232 51.17 8.35 26.09
N GLY D 233 51.50 8.73 27.31
CA GLY D 233 50.80 8.21 28.46
C GLY D 233 50.90 6.70 28.48
N PHE D 234 49.76 6.03 28.65
CA PHE D 234 49.77 4.58 28.64
C PHE D 234 49.23 4.05 27.34
N LEU D 235 48.83 4.91 26.41
CA LEU D 235 48.09 4.44 25.23
C LEU D 235 48.79 3.31 24.47
N ASP D 236 50.06 3.51 24.16
CA ASP D 236 50.79 2.56 23.31
C ASP D 236 51.36 1.35 24.04
N LEU D 237 50.92 1.11 25.28
CA LEU D 237 51.18 -0.20 25.87
C LEU D 237 50.09 -1.10 25.31
N PHE D 238 48.99 -0.51 24.87
CA PHE D 238 47.74 -1.25 24.68
C PHE D 238 47.28 -1.30 23.24
N THR D 239 47.19 -0.15 22.59
CA THR D 239 46.76 -0.19 21.22
C THR D 239 47.61 0.72 20.39
N LYS D 240 48.07 0.17 19.26
CA LYS D 240 48.92 0.90 18.33
C LYS D 240 48.12 1.69 17.30
N ASP D 241 48.36 3.00 17.27
CA ASP D 241 47.70 3.93 16.38
C ASP D 241 48.76 4.62 15.50
N ARG D 242 48.34 5.28 14.42
CA ARG D 242 49.28 6.09 13.62
C ARG D 242 49.81 7.30 14.39
N SER D 243 48.96 7.86 15.29
CA SER D 243 49.39 8.89 16.23
C SER D 243 48.55 8.88 17.51
N TYR D 244 49.06 9.51 18.55
CA TYR D 244 48.47 9.41 19.85
C TYR D 244 47.93 10.76 20.28
N ALA D 245 46.69 10.79 20.77
CA ALA D 245 46.05 12.02 21.25
C ALA D 245 45.41 11.80 22.62
N LYS D 246 45.28 12.87 23.40
CA LYS D 246 44.66 12.78 24.71
C LYS D 246 43.21 12.37 24.52
N GLN D 247 42.69 11.59 25.46
CA GLN D 247 41.41 10.93 25.27
C GLN D 247 40.93 10.34 26.57
N TRP D 248 39.62 10.08 26.62
CA TRP D 248 38.97 9.44 27.73
C TRP D 248 38.29 8.18 27.24
N ARG D 249 38.10 7.24 28.15
CA ARG D 249 37.34 6.04 27.86
C ARG D 249 36.91 5.36 29.14
N TYR D 250 35.73 4.75 29.07
CA TYR D 250 35.11 4.05 30.18
C TYR D 250 34.71 2.65 29.78
N THR D 251 34.50 1.80 30.77
CA THR D 251 34.09 0.43 30.55
C THR D 251 33.12 0.11 31.69
N ASN D 252 31.94 -0.39 31.35
CA ASN D 252 31.01 -0.87 32.38
C ASN D 252 31.23 -2.34 32.64
N ALA D 253 30.81 -2.80 33.81
CA ALA D 253 30.73 -4.22 34.12
C ALA D 253 29.24 -4.39 34.34
N PRO D 254 28.55 -4.92 33.32
CA PRO D 254 27.09 -4.87 33.28
C PRO D 254 26.40 -5.66 34.42
N ASP D 255 27.08 -6.56 35.12
CA ASP D 255 26.39 -7.28 36.21
C ASP D 255 26.10 -6.32 37.37
N ALA D 256 26.92 -5.28 37.49
CA ALA D 256 26.72 -4.23 38.47
C ALA D 256 25.41 -3.51 38.23
N GLU D 257 25.26 -2.96 37.02
CA GLU D 257 24.03 -2.25 36.64
C GLU D 257 22.82 -3.19 36.80
N GLY D 258 22.99 -4.44 36.39
CA GLY D 258 21.96 -5.44 36.55
C GLY D 258 21.50 -5.55 37.99
N ARG D 259 22.47 -5.72 38.88
CA ARG D 259 22.21 -5.94 40.28
C ARG D 259 21.53 -4.73 40.89
N ALA D 260 21.96 -3.53 40.50
CA ALA D 260 21.39 -2.29 41.01
C ALA D 260 19.93 -2.09 40.60
N ILE D 261 19.60 -2.41 39.36
CA ILE D 261 18.23 -2.29 38.86
C ILE D 261 17.34 -3.30 39.57
N GLN D 262 17.87 -4.50 39.76
CA GLN D 262 17.19 -5.56 40.49
C GLN D 262 16.85 -5.03 41.87
N ALA D 263 17.82 -4.35 42.48
CA ALA D 263 17.66 -3.83 43.83
C ALA D 263 16.53 -2.80 43.85
N VAL D 264 16.53 -1.92 42.86
CA VAL D 264 15.53 -0.86 42.82
C VAL D 264 14.11 -1.42 42.57
N TYR D 265 13.99 -2.55 41.88
CA TYR D 265 12.67 -3.17 41.73
C TYR D 265 12.11 -3.51 43.09
N TRP D 266 12.92 -4.22 43.89
CA TRP D 266 12.53 -4.56 45.26
C TRP D 266 12.28 -3.30 46.10
N ALA D 267 13.16 -2.32 46.00
CA ALA D 267 12.93 -1.06 46.73
C ALA D 267 11.51 -0.56 46.44
N ASN D 268 11.12 -0.61 45.16
CA ASN D 268 9.83 -0.10 44.71
C ASN D 268 8.66 -1.04 45.08
N LYS D 269 8.85 -2.36 45.00
CA LYS D 269 7.79 -3.26 45.45
C LYS D 269 7.50 -3.04 46.96
N TRP D 270 8.56 -3.10 47.76
CA TRP D 270 8.46 -2.94 49.19
C TRP D 270 7.99 -1.57 49.67
N ALA D 271 8.48 -0.50 49.07
CA ALA D 271 8.01 0.81 49.50
C ALA D 271 6.50 0.95 49.23
N LYS D 272 6.06 0.51 48.06
CA LYS D 272 4.65 0.60 47.69
C LYS D 272 3.80 -0.22 48.66
N GLU D 273 4.28 -1.40 49.05
CA GLU D 273 3.60 -2.22 50.05
C GLU D 273 3.37 -1.46 51.36
N GLN D 274 4.20 -0.45 51.61
CA GLN D 274 4.11 0.37 52.81
C GLN D 274 3.39 1.70 52.57
N GLY D 275 2.87 1.91 51.35
CA GLY D 275 2.33 3.21 50.95
C GLY D 275 3.36 4.35 50.88
N LYS D 276 4.63 3.98 50.73
CA LYS D 276 5.71 4.98 50.69
C LYS D 276 6.44 4.89 49.34
N GLY D 277 5.74 4.31 48.36
CA GLY D 277 6.31 4.05 47.05
C GLY D 277 6.28 5.34 46.29
N SER D 278 7.16 6.25 46.69
CA SER D 278 7.08 7.66 46.34
C SER D 278 8.36 8.27 46.86
N ALA D 279 8.86 7.71 47.97
CA ALA D 279 10.21 7.99 48.46
C ALA D 279 11.28 7.49 47.50
N VAL D 280 10.94 6.52 46.65
CA VAL D 280 11.92 5.94 45.73
C VAL D 280 11.65 6.17 44.24
N ALA D 281 10.62 6.98 43.93
CA ALA D 281 10.19 7.20 42.55
C ALA D 281 11.26 7.71 41.58
N SER D 282 12.09 8.66 42.02
CA SER D 282 13.08 9.21 41.12
C SER D 282 14.26 8.23 40.90
N VAL D 283 14.52 7.36 41.87
CA VAL D 283 15.52 6.32 41.71
C VAL D 283 15.00 5.27 40.72
N VAL D 284 13.76 4.82 40.91
CA VAL D 284 13.11 3.90 39.97
C VAL D 284 13.24 4.40 38.53
N SER D 285 12.97 5.68 38.33
CA SER D 285 13.08 6.24 36.99
C SER D 285 14.54 6.33 36.44
N LYS D 286 15.53 6.59 37.29
CA LYS D 286 16.94 6.50 36.89
C LYS D 286 17.43 5.05 36.59
N ALA D 287 16.96 4.09 37.38
CA ALA D 287 17.24 2.67 37.12
C ALA D 287 16.71 2.27 35.74
N ALA D 288 15.50 2.73 35.40
CA ALA D 288 14.87 2.46 34.14
C ALA D 288 15.75 2.90 32.97
N LYS D 289 16.24 4.13 33.06
CA LYS D 289 17.16 4.65 32.06
C LYS D 289 18.41 3.75 32.04
N MET D 290 18.93 3.41 33.22
CA MET D 290 20.16 2.62 33.29
C MET D 290 19.96 1.31 32.52
N GLY D 291 18.82 0.67 32.73
CA GLY D 291 18.48 -0.58 32.05
C GLY D 291 18.37 -0.44 30.54
N ASP D 292 17.95 0.74 30.09
CA ASP D 292 17.81 1.02 28.69
C ASP D 292 19.22 1.05 28.06
N PHE D 293 20.17 1.66 28.77
CA PHE D 293 21.56 1.74 28.28
C PHE D 293 22.28 0.39 28.27
N LEU D 294 21.88 -0.51 29.16
CA LEU D 294 22.41 -1.84 29.17
C LEU D 294 22.21 -2.56 27.84
N ARG D 295 21.37 -2.00 26.97
CA ARG D 295 21.20 -2.59 25.64
C ARG D 295 22.51 -2.58 24.86
N ASN D 296 23.41 -1.64 25.16
CA ASN D 296 24.75 -1.61 24.52
C ASN D 296 25.57 -2.84 24.85
N ASP D 297 25.27 -3.50 25.97
CA ASP D 297 25.96 -4.73 26.36
C ASP D 297 25.52 -5.97 25.58
N MET D 298 24.47 -5.84 24.75
CA MET D 298 23.91 -6.95 23.96
C MET D 298 24.53 -7.18 22.56
N PHE D 299 25.55 -6.41 22.21
CA PHE D 299 26.12 -6.46 20.87
C PHE D 299 27.54 -6.95 20.80
N ASP D 300 27.81 -7.65 19.71
CA ASP D 300 29.12 -8.05 19.30
C ASP D 300 30.06 -6.88 19.40
N LYS D 301 31.31 -7.14 19.80
CA LYS D 301 32.29 -6.07 20.02
C LYS D 301 32.35 -5.06 18.86
N TYR D 302 32.54 -5.50 17.62
CA TYR D 302 32.59 -4.58 16.47
C TYR D 302 31.33 -4.63 15.59
N PHE D 303 30.19 -4.94 16.21
CA PHE D 303 28.95 -5.12 15.47
C PHE D 303 29.10 -6.09 14.27
N MET D 304 29.90 -7.14 14.44
CA MET D 304 30.01 -8.18 13.43
C MET D 304 28.76 -9.08 13.50
N LYS D 305 28.40 -9.71 12.40
CA LYS D 305 27.19 -10.55 12.36
C LYS D 305 27.34 -11.75 13.29
N ILE D 306 26.33 -12.01 14.13
CA ILE D 306 26.37 -13.22 14.98
C ILE D 306 26.43 -14.46 14.09
N GLY D 307 27.36 -15.37 14.39
CA GLY D 307 27.55 -16.58 13.62
C GLY D 307 28.46 -16.42 12.41
N ALA D 308 28.94 -15.22 12.14
CA ALA D 308 29.77 -15.00 10.95
C ALA D 308 31.03 -15.85 10.86
N GLN D 309 31.68 -16.13 12.00
CA GLN D 309 32.96 -16.86 12.01
C GLN D 309 33.96 -16.20 11.05
N ASP D 310 33.78 -14.90 10.85
CA ASP D 310 34.67 -14.06 10.06
C ASP D 310 34.34 -12.59 10.40
N LYS D 311 35.13 -11.67 9.88
CA LYS D 311 34.90 -10.25 10.08
C LYS D 311 33.79 -9.72 9.16
N THR D 312 32.56 -10.21 9.33
CA THR D 312 31.39 -9.83 8.52
C THR D 312 30.58 -8.76 9.22
N PRO D 313 30.58 -7.55 8.69
CA PRO D 313 29.86 -6.45 9.37
C PRO D 313 28.35 -6.68 9.27
N ALA D 314 27.63 -6.38 10.35
CA ALA D 314 26.17 -6.47 10.32
C ALA D 314 25.53 -5.08 10.24
N THR D 315 24.24 -5.03 9.93
CA THR D 315 23.54 -3.75 9.95
C THR D 315 22.30 -3.84 10.78
N GLY D 316 21.89 -5.05 11.11
CA GLY D 316 20.54 -5.18 11.69
C GLY D 316 20.48 -5.12 13.20
N TYR D 317 19.70 -6.00 13.79
CA TYR D 317 20.06 -6.54 15.09
C TYR D 317 20.84 -7.84 14.88
N ASP D 318 21.35 -7.99 13.66
CA ASP D 318 22.17 -9.14 13.26
C ASP D 318 23.47 -9.27 14.05
N SER D 319 23.84 -8.23 14.77
CA SER D 319 25.02 -8.26 15.60
C SER D 319 24.62 -8.34 17.06
N ALA D 320 23.32 -8.54 17.31
CA ALA D 320 22.83 -8.60 18.69
C ALA D 320 22.82 -10.05 19.10
N HIS D 321 23.58 -10.37 20.15
CA HIS D 321 23.49 -11.70 20.76
C HIS D 321 22.44 -11.69 21.88
N TYR D 322 22.01 -10.48 22.27
CA TYR D 322 20.98 -10.30 23.31
C TYR D 322 21.33 -10.79 24.72
N LEU D 323 22.60 -11.05 24.98
CA LEU D 323 23.07 -11.35 26.33
C LEU D 323 23.78 -10.15 26.95
N MET D 324 24.11 -10.25 28.24
CA MET D 324 25.01 -9.28 28.84
C MET D 324 26.42 -9.79 28.57
N ALA D 325 27.11 -9.15 27.65
CA ALA D 325 28.49 -9.54 27.39
C ALA D 325 29.37 -9.00 28.53
N TRP D 326 30.68 -9.24 28.45
CA TRP D 326 31.59 -8.88 29.52
C TRP D 326 31.64 -7.39 29.78
N TYR D 327 31.35 -6.58 28.77
CA TYR D 327 31.40 -5.13 28.96
C TYR D 327 30.85 -4.38 27.76
N THR D 328 30.72 -3.06 27.94
CA THR D 328 30.71 -2.12 26.85
C THR D 328 31.73 -1.07 27.23
N ALA D 329 32.46 -0.59 26.25
CA ALA D 329 33.40 0.50 26.48
C ALA D 329 33.09 1.57 25.48
N TRP D 330 33.44 2.79 25.85
CA TRP D 330 33.19 3.91 24.97
C TRP D 330 34.14 5.03 25.35
N GLY D 331 34.40 5.93 24.41
CA GLY D 331 35.37 6.98 24.67
C GLY D 331 35.48 7.98 23.55
N GLY D 332 36.41 8.92 23.69
CA GLY D 332 36.53 10.02 22.75
C GLY D 332 37.69 10.93 23.03
N GLY D 333 37.90 11.87 22.13
CA GLY D 333 39.02 12.78 22.22
C GLY D 333 38.85 13.83 23.30
N ILE D 334 39.97 14.43 23.70
CA ILE D 334 39.90 15.61 24.55
C ILE D 334 40.18 16.89 23.71
N GLY D 335 41.29 16.95 22.99
CA GLY D 335 41.48 18.14 22.16
C GLY D 335 40.58 18.26 20.93
N ALA D 336 39.76 17.24 20.67
CA ALA D 336 39.14 17.06 19.35
C ALA D 336 37.88 16.25 19.48
N SER D 337 36.99 16.35 18.50
CA SER D 337 35.70 15.74 18.70
C SER D 337 35.51 14.51 17.80
N TRP D 338 35.68 13.36 18.43
CA TRP D 338 35.39 12.06 17.86
C TRP D 338 35.01 11.15 19.02
N ALA D 339 34.37 10.04 18.72
CA ALA D 339 33.89 9.13 19.75
C ALA D 339 33.69 7.75 19.18
N TRP D 340 33.73 6.76 20.04
CA TRP D 340 33.60 5.38 19.64
C TRP D 340 32.92 4.59 20.73
N LYS D 341 32.40 3.43 20.36
CA LYS D 341 31.70 2.54 21.26
C LYS D 341 31.93 1.11 20.79
N ILE D 342 32.26 0.22 21.72
CA ILE D 342 32.28 -1.22 21.43
C ILE D 342 31.33 -1.96 22.37
N GLY D 343 30.73 -3.03 21.87
CA GLY D 343 30.05 -3.99 22.70
C GLY D 343 31.10 -4.99 23.12
N CYS D 344 30.72 -6.26 23.23
CA CYS D 344 31.68 -7.31 23.52
C CYS D 344 31.18 -8.62 22.95
N SER D 345 32.08 -9.42 22.40
CA SER D 345 31.69 -10.65 21.71
C SER D 345 31.58 -11.84 22.66
N HIS D 346 32.00 -11.64 23.90
CA HIS D 346 32.11 -12.75 24.84
C HIS D 346 31.05 -12.60 25.93
N ALA D 347 30.40 -13.70 26.25
CA ALA D 347 29.37 -13.66 27.26
C ALA D 347 29.59 -14.79 28.26
N HIS D 348 29.54 -14.43 29.53
CA HIS D 348 29.65 -15.33 30.68
C HIS D 348 28.23 -15.51 31.32
N PHE D 349 27.86 -16.75 31.63
CA PHE D 349 26.57 -16.98 32.29
C PHE D 349 26.49 -16.18 33.64
N GLY D 350 27.64 -15.94 34.26
CA GLY D 350 27.68 -15.21 35.52
C GLY D 350 27.29 -13.74 35.44
N TYR D 351 27.24 -13.23 34.22
CA TYR D 351 26.87 -11.84 33.99
C TYR D 351 25.40 -11.67 33.64
N GLN D 352 24.67 -12.76 33.41
CA GLN D 352 23.28 -12.66 33.00
C GLN D 352 22.43 -12.29 34.21
N ASN D 353 21.33 -11.57 33.96
CA ASN D 353 20.35 -11.24 35.00
C ASN D 353 18.98 -11.22 34.34
N PRO D 354 18.45 -12.40 34.05
CA PRO D 354 17.10 -12.50 33.47
C PRO D 354 16.07 -11.82 34.36
N PHE D 355 16.36 -11.64 35.65
CA PHE D 355 15.43 -10.95 36.51
C PHE D 355 15.32 -9.47 36.16
N GLN D 356 16.45 -8.75 36.20
CA GLN D 356 16.49 -7.35 35.75
C GLN D 356 15.95 -7.19 34.33
N GLY D 357 16.34 -8.13 33.47
CA GLY D 357 15.88 -8.16 32.10
C GLY D 357 14.37 -8.16 32.01
N TRP D 358 13.76 -9.07 32.77
CA TRP D 358 12.30 -9.16 32.87
C TRP D 358 11.67 -7.87 33.43
N VAL D 359 12.28 -7.30 34.45
CA VAL D 359 11.79 -6.06 35.03
C VAL D 359 11.71 -4.99 33.95
N SER D 360 12.81 -4.76 33.22
CA SER D 360 12.73 -3.70 32.26
C SER D 360 11.81 -4.04 31.08
N ALA D 361 11.63 -5.33 30.81
CA ALA D 361 10.72 -5.74 29.75
C ALA D 361 9.24 -5.63 30.14
N THR D 362 8.88 -5.96 31.40
CA THR D 362 7.45 -6.07 31.77
C THR D 362 6.88 -5.03 32.72
N GLN D 363 7.72 -4.41 33.54
CA GLN D 363 7.24 -3.58 34.62
C GLN D 363 7.02 -2.15 34.16
N SER D 364 5.78 -1.71 34.26
CA SER D 364 5.40 -0.38 33.86
C SER D 364 6.39 0.69 34.29
N ASP D 365 6.71 0.78 35.59
CA ASP D 365 7.54 1.86 36.16
C ASP D 365 8.97 1.80 35.66
N PHE D 366 9.36 0.62 35.18
CA PHE D 366 10.67 0.40 34.63
C PHE D 366 10.68 0.36 33.10
N ALA D 367 9.57 0.76 32.47
CA ALA D 367 9.51 0.80 31.00
C ALA D 367 10.59 1.74 30.49
N PRO D 368 11.40 1.29 29.55
CA PRO D 368 12.39 2.19 28.93
C PRO D 368 11.68 3.37 28.25
N LYS D 369 12.27 4.55 28.34
CA LYS D 369 11.74 5.76 27.72
C LYS D 369 12.00 5.73 26.21
N SER D 370 12.97 4.93 25.76
CA SER D 370 13.23 4.85 24.33
C SER D 370 12.12 4.02 23.68
N SER D 371 11.98 4.10 22.36
CA SER D 371 10.85 3.42 21.73
C SER D 371 11.02 1.91 21.47
N ASN D 372 12.27 1.43 21.42
CA ASN D 372 12.53 0.00 21.25
C ASN D 372 13.04 -0.77 22.49
N GLY D 373 13.29 -0.05 23.57
CA GLY D 373 13.88 -0.65 24.75
C GLY D 373 13.10 -1.81 25.32
N LYS D 374 11.79 -1.60 25.47
CA LYS D 374 10.86 -2.64 25.96
C LYS D 374 10.90 -3.89 25.06
N ARG D 375 10.82 -3.69 23.74
CA ARG D 375 10.95 -4.80 22.79
C ARG D 375 12.29 -5.53 22.93
N ASP D 376 13.40 -4.79 22.94
CA ASP D 376 14.73 -5.42 23.03
C ASP D 376 14.86 -6.22 24.34
N TRP D 377 14.42 -5.64 25.44
CA TRP D 377 14.47 -6.34 26.73
C TRP D 377 13.59 -7.58 26.82
N THR D 378 12.47 -7.57 26.12
CA THR D 378 11.66 -8.76 25.98
C THR D 378 12.42 -9.90 25.25
N THR D 379 13.12 -9.57 24.16
CA THR D 379 13.96 -10.57 23.48
C THR D 379 15.08 -11.05 24.42
N SER D 380 15.76 -10.10 25.04
CA SER D 380 16.96 -10.43 25.79
C SER D 380 16.67 -11.34 26.98
N TYR D 381 15.75 -10.97 27.85
CA TYR D 381 15.60 -11.80 29.02
C TYR D 381 15.24 -13.25 28.70
N LYS D 382 14.43 -13.48 27.68
CA LYS D 382 14.14 -14.84 27.24
C LYS D 382 15.37 -15.55 26.68
N ARG D 383 16.16 -14.83 25.89
CA ARG D 383 17.42 -15.35 25.43
C ARG D 383 18.33 -15.70 26.61
N GLN D 384 18.47 -14.80 27.56
CA GLN D 384 19.27 -15.12 28.74
C GLN D 384 18.79 -16.42 29.42
N LEU D 385 17.48 -16.62 29.57
CA LEU D 385 16.98 -17.88 30.17
C LEU D 385 17.38 -19.14 29.38
N GLU D 386 17.42 -19.07 28.05
CA GLU D 386 17.81 -20.23 27.26
C GLU D 386 19.32 -20.50 27.41
N PHE D 387 20.08 -19.43 27.60
CA PHE D 387 21.52 -19.50 27.82
C PHE D 387 21.92 -20.36 29.03
N TYR D 388 21.33 -20.08 30.20
CA TYR D 388 21.50 -20.97 31.38
C TYR D 388 21.13 -22.42 31.02
N GLN D 389 20.00 -22.62 30.38
CA GLN D 389 19.56 -23.96 30.13
C GLN D 389 20.60 -24.68 29.28
N TRP D 390 21.13 -23.98 28.28
CA TRP D 390 22.07 -24.61 27.37
C TRP D 390 23.38 -24.94 28.06
N LEU D 391 23.78 -24.10 29.00
CA LEU D 391 25.05 -24.31 29.66
C LEU D 391 24.98 -25.27 30.83
N GLN D 392 23.82 -25.86 31.13
CA GLN D 392 23.69 -26.69 32.31
C GLN D 392 24.35 -28.05 32.13
N SER D 393 25.32 -28.34 33.01
CA SER D 393 26.06 -29.61 32.96
C SER D 393 25.22 -30.82 33.35
N ALA D 394 25.75 -32.00 33.05
CA ALA D 394 25.14 -33.24 33.51
C ALA D 394 24.84 -33.17 35.00
N GLU D 395 25.70 -32.54 35.79
CA GLU D 395 25.59 -32.57 37.25
C GLU D 395 24.67 -31.49 37.80
N GLY D 396 24.57 -30.36 37.08
CA GLY D 396 23.71 -29.26 37.52
C GLY D 396 24.30 -27.86 37.43
N GLY D 397 25.62 -27.75 37.57
CA GLY D 397 26.31 -26.47 37.50
C GLY D 397 26.30 -25.86 36.09
N ILE D 398 26.31 -24.52 36.04
CA ILE D 398 26.21 -23.82 34.76
C ILE D 398 27.63 -23.56 34.17
N ALA D 399 27.92 -24.12 32.98
CA ALA D 399 29.21 -23.89 32.30
C ALA D 399 29.34 -22.43 31.81
N GLY D 400 30.51 -22.06 31.31
CA GLY D 400 30.91 -20.66 31.25
C GLY D 400 30.15 -19.70 30.36
N GLY D 401 30.20 -19.94 29.05
CA GLY D 401 29.45 -19.13 28.12
C GLY D 401 29.85 -19.34 26.67
N ALA D 402 29.98 -18.23 25.95
CA ALA D 402 30.12 -18.36 24.51
C ALA D 402 30.69 -17.12 23.89
N THR D 403 31.06 -17.23 22.62
CA THR D 403 31.67 -16.12 21.94
C THR D 403 31.25 -16.05 20.48
N ASN D 404 31.19 -14.82 19.98
CA ASN D 404 31.01 -14.64 18.56
C ASN D 404 32.35 -14.30 17.88
N SER D 405 33.43 -14.24 18.67
CA SER D 405 34.76 -13.94 18.14
C SER D 405 35.82 -14.94 18.63
N TRP D 406 35.99 -16.05 17.92
CA TRP D 406 36.92 -17.07 18.35
C TRP D 406 38.32 -16.49 18.37
N ASN D 407 39.02 -16.70 19.50
CA ASN D 407 40.34 -16.11 19.78
C ASN D 407 40.36 -14.58 19.74
N GLY D 408 39.18 -13.96 19.64
CA GLY D 408 39.03 -12.52 19.65
C GLY D 408 39.48 -11.90 18.34
N ARG D 409 39.51 -12.71 17.30
CA ARG D 409 39.84 -12.24 15.95
C ARG D 409 38.87 -12.83 14.91
N TYR D 410 37.71 -13.26 15.37
CA TYR D 410 36.68 -13.83 14.48
C TYR D 410 37.26 -14.97 13.65
N GLU D 411 37.93 -15.90 14.31
CA GLU D 411 38.38 -17.10 13.63
C GLU D 411 37.19 -18.04 13.40
N LYS D 412 37.38 -18.94 12.44
CA LYS D 412 36.53 -20.08 12.26
C LYS D 412 36.46 -20.86 13.55
N TYR D 413 35.27 -21.28 13.97
CA TYR D 413 35.19 -22.13 15.15
C TYR D 413 35.95 -23.44 14.85
N PRO D 414 36.75 -23.97 15.78
CA PRO D 414 37.39 -25.27 15.59
C PRO D 414 36.38 -26.39 15.32
N ALA D 415 36.84 -27.40 14.59
CA ALA D 415 36.04 -28.56 14.28
C ALA D 415 35.31 -29.03 15.53
N GLY D 416 34.02 -29.34 15.36
CA GLY D 416 33.25 -29.91 16.47
C GLY D 416 32.75 -28.93 17.53
N THR D 417 32.90 -27.62 17.33
CA THR D 417 32.46 -26.65 18.34
C THR D 417 30.94 -26.58 18.54
N SER D 418 30.52 -26.68 19.78
CA SER D 418 29.14 -26.62 20.17
C SER D 418 28.71 -25.15 20.16
N THR D 419 27.52 -24.86 19.62
CA THR D 419 27.00 -23.50 19.51
C THR D 419 25.61 -23.25 20.11
N PHE D 420 25.35 -21.97 20.37
CA PHE D 420 24.10 -21.41 20.90
C PHE D 420 23.85 -20.18 20.07
N TYR D 421 22.77 -20.26 19.29
CA TYR D 421 22.32 -19.19 18.38
C TYR D 421 23.51 -18.60 17.63
N GLY D 422 24.37 -19.48 17.15
CA GLY D 422 25.46 -19.08 16.30
C GLY D 422 26.75 -18.82 17.05
N MET D 423 26.68 -18.71 18.38
CA MET D 423 27.90 -18.45 19.15
C MET D 423 28.68 -19.71 19.61
N ALA D 424 30.00 -19.63 19.65
CA ALA D 424 30.82 -20.78 20.08
C ALA D 424 30.89 -20.96 21.60
N TYR D 425 30.65 -22.18 22.07
CA TYR D 425 30.83 -22.49 23.49
C TYR D 425 32.27 -22.19 23.95
N VAL D 426 32.42 -21.56 25.10
CA VAL D 426 33.76 -21.44 25.68
C VAL D 426 33.71 -21.72 27.20
N PRO D 427 34.48 -22.69 27.66
CA PRO D 427 34.48 -23.05 29.09
C PRO D 427 34.81 -21.89 30.00
N HIS D 428 35.71 -21.00 29.60
CA HIS D 428 36.15 -19.88 30.43
C HIS D 428 36.17 -18.57 29.62
N PRO D 429 35.02 -17.97 29.40
CA PRO D 429 34.96 -16.75 28.59
C PRO D 429 35.95 -15.70 29.09
N VAL D 430 36.65 -15.08 28.15
CA VAL D 430 37.40 -13.86 28.40
C VAL D 430 38.77 -14.08 29.06
N TYR D 431 38.79 -14.67 30.26
CA TYR D 431 40.05 -14.83 31.03
C TYR D 431 40.39 -16.29 31.26
N ALA D 432 41.67 -16.62 31.06
CA ALA D 432 42.16 -17.98 31.23
C ALA D 432 42.98 -18.26 32.49
N ASP D 433 43.40 -17.23 33.24
CA ASP D 433 44.29 -17.45 34.40
C ASP D 433 43.97 -16.60 35.66
N PRO D 434 43.18 -17.14 36.58
CA PRO D 434 42.58 -18.48 36.42
C PRO D 434 41.41 -18.40 35.43
N GLY D 435 40.92 -19.55 35.01
CA GLY D 435 39.72 -19.58 34.20
C GLY D 435 38.57 -18.82 34.84
N SER D 436 37.92 -17.96 34.08
CA SER D 436 36.81 -17.15 34.55
C SER D 436 35.61 -17.97 35.08
N ASN D 437 35.56 -19.27 34.79
CA ASN D 437 34.49 -20.09 35.35
C ASN D 437 35.00 -21.14 36.35
N GLN D 438 36.16 -20.85 36.94
CA GLN D 438 36.63 -21.64 38.06
C GLN D 438 35.90 -21.24 39.33
N TRP D 439 35.61 -19.95 39.48
CA TRP D 439 35.00 -19.47 40.71
C TRP D 439 33.56 -19.97 40.88
N PHE D 440 33.30 -20.72 41.95
CA PHE D 440 31.95 -21.13 42.30
C PHE D 440 31.01 -19.94 42.51
N GLY D 441 31.57 -18.77 42.82
CA GLY D 441 30.79 -17.61 43.19
C GLY D 441 29.81 -17.18 42.12
N PHE D 442 30.15 -17.34 40.85
CA PHE D 442 29.22 -16.99 39.78
C PHE D 442 27.97 -17.85 39.80
N GLN D 443 28.10 -19.12 40.18
CA GLN D 443 26.96 -20.04 40.24
C GLN D 443 25.92 -19.45 41.16
N ALA D 444 26.32 -19.08 42.38
CA ALA D 444 25.40 -18.44 43.32
C ALA D 444 24.89 -17.08 42.82
N TRP D 445 25.79 -16.15 42.48
CA TRP D 445 25.42 -14.81 42.05
C TRP D 445 24.39 -14.79 40.92
N SER D 446 24.59 -15.67 39.96
CA SER D 446 23.78 -15.64 38.76
C SER D 446 22.52 -16.47 38.89
N MET D 447 22.60 -17.64 39.54
CA MET D 447 21.39 -18.42 39.75
C MET D 447 20.47 -17.74 40.76
N GLN D 448 21.03 -16.92 41.66
CA GLN D 448 20.17 -16.16 42.58
C GLN D 448 19.14 -15.32 41.80
N ARG D 449 19.57 -14.74 40.67
CA ARG D 449 18.70 -13.90 39.83
C ARG D 449 17.63 -14.74 39.17
N VAL D 450 17.98 -15.95 38.79
CA VAL D 450 17.03 -16.83 38.14
C VAL D 450 15.98 -17.19 39.18
N MET D 451 16.38 -17.32 40.44
CA MET D 451 15.41 -17.64 41.51
C MET D 451 14.42 -16.51 41.69
N GLU D 452 14.91 -15.29 41.73
CA GLU D 452 14.01 -14.14 41.84
C GLU D 452 13.03 -14.04 40.68
N TYR D 453 13.50 -14.43 39.49
CA TYR D 453 12.67 -14.42 38.30
C TYR D 453 11.53 -15.41 38.46
N TYR D 454 11.86 -16.61 38.94
CA TYR D 454 10.87 -17.65 39.16
C TYR D 454 9.85 -17.20 40.20
N LEU D 455 10.32 -16.57 41.28
CA LEU D 455 9.44 -16.11 42.35
C LEU D 455 8.34 -15.19 41.81
N GLU D 456 8.77 -14.20 41.03
CA GLU D 456 7.88 -13.15 40.57
C GLU D 456 7.09 -13.49 39.33
N THR D 457 7.34 -14.63 38.69
CA THR D 457 6.61 -14.94 37.47
C THR D 457 5.94 -16.30 37.53
N GLY D 458 6.56 -17.24 38.21
CA GLY D 458 6.10 -18.61 38.20
C GLY D 458 6.35 -19.28 36.88
N ASP D 459 7.20 -18.68 36.05
CA ASP D 459 7.53 -19.23 34.73
C ASP D 459 7.97 -20.68 34.85
N SER D 460 7.10 -21.58 34.45
CA SER D 460 7.34 -23.01 34.57
C SER D 460 8.42 -23.58 33.64
N SER D 461 8.81 -22.81 32.63
CA SER D 461 9.78 -23.29 31.63
C SER D 461 11.20 -23.35 32.22
N VAL D 462 11.31 -22.80 33.42
CA VAL D 462 12.58 -22.61 34.09
C VAL D 462 12.74 -23.60 35.30
N LYS D 463 11.69 -24.40 35.56
CA LYS D 463 11.66 -25.32 36.70
C LYS D 463 12.77 -26.36 36.69
N ASN D 464 12.91 -27.09 35.58
CA ASN D 464 13.95 -28.13 35.48
C ASN D 464 15.37 -27.58 35.68
N LEU D 465 15.68 -26.44 35.09
CA LEU D 465 16.94 -25.79 35.29
C LEU D 465 17.18 -25.48 36.77
N ILE D 466 16.19 -24.90 37.43
CA ILE D 466 16.31 -24.56 38.85
C ILE D 466 16.52 -25.77 39.81
N LYS D 467 15.66 -26.76 39.68
CA LYS D 467 15.68 -27.93 40.55
C LYS D 467 16.98 -28.72 40.43
N LYS D 468 17.39 -28.98 39.19
CA LYS D 468 18.67 -29.59 38.91
C LYS D 468 19.82 -28.78 39.49
N TRP D 469 19.74 -27.45 39.44
CA TRP D 469 20.81 -26.66 40.04
C TRP D 469 20.78 -26.73 41.57
N VAL D 470 19.59 -26.73 42.15
CA VAL D 470 19.46 -26.89 43.60
C VAL D 470 19.93 -28.26 44.07
N ASP D 471 19.55 -29.33 43.40
CA ASP D 471 20.08 -30.65 43.76
C ASP D 471 21.60 -30.65 43.81
N TRP D 472 22.24 -30.18 42.74
CA TRP D 472 23.70 -30.15 42.67
C TRP D 472 24.28 -29.40 43.85
N VAL D 473 23.82 -28.19 44.07
CA VAL D 473 24.34 -27.37 45.15
C VAL D 473 24.07 -27.96 46.55
N MET D 474 22.95 -28.65 46.70
CA MET D 474 22.60 -29.23 47.99
C MET D 474 23.51 -30.41 48.34
N SER D 475 23.89 -31.18 47.33
CA SER D 475 24.76 -32.31 47.50
C SER D 475 26.23 -31.89 47.66
N GLU D 476 26.51 -30.59 47.70
CA GLU D 476 27.90 -30.14 47.74
C GLU D 476 28.27 -29.30 48.95
N ILE D 477 27.28 -28.70 49.62
CA ILE D 477 27.54 -27.96 50.85
C ILE D 477 27.98 -28.92 51.96
N LYS D 478 29.03 -28.55 52.70
CA LYS D 478 29.50 -29.40 53.78
C LYS D 478 29.07 -28.76 55.10
N LEU D 479 28.21 -29.49 55.84
CA LEU D 479 27.80 -29.07 57.19
C LEU D 479 28.42 -29.98 58.24
N TYR D 480 29.18 -29.40 59.17
CA TYR D 480 29.91 -30.22 60.14
C TYR D 480 29.24 -30.19 61.52
N ASP D 481 29.37 -31.30 62.24
CA ASP D 481 28.80 -31.43 63.60
C ASP D 481 29.22 -30.30 64.56
N ASP D 482 30.42 -29.74 64.40
CA ASP D 482 30.87 -28.65 65.28
C ASP D 482 30.33 -27.24 64.92
N GLY D 483 29.45 -27.20 63.92
CA GLY D 483 28.79 -25.98 63.54
C GLY D 483 29.56 -25.10 62.57
N THR D 484 30.58 -25.69 61.94
CA THR D 484 31.32 -25.01 60.88
C THR D 484 30.78 -25.54 59.57
N PHE D 485 31.19 -24.91 58.47
CA PHE D 485 30.68 -25.28 57.17
C PHE D 485 31.77 -25.07 56.14
N ALA D 486 31.56 -25.66 54.98
CA ALA D 486 32.38 -25.36 53.83
C ALA D 486 31.49 -25.40 52.59
N ILE D 487 31.79 -24.56 51.59
CA ILE D 487 31.08 -24.59 50.32
C ILE D 487 32.05 -24.69 49.15
N PRO D 488 31.56 -25.20 48.03
CA PRO D 488 32.36 -25.25 46.80
C PRO D 488 33.07 -23.93 46.56
N SER D 489 34.30 -24.05 46.16
CA SER D 489 35.14 -22.88 46.00
C SER D 489 35.63 -22.84 44.53
N ASP D 490 36.38 -23.85 44.10
CA ASP D 490 36.94 -23.95 42.76
C ASP D 490 36.27 -25.05 41.96
N LEU D 491 35.98 -24.76 40.70
CA LEU D 491 35.35 -25.72 39.80
C LEU D 491 36.26 -26.12 38.63
N GLU D 492 36.09 -27.35 38.14
CA GLU D 492 36.81 -27.83 36.96
C GLU D 492 35.85 -28.45 35.93
N TRP D 493 36.01 -28.00 34.68
CA TRP D 493 35.07 -28.33 33.61
C TRP D 493 35.69 -29.20 32.57
N SER D 494 34.88 -30.04 31.95
CA SER D 494 35.32 -30.83 30.83
C SER D 494 34.17 -31.02 29.86
N GLY D 495 34.51 -31.20 28.58
CA GLY D 495 33.52 -31.44 27.56
C GLY D 495 32.78 -30.18 27.16
N GLN D 496 31.67 -30.36 26.45
CA GLN D 496 30.92 -29.28 25.84
C GLN D 496 29.43 -29.61 25.97
N PRO D 497 28.56 -28.60 26.09
CA PRO D 497 27.13 -28.82 25.94
C PRO D 497 26.86 -29.24 24.50
N ASP D 498 25.79 -29.97 24.24
CA ASP D 498 25.34 -30.20 22.87
C ASP D 498 24.91 -28.87 22.26
N THR D 499 24.84 -28.82 20.93
CA THR D 499 24.42 -27.62 20.22
C THR D 499 22.98 -27.27 20.53
N TRP D 500 22.73 -26.02 20.92
CA TRP D 500 21.37 -25.55 21.28
C TRP D 500 20.44 -25.69 20.08
N THR D 501 19.34 -26.39 20.32
CA THR D 501 18.48 -26.87 19.30
C THR D 501 17.03 -26.60 19.74
N GLY D 502 16.89 -25.89 20.85
CA GLY D 502 15.60 -25.45 21.36
C GLY D 502 15.10 -26.27 22.55
N THR D 503 15.89 -27.26 22.98
CA THR D 503 15.53 -28.21 24.04
C THR D 503 16.77 -28.61 24.83
N TYR D 504 16.63 -28.71 26.14
CA TYR D 504 17.72 -29.22 26.97
C TYR D 504 17.83 -30.75 26.86
N THR D 505 18.99 -31.21 26.39
CA THR D 505 19.27 -32.64 26.19
C THR D 505 19.80 -33.35 27.44
N GLY D 506 20.10 -32.58 28.48
CA GLY D 506 20.77 -33.15 29.64
C GLY D 506 22.29 -33.04 29.59
N ASN D 507 22.83 -32.58 28.44
CA ASN D 507 24.27 -32.39 28.21
C ASN D 507 25.17 -33.43 28.87
N PRO D 508 25.01 -34.69 28.47
CA PRO D 508 25.62 -35.79 29.21
C PRO D 508 27.15 -35.77 29.15
N ASN D 509 27.70 -35.00 28.21
CA ASN D 509 29.17 -34.93 28.06
C ASN D 509 29.77 -33.63 28.59
N LEU D 510 28.96 -32.84 29.28
CA LEU D 510 29.43 -31.63 29.94
C LEU D 510 29.52 -31.87 31.46
N HIS D 511 30.73 -31.82 32.01
CA HIS D 511 30.97 -32.22 33.40
C HIS D 511 31.66 -31.15 34.19
N VAL D 512 31.22 -30.95 35.42
CA VAL D 512 31.90 -30.10 36.38
C VAL D 512 32.28 -30.96 37.59
N ARG D 513 33.46 -30.72 38.15
CA ARG D 513 33.85 -31.28 39.43
C ARG D 513 34.33 -30.15 40.32
N VAL D 514 33.86 -30.13 41.57
CA VAL D 514 34.34 -29.21 42.59
C VAL D 514 35.72 -29.71 43.06
N THR D 515 36.75 -28.89 42.93
CA THR D 515 38.08 -29.36 43.28
C THR D 515 38.59 -28.83 44.59
N SER D 516 38.04 -27.74 45.08
CA SER D 516 38.34 -27.27 46.42
C SER D 516 37.11 -26.66 47.09
N TYR D 517 37.17 -26.54 48.42
CA TYR D 517 36.08 -26.07 49.28
C TYR D 517 36.63 -25.01 50.20
N GLY D 518 35.75 -24.11 50.64
CA GLY D 518 36.16 -23.04 51.52
C GLY D 518 34.98 -22.42 52.23
N THR D 519 35.21 -21.19 52.66
CA THR D 519 34.43 -20.61 53.71
C THR D 519 34.19 -19.12 53.38
N ASP D 520 33.99 -18.86 52.09
CA ASP D 520 33.84 -17.53 51.51
C ASP D 520 32.50 -16.97 51.94
N LEU D 521 32.54 -15.86 52.70
CA LEU D 521 31.32 -15.36 53.37
C LEU D 521 30.32 -14.81 52.36
N GLY D 522 30.81 -14.01 51.41
CA GLY D 522 29.97 -13.49 50.35
C GLY D 522 29.32 -14.57 49.53
N VAL D 523 30.08 -15.59 49.15
CA VAL D 523 29.49 -16.67 48.40
C VAL D 523 28.53 -17.48 49.27
N ALA D 524 28.76 -17.52 50.58
CA ALA D 524 27.87 -18.25 51.48
C ALA D 524 26.52 -17.53 51.52
N GLY D 525 26.60 -16.22 51.71
CA GLY D 525 25.42 -15.38 51.80
C GLY D 525 24.61 -15.42 50.51
N SER D 526 25.31 -15.36 49.37
CA SER D 526 24.64 -15.34 48.08
C SER D 526 23.94 -16.67 47.81
N LEU D 527 24.59 -17.76 48.18
CA LEU D 527 24.02 -19.09 48.04
C LEU D 527 22.78 -19.26 48.93
N ALA D 528 22.82 -18.72 50.15
CA ALA D 528 21.67 -18.81 51.05
C ALA D 528 20.51 -18.04 50.45
N ASN D 529 20.81 -16.83 49.98
CA ASN D 529 19.84 -16.02 49.27
C ASN D 529 19.11 -16.81 48.14
N ALA D 530 19.89 -17.44 47.27
CA ALA D 530 19.31 -18.23 46.19
C ALA D 530 18.40 -19.34 46.71
N LEU D 531 18.87 -20.08 47.73
CA LEU D 531 18.10 -21.20 48.26
C LEU D 531 16.83 -20.71 48.97
N ALA D 532 16.94 -19.62 49.73
CA ALA D 532 15.77 -19.06 50.39
C ALA D 532 14.77 -18.60 49.34
N THR D 533 15.24 -17.79 48.38
CA THR D 533 14.37 -17.18 47.38
C THR D 533 13.65 -18.30 46.67
N TYR D 534 14.41 -19.31 46.27
CA TYR D 534 13.83 -20.48 45.62
C TYR D 534 12.75 -21.14 46.49
N ALA D 535 13.00 -21.27 47.79
CA ALA D 535 12.03 -21.91 48.70
C ALA D 535 10.74 -21.09 48.71
N ALA D 536 10.89 -19.77 48.92
CA ALA D 536 9.75 -18.86 48.81
C ALA D 536 8.99 -19.08 47.52
N ALA D 537 9.72 -19.30 46.43
CA ALA D 537 9.08 -19.49 45.12
C ALA D 537 8.25 -20.78 45.07
N THR D 538 8.76 -21.87 45.66
CA THR D 538 8.01 -23.14 45.71
C THR D 538 6.69 -23.03 46.47
N GLU D 539 6.68 -22.23 47.54
CA GLU D 539 5.48 -22.04 48.35
C GLU D 539 4.43 -21.33 47.52
N ARG D 540 4.87 -20.30 46.81
CA ARG D 540 3.96 -19.46 46.04
C ARG D 540 3.34 -20.22 44.86
N TRP D 541 4.14 -21.00 44.13
CA TRP D 541 3.70 -21.60 42.84
C TRP D 541 3.52 -23.09 42.84
N GLU D 542 4.19 -23.80 43.72
CA GLU D 542 4.14 -25.26 43.65
C GLU D 542 3.18 -25.84 44.68
N GLY D 543 2.98 -27.17 44.62
CA GLY D 543 2.18 -27.88 45.62
C GLY D 543 2.55 -27.60 47.08
N LYS D 544 3.85 -27.55 47.39
CA LYS D 544 4.29 -27.28 48.76
C LYS D 544 5.64 -26.57 48.82
N LEU D 545 5.91 -25.97 49.97
CA LEU D 545 7.23 -25.44 50.32
C LEU D 545 8.36 -26.49 50.15
N ASP D 546 9.52 -26.05 49.68
CA ASP D 546 10.69 -26.91 49.69
C ASP D 546 11.46 -26.62 50.98
N THR D 547 11.33 -27.56 51.90
CA THR D 547 11.71 -27.39 53.30
C THR D 547 13.23 -27.46 53.48
N LYS D 548 13.83 -28.39 52.75
CA LYS D 548 15.27 -28.62 52.79
C LYS D 548 16.05 -27.38 52.33
N ALA D 549 15.52 -26.69 51.31
CA ALA D 549 16.19 -25.52 50.78
C ALA D 549 16.11 -24.32 51.72
N ARG D 550 14.95 -24.15 52.36
CA ARG D 550 14.77 -23.10 53.38
C ARG D 550 15.70 -23.30 54.59
N ASP D 551 15.72 -24.53 55.12
CA ASP D 551 16.60 -24.91 56.23
C ASP D 551 18.08 -24.75 55.86
N MET D 552 18.44 -25.20 54.65
CA MET D 552 19.81 -25.01 54.18
C MET D 552 20.24 -23.54 54.11
N ALA D 553 19.35 -22.65 53.67
CA ALA D 553 19.65 -21.21 53.70
C ALA D 553 19.90 -20.69 55.11
N ALA D 554 19.08 -21.16 56.06
CA ALA D 554 19.23 -20.75 57.47
C ALA D 554 20.56 -21.25 58.03
N GLU D 555 20.93 -22.47 57.66
CA GLU D 555 22.17 -23.06 58.12
C GLU D 555 23.38 -22.26 57.68
N LEU D 556 23.37 -21.84 56.41
CA LEU D 556 24.47 -21.09 55.87
C LEU D 556 24.59 -19.72 56.55
N VAL D 557 23.46 -19.04 56.72
CA VAL D 557 23.48 -17.76 57.43
C VAL D 557 23.96 -17.97 58.86
N ASN D 558 23.48 -19.04 59.50
CA ASN D 558 23.81 -19.30 60.91
C ASN D 558 25.31 -19.52 61.08
N ARG D 559 25.87 -20.36 60.20
CA ARG D 559 27.27 -20.76 60.30
C ARG D 559 28.23 -19.67 59.83
N ALA D 560 27.85 -18.94 58.80
CA ALA D 560 28.67 -17.81 58.38
C ALA D 560 28.77 -16.81 59.52
N TRP D 561 27.64 -16.56 60.18
CA TRP D 561 27.56 -15.51 61.19
C TRP D 561 28.22 -15.98 62.50
N TYR D 562 27.82 -17.16 62.97
CA TYR D 562 28.40 -17.71 64.19
C TYR D 562 29.92 -17.78 64.10
N ASN D 563 30.41 -18.50 63.09
CA ASN D 563 31.84 -18.80 63.00
C ASN D 563 32.73 -17.65 62.55
N PHE D 564 32.18 -16.58 61.97
CA PHE D 564 33.05 -15.53 61.40
C PHE D 564 32.81 -14.13 61.92
N TYR D 565 32.12 -14.07 63.05
CA TYR D 565 31.84 -12.84 63.77
C TYR D 565 33.15 -12.13 64.11
N CYS D 566 33.13 -10.81 64.04
CA CYS D 566 34.29 -9.97 64.29
C CYS D 566 34.07 -9.24 65.61
N SER D 567 34.84 -9.62 66.64
CA SER D 567 34.68 -9.04 67.99
C SER D 567 34.83 -7.51 68.02
N GLU D 568 35.70 -6.93 67.20
CA GLU D 568 35.87 -5.47 67.19
C GLU D 568 34.68 -4.68 66.54
N GLY D 569 33.59 -5.39 66.19
CA GLY D 569 32.33 -4.81 65.76
C GLY D 569 32.14 -4.50 64.26
N LYS D 570 32.99 -5.07 63.41
CA LYS D 570 32.98 -4.69 62.00
C LYS D 570 32.06 -5.53 61.13
N GLY D 571 31.42 -6.53 61.71
CA GLY D 571 30.48 -7.36 61.00
C GLY D 571 30.93 -8.79 61.08
N VAL D 572 31.24 -9.36 59.92
CA VAL D 572 31.88 -10.65 59.84
C VAL D 572 33.26 -10.50 59.19
N VAL D 573 34.12 -11.49 59.40
CA VAL D 573 35.48 -11.38 58.90
C VAL D 573 35.96 -12.73 58.46
N THR D 574 36.77 -12.66 57.43
CA THR D 574 37.28 -13.77 56.68
C THR D 574 38.61 -14.25 57.28
N GLU D 575 38.89 -15.55 57.15
CA GLU D 575 40.23 -16.06 57.40
C GLU D 575 40.70 -16.85 56.18
N GLU D 576 41.60 -16.27 55.39
CA GLU D 576 41.92 -16.89 54.09
C GLU D 576 43.41 -16.97 53.76
N ALA D 577 43.86 -18.18 53.45
CA ALA D 577 45.21 -18.41 52.95
C ALA D 577 45.29 -17.88 51.52
N ARG D 578 46.23 -17.00 51.28
CA ARG D 578 46.39 -16.41 49.97
C ARG D 578 47.73 -16.81 49.34
N ALA D 579 47.87 -18.08 48.97
CA ALA D 579 49.07 -18.53 48.26
C ALA D 579 49.42 -17.67 47.03
N ASP D 580 48.40 -17.24 46.29
CA ASP D 580 48.60 -16.38 45.15
C ASP D 580 49.45 -15.13 45.45
N TYR D 581 49.52 -14.69 46.71
CA TYR D 581 50.26 -13.45 47.04
C TYR D 581 51.79 -13.48 46.85
N LYS D 582 52.34 -14.66 46.60
CA LYS D 582 53.71 -14.76 46.13
C LYS D 582 53.90 -14.00 44.82
N ARG D 583 52.81 -13.86 44.07
CA ARG D 583 52.82 -13.14 42.80
C ARG D 583 53.16 -11.65 42.95
N PHE D 584 52.97 -11.04 44.13
CA PHE D 584 53.49 -9.68 44.42
C PHE D 584 54.95 -9.53 44.00
N PHE D 585 55.71 -10.61 44.14
CA PHE D 585 57.16 -10.51 43.96
C PHE D 585 57.70 -11.34 42.80
N GLU D 586 56.98 -12.39 42.43
CA GLU D 586 57.39 -13.24 41.31
C GLU D 586 56.81 -12.86 39.96
N GLN D 587 55.62 -12.30 39.94
CA GLN D 587 54.96 -12.02 38.66
C GLN D 587 55.62 -10.89 37.84
N GLU D 588 56.24 -11.27 36.74
CA GLU D 588 56.71 -10.31 35.76
C GLU D 588 55.51 -9.68 35.06
N VAL D 589 55.56 -8.36 34.91
CA VAL D 589 54.57 -7.62 34.19
C VAL D 589 55.23 -7.29 32.86
N TYR D 590 54.64 -7.73 31.76
CA TYR D 590 55.14 -7.43 30.43
C TYR D 590 55.15 -5.94 30.09
N VAL D 591 56.26 -5.47 29.55
CA VAL D 591 56.41 -4.11 29.02
C VAL D 591 57.16 -4.28 27.69
N PRO D 592 56.65 -3.71 26.60
CA PRO D 592 57.34 -3.85 25.29
C PRO D 592 58.84 -3.49 25.37
N ALA D 593 59.68 -4.17 24.60
CA ALA D 593 61.10 -3.82 24.50
C ALA D 593 61.22 -2.36 24.06
N GLY D 594 62.11 -1.61 24.67
CA GLY D 594 62.29 -0.21 24.25
C GLY D 594 61.30 0.78 24.86
N TRP D 595 60.27 0.28 25.56
CA TRP D 595 59.26 1.17 26.15
C TRP D 595 59.68 1.55 27.54
N SER D 596 59.49 2.80 27.94
CA SER D 596 59.75 3.20 29.33
C SER D 596 58.81 4.33 29.72
N GLY D 597 58.50 4.42 31.00
CA GLY D 597 57.64 5.44 31.56
C GLY D 597 57.68 5.36 33.07
N THR D 598 57.00 6.28 33.76
CA THR D 598 56.98 6.27 35.22
C THR D 598 55.57 6.44 35.73
N MET D 599 55.28 5.85 36.89
CA MET D 599 54.04 6.08 37.62
C MET D 599 54.16 7.42 38.37
N PRO D 600 53.03 7.96 38.84
CA PRO D 600 53.03 9.20 39.63
C PRO D 600 54.04 9.26 40.76
N ASN D 601 54.25 8.16 41.48
CA ASN D 601 55.19 8.16 42.59
C ASN D 601 56.66 7.97 42.15
N GLY D 602 56.91 7.94 40.85
CA GLY D 602 58.26 7.75 40.36
C GLY D 602 58.68 6.31 39.97
N ASP D 603 57.82 5.30 40.20
CA ASP D 603 58.17 3.93 39.85
C ASP D 603 58.41 3.76 38.35
N LYS D 604 59.51 3.11 38.00
CA LYS D 604 59.85 2.96 36.60
C LYS D 604 59.03 1.81 36.00
N ILE D 605 58.44 2.09 34.84
CA ILE D 605 57.73 1.07 34.06
C ILE D 605 58.65 0.72 32.91
N GLN D 606 59.15 -0.52 32.90
CA GLN D 606 60.19 -0.93 31.94
C GLN D 606 60.27 -2.45 31.95
N PRO D 607 60.85 -3.04 30.92
CA PRO D 607 60.91 -4.50 30.90
C PRO D 607 61.59 -5.05 32.17
N GLY D 608 60.98 -6.07 32.74
CA GLY D 608 61.55 -6.82 33.84
C GLY D 608 60.91 -6.52 35.18
N ILE D 609 59.99 -5.57 35.21
CA ILE D 609 59.29 -5.19 36.42
C ILE D 609 58.38 -6.29 36.89
N LYS D 610 58.19 -6.33 38.20
CA LYS D 610 57.27 -7.23 38.88
C LYS D 610 56.07 -6.43 39.33
N PHE D 611 54.99 -7.12 39.70
CA PHE D 611 53.79 -6.46 40.25
C PHE D 611 54.09 -5.36 41.28
N ILE D 612 54.85 -5.69 42.33
CA ILE D 612 55.21 -4.71 43.36
C ILE D 612 55.96 -3.49 42.79
N ASP D 613 56.75 -3.70 41.74
CA ASP D 613 57.65 -2.63 41.26
C ASP D 613 56.93 -1.39 40.73
N ILE D 614 55.64 -1.51 40.41
CA ILE D 614 54.88 -0.32 39.97
C ILE D 614 53.79 0.03 40.98
N ARG D 615 53.86 -0.63 42.12
CA ARG D 615 52.95 -0.44 43.21
C ARG D 615 53.74 -0.31 44.54
N THR D 616 54.76 0.52 44.49
CA THR D 616 55.73 0.73 45.57
C THR D 616 55.19 1.23 46.90
N LYS D 617 54.13 2.03 46.83
CA LYS D 617 53.45 2.51 48.01
C LYS D 617 52.93 1.36 48.88
N TYR D 618 52.85 0.15 48.31
CA TYR D 618 52.38 -1.01 49.06
C TYR D 618 53.36 -1.43 50.14
N ARG D 619 54.64 -1.08 49.97
CA ARG D 619 55.65 -1.32 51.01
C ARG D 619 55.34 -0.63 52.34
N GLN D 620 54.54 0.44 52.31
CA GLN D 620 54.15 1.18 53.51
C GLN D 620 52.83 0.65 54.08
N ASP D 621 52.33 -0.43 53.53
CA ASP D 621 51.03 -0.95 53.92
C ASP D 621 51.17 -1.76 55.20
N PRO D 622 50.24 -1.60 56.14
CA PRO D 622 50.30 -2.34 57.41
C PRO D 622 50.37 -3.85 57.23
N TYR D 623 50.01 -4.37 56.06
CA TYR D 623 50.09 -5.81 55.86
C TYR D 623 51.25 -6.29 55.00
N TYR D 624 52.06 -5.35 54.53
CA TYR D 624 53.15 -5.68 53.64
C TYR D 624 54.16 -6.66 54.25
N ASP D 625 54.62 -6.39 55.47
CA ASP D 625 55.60 -7.25 56.11
C ASP D 625 55.09 -8.68 56.22
N ILE D 626 53.87 -8.85 56.71
CA ILE D 626 53.32 -10.19 56.79
C ILE D 626 53.43 -10.89 55.43
N VAL D 627 52.98 -10.24 54.34
CA VAL D 627 53.00 -10.93 53.04
C VAL D 627 54.39 -11.09 52.42
N TYR D 628 55.27 -10.11 52.65
CA TYR D 628 56.66 -10.24 52.22
C TYR D 628 57.42 -11.33 52.99
N GLN D 629 57.26 -11.38 54.32
CA GLN D 629 57.96 -12.40 55.11
C GLN D 629 57.48 -13.78 54.74
N ALA D 630 56.18 -13.92 54.46
CA ALA D 630 55.63 -15.21 54.05
C ALA D 630 56.26 -15.61 52.70
N TYR D 631 56.50 -14.64 51.84
CA TYR D 631 57.12 -14.91 50.56
C TYR D 631 58.56 -15.41 50.72
N LEU D 632 59.34 -14.69 51.53
CA LEU D 632 60.73 -15.06 51.82
C LEU D 632 60.85 -16.48 52.38
N ARG D 633 59.84 -16.91 53.14
CA ARG D 633 59.81 -18.23 53.78
C ARG D 633 59.21 -19.30 52.90
N GLY D 634 58.56 -18.90 51.80
CA GLY D 634 57.91 -19.84 50.90
C GLY D 634 56.56 -20.32 51.40
N GLU D 635 55.86 -19.49 52.17
CA GLU D 635 54.62 -19.89 52.80
C GLU D 635 53.50 -18.97 52.31
N ALA D 636 52.28 -19.50 52.25
CA ALA D 636 51.10 -18.71 51.93
C ALA D 636 50.73 -17.80 53.13
N PRO D 637 50.65 -16.48 52.93
CA PRO D 637 50.23 -15.57 54.03
C PRO D 637 48.76 -15.76 54.37
N VAL D 638 48.38 -15.59 55.63
CA VAL D 638 46.98 -15.75 56.02
C VAL D 638 46.31 -14.39 56.26
N LEU D 639 45.19 -14.14 55.55
CA LEU D 639 44.55 -12.83 55.64
C LEU D 639 43.16 -12.75 56.24
N ASN D 640 42.86 -11.58 56.80
CA ASN D 640 41.54 -11.26 57.33
C ASN D 640 40.94 -10.11 56.56
N TYR D 641 39.78 -10.35 55.96
CA TYR D 641 39.18 -9.33 55.13
C TYR D 641 37.72 -9.06 55.44
N HIS D 642 37.38 -7.79 55.39
CA HIS D 642 36.00 -7.36 55.46
C HIS D 642 35.69 -6.78 54.09
N ARG D 643 35.38 -7.63 53.11
CA ARG D 643 34.94 -7.07 51.81
C ARG D 643 33.51 -6.55 51.93
N PHE D 644 33.29 -5.34 51.43
CA PHE D 644 31.98 -4.72 51.41
C PHE D 644 30.91 -5.65 50.88
N TRP D 645 31.17 -6.28 49.74
CA TRP D 645 30.13 -7.12 49.18
C TRP D 645 29.91 -8.41 49.96
N HIS D 646 30.92 -8.83 50.72
CA HIS D 646 30.74 -10.01 51.55
C HIS D 646 29.74 -9.69 52.68
N GLU D 647 29.93 -8.55 53.33
CA GLU D 647 29.00 -8.07 54.36
C GLU D 647 27.58 -8.03 53.81
N VAL D 648 27.40 -7.28 52.72
CA VAL D 648 26.06 -7.02 52.18
C VAL D 648 25.37 -8.29 51.76
N ASP D 649 26.07 -9.16 51.02
CA ASP D 649 25.50 -10.41 50.55
C ASP D 649 25.05 -11.29 51.72
N LEU D 650 25.74 -11.21 52.85
CA LEU D 650 25.30 -11.96 54.02
C LEU D 650 24.06 -11.24 54.61
N ALA D 651 24.17 -9.94 54.80
CA ALA D 651 23.08 -9.13 55.30
C ALA D 651 21.80 -9.43 54.51
N VAL D 652 21.89 -9.34 53.18
CA VAL D 652 20.71 -9.48 52.35
C VAL D 652 20.09 -10.86 52.51
N ALA D 653 20.92 -11.89 52.56
CA ALA D 653 20.42 -13.23 52.84
C ALA D 653 19.59 -13.26 54.15
N MET D 654 20.05 -12.53 55.18
CA MET D 654 19.31 -12.42 56.46
C MET D 654 17.98 -11.79 56.15
N GLY D 655 18.02 -10.73 55.33
CA GLY D 655 16.84 -9.99 54.90
C GLY D 655 15.81 -10.82 54.15
N VAL D 656 16.28 -11.72 53.29
CA VAL D 656 15.38 -12.58 52.50
C VAL D 656 14.65 -13.56 53.42
N LEU D 657 15.38 -14.09 54.39
CA LEU D 657 14.84 -14.91 55.45
C LEU D 657 13.79 -14.11 56.23
N ALA D 658 14.15 -12.92 56.71
CA ALA D 658 13.20 -12.07 57.42
C ALA D 658 11.91 -11.80 56.63
N THR D 659 12.02 -11.76 55.31
CA THR D 659 10.93 -11.34 54.44
C THR D 659 9.97 -12.48 54.09
N TYR D 660 10.53 -13.63 53.73
CA TYR D 660 9.70 -14.73 53.27
C TYR D 660 9.40 -15.73 54.37
N PHE D 661 10.25 -15.75 55.39
CA PHE D 661 10.10 -16.67 56.52
C PHE D 661 10.26 -15.94 57.86
N PRO D 662 9.34 -15.03 58.16
CA PRO D 662 9.53 -14.09 59.29
C PRO D 662 9.46 -14.76 60.67
N ASP D 663 8.94 -15.99 60.73
CA ASP D 663 8.92 -16.72 61.99
C ASP D 663 10.20 -17.48 62.30
N MET D 664 11.02 -17.73 61.28
CA MET D 664 12.31 -18.39 61.47
C MET D 664 13.25 -17.54 62.29
N THR D 665 14.22 -18.21 62.91
CA THR D 665 14.99 -17.60 63.98
C THR D 665 16.42 -18.15 63.98
N TYR D 666 17.39 -17.33 64.40
CA TYR D 666 18.78 -17.78 64.49
C TYR D 666 18.95 -18.81 65.62
N LYS D 667 19.80 -19.81 65.43
CA LYS D 667 20.20 -20.76 66.50
C LYS D 667 21.71 -20.98 66.40
N VAL D 668 22.41 -21.16 67.54
CA VAL D 668 23.85 -21.50 67.48
C VAL D 668 23.97 -22.89 66.83
N PRO D 669 24.76 -22.99 65.77
CA PRO D 669 24.79 -24.18 64.90
C PRO D 669 25.34 -25.49 65.52
N GLY E 28 -54.50 -25.19 -19.63
CA GLY E 28 -54.81 -23.97 -18.82
C GLY E 28 -54.41 -23.99 -17.33
N PRO E 29 -54.43 -22.84 -16.65
CA PRO E 29 -54.09 -22.78 -15.23
C PRO E 29 -55.19 -23.38 -14.34
N THR E 30 -54.81 -23.72 -13.11
CA THR E 30 -55.60 -24.49 -12.18
C THR E 30 -55.22 -23.94 -10.82
N LYS E 31 -56.11 -24.08 -9.82
CA LYS E 31 -55.76 -23.69 -8.45
C LYS E 31 -54.78 -24.71 -7.87
N ALA E 32 -53.76 -24.21 -7.19
CA ALA E 32 -52.70 -25.04 -6.65
C ALA E 32 -53.16 -25.86 -5.42
N PRO E 33 -52.69 -27.10 -5.33
CA PRO E 33 -53.08 -28.00 -4.24
C PRO E 33 -52.21 -27.83 -3.00
N THR E 34 -51.26 -26.90 -3.05
CA THR E 34 -50.31 -26.68 -1.97
C THR E 34 -51.03 -26.35 -0.67
N LYS E 35 -50.64 -27.01 0.42
CA LYS E 35 -51.24 -26.77 1.75
C LYS E 35 -50.67 -25.51 2.44
N ASP E 36 -51.51 -24.80 3.21
CA ASP E 36 -51.05 -23.68 4.07
C ASP E 36 -49.85 -24.09 4.92
N GLY E 37 -48.86 -23.20 5.03
CA GLY E 37 -47.72 -23.46 5.88
C GLY E 37 -46.53 -24.08 5.19
N THR E 38 -46.63 -24.33 3.89
CA THR E 38 -45.50 -24.77 3.08
C THR E 38 -44.51 -23.61 2.97
N SER E 39 -43.27 -23.87 3.35
CA SER E 39 -42.22 -22.86 3.34
C SER E 39 -41.90 -22.48 1.89
N TYR E 40 -41.37 -21.28 1.70
CA TYR E 40 -40.95 -20.87 0.36
C TYR E 40 -39.82 -21.70 -0.20
N LYS E 41 -38.99 -22.22 0.69
CA LYS E 41 -37.92 -23.12 0.31
C LYS E 41 -38.47 -24.37 -0.39
N ASP E 42 -39.49 -25.00 0.19
CA ASP E 42 -40.09 -26.19 -0.43
C ASP E 42 -40.77 -25.87 -1.75
N LEU E 43 -41.46 -24.72 -1.84
CA LEU E 43 -41.99 -24.23 -3.12
C LEU E 43 -40.88 -24.06 -4.16
N PHE E 44 -39.73 -23.53 -3.74
CA PHE E 44 -38.63 -23.41 -4.67
C PHE E 44 -38.18 -24.79 -5.18
N LEU E 45 -37.97 -25.73 -4.26
CA LEU E 45 -37.48 -27.06 -4.65
C LEU E 45 -38.47 -27.77 -5.54
N GLU E 46 -39.76 -27.60 -5.29
CA GLU E 46 -40.78 -28.18 -6.16
C GLU E 46 -40.68 -27.50 -7.52
N LEU E 47 -40.62 -26.16 -7.55
CA LEU E 47 -40.58 -25.48 -8.84
C LEU E 47 -39.29 -25.83 -9.60
N TYR E 48 -38.17 -25.85 -8.89
CA TYR E 48 -36.91 -26.21 -9.49
C TYR E 48 -37.00 -27.59 -10.14
N GLY E 49 -37.48 -28.58 -9.38
CA GLY E 49 -37.64 -29.94 -9.85
C GLY E 49 -38.46 -30.05 -11.12
N LYS E 50 -39.56 -29.30 -11.19
CA LYS E 50 -40.41 -29.30 -12.38
C LYS E 50 -39.72 -28.70 -13.62
N ILE E 51 -38.95 -27.64 -13.46
CA ILE E 51 -38.16 -27.04 -14.55
C ILE E 51 -37.10 -28.01 -15.07
N LYS E 52 -36.45 -28.73 -14.15
CA LYS E 52 -35.35 -29.63 -14.51
C LYS E 52 -35.75 -31.01 -15.04
N ASP E 53 -36.99 -31.43 -14.78
CA ASP E 53 -37.54 -32.69 -15.26
C ASP E 53 -37.51 -32.86 -16.78
N PRO E 54 -36.72 -33.80 -17.29
CA PRO E 54 -36.61 -34.02 -18.75
C PRO E 54 -37.95 -34.29 -19.43
N LYS E 55 -38.88 -34.93 -18.72
CA LYS E 55 -40.23 -35.17 -19.22
C LYS E 55 -40.96 -33.86 -19.61
N ASN E 56 -40.58 -32.74 -18.99
CA ASN E 56 -41.26 -31.46 -19.25
C ASN E 56 -40.80 -30.68 -20.47
N GLY E 57 -39.55 -30.85 -20.88
CA GLY E 57 -39.05 -30.31 -22.13
C GLY E 57 -38.66 -28.83 -22.14
N TYR E 58 -38.22 -28.31 -21.00
CA TYR E 58 -37.70 -26.95 -20.93
C TYR E 58 -36.33 -26.87 -21.56
N PHE E 59 -35.63 -28.00 -21.63
CA PHE E 59 -34.27 -28.06 -22.16
C PHE E 59 -34.22 -29.05 -23.31
N SER E 60 -33.33 -28.82 -24.28
CA SER E 60 -33.17 -29.69 -25.44
C SER E 60 -32.67 -31.08 -25.04
N PRO E 61 -33.26 -32.14 -25.61
CA PRO E 61 -32.81 -33.50 -25.30
C PRO E 61 -31.31 -33.74 -25.68
N ASP E 62 -30.88 -33.25 -26.83
CA ASP E 62 -29.52 -33.55 -27.33
C ASP E 62 -28.42 -32.87 -26.57
N GLU E 63 -28.70 -31.73 -25.94
CA GLU E 63 -27.60 -30.98 -25.38
C GLU E 63 -27.86 -30.20 -24.09
N GLY E 64 -29.11 -30.20 -23.63
CA GLY E 64 -29.45 -29.54 -22.38
C GLY E 64 -29.45 -28.03 -22.45
N ILE E 65 -29.71 -27.48 -23.64
CA ILE E 65 -29.83 -26.02 -23.81
C ILE E 65 -31.26 -25.60 -23.44
N PRO E 66 -31.42 -24.58 -22.60
CA PRO E 66 -32.75 -24.03 -22.28
C PRO E 66 -33.45 -23.41 -23.49
N TYR E 67 -34.69 -23.79 -23.74
CA TYR E 67 -35.48 -23.18 -24.80
C TYR E 67 -36.12 -21.89 -24.25
N HIS E 68 -36.53 -21.00 -25.14
CA HIS E 68 -37.28 -19.83 -24.72
C HIS E 68 -38.51 -20.26 -23.92
N SER E 69 -39.29 -21.17 -24.49
CA SER E 69 -40.46 -21.74 -23.81
C SER E 69 -40.67 -23.18 -24.24
N ILE E 70 -41.49 -23.93 -23.50
CA ILE E 70 -41.94 -25.25 -23.93
C ILE E 70 -42.68 -25.24 -25.29
N GLU E 71 -43.60 -24.30 -25.47
CA GLU E 71 -44.42 -24.25 -26.69
C GLU E 71 -43.59 -23.72 -27.82
N THR E 72 -43.82 -24.20 -29.03
CA THR E 72 -43.04 -23.72 -30.16
C THR E 72 -43.58 -22.41 -30.77
N LEU E 73 -44.89 -22.18 -30.69
CA LEU E 73 -45.47 -21.03 -31.38
C LEU E 73 -45.69 -19.86 -30.43
N ILE E 74 -44.84 -18.83 -30.62
CA ILE E 74 -44.75 -17.70 -29.73
C ILE E 74 -43.91 -16.66 -30.42
N VAL E 75 -44.39 -15.43 -30.36
CA VAL E 75 -43.76 -14.33 -31.05
C VAL E 75 -43.78 -13.14 -30.13
N GLU E 76 -42.59 -12.67 -29.75
CA GLU E 76 -42.48 -11.54 -28.84
C GLU E 76 -41.14 -10.80 -28.89
N ALA E 77 -40.03 -11.53 -28.94
CA ALA E 77 -38.71 -10.96 -29.18
C ALA E 77 -37.94 -12.01 -30.00
N PRO E 78 -37.86 -13.24 -29.49
CA PRO E 78 -37.64 -14.38 -30.39
C PRO E 78 -38.98 -14.60 -31.12
N ASP E 79 -38.93 -15.20 -32.30
CA ASP E 79 -40.18 -15.41 -33.07
C ASP E 79 -40.57 -16.90 -33.20
N TYR E 80 -39.92 -17.71 -32.37
CA TYR E 80 -40.13 -19.16 -32.33
C TYR E 80 -39.66 -19.66 -30.96
N GLY E 81 -40.47 -20.53 -30.36
CA GLY E 81 -40.31 -20.92 -28.97
C GLY E 81 -39.12 -21.79 -28.67
N HIS E 82 -38.68 -22.53 -29.67
CA HIS E 82 -37.51 -23.39 -29.49
C HIS E 82 -36.22 -22.81 -30.06
N VAL E 83 -36.13 -21.48 -30.13
CA VAL E 83 -34.81 -20.88 -30.14
C VAL E 83 -34.32 -20.98 -28.70
N THR E 84 -33.03 -20.72 -28.50
CA THR E 84 -32.53 -20.32 -27.19
C THR E 84 -31.95 -18.92 -27.31
N THR E 85 -31.89 -18.25 -26.16
CA THR E 85 -31.41 -16.88 -26.06
C THR E 85 -30.30 -16.92 -25.04
N SER E 86 -29.51 -15.86 -25.02
CA SER E 86 -28.53 -15.70 -23.98
C SER E 86 -29.25 -15.39 -22.67
N GLU E 87 -30.39 -14.72 -22.78
CA GLU E 87 -31.30 -14.50 -21.65
C GLU E 87 -31.67 -15.79 -20.92
N ALA E 88 -32.17 -16.78 -21.66
CA ALA E 88 -32.48 -18.10 -21.07
C ALA E 88 -31.26 -18.64 -20.35
N PHE E 89 -30.07 -18.56 -20.95
CA PHE E 89 -28.88 -19.08 -20.27
C PHE E 89 -28.58 -18.37 -18.99
N SER E 90 -28.78 -17.05 -18.96
CA SER E 90 -28.48 -16.30 -17.74
C SER E 90 -29.47 -16.68 -16.65
N TYR E 91 -30.72 -16.90 -17.02
CA TYR E 91 -31.72 -17.35 -16.06
C TYR E 91 -31.40 -18.75 -15.52
N TYR E 92 -30.89 -19.59 -16.41
CA TYR E 92 -30.52 -20.94 -16.06
C TYR E 92 -29.42 -20.92 -15.00
N VAL E 93 -28.36 -20.15 -15.22
CA VAL E 93 -27.31 -20.01 -14.21
C VAL E 93 -27.91 -19.53 -12.91
N TRP E 94 -28.89 -18.63 -13.00
CA TRP E 94 -29.47 -18.04 -11.80
C TRP E 94 -30.25 -19.05 -10.99
N LEU E 95 -31.00 -19.90 -11.68
CA LEU E 95 -31.76 -20.96 -11.02
C LEU E 95 -30.79 -21.91 -10.29
N GLU E 96 -29.70 -22.27 -10.95
CA GLU E 96 -28.70 -23.15 -10.33
C GLU E 96 -28.04 -22.58 -9.09
N ALA E 97 -27.74 -21.28 -9.10
CA ALA E 97 -27.15 -20.64 -7.94
C ALA E 97 -28.09 -20.62 -6.73
N MET E 98 -29.37 -20.38 -6.97
CA MET E 98 -30.36 -20.39 -5.89
C MET E 98 -30.52 -21.82 -5.35
N TYR E 99 -30.48 -22.80 -6.24
CA TYR E 99 -30.51 -24.20 -5.86
C TYR E 99 -29.32 -24.52 -4.95
N GLY E 100 -28.12 -24.14 -5.37
CA GLY E 100 -26.95 -24.42 -4.56
C GLY E 100 -27.06 -23.76 -3.20
N ASN E 101 -27.62 -22.55 -3.16
CA ASN E 101 -27.86 -21.86 -1.89
C ASN E 101 -28.75 -22.64 -0.94
N LEU E 102 -29.87 -23.16 -1.44
CA LEU E 102 -30.87 -23.79 -0.59
C LEU E 102 -30.58 -25.28 -0.31
N THR E 103 -29.52 -25.78 -0.89
CA THR E 103 -29.33 -27.21 -1.02
C THR E 103 -27.92 -27.73 -0.67
N GLY E 104 -26.88 -26.90 -0.90
CA GLY E 104 -25.49 -27.31 -0.77
C GLY E 104 -24.89 -27.98 -2.00
N ASN E 105 -25.70 -28.27 -3.01
CA ASN E 105 -25.22 -28.94 -4.23
C ASN E 105 -24.95 -27.97 -5.38
N TRP E 106 -23.66 -27.80 -5.72
CA TRP E 106 -23.24 -26.75 -6.63
C TRP E 106 -22.91 -27.19 -8.04
N SER E 107 -23.03 -28.48 -8.31
CA SER E 107 -22.65 -29.04 -9.60
C SER E 107 -23.44 -28.45 -10.78
N GLY E 108 -24.70 -28.07 -10.54
CA GLY E 108 -25.56 -27.47 -11.55
C GLY E 108 -25.06 -26.12 -12.09
N VAL E 109 -24.46 -25.30 -11.22
CA VAL E 109 -23.88 -24.03 -11.64
C VAL E 109 -22.81 -24.29 -12.69
N GLU E 110 -21.95 -25.28 -12.43
CA GLU E 110 -20.88 -25.67 -13.35
C GLU E 110 -21.45 -26.22 -14.64
N THR E 111 -22.48 -27.05 -14.51
CA THR E 111 -23.12 -27.66 -15.66
C THR E 111 -23.69 -26.58 -16.57
N ALA E 112 -24.45 -25.67 -15.98
CA ALA E 112 -25.07 -24.55 -16.67
C ALA E 112 -24.02 -23.75 -17.43
N TRP E 113 -22.92 -23.37 -16.75
CA TRP E 113 -21.89 -22.57 -17.40
C TRP E 113 -21.22 -23.34 -18.54
N LYS E 114 -21.00 -24.64 -18.34
CA LYS E 114 -20.41 -25.44 -19.41
C LYS E 114 -21.27 -25.46 -20.67
N VAL E 115 -22.59 -25.53 -20.50
CA VAL E 115 -23.52 -25.60 -21.65
C VAL E 115 -23.58 -24.26 -22.39
N MET E 116 -23.37 -23.18 -21.66
CA MET E 116 -23.28 -21.86 -22.23
C MET E 116 -22.00 -21.72 -23.05
N GLU E 117 -20.90 -22.24 -22.50
CA GLU E 117 -19.57 -22.13 -23.09
C GLU E 117 -19.41 -23.05 -24.32
N ASP E 118 -20.17 -24.14 -24.36
CA ASP E 118 -20.17 -25.11 -25.46
C ASP E 118 -21.03 -24.67 -26.63
N TRP E 119 -22.06 -23.89 -26.35
CA TRP E 119 -23.01 -23.58 -27.39
C TRP E 119 -23.17 -22.11 -27.75
N ILE E 120 -23.56 -21.28 -26.79
CA ILE E 120 -23.96 -19.92 -27.13
C ILE E 120 -22.85 -18.86 -27.09
N ILE E 121 -21.61 -19.30 -26.87
CA ILE E 121 -20.43 -18.46 -26.88
C ILE E 121 -19.52 -18.92 -28.03
N PRO E 122 -19.46 -18.15 -29.12
CA PRO E 122 -18.64 -18.58 -30.25
C PRO E 122 -17.24 -18.92 -29.73
N ASP E 123 -16.73 -20.10 -30.07
CA ASP E 123 -15.38 -20.48 -29.70
C ASP E 123 -14.40 -20.01 -30.80
N SER E 124 -13.11 -20.31 -30.63
CA SER E 124 -12.05 -19.79 -31.51
C SER E 124 -12.23 -20.09 -33.00
N THR E 125 -12.81 -21.23 -33.32
CA THR E 125 -12.99 -21.64 -34.72
C THR E 125 -14.25 -21.02 -35.30
N GLU E 126 -15.03 -20.35 -34.45
CA GLU E 126 -16.29 -19.77 -34.87
C GLU E 126 -16.11 -18.27 -35.11
N GLN E 127 -14.90 -17.78 -34.79
CA GLN E 127 -14.54 -16.38 -34.97
C GLN E 127 -13.25 -16.19 -35.80
N PRO E 128 -13.15 -16.81 -36.98
CA PRO E 128 -11.87 -16.82 -37.73
C PRO E 128 -11.46 -15.45 -38.24
N GLY E 129 -10.23 -15.03 -37.93
CA GLY E 129 -9.72 -13.76 -38.41
C GLY E 129 -9.93 -12.59 -37.46
N MET E 130 -10.52 -12.84 -36.28
CA MET E 130 -10.72 -11.82 -35.26
C MET E 130 -9.35 -11.26 -34.91
N SER E 131 -8.35 -12.06 -35.24
CA SER E 131 -6.94 -11.71 -35.19
C SER E 131 -6.57 -10.45 -36.01
N SER E 132 -7.28 -10.19 -37.09
CA SER E 132 -7.01 -9.05 -37.99
C SER E 132 -7.76 -7.80 -37.57
N TYR E 133 -8.45 -7.86 -36.44
CA TYR E 133 -9.18 -6.69 -35.98
C TYR E 133 -8.25 -5.50 -35.83
N ASN E 134 -8.60 -4.38 -36.44
CA ASN E 134 -7.82 -3.16 -36.24
C ASN E 134 -8.55 -2.13 -35.36
N PRO E 135 -8.08 -1.95 -34.12
CA PRO E 135 -8.66 -0.97 -33.19
C PRO E 135 -8.66 0.48 -33.69
N ASN E 136 -7.75 0.85 -34.58
CA ASN E 136 -7.74 2.20 -35.13
C ASN E 136 -8.81 2.39 -36.21
N SER E 137 -9.47 1.29 -36.60
CA SER E 137 -10.54 1.34 -37.59
C SER E 137 -11.48 0.15 -37.34
N PRO E 138 -12.28 0.22 -36.27
CA PRO E 138 -13.04 -0.95 -35.80
C PRO E 138 -14.12 -1.41 -36.76
N ALA E 139 -14.68 -0.47 -37.52
CA ALA E 139 -15.76 -0.77 -38.44
C ALA E 139 -15.99 0.36 -39.43
N THR E 140 -16.92 0.12 -40.35
CA THR E 140 -17.28 1.06 -41.40
C THR E 140 -18.66 1.60 -41.10
N TYR E 141 -18.77 2.92 -41.02
CA TYR E 141 -20.05 3.56 -40.73
C TYR E 141 -21.16 3.18 -41.71
N ALA E 142 -22.38 3.06 -41.17
CA ALA E 142 -23.61 3.10 -41.97
C ALA E 142 -24.73 3.80 -41.21
N ASP E 143 -25.72 4.34 -41.94
CA ASP E 143 -26.89 5.00 -41.37
C ASP E 143 -27.85 4.00 -40.76
N GLU E 144 -28.56 4.40 -39.71
CA GLU E 144 -29.76 3.66 -39.28
C GLU E 144 -30.95 4.47 -39.81
N TYR E 145 -32.05 3.79 -40.11
CA TYR E 145 -33.20 4.47 -40.68
C TYR E 145 -34.50 4.23 -39.94
N GLU E 146 -35.47 5.09 -40.22
CA GLU E 146 -36.72 5.14 -39.48
C GLU E 146 -37.73 4.08 -39.90
N ASP E 147 -37.45 3.35 -40.95
CA ASP E 147 -38.38 2.37 -41.46
C ASP E 147 -37.61 1.31 -42.23
N PRO E 148 -37.99 0.05 -42.12
CA PRO E 148 -37.25 -1.03 -42.80
C PRO E 148 -37.20 -0.87 -44.32
N SER E 149 -38.13 -0.14 -44.93
CA SER E 149 -38.11 0.10 -46.39
C SER E 149 -36.94 0.97 -46.86
N TYR E 150 -36.21 1.55 -45.93
CA TYR E 150 -34.99 2.26 -46.26
C TYR E 150 -33.79 1.35 -46.38
N TYR E 151 -33.90 0.08 -45.98
CA TYR E 151 -32.74 -0.81 -45.96
C TYR E 151 -32.70 -1.63 -47.25
N PRO E 152 -31.56 -2.10 -47.75
CA PRO E 152 -30.26 -2.14 -47.08
C PRO E 152 -29.57 -0.78 -46.97
N SER E 153 -28.85 -0.57 -45.86
CA SER E 153 -28.17 0.69 -45.60
C SER E 153 -26.74 0.58 -46.12
N GLU E 154 -26.28 1.62 -46.80
CA GLU E 154 -24.99 1.59 -47.48
C GLU E 154 -23.81 1.91 -46.58
N LEU E 155 -22.82 1.02 -46.63
CA LEU E 155 -21.55 1.23 -45.96
C LEU E 155 -20.80 2.39 -46.60
N LYS E 156 -20.28 3.27 -45.76
CA LYS E 156 -19.58 4.43 -46.26
C LYS E 156 -18.11 4.33 -45.90
N PHE E 157 -17.37 3.64 -46.78
CA PHE E 157 -15.96 3.32 -46.58
C PHE E 157 -15.03 4.52 -46.61
N ASP E 158 -15.23 5.40 -47.58
CA ASP E 158 -14.25 6.44 -47.81
C ASP E 158 -14.65 7.72 -47.11
N THR E 159 -15.96 7.96 -47.05
CA THR E 159 -16.52 9.26 -46.68
C THR E 159 -16.67 9.50 -45.15
N VAL E 160 -16.46 8.48 -44.31
CA VAL E 160 -16.69 8.68 -42.86
C VAL E 160 -15.59 8.11 -41.97
N ARG E 161 -14.90 9.01 -41.26
CA ARG E 161 -13.90 8.56 -40.28
C ARG E 161 -14.57 8.15 -38.96
N VAL E 162 -13.98 7.16 -38.34
CA VAL E 162 -14.56 6.40 -37.26
C VAL E 162 -13.55 6.41 -36.12
N GLY E 163 -14.00 6.32 -34.88
CA GLY E 163 -13.09 6.45 -33.76
C GLY E 163 -12.25 5.22 -33.56
N SER E 164 -11.49 5.23 -32.48
CA SER E 164 -10.65 4.13 -32.04
C SER E 164 -11.24 3.42 -30.85
N ASP E 165 -10.83 2.18 -30.68
CA ASP E 165 -11.34 1.32 -29.65
C ASP E 165 -10.24 1.14 -28.59
N PRO E 166 -10.42 1.75 -27.41
CA PRO E 166 -9.35 1.85 -26.40
C PRO E 166 -9.28 0.65 -25.49
N VAL E 167 -10.03 -0.36 -25.84
CA VAL E 167 -10.22 -1.46 -24.92
C VAL E 167 -9.75 -2.80 -25.47
N HIS E 168 -9.74 -2.93 -26.79
CA HIS E 168 -9.44 -4.20 -27.43
C HIS E 168 -8.09 -4.73 -27.06
N ASN E 169 -7.02 -3.93 -27.23
CA ASN E 169 -5.67 -4.42 -26.92
C ASN E 169 -5.43 -4.75 -25.41
N ASP E 170 -6.08 -3.99 -24.53
CA ASP E 170 -6.10 -4.31 -23.09
C ASP E 170 -6.70 -5.71 -22.84
N LEU E 171 -7.84 -6.00 -23.49
CA LEU E 171 -8.48 -7.32 -23.45
C LEU E 171 -7.67 -8.42 -24.11
N VAL E 172 -7.11 -8.17 -25.29
CA VAL E 172 -6.29 -9.14 -26.01
C VAL E 172 -5.09 -9.60 -25.16
N SER E 173 -4.46 -8.62 -24.53
CA SER E 173 -3.26 -8.85 -23.76
C SER E 173 -3.45 -9.87 -22.64
N ALA E 174 -4.70 -10.02 -22.18
CA ALA E 174 -5.02 -10.90 -21.08
C ALA E 174 -5.69 -12.20 -21.54
N TYR E 175 -6.34 -12.20 -22.71
CA TYR E 175 -7.22 -13.31 -23.07
C TYR E 175 -7.07 -13.79 -24.50
N GLY E 176 -6.17 -13.16 -25.25
CA GLY E 176 -6.01 -13.52 -26.63
C GLY E 176 -7.03 -12.80 -27.50
N PRO E 177 -7.14 -13.22 -28.76
CA PRO E 177 -7.84 -12.42 -29.79
C PRO E 177 -9.38 -12.50 -29.77
N ASN E 178 -9.92 -13.53 -29.14
CA ASN E 178 -11.33 -13.82 -29.27
C ASN E 178 -12.22 -13.10 -28.26
N MET E 179 -13.45 -12.83 -28.69
CA MET E 179 -14.50 -12.27 -27.87
C MET E 179 -15.06 -13.33 -26.92
N TYR E 180 -15.22 -13.01 -25.64
CA TYR E 180 -15.85 -13.97 -24.75
C TYR E 180 -17.19 -13.42 -24.29
N LEU E 181 -18.19 -13.54 -25.16
CA LEU E 181 -19.52 -13.01 -24.94
C LEU E 181 -20.52 -13.95 -25.56
N MET E 182 -21.76 -13.88 -25.09
CA MET E 182 -22.83 -14.73 -25.59
C MET E 182 -23.54 -14.08 -26.77
N HIS E 183 -23.55 -14.77 -27.91
CA HIS E 183 -24.46 -14.40 -28.99
C HIS E 183 -25.88 -14.54 -28.44
N TRP E 184 -26.85 -13.83 -29.00
CA TRP E 184 -28.14 -13.69 -28.32
C TRP E 184 -29.16 -14.75 -28.70
N LEU E 185 -29.00 -15.33 -29.87
CA LEU E 185 -30.04 -16.15 -30.46
C LEU E 185 -29.46 -17.40 -31.15
N MET E 186 -29.95 -18.56 -30.75
CA MET E 186 -29.55 -19.78 -31.39
C MET E 186 -30.78 -20.64 -31.72
N ASP E 187 -30.81 -21.16 -32.95
CA ASP E 187 -31.85 -22.07 -33.47
C ASP E 187 -31.45 -23.50 -33.05
N VAL E 188 -31.93 -23.89 -31.88
CA VAL E 188 -31.42 -25.06 -31.19
C VAL E 188 -31.53 -26.36 -31.99
N ASP E 189 -32.67 -26.59 -32.64
CA ASP E 189 -32.83 -27.79 -33.42
C ASP E 189 -32.94 -27.52 -34.92
N ASN E 190 -32.34 -26.42 -35.37
CA ASN E 190 -32.29 -26.08 -36.80
C ASN E 190 -33.68 -26.09 -37.46
N TRP E 191 -34.67 -25.57 -36.74
CA TRP E 191 -36.01 -25.35 -37.28
C TRP E 191 -36.06 -24.48 -38.53
N TYR E 192 -35.25 -23.42 -38.59
CA TYR E 192 -35.22 -22.59 -39.81
C TYR E 192 -34.54 -23.26 -40.98
N GLY E 193 -33.70 -24.24 -40.68
CA GLY E 193 -33.07 -25.07 -41.69
C GLY E 193 -31.73 -24.54 -42.20
N PHE E 194 -31.15 -23.50 -41.58
CA PHE E 194 -29.89 -22.98 -42.10
C PHE E 194 -28.74 -23.94 -41.86
N GLY E 195 -28.77 -24.66 -40.75
CA GLY E 195 -27.68 -25.57 -40.43
C GLY E 195 -27.88 -26.92 -41.11
N THR E 196 -26.97 -27.85 -40.81
CA THR E 196 -27.10 -29.23 -41.29
C THR E 196 -28.02 -30.01 -40.36
N GLY E 197 -28.83 -30.89 -40.95
CA GLY E 197 -29.72 -31.78 -40.20
C GLY E 197 -30.44 -31.13 -39.04
N THR E 198 -29.98 -31.40 -37.84
CA THR E 198 -30.66 -31.01 -36.61
C THR E 198 -29.75 -30.11 -35.67
N ARG E 199 -28.70 -29.52 -36.25
CA ARG E 199 -27.63 -28.95 -35.42
C ARG E 199 -27.89 -27.52 -34.92
N ALA E 200 -27.67 -27.29 -33.64
CA ALA E 200 -27.77 -25.96 -33.04
C ALA E 200 -27.03 -24.93 -33.91
N THR E 201 -27.78 -23.95 -34.39
CA THR E 201 -27.31 -23.01 -35.40
C THR E 201 -27.50 -21.56 -34.93
N PHE E 202 -26.41 -20.79 -34.96
CA PHE E 202 -26.44 -19.38 -34.56
C PHE E 202 -27.26 -18.62 -35.60
N ILE E 203 -28.28 -17.90 -35.17
CA ILE E 203 -29.10 -17.09 -36.09
C ILE E 203 -29.28 -15.67 -35.57
N ASN E 204 -29.87 -14.84 -36.42
CA ASN E 204 -30.18 -13.47 -36.04
C ASN E 204 -31.42 -13.00 -36.82
N THR E 205 -32.06 -11.95 -36.34
CA THR E 205 -33.27 -11.49 -36.98
C THR E 205 -33.19 -9.97 -37.22
N PHE E 206 -33.36 -9.19 -36.15
CA PHE E 206 -33.36 -7.73 -36.22
C PHE E 206 -32.14 -7.16 -36.93
N GLN E 207 -32.38 -6.27 -37.89
CA GLN E 207 -31.31 -5.66 -38.66
C GLN E 207 -31.69 -4.24 -39.14
N ARG E 208 -32.98 -3.91 -39.13
CA ARG E 208 -33.47 -2.77 -39.91
C ARG E 208 -34.14 -1.67 -39.08
N GLY E 209 -33.48 -1.23 -38.02
CA GLY E 209 -33.84 0.02 -37.39
C GLY E 209 -35.05 -0.03 -36.52
N GLU E 210 -35.51 1.12 -36.06
CA GLU E 210 -36.44 1.14 -34.94
C GLU E 210 -37.86 0.67 -35.23
N GLN E 211 -38.23 0.57 -36.49
CA GLN E 211 -39.59 0.23 -36.84
C GLN E 211 -39.70 -1.22 -37.31
N GLU E 212 -38.62 -1.98 -37.14
CA GLU E 212 -38.65 -3.39 -37.47
C GLU E 212 -39.06 -4.17 -36.26
N SER E 213 -40.35 -4.44 -36.09
CA SER E 213 -40.76 -5.24 -34.95
C SER E 213 -40.42 -6.71 -35.24
N THR E 214 -40.60 -7.59 -34.26
CA THR E 214 -40.40 -9.04 -34.41
C THR E 214 -41.12 -9.58 -35.62
N TRP E 215 -42.31 -9.03 -35.92
CA TRP E 215 -43.10 -9.49 -37.05
C TRP E 215 -42.49 -9.15 -38.42
N GLU E 216 -41.53 -8.23 -38.42
CA GLU E 216 -41.05 -7.61 -39.67
C GLU E 216 -39.61 -7.96 -40.07
N THR E 217 -39.02 -8.92 -39.39
CA THR E 217 -37.64 -9.34 -39.66
C THR E 217 -37.60 -10.44 -40.73
N ILE E 218 -36.39 -10.74 -41.20
CA ILE E 218 -36.10 -11.88 -42.07
C ILE E 218 -35.00 -12.71 -41.40
N PRO E 219 -35.41 -13.79 -40.75
CA PRO E 219 -34.47 -14.64 -40.00
C PRO E 219 -33.37 -15.11 -40.91
N HIS E 220 -32.15 -15.23 -40.37
CA HIS E 220 -30.99 -15.52 -41.19
C HIS E 220 -29.89 -16.13 -40.36
N PRO E 221 -28.96 -16.85 -40.99
CA PRO E 221 -27.89 -17.52 -40.23
C PRO E 221 -26.77 -16.55 -39.91
N SER E 222 -26.19 -16.64 -38.73
CA SER E 222 -25.09 -15.79 -38.32
C SER E 222 -23.83 -16.05 -39.14
N ILE E 223 -23.58 -17.33 -39.42
CA ILE E 223 -22.50 -17.73 -40.33
C ILE E 223 -23.07 -17.73 -41.75
N GLU E 224 -22.66 -16.75 -42.54
CA GLU E 224 -23.22 -16.56 -43.86
C GLU E 224 -22.32 -17.19 -44.94
N GLU E 225 -22.77 -18.32 -45.50
CA GLU E 225 -22.02 -19.01 -46.53
C GLU E 225 -22.64 -19.03 -47.92
N PHE E 226 -23.74 -18.30 -48.07
CA PHE E 226 -24.40 -18.13 -49.36
C PHE E 226 -25.22 -19.35 -49.76
N LYS E 227 -25.50 -20.25 -48.81
CA LYS E 227 -26.22 -21.47 -49.15
C LYS E 227 -27.72 -21.19 -49.36
N TYR E 228 -28.26 -20.19 -48.65
CA TYR E 228 -29.66 -19.82 -48.67
C TYR E 228 -29.83 -18.32 -48.76
N GLY E 229 -31.07 -17.88 -49.01
CA GLY E 229 -31.33 -16.50 -49.30
C GLY E 229 -31.17 -16.24 -50.78
N GLY E 230 -30.59 -15.11 -51.17
CA GLY E 230 -30.41 -14.80 -52.57
C GLY E 230 -29.01 -15.21 -53.01
N PRO E 231 -28.51 -14.64 -54.10
CA PRO E 231 -27.15 -14.95 -54.56
C PRO E 231 -26.04 -14.48 -53.58
N ASN E 232 -26.36 -13.55 -52.69
CA ASN E 232 -25.43 -13.12 -51.64
C ASN E 232 -25.97 -13.48 -50.25
N GLY E 233 -26.63 -14.62 -50.13
CA GLY E 233 -27.25 -15.02 -48.89
C GLY E 233 -28.25 -13.94 -48.53
N PHE E 234 -28.18 -13.49 -47.28
CA PHE E 234 -29.07 -12.47 -46.75
C PHE E 234 -28.43 -11.09 -46.63
N LEU E 235 -27.15 -10.98 -46.98
CA LEU E 235 -26.37 -9.77 -46.71
C LEU E 235 -27.03 -8.52 -47.26
N ASP E 236 -27.31 -8.50 -48.56
CA ASP E 236 -27.83 -7.31 -49.24
C ASP E 236 -29.30 -7.01 -48.98
N LEU E 237 -29.88 -7.67 -48.00
CA LEU E 237 -31.16 -7.24 -47.46
C LEU E 237 -30.90 -6.09 -46.49
N PHE E 238 -29.72 -6.11 -45.90
CA PHE E 238 -29.51 -5.35 -44.68
C PHE E 238 -28.46 -4.27 -44.84
N THR E 239 -27.34 -4.62 -45.47
CA THR E 239 -26.31 -3.64 -45.71
C THR E 239 -25.69 -3.77 -47.13
N LYS E 240 -25.44 -2.61 -47.71
CA LYS E 240 -25.01 -2.53 -49.07
C LYS E 240 -23.52 -2.24 -49.10
N ASP E 241 -22.81 -3.09 -49.84
CA ASP E 241 -21.34 -3.07 -49.93
C ASP E 241 -20.96 -2.98 -51.43
N ARG E 242 -19.68 -2.82 -51.73
CA ARG E 242 -19.19 -2.82 -53.12
C ARG E 242 -19.24 -4.23 -53.69
N SER E 243 -18.94 -5.21 -52.84
CA SER E 243 -19.11 -6.61 -53.20
C SER E 243 -19.40 -7.42 -51.94
N TYR E 244 -19.73 -8.70 -52.13
CA TYR E 244 -20.20 -9.52 -51.03
C TYR E 244 -19.36 -10.74 -50.80
N ALA E 245 -19.04 -11.01 -49.55
CA ALA E 245 -18.22 -12.16 -49.24
C ALA E 245 -18.79 -12.94 -48.06
N LYS E 246 -18.57 -14.26 -48.09
CA LYS E 246 -18.87 -15.14 -46.98
C LYS E 246 -18.23 -14.61 -45.70
N GLN E 247 -18.97 -14.66 -44.59
CA GLN E 247 -18.63 -13.94 -43.36
C GLN E 247 -19.49 -14.38 -42.19
N TRP E 248 -18.97 -14.16 -40.97
CA TRP E 248 -19.71 -14.40 -39.73
C TRP E 248 -19.93 -13.06 -38.96
N ARG E 249 -20.90 -13.04 -38.04
CA ARG E 249 -21.31 -11.85 -37.27
C ARG E 249 -22.08 -12.37 -36.06
N TYR E 250 -21.80 -11.80 -34.89
CA TYR E 250 -22.54 -12.11 -33.64
C TYR E 250 -22.94 -10.85 -32.92
N THR E 251 -23.99 -10.94 -32.12
CA THR E 251 -24.51 -9.78 -31.42
C THR E 251 -24.85 -10.17 -30.00
N ASN E 252 -24.25 -9.55 -29.00
CA ASN E 252 -24.66 -9.86 -27.64
C ASN E 252 -25.85 -9.01 -27.18
N ALA E 253 -26.51 -9.45 -26.12
CA ALA E 253 -27.59 -8.72 -25.45
C ALA E 253 -27.12 -8.64 -24.00
N PRO E 254 -26.49 -7.51 -23.67
CA PRO E 254 -25.63 -7.41 -22.48
C PRO E 254 -26.36 -7.65 -21.16
N ASP E 255 -27.67 -7.52 -21.13
CA ASP E 255 -28.38 -7.87 -19.91
C ASP E 255 -28.29 -9.38 -19.58
N ALA E 256 -28.11 -10.22 -20.59
CA ALA E 256 -27.85 -11.63 -20.35
C ALA E 256 -26.55 -11.84 -19.55
N GLU E 257 -25.41 -11.42 -20.10
CA GLU E 257 -24.14 -11.48 -19.38
C GLU E 257 -24.23 -10.90 -17.95
N GLY E 258 -24.84 -9.71 -17.83
CA GLY E 258 -24.99 -9.07 -16.54
C GLY E 258 -25.70 -9.94 -15.52
N ARG E 259 -26.80 -10.53 -15.95
CA ARG E 259 -27.60 -11.35 -15.08
C ARG E 259 -26.78 -12.59 -14.69
N ALA E 260 -26.06 -13.16 -15.65
CA ALA E 260 -25.26 -14.37 -15.41
C ALA E 260 -24.14 -14.11 -14.40
N ILE E 261 -23.44 -12.97 -14.56
CA ILE E 261 -22.43 -12.59 -13.59
C ILE E 261 -23.01 -12.28 -12.20
N GLN E 262 -24.19 -11.67 -12.19
CA GLN E 262 -24.90 -11.43 -10.94
C GLN E 262 -25.19 -12.77 -10.25
N ALA E 263 -25.66 -13.77 -10.99
CA ALA E 263 -25.97 -15.08 -10.40
C ALA E 263 -24.71 -15.71 -9.80
N VAL E 264 -23.59 -15.61 -10.54
CA VAL E 264 -22.35 -16.23 -10.13
C VAL E 264 -21.78 -15.54 -8.90
N TYR E 265 -22.04 -14.24 -8.75
CA TYR E 265 -21.69 -13.56 -7.51
C TYR E 265 -22.40 -14.24 -6.34
N TRP E 266 -23.67 -14.59 -6.52
CA TRP E 266 -24.39 -15.17 -5.39
C TRP E 266 -23.96 -16.61 -5.19
N ALA E 267 -23.60 -17.28 -6.28
CA ALA E 267 -23.18 -18.67 -6.21
C ALA E 267 -21.92 -18.70 -5.33
N ASN E 268 -20.99 -17.80 -5.64
CA ASN E 268 -19.77 -17.63 -4.91
C ASN E 268 -19.94 -17.25 -3.44
N LYS E 269 -20.77 -16.25 -3.16
CA LYS E 269 -20.98 -15.82 -1.78
C LYS E 269 -21.66 -16.88 -0.95
N TRP E 270 -22.64 -17.56 -1.55
CA TRP E 270 -23.34 -18.60 -0.83
C TRP E 270 -22.49 -19.87 -0.67
N ALA E 271 -21.70 -20.22 -1.67
CA ALA E 271 -20.85 -21.40 -1.55
C ALA E 271 -19.80 -21.19 -0.44
N LYS E 272 -19.29 -19.96 -0.32
CA LYS E 272 -18.32 -19.65 0.71
C LYS E 272 -18.93 -19.75 2.10
N GLU E 273 -20.15 -19.26 2.27
CA GLU E 273 -20.85 -19.33 3.55
C GLU E 273 -21.05 -20.80 3.97
N GLN E 274 -20.91 -21.71 3.00
CA GLN E 274 -21.09 -23.14 3.23
C GLN E 274 -19.74 -23.88 3.30
N GLY E 275 -18.62 -23.18 3.07
CA GLY E 275 -17.29 -23.76 3.04
C GLY E 275 -16.99 -24.61 1.78
N LYS E 276 -17.86 -24.50 0.77
CA LYS E 276 -17.68 -25.18 -0.52
C LYS E 276 -17.38 -24.13 -1.58
N GLY E 277 -16.83 -23.01 -1.14
CA GLY E 277 -16.47 -21.92 -2.04
C GLY E 277 -15.29 -22.30 -2.90
N SER E 278 -15.49 -23.31 -3.76
CA SER E 278 -14.41 -23.90 -4.53
C SER E 278 -14.99 -24.86 -5.57
N ALA E 279 -16.18 -25.38 -5.28
CA ALA E 279 -16.96 -26.07 -6.31
C ALA E 279 -17.33 -25.10 -7.43
N VAL E 280 -17.33 -23.79 -7.14
CA VAL E 280 -17.67 -22.77 -8.15
C VAL E 280 -16.52 -21.87 -8.60
N ALA E 281 -15.29 -22.17 -8.19
CA ALA E 281 -14.16 -21.30 -8.52
C ALA E 281 -13.89 -21.18 -10.03
N SER E 282 -14.04 -22.25 -10.80
CA SER E 282 -13.76 -22.16 -12.22
C SER E 282 -14.78 -21.25 -12.93
N VAL E 283 -16.03 -21.31 -12.48
CA VAL E 283 -17.12 -20.48 -12.98
C VAL E 283 -16.91 -18.99 -12.66
N VAL E 284 -16.54 -18.71 -11.42
CA VAL E 284 -16.28 -17.36 -10.95
C VAL E 284 -15.26 -16.71 -11.86
N SER E 285 -14.23 -17.47 -12.15
CA SER E 285 -13.13 -16.97 -12.93
C SER E 285 -13.57 -16.70 -14.38
N LYS E 286 -14.51 -17.49 -14.87
CA LYS E 286 -15.09 -17.29 -16.19
C LYS E 286 -16.09 -16.16 -16.25
N ALA E 287 -16.89 -16.01 -15.19
CA ALA E 287 -17.81 -14.89 -15.08
C ALA E 287 -17.01 -13.57 -15.04
N ALA E 288 -15.90 -13.55 -14.31
CA ALA E 288 -15.01 -12.40 -14.25
C ALA E 288 -14.48 -12.01 -15.63
N LYS E 289 -14.05 -12.99 -16.41
CA LYS E 289 -13.66 -12.73 -17.80
C LYS E 289 -14.81 -12.14 -18.63
N MET E 290 -15.98 -12.76 -18.54
CA MET E 290 -17.18 -12.24 -19.19
C MET E 290 -17.44 -10.76 -18.80
N GLY E 291 -17.25 -10.46 -17.51
CA GLY E 291 -17.39 -9.09 -17.01
C GLY E 291 -16.47 -8.14 -17.75
N ASP E 292 -15.22 -8.55 -17.90
CA ASP E 292 -14.25 -7.75 -18.61
C ASP E 292 -14.70 -7.43 -20.03
N PHE E 293 -15.16 -8.46 -20.73
CA PHE E 293 -15.59 -8.30 -22.14
C PHE E 293 -16.81 -7.40 -22.37
N LEU E 294 -17.60 -7.26 -21.32
CA LEU E 294 -18.80 -6.47 -21.32
C LEU E 294 -18.45 -4.99 -21.45
N ARG E 295 -17.16 -4.67 -21.32
CA ARG E 295 -16.74 -3.27 -21.50
C ARG E 295 -16.95 -2.82 -22.94
N ASN E 296 -17.04 -3.80 -23.85
CA ASN E 296 -17.31 -3.55 -25.27
C ASN E 296 -18.69 -2.90 -25.48
N ASP E 297 -19.59 -3.15 -24.54
CA ASP E 297 -20.94 -2.59 -24.54
C ASP E 297 -21.01 -1.14 -24.06
N MET E 298 -19.86 -0.58 -23.65
CA MET E 298 -19.83 0.76 -23.06
C MET E 298 -19.52 1.87 -24.07
N PHE E 299 -19.45 1.52 -25.34
CA PHE E 299 -19.01 2.48 -26.37
C PHE E 299 -20.03 2.80 -27.42
N ASP E 300 -19.96 4.04 -27.89
CA ASP E 300 -20.72 4.48 -29.01
C ASP E 300 -20.51 3.50 -30.17
N LYS E 301 -21.54 3.28 -30.98
CA LYS E 301 -21.50 2.31 -32.09
C LYS E 301 -20.22 2.39 -32.92
N TYR E 302 -19.85 3.60 -33.36
CA TYR E 302 -18.70 3.75 -34.21
C TYR E 302 -17.61 4.53 -33.51
N PHE E 303 -17.64 4.50 -32.18
CA PHE E 303 -16.63 5.20 -31.40
C PHE E 303 -16.56 6.68 -31.73
N MET E 304 -17.73 7.32 -31.89
CA MET E 304 -17.80 8.77 -32.00
C MET E 304 -17.79 9.37 -30.59
N LYS E 305 -17.35 10.62 -30.43
CA LYS E 305 -17.28 11.23 -29.10
C LYS E 305 -18.66 11.34 -28.49
N ILE E 306 -18.77 11.02 -27.21
CA ILE E 306 -20.01 11.25 -26.51
C ILE E 306 -20.29 12.73 -26.54
N GLY E 307 -21.52 13.07 -26.88
CA GLY E 307 -21.94 14.44 -26.89
C GLY E 307 -21.61 15.14 -28.19
N ALA E 308 -21.03 14.44 -29.16
CA ALA E 308 -20.55 15.13 -30.38
C ALA E 308 -21.67 15.76 -31.20
N GLN E 309 -22.85 15.12 -31.22
CA GLN E 309 -24.01 15.63 -31.98
C GLN E 309 -23.66 15.72 -33.48
N ASP E 310 -22.80 14.79 -33.90
CA ASP E 310 -22.14 14.81 -35.17
C ASP E 310 -21.22 13.58 -35.26
N LYS E 311 -20.66 13.34 -36.44
CA LYS E 311 -19.79 12.18 -36.65
C LYS E 311 -18.33 12.53 -36.33
N THR E 312 -18.06 12.80 -35.06
CA THR E 312 -16.74 13.18 -34.61
C THR E 312 -16.12 11.96 -33.96
N PRO E 313 -15.09 11.40 -34.59
CA PRO E 313 -14.40 10.21 -34.07
C PRO E 313 -13.71 10.50 -32.75
N ALA E 314 -13.68 9.54 -31.84
CA ALA E 314 -13.04 9.73 -30.52
C ALA E 314 -11.69 9.01 -30.48
N THR E 315 -10.78 9.41 -29.58
CA THR E 315 -9.58 8.61 -29.39
C THR E 315 -9.42 7.93 -28.04
N GLY E 316 -9.91 8.47 -26.97
CA GLY E 316 -9.48 7.76 -25.76
C GLY E 316 -10.65 6.92 -25.32
N TYR E 317 -11.08 7.21 -24.10
CA TYR E 317 -12.38 6.83 -23.64
C TYR E 317 -13.41 7.92 -23.95
N ASP E 318 -13.11 8.79 -24.91
CA ASP E 318 -14.08 9.83 -25.26
C ASP E 318 -15.33 9.27 -25.91
N SER E 319 -15.27 8.02 -26.38
CA SER E 319 -16.43 7.38 -26.97
C SER E 319 -17.22 6.55 -25.96
N ALA E 320 -16.79 6.54 -24.70
CA ALA E 320 -17.39 5.70 -23.68
C ALA E 320 -18.56 6.41 -23.02
N HIS E 321 -19.76 5.82 -23.12
CA HIS E 321 -20.86 6.32 -22.31
C HIS E 321 -20.89 5.58 -20.98
N TYR E 322 -20.13 4.50 -20.86
CA TYR E 322 -20.09 3.70 -19.63
C TYR E 322 -21.43 3.09 -19.20
N LEU E 323 -22.42 3.07 -20.10
CA LEU E 323 -23.65 2.30 -19.83
C LEU E 323 -23.64 0.96 -20.59
N MET E 324 -24.58 0.09 -20.21
CA MET E 324 -24.85 -1.11 -21.01
C MET E 324 -25.73 -0.70 -22.19
N ALA E 325 -25.09 -0.48 -23.34
CA ALA E 325 -25.81 -0.15 -24.56
C ALA E 325 -26.67 -1.35 -25.01
N TRP E 326 -27.52 -1.13 -26.02
CA TRP E 326 -28.35 -2.22 -26.51
C TRP E 326 -27.55 -3.48 -26.97
N TYR E 327 -26.28 -3.31 -27.39
CA TYR E 327 -25.48 -4.45 -27.87
C TYR E 327 -24.04 -4.10 -28.19
N THR E 328 -23.14 -5.11 -28.22
CA THR E 328 -21.92 -5.07 -29.03
C THR E 328 -22.22 -6.02 -30.15
N ALA E 329 -21.59 -5.81 -31.30
CA ALA E 329 -21.68 -6.82 -32.34
C ALA E 329 -20.35 -6.91 -33.06
N TRP E 330 -19.95 -8.11 -33.46
CA TRP E 330 -18.66 -8.22 -34.13
C TRP E 330 -18.66 -9.28 -35.19
N GLY E 331 -17.77 -9.15 -36.17
CA GLY E 331 -17.65 -10.22 -37.14
C GLY E 331 -16.40 -10.18 -37.97
N GLY E 332 -16.40 -10.99 -39.01
CA GLY E 332 -15.21 -11.14 -39.83
C GLY E 332 -15.44 -12.01 -41.05
N GLY E 333 -14.41 -12.11 -41.87
CA GLY E 333 -14.51 -12.85 -43.12
C GLY E 333 -14.39 -14.33 -42.93
N ILE E 334 -14.87 -15.08 -43.92
CA ILE E 334 -14.62 -16.52 -43.92
C ILE E 334 -13.44 -16.91 -44.83
N GLY E 335 -13.52 -16.58 -46.12
CA GLY E 335 -12.41 -16.93 -47.00
C GLY E 335 -11.13 -16.08 -46.90
N ALA E 336 -11.05 -15.24 -45.88
CA ALA E 336 -10.14 -14.09 -45.89
C ALA E 336 -10.02 -13.50 -44.49
N SER E 337 -8.94 -12.75 -44.26
CA SER E 337 -8.73 -12.23 -42.93
C SER E 337 -9.01 -10.73 -42.79
N TRP E 338 -10.17 -10.48 -42.19
CA TRP E 338 -10.62 -9.14 -41.76
C TRP E 338 -11.66 -9.34 -40.64
N ALA E 339 -11.79 -8.34 -39.78
CA ALA E 339 -12.76 -8.40 -38.71
C ALA E 339 -13.19 -6.99 -38.34
N TRP E 340 -14.36 -6.90 -37.74
CA TRP E 340 -14.90 -5.62 -37.33
C TRP E 340 -15.61 -5.78 -35.99
N LYS E 341 -15.82 -4.62 -35.37
CA LYS E 341 -16.51 -4.51 -34.10
C LYS E 341 -17.22 -3.17 -34.00
N ILE E 342 -18.46 -3.23 -33.50
CA ILE E 342 -19.22 -2.03 -33.16
C ILE E 342 -19.69 -2.12 -31.70
N GLY E 343 -19.85 -0.94 -31.09
CA GLY E 343 -20.59 -0.80 -29.84
C GLY E 343 -22.03 -0.43 -30.19
N CYS E 344 -22.72 0.27 -29.30
CA CYS E 344 -24.02 0.80 -29.64
C CYS E 344 -24.23 2.16 -28.96
N SER E 345 -24.90 3.07 -29.67
CA SER E 345 -25.05 4.45 -29.20
C SER E 345 -26.30 4.64 -28.33
N HIS E 346 -27.17 3.62 -28.30
CA HIS E 346 -28.42 3.71 -27.56
C HIS E 346 -28.37 2.87 -26.29
N ALA E 347 -28.85 3.47 -25.20
CA ALA E 347 -28.93 2.79 -23.91
C ALA E 347 -30.33 2.88 -23.30
N HIS E 348 -30.74 1.75 -22.71
CA HIS E 348 -32.06 1.57 -22.10
C HIS E 348 -31.82 1.25 -20.63
N PHE E 349 -32.46 1.98 -19.72
CA PHE E 349 -32.32 1.70 -18.28
C PHE E 349 -32.57 0.21 -17.97
N GLY E 350 -33.45 -0.44 -18.74
CA GLY E 350 -33.82 -1.83 -18.45
C GLY E 350 -32.69 -2.83 -18.63
N TYR E 351 -31.63 -2.36 -19.28
CA TYR E 351 -30.43 -3.13 -19.58
C TYR E 351 -29.30 -2.89 -18.60
N GLN E 352 -29.47 -1.96 -17.68
CA GLN E 352 -28.38 -1.64 -16.76
C GLN E 352 -28.31 -2.74 -15.71
N ASN E 353 -27.08 -2.99 -15.24
CA ASN E 353 -26.88 -3.84 -14.08
C ASN E 353 -25.78 -3.30 -13.17
N PRO E 354 -26.12 -2.30 -12.35
CA PRO E 354 -25.11 -1.66 -11.51
C PRO E 354 -24.66 -2.65 -10.45
N PHE E 355 -25.48 -3.64 -10.14
CA PHE E 355 -25.02 -4.70 -9.26
C PHE E 355 -23.83 -5.46 -9.85
N GLN E 356 -23.97 -6.01 -11.07
CA GLN E 356 -22.86 -6.70 -11.74
C GLN E 356 -21.63 -5.80 -11.90
N GLY E 357 -21.86 -4.55 -12.31
CA GLY E 357 -20.84 -3.54 -12.37
C GLY E 357 -20.08 -3.38 -11.05
N TRP E 358 -20.81 -3.22 -9.95
CA TRP E 358 -20.19 -3.18 -8.64
C TRP E 358 -19.38 -4.44 -8.31
N VAL E 359 -19.86 -5.62 -8.68
CA VAL E 359 -19.18 -6.88 -8.40
C VAL E 359 -17.86 -6.90 -9.16
N SER E 360 -17.95 -6.60 -10.44
CA SER E 360 -16.79 -6.69 -11.24
C SER E 360 -15.77 -5.56 -10.88
N ALA E 361 -16.23 -4.49 -10.20
CA ALA E 361 -15.38 -3.38 -9.74
C ALA E 361 -14.75 -3.46 -8.32
N THR E 362 -15.40 -4.16 -7.38
CA THR E 362 -14.95 -4.13 -5.99
C THR E 362 -14.63 -5.49 -5.38
N GLN E 363 -15.12 -6.57 -6.00
CA GLN E 363 -14.98 -7.91 -5.44
C GLN E 363 -13.75 -8.59 -5.99
N SER E 364 -12.77 -8.89 -5.13
CA SER E 364 -11.50 -9.36 -5.64
C SER E 364 -11.61 -10.70 -6.39
N ASP E 365 -12.59 -11.54 -6.02
CA ASP E 365 -12.82 -12.78 -6.73
C ASP E 365 -13.19 -12.58 -8.21
N PHE E 366 -13.78 -11.41 -8.52
CA PHE E 366 -14.21 -11.08 -9.87
C PHE E 366 -13.33 -10.04 -10.55
N ALA E 367 -12.14 -9.80 -9.99
CA ALA E 367 -11.22 -8.81 -10.54
C ALA E 367 -10.95 -9.14 -12.00
N PRO E 368 -11.18 -8.18 -12.88
CA PRO E 368 -10.72 -8.27 -14.27
C PRO E 368 -9.23 -8.59 -14.34
N LYS E 369 -8.90 -9.56 -15.18
CA LYS E 369 -7.51 -9.91 -15.45
C LYS E 369 -6.82 -8.84 -16.32
N SER E 370 -7.61 -7.98 -16.97
CA SER E 370 -7.04 -6.93 -17.83
C SER E 370 -6.53 -5.78 -17.00
N SER E 371 -5.65 -4.96 -17.57
CA SER E 371 -5.05 -3.95 -16.74
C SER E 371 -5.97 -2.76 -16.43
N ASN E 372 -7.00 -2.53 -17.25
CA ASN E 372 -7.94 -1.42 -17.01
C ASN E 372 -9.39 -1.76 -16.66
N GLY E 373 -9.77 -3.04 -16.73
CA GLY E 373 -11.12 -3.46 -16.40
C GLY E 373 -11.73 -2.96 -15.09
N LYS E 374 -10.96 -3.05 -13.99
CA LYS E 374 -11.48 -2.72 -12.66
C LYS E 374 -11.80 -1.24 -12.57
N ARG E 375 -10.91 -0.43 -13.12
CA ARG E 375 -11.12 1.00 -13.16
C ARG E 375 -12.33 1.37 -14.02
N ASP E 376 -12.44 0.81 -15.23
CA ASP E 376 -13.59 1.06 -16.10
C ASP E 376 -14.93 0.68 -15.43
N TRP E 377 -14.94 -0.48 -14.77
CA TRP E 377 -16.12 -0.93 -14.08
C TRP E 377 -16.48 -0.04 -12.91
N THR E 378 -15.46 0.56 -12.27
CA THR E 378 -15.68 1.44 -11.13
C THR E 378 -16.43 2.66 -11.64
N THR E 379 -15.97 3.22 -12.76
CA THR E 379 -16.69 4.32 -13.40
C THR E 379 -18.11 3.87 -13.79
N SER E 380 -18.24 2.72 -14.41
CA SER E 380 -19.52 2.33 -15.06
C SER E 380 -20.68 2.08 -14.11
N TYR E 381 -20.43 1.36 -13.01
CA TYR E 381 -21.52 1.09 -12.09
C TYR E 381 -22.03 2.36 -11.42
N LYS E 382 -21.12 3.28 -11.10
CA LYS E 382 -21.53 4.55 -10.55
C LYS E 382 -22.35 5.35 -11.57
N ARG E 383 -21.92 5.34 -12.84
CA ARG E 383 -22.65 6.04 -13.88
C ARG E 383 -24.07 5.43 -14.09
N GLN E 384 -24.17 4.10 -13.97
CA GLN E 384 -25.47 3.44 -14.10
C GLN E 384 -26.44 3.88 -13.01
N LEU E 385 -25.95 3.96 -11.77
CA LEU E 385 -26.79 4.41 -10.68
C LEU E 385 -27.28 5.83 -10.92
N GLU E 386 -26.46 6.68 -11.55
CA GLU E 386 -26.93 8.05 -11.79
C GLU E 386 -28.02 8.01 -12.84
N PHE E 387 -27.84 7.13 -13.82
CA PHE E 387 -28.78 6.92 -14.93
C PHE E 387 -30.21 6.62 -14.47
N TYR E 388 -30.38 5.68 -13.55
CA TYR E 388 -31.69 5.44 -12.96
C TYR E 388 -32.24 6.70 -12.30
N GLN E 389 -31.37 7.43 -11.60
CA GLN E 389 -31.84 8.60 -10.86
C GLN E 389 -32.31 9.65 -11.84
N TRP E 390 -31.54 9.85 -12.90
CA TRP E 390 -31.91 10.84 -13.92
C TRP E 390 -33.24 10.48 -14.54
N LEU E 391 -33.45 9.19 -14.78
CA LEU E 391 -34.62 8.75 -15.53
C LEU E 391 -35.89 8.62 -14.71
N GLN E 392 -35.81 8.92 -13.42
CA GLN E 392 -36.96 8.67 -12.56
C GLN E 392 -38.04 9.74 -12.70
N SER E 393 -39.22 9.29 -13.11
CA SER E 393 -40.37 10.18 -13.28
C SER E 393 -40.94 10.74 -11.97
N ALA E 394 -41.79 11.77 -12.10
CA ALA E 394 -42.50 12.35 -10.96
C ALA E 394 -43.24 11.31 -10.13
N GLU E 395 -43.73 10.23 -10.77
CA GLU E 395 -44.51 9.22 -10.09
C GLU E 395 -43.65 8.07 -9.48
N GLY E 396 -42.49 7.78 -10.07
CA GLY E 396 -41.59 6.80 -9.49
C GLY E 396 -41.00 5.82 -10.48
N GLY E 397 -41.69 5.58 -11.59
CA GLY E 397 -41.20 4.71 -12.63
C GLY E 397 -40.05 5.31 -13.43
N ILE E 398 -39.19 4.42 -13.95
CA ILE E 398 -37.98 4.79 -14.64
C ILE E 398 -38.25 4.89 -16.12
N ALA E 399 -37.93 6.07 -16.69
CA ALA E 399 -38.15 6.36 -18.10
C ALA E 399 -37.07 5.70 -18.93
N GLY E 400 -37.21 5.78 -20.25
CA GLY E 400 -36.50 4.90 -21.17
C GLY E 400 -34.97 4.80 -21.17
N GLY E 401 -34.29 5.88 -21.56
CA GLY E 401 -32.85 5.84 -21.68
C GLY E 401 -32.36 7.00 -22.48
N ALA E 402 -31.39 6.76 -23.36
CA ALA E 402 -30.72 7.86 -24.02
C ALA E 402 -29.84 7.41 -25.17
N THR E 403 -29.45 8.35 -26.01
CA THR E 403 -28.66 8.00 -27.17
C THR E 403 -27.55 9.00 -27.47
N ASN E 404 -26.46 8.51 -28.07
CA ASN E 404 -25.44 9.40 -28.56
C ASN E 404 -25.49 9.61 -30.07
N SER E 405 -26.56 9.11 -30.67
CA SER E 405 -26.70 9.16 -32.12
C SER E 405 -28.14 9.36 -32.46
N TRP E 406 -28.53 10.63 -32.52
CA TRP E 406 -29.93 10.98 -32.71
C TRP E 406 -30.38 10.50 -34.08
N ASN E 407 -31.50 9.79 -34.11
CA ASN E 407 -31.99 9.07 -35.31
C ASN E 407 -31.00 8.07 -35.85
N GLY E 408 -30.06 7.64 -35.00
CA GLY E 408 -29.00 6.71 -35.38
C GLY E 408 -28.14 7.23 -36.53
N ARG E 409 -28.02 8.56 -36.66
CA ARG E 409 -27.28 9.15 -37.75
C ARG E 409 -26.41 10.30 -37.27
N TYR E 410 -26.21 10.33 -35.95
CA TYR E 410 -25.47 11.40 -35.28
C TYR E 410 -26.02 12.77 -35.66
N GLU E 411 -27.35 12.90 -35.68
CA GLU E 411 -27.98 14.21 -35.88
C GLU E 411 -27.88 15.11 -34.64
N LYS E 412 -28.08 16.42 -34.83
CA LYS E 412 -28.22 17.37 -33.72
C LYS E 412 -29.42 17.08 -32.88
N TYR E 413 -29.24 17.07 -31.58
CA TYR E 413 -30.39 16.97 -30.70
C TYR E 413 -31.37 18.11 -31.02
N PRO E 414 -32.63 17.79 -31.18
CA PRO E 414 -33.67 18.84 -31.29
C PRO E 414 -33.58 19.88 -30.17
N ALA E 415 -33.94 21.12 -30.47
CA ALA E 415 -34.01 22.18 -29.44
C ALA E 415 -34.67 21.68 -28.15
N GLY E 416 -34.11 22.06 -27.01
CA GLY E 416 -34.65 21.73 -25.69
C GLY E 416 -34.47 20.27 -25.24
N THR E 417 -33.71 19.48 -26.00
CA THR E 417 -33.49 18.09 -25.62
C THR E 417 -32.75 17.96 -24.30
N SER E 418 -33.36 17.24 -23.37
CA SER E 418 -32.76 16.93 -22.10
C SER E 418 -31.61 15.89 -22.24
N THR E 419 -30.53 16.04 -21.47
CA THR E 419 -29.33 15.20 -21.62
C THR E 419 -28.71 14.69 -20.33
N PHE E 420 -27.95 13.62 -20.49
CA PHE E 420 -27.30 12.94 -19.40
C PHE E 420 -25.88 12.66 -19.90
N TYR E 421 -24.91 13.39 -19.36
CA TYR E 421 -23.50 13.30 -19.79
C TYR E 421 -23.33 13.36 -21.31
N GLY E 422 -23.99 14.32 -21.95
CA GLY E 422 -23.89 14.47 -23.38
C GLY E 422 -24.87 13.63 -24.19
N MET E 423 -25.55 12.65 -23.55
CA MET E 423 -26.50 11.80 -24.26
C MET E 423 -27.90 12.35 -24.23
N ALA E 424 -28.58 12.33 -25.38
CA ALA E 424 -29.95 12.84 -25.50
C ALA E 424 -30.99 11.88 -24.91
N TYR E 425 -31.93 12.40 -24.12
CA TYR E 425 -33.03 11.57 -23.60
C TYR E 425 -33.89 10.97 -24.71
N VAL E 426 -34.22 9.68 -24.60
CA VAL E 426 -35.22 9.09 -25.51
C VAL E 426 -36.17 8.16 -24.73
N PRO E 427 -37.48 8.41 -24.86
CA PRO E 427 -38.48 7.65 -24.09
C PRO E 427 -38.53 6.16 -24.47
N HIS E 428 -38.25 5.83 -25.73
CA HIS E 428 -38.28 4.45 -26.19
C HIS E 428 -37.02 4.05 -26.95
N PRO E 429 -35.92 3.80 -26.24
CA PRO E 429 -34.64 3.55 -26.92
C PRO E 429 -34.72 2.41 -27.90
N VAL E 430 -34.16 2.63 -29.09
CA VAL E 430 -33.99 1.60 -30.12
C VAL E 430 -35.25 1.16 -30.93
N TYR E 431 -36.40 0.94 -30.29
CA TYR E 431 -37.59 0.34 -30.94
C TYR E 431 -38.83 1.14 -30.63
N ALA E 432 -39.60 1.49 -31.68
CA ALA E 432 -40.91 2.14 -31.53
C ALA E 432 -42.19 1.30 -31.78
N ASP E 433 -42.04 0.05 -32.23
CA ASP E 433 -43.19 -0.89 -32.44
C ASP E 433 -43.08 -2.24 -31.69
N PRO E 434 -43.64 -2.33 -30.49
CA PRO E 434 -44.10 -1.15 -29.73
C PRO E 434 -42.90 -0.47 -29.08
N GLY E 435 -43.11 0.70 -28.47
CA GLY E 435 -42.02 1.38 -27.81
C GLY E 435 -41.34 0.44 -26.83
N SER E 436 -40.02 0.48 -26.81
CA SER E 436 -39.24 -0.41 -25.95
C SER E 436 -39.39 -0.15 -24.46
N ASN E 437 -40.07 0.93 -24.07
CA ASN E 437 -40.32 1.15 -22.65
C ASN E 437 -41.78 1.21 -22.32
N GLN E 438 -42.59 0.60 -23.17
CA GLN E 438 -43.98 0.36 -22.82
C GLN E 438 -44.09 -0.85 -21.85
N TRP E 439 -43.20 -1.81 -21.97
CA TRP E 439 -43.31 -3.01 -21.17
C TRP E 439 -42.93 -2.72 -19.70
N PHE E 440 -43.84 -3.01 -18.78
CA PHE E 440 -43.55 -2.86 -17.37
C PHE E 440 -42.43 -3.81 -16.87
N GLY E 441 -42.19 -4.93 -17.54
CA GLY E 441 -41.19 -5.90 -17.09
C GLY E 441 -39.83 -5.33 -16.74
N PHE E 442 -39.34 -4.42 -17.59
CA PHE E 442 -38.07 -3.76 -17.37
C PHE E 442 -38.00 -3.06 -16.03
N GLN E 443 -39.12 -2.51 -15.55
CA GLN E 443 -39.11 -1.82 -14.26
C GLN E 443 -38.62 -2.81 -13.26
N ALA E 444 -39.24 -3.99 -13.27
CA ALA E 444 -38.94 -5.00 -12.25
C ALA E 444 -37.55 -5.64 -12.47
N TRP E 445 -37.26 -6.06 -13.70
CA TRP E 445 -35.97 -6.67 -14.03
C TRP E 445 -34.81 -5.79 -13.58
N SER E 446 -34.90 -4.50 -13.90
CA SER E 446 -33.77 -3.61 -13.71
C SER E 446 -33.68 -3.09 -12.28
N MET E 447 -34.80 -2.62 -11.76
CA MET E 447 -34.82 -2.20 -10.37
C MET E 447 -34.46 -3.30 -9.37
N GLN E 448 -34.76 -4.56 -9.73
CA GLN E 448 -34.39 -5.69 -8.90
C GLN E 448 -32.89 -5.68 -8.66
N ARG E 449 -32.11 -5.32 -9.68
CA ARG E 449 -30.65 -5.23 -9.58
C ARG E 449 -30.18 -4.11 -8.66
N VAL E 450 -30.84 -2.96 -8.71
CA VAL E 450 -30.54 -1.85 -7.81
C VAL E 450 -30.81 -2.27 -6.37
N MET E 451 -31.95 -2.94 -6.12
CA MET E 451 -32.25 -3.44 -4.79
C MET E 451 -31.09 -4.29 -4.29
N GLU E 452 -30.59 -5.17 -5.15
CA GLU E 452 -29.47 -6.01 -4.74
C GLU E 452 -28.21 -5.20 -4.44
N TYR E 453 -27.96 -4.18 -5.26
CA TYR E 453 -26.82 -3.32 -5.03
C TYR E 453 -26.92 -2.70 -3.64
N TYR E 454 -28.12 -2.24 -3.31
CA TYR E 454 -28.37 -1.58 -2.03
C TYR E 454 -28.31 -2.59 -0.88
N LEU E 455 -28.87 -3.78 -1.08
CA LEU E 455 -28.75 -4.86 -0.11
C LEU E 455 -27.27 -5.06 0.28
N GLU E 456 -26.39 -5.16 -0.72
CA GLU E 456 -24.99 -5.47 -0.42
C GLU E 456 -24.10 -4.30 0.01
N THR E 457 -24.49 -3.04 -0.26
CA THR E 457 -23.62 -1.92 0.11
C THR E 457 -24.17 -1.04 1.21
N GLY E 458 -25.49 -0.89 1.28
CA GLY E 458 -26.07 0.10 2.17
C GLY E 458 -25.89 1.53 1.66
N ASP E 459 -25.43 1.66 0.42
CA ASP E 459 -25.18 2.97 -0.18
C ASP E 459 -26.44 3.84 -0.21
N SER E 460 -26.46 4.87 0.63
CA SER E 460 -27.58 5.82 0.72
C SER E 460 -27.87 6.68 -0.49
N SER E 461 -26.89 6.85 -1.38
CA SER E 461 -27.11 7.73 -2.55
C SER E 461 -28.31 7.22 -3.36
N VAL E 462 -28.74 5.99 -3.06
CA VAL E 462 -29.72 5.30 -3.84
C VAL E 462 -31.08 5.08 -3.11
N LYS E 463 -31.12 5.48 -1.84
CA LYS E 463 -32.28 5.32 -0.97
C LYS E 463 -33.55 6.01 -1.50
N ASN E 464 -33.48 7.28 -1.90
CA ASN E 464 -34.66 7.96 -2.46
C ASN E 464 -35.18 7.35 -3.79
N LEU E 465 -34.27 6.94 -4.69
CA LEU E 465 -34.65 6.30 -5.94
C LEU E 465 -35.54 5.11 -5.64
N ILE E 466 -35.08 4.30 -4.70
CA ILE E 466 -35.67 3.03 -4.36
C ILE E 466 -37.03 3.22 -3.68
N LYS E 467 -37.06 4.05 -2.64
CA LYS E 467 -38.30 4.33 -1.91
C LYS E 467 -39.38 4.81 -2.88
N LYS E 468 -39.02 5.81 -3.67
CA LYS E 468 -39.96 6.39 -4.62
C LYS E 468 -40.49 5.33 -5.62
N TRP E 469 -39.61 4.47 -6.12
CA TRP E 469 -40.02 3.39 -7.00
C TRP E 469 -40.92 2.36 -6.30
N VAL E 470 -40.56 1.98 -5.06
CA VAL E 470 -41.38 1.07 -4.28
C VAL E 470 -42.78 1.64 -4.06
N ASP E 471 -42.91 2.86 -3.55
CA ASP E 471 -44.24 3.47 -3.39
C ASP E 471 -45.09 3.47 -4.67
N TRP E 472 -44.45 3.74 -5.80
CA TRP E 472 -45.18 3.78 -7.05
C TRP E 472 -45.73 2.38 -7.34
N VAL E 473 -44.84 1.40 -7.31
CA VAL E 473 -45.17 0.04 -7.64
C VAL E 473 -46.24 -0.51 -6.67
N MET E 474 -46.08 -0.22 -5.37
CA MET E 474 -47.06 -0.59 -4.33
C MET E 474 -48.43 0.07 -4.54
N SER E 475 -48.47 1.23 -5.17
CA SER E 475 -49.72 1.90 -5.43
C SER E 475 -50.43 1.34 -6.68
N GLU E 476 -49.75 0.49 -7.43
CA GLU E 476 -50.28 0.01 -8.72
C GLU E 476 -50.74 -1.42 -8.68
N ILE E 477 -50.13 -2.24 -7.82
CA ILE E 477 -50.51 -3.64 -7.69
C ILE E 477 -51.99 -3.78 -7.25
N LYS E 478 -52.71 -4.68 -7.89
CA LYS E 478 -54.11 -4.93 -7.52
C LYS E 478 -54.25 -6.30 -6.86
N LEU E 479 -54.56 -6.29 -5.57
CA LEU E 479 -54.83 -7.53 -4.85
C LEU E 479 -56.34 -7.67 -4.64
N TYR E 480 -56.97 -8.67 -5.27
CA TYR E 480 -58.42 -8.83 -5.20
C TYR E 480 -58.86 -9.74 -4.08
N ASP E 481 -60.05 -9.48 -3.56
CA ASP E 481 -60.66 -10.27 -2.48
C ASP E 481 -60.71 -11.77 -2.75
N ASP E 482 -60.92 -12.17 -4.00
CA ASP E 482 -60.98 -13.60 -4.31
C ASP E 482 -59.60 -14.29 -4.46
N GLY E 483 -58.50 -13.59 -4.18
CA GLY E 483 -57.16 -14.18 -4.25
C GLY E 483 -56.49 -14.10 -5.62
N THR E 484 -57.11 -13.38 -6.56
CA THR E 484 -56.45 -13.05 -7.81
C THR E 484 -55.62 -11.78 -7.62
N PHE E 485 -54.89 -11.40 -8.66
CA PHE E 485 -54.06 -10.21 -8.59
C PHE E 485 -53.94 -9.67 -10.00
N ALA E 486 -53.50 -8.43 -10.11
CA ALA E 486 -53.01 -7.93 -11.39
C ALA E 486 -51.91 -6.88 -11.14
N ILE E 487 -51.00 -6.76 -12.11
CA ILE E 487 -49.87 -5.82 -12.08
C ILE E 487 -49.85 -5.07 -13.41
N PRO E 488 -49.24 -3.87 -13.43
CA PRO E 488 -49.15 -3.12 -14.68
C PRO E 488 -48.48 -3.97 -15.74
N SER E 489 -48.96 -3.93 -16.98
CA SER E 489 -48.21 -4.50 -18.11
C SER E 489 -47.70 -3.43 -19.08
N ASP E 490 -48.55 -2.45 -19.41
CA ASP E 490 -48.22 -1.33 -20.29
C ASP E 490 -48.14 0.00 -19.56
N LEU E 491 -47.17 0.78 -19.99
CA LEU E 491 -46.80 2.06 -19.43
C LEU E 491 -46.89 3.05 -20.56
N GLU E 492 -47.25 4.29 -20.25
CA GLU E 492 -47.28 5.34 -21.26
C GLU E 492 -46.55 6.56 -20.68
N TRP E 493 -45.79 7.26 -21.50
CA TRP E 493 -44.79 8.23 -20.99
C TRP E 493 -44.99 9.60 -21.60
N SER E 494 -44.76 10.65 -20.83
CA SER E 494 -44.76 11.96 -21.42
C SER E 494 -43.77 12.91 -20.76
N GLY E 495 -43.38 13.96 -21.51
CA GLY E 495 -42.33 14.87 -21.07
C GLY E 495 -40.93 14.28 -21.01
N GLN E 496 -40.02 14.97 -20.32
CA GLN E 496 -38.61 14.59 -20.26
C GLN E 496 -38.11 14.81 -18.84
N PRO E 497 -37.06 14.09 -18.42
CA PRO E 497 -36.42 14.38 -17.14
C PRO E 497 -35.73 15.74 -17.31
N ASP E 498 -35.39 16.42 -16.22
CA ASP E 498 -34.60 17.65 -16.33
C ASP E 498 -33.19 17.19 -16.64
N THR E 499 -32.46 17.98 -17.42
CA THR E 499 -31.07 17.66 -17.72
C THR E 499 -30.27 17.29 -16.47
N TRP E 500 -29.52 16.21 -16.56
CA TRP E 500 -28.71 15.73 -15.42
C TRP E 500 -27.60 16.68 -15.02
N THR E 501 -27.59 16.99 -13.74
CA THR E 501 -26.78 18.01 -13.12
C THR E 501 -26.06 17.46 -11.84
N GLY E 502 -26.06 16.13 -11.71
CA GLY E 502 -25.52 15.45 -10.54
C GLY E 502 -26.54 15.19 -9.45
N THR E 503 -27.72 15.80 -9.53
CA THR E 503 -28.70 15.66 -8.44
C THR E 503 -30.11 15.47 -8.96
N TYR E 504 -30.85 14.55 -8.35
CA TYR E 504 -32.22 14.34 -8.72
C TYR E 504 -33.13 15.55 -8.39
N THR E 505 -33.83 16.07 -9.39
CA THR E 505 -34.72 17.19 -9.17
C THR E 505 -36.16 16.78 -8.82
N GLY E 506 -36.52 15.50 -8.93
CA GLY E 506 -37.94 15.12 -8.84
C GLY E 506 -38.67 15.03 -10.19
N ASN E 507 -38.02 15.50 -11.25
CA ASN E 507 -38.55 15.48 -12.61
C ASN E 507 -40.05 15.79 -12.73
N PRO E 508 -40.47 16.97 -12.30
CA PRO E 508 -41.92 17.26 -12.20
C PRO E 508 -42.66 17.16 -13.56
N ASN E 509 -41.92 17.18 -14.67
CA ASN E 509 -42.54 17.10 -16.00
C ASN E 509 -42.38 15.77 -16.68
N LEU E 510 -41.72 14.82 -16.02
CA LEU E 510 -41.65 13.47 -16.54
C LEU E 510 -42.74 12.58 -15.89
N HIS E 511 -43.65 12.07 -16.72
CA HIS E 511 -44.80 11.31 -16.23
C HIS E 511 -44.93 9.93 -16.85
N VAL E 512 -45.30 8.97 -16.02
CA VAL E 512 -45.70 7.65 -16.46
C VAL E 512 -47.14 7.44 -16.07
N ARG E 513 -47.88 6.77 -16.94
CA ARG E 513 -49.23 6.32 -16.66
C ARG E 513 -49.33 4.84 -17.02
N VAL E 514 -49.94 4.06 -16.14
CA VAL E 514 -50.22 2.66 -16.43
C VAL E 514 -51.52 2.57 -17.23
N THR E 515 -51.47 1.96 -18.42
CA THR E 515 -52.63 1.92 -19.32
C THR E 515 -53.31 0.55 -19.44
N SER E 516 -52.66 -0.50 -18.97
CA SER E 516 -53.33 -1.77 -18.82
C SER E 516 -52.66 -2.57 -17.73
N TYR E 517 -53.40 -3.55 -17.20
CA TYR E 517 -52.94 -4.42 -16.14
C TYR E 517 -53.05 -5.82 -16.64
N GLY E 518 -52.26 -6.70 -16.07
CA GLY E 518 -52.24 -8.09 -16.49
C GLY E 518 -51.74 -8.97 -15.36
N THR E 519 -51.23 -10.12 -15.79
CA THR E 519 -51.11 -11.25 -14.92
C THR E 519 -49.82 -12.02 -15.30
N ASP E 520 -48.90 -11.31 -15.95
CA ASP E 520 -47.59 -11.83 -16.34
C ASP E 520 -46.84 -12.45 -15.14
N LEU E 521 -46.55 -13.75 -15.22
CA LEU E 521 -45.96 -14.50 -14.11
C LEU E 521 -44.49 -14.19 -13.91
N GLY E 522 -43.78 -14.00 -15.02
CA GLY E 522 -42.39 -13.60 -14.96
C GLY E 522 -42.21 -12.23 -14.33
N VAL E 523 -43.04 -11.27 -14.72
CA VAL E 523 -42.93 -9.93 -14.15
C VAL E 523 -43.39 -9.93 -12.68
N ALA E 524 -44.42 -10.72 -12.37
CA ALA E 524 -44.87 -10.85 -10.98
C ALA E 524 -43.75 -11.44 -10.11
N GLY E 525 -43.15 -12.51 -10.61
CA GLY E 525 -41.97 -13.11 -10.00
C GLY E 525 -40.84 -12.10 -9.79
N SER E 526 -40.53 -11.31 -10.81
CA SER E 526 -39.45 -10.36 -10.73
C SER E 526 -39.78 -9.21 -9.78
N LEU E 527 -41.05 -8.82 -9.72
CA LEU E 527 -41.46 -7.74 -8.83
C LEU E 527 -41.40 -8.17 -7.36
N ALA E 528 -41.74 -9.43 -7.09
CA ALA E 528 -41.66 -9.99 -5.74
C ALA E 528 -40.22 -10.01 -5.28
N ASN E 529 -39.34 -10.50 -6.16
CA ASN E 529 -37.93 -10.52 -5.89
C ASN E 529 -37.43 -9.11 -5.52
N ALA E 530 -37.81 -8.10 -6.28
CA ALA E 530 -37.35 -6.74 -6.00
C ALA E 530 -37.84 -6.31 -4.59
N LEU E 531 -39.11 -6.54 -4.33
CA LEU E 531 -39.72 -6.05 -3.09
C LEU E 531 -39.18 -6.76 -1.87
N ALA E 532 -38.89 -8.04 -2.03
CA ALA E 532 -38.35 -8.82 -0.92
C ALA E 532 -36.90 -8.44 -0.67
N THR E 533 -36.16 -8.25 -1.77
CA THR E 533 -34.76 -7.84 -1.71
C THR E 533 -34.67 -6.48 -1.04
N TYR E 534 -35.54 -5.56 -1.47
CA TYR E 534 -35.65 -4.28 -0.82
C TYR E 534 -36.02 -4.42 0.65
N ALA E 535 -37.01 -5.25 0.98
CA ALA E 535 -37.35 -5.45 2.39
C ALA E 535 -36.12 -5.87 3.22
N ALA E 536 -35.43 -6.90 2.77
CA ALA E 536 -34.23 -7.39 3.44
C ALA E 536 -33.22 -6.25 3.67
N ALA E 537 -33.13 -5.33 2.71
CA ALA E 537 -32.20 -4.22 2.76
C ALA E 537 -32.58 -3.22 3.84
N THR E 538 -33.87 -2.89 3.93
CA THR E 538 -34.34 -1.98 4.96
C THR E 538 -34.03 -2.53 6.35
N GLU E 539 -34.09 -3.86 6.47
CA GLU E 539 -33.78 -4.52 7.74
C GLU E 539 -32.29 -4.47 8.02
N ARG E 540 -31.49 -4.77 7.02
CA ARG E 540 -30.05 -4.70 7.16
C ARG E 540 -29.51 -3.27 7.45
N TRP E 541 -29.98 -2.27 6.72
CA TRP E 541 -29.33 -0.95 6.80
C TRP E 541 -30.09 0.18 7.50
N GLU E 542 -31.42 0.10 7.54
CA GLU E 542 -32.23 1.25 7.98
C GLU E 542 -32.74 1.12 9.43
N GLY E 543 -32.41 0.01 10.07
CA GLY E 543 -32.81 -0.25 11.45
C GLY E 543 -34.29 -0.53 11.60
N LYS E 544 -34.94 -0.87 10.47
CA LYS E 544 -36.39 -1.03 10.42
C LYS E 544 -36.83 -1.81 9.19
N LEU E 545 -37.34 -3.01 9.42
CA LEU E 545 -37.88 -3.83 8.35
C LEU E 545 -39.11 -3.17 7.76
N ASP E 546 -39.11 -2.96 6.44
CA ASP E 546 -40.32 -2.52 5.72
C ASP E 546 -41.24 -3.73 5.50
N THR E 547 -42.24 -3.80 6.35
CA THR E 547 -43.15 -4.91 6.47
C THR E 547 -44.07 -5.03 5.27
N LYS E 548 -44.53 -3.88 4.80
CA LYS E 548 -45.48 -3.80 3.69
C LYS E 548 -44.87 -4.40 2.43
N ALA E 549 -43.58 -4.11 2.20
CA ALA E 549 -42.88 -4.63 1.03
C ALA E 549 -42.68 -6.12 1.16
N ARG E 550 -42.31 -6.55 2.37
CA ARG E 550 -42.06 -7.97 2.60
C ARG E 550 -43.33 -8.74 2.31
N ASP E 551 -44.44 -8.22 2.85
CA ASP E 551 -45.75 -8.85 2.68
C ASP E 551 -46.24 -8.83 1.25
N MET E 552 -46.02 -7.72 0.55
CA MET E 552 -46.46 -7.62 -0.83
C MET E 552 -45.72 -8.62 -1.70
N ALA E 553 -44.42 -8.79 -1.44
CA ALA E 553 -43.63 -9.78 -2.18
C ALA E 553 -44.21 -11.20 -2.01
N ALA E 554 -44.66 -11.51 -0.78
CA ALA E 554 -45.28 -12.81 -0.49
C ALA E 554 -46.65 -12.97 -1.17
N GLU E 555 -47.45 -11.91 -1.13
CA GLU E 555 -48.73 -11.92 -1.82
C GLU E 555 -48.58 -12.26 -3.31
N LEU E 556 -47.59 -11.65 -3.96
CA LEU E 556 -47.42 -11.88 -5.38
C LEU E 556 -47.02 -13.32 -5.67
N VAL E 557 -46.10 -13.86 -4.85
CA VAL E 557 -45.71 -15.25 -5.05
C VAL E 557 -46.90 -16.16 -4.81
N ASN E 558 -47.59 -15.98 -3.68
CA ASN E 558 -48.69 -16.86 -3.32
C ASN E 558 -49.70 -16.83 -4.46
N ARG E 559 -50.04 -15.63 -4.91
CA ARG E 559 -51.09 -15.46 -5.92
C ARG E 559 -50.69 -15.89 -7.34
N ALA E 560 -49.42 -15.77 -7.70
CA ALA E 560 -48.94 -16.30 -8.98
C ALA E 560 -49.02 -17.82 -9.01
N TRP E 561 -48.61 -18.43 -7.90
CA TRP E 561 -48.50 -19.87 -7.81
C TRP E 561 -49.88 -20.50 -7.66
N TYR E 562 -50.70 -19.89 -6.81
CA TYR E 562 -52.03 -20.40 -6.56
C TYR E 562 -52.88 -20.39 -7.82
N ASN E 563 -52.94 -19.24 -8.48
CA ASN E 563 -53.85 -19.08 -9.60
C ASN E 563 -53.30 -19.62 -10.92
N PHE E 564 -52.04 -20.01 -10.98
CA PHE E 564 -51.49 -20.37 -12.30
C PHE E 564 -50.70 -21.67 -12.34
N TYR E 565 -50.97 -22.53 -11.36
CA TYR E 565 -50.40 -23.86 -11.25
C TYR E 565 -50.85 -24.68 -12.45
N CYS E 566 -49.97 -25.52 -13.00
CA CYS E 566 -50.30 -26.40 -14.13
C CYS E 566 -50.53 -27.88 -13.71
N SER E 567 -51.77 -28.37 -13.86
CA SER E 567 -52.20 -29.76 -13.47
C SER E 567 -51.20 -30.84 -13.88
N GLU E 568 -50.67 -30.69 -15.10
CA GLU E 568 -49.74 -31.67 -15.70
C GLU E 568 -48.29 -31.63 -15.15
N GLY E 569 -48.08 -30.86 -14.07
CA GLY E 569 -46.77 -30.77 -13.44
C GLY E 569 -45.66 -30.07 -14.24
N LYS E 570 -45.94 -28.92 -14.86
CA LYS E 570 -44.86 -28.22 -15.54
C LYS E 570 -44.38 -26.99 -14.80
N GLY E 571 -45.01 -26.67 -13.68
CA GLY E 571 -44.65 -25.49 -12.91
C GLY E 571 -45.84 -24.58 -12.90
N VAL E 572 -45.72 -23.41 -13.53
CA VAL E 572 -46.85 -22.50 -13.69
C VAL E 572 -47.10 -22.21 -15.17
N VAL E 573 -48.26 -21.67 -15.51
CA VAL E 573 -48.65 -21.53 -16.90
C VAL E 573 -49.55 -20.30 -17.02
N THR E 574 -49.38 -19.52 -18.09
CA THR E 574 -50.25 -18.38 -18.27
C THR E 574 -51.50 -18.69 -19.08
N GLU E 575 -52.46 -17.77 -19.01
CA GLU E 575 -53.56 -17.70 -19.95
C GLU E 575 -53.59 -16.25 -20.46
N GLU E 576 -53.22 -16.06 -21.72
CA GLU E 576 -53.02 -14.72 -22.26
C GLU E 576 -53.62 -14.61 -23.65
N ALA E 577 -54.43 -13.58 -23.85
CA ALA E 577 -55.00 -13.28 -25.16
C ALA E 577 -53.90 -12.62 -25.99
N ARG E 578 -53.73 -13.10 -27.23
CA ARG E 578 -52.67 -12.54 -28.08
C ARG E 578 -53.27 -11.88 -29.32
N ALA E 579 -53.85 -10.70 -29.14
CA ALA E 579 -54.44 -9.92 -30.23
C ALA E 579 -53.43 -9.62 -31.32
N ASP E 580 -52.17 -9.48 -30.92
CA ASP E 580 -51.09 -9.23 -31.84
C ASP E 580 -50.88 -10.39 -32.83
N TYR E 581 -51.40 -11.58 -32.52
CA TYR E 581 -51.19 -12.74 -33.40
C TYR E 581 -51.91 -12.70 -34.76
N LYS E 582 -52.81 -11.74 -34.94
CA LYS E 582 -53.32 -11.48 -36.28
C LYS E 582 -52.17 -11.14 -37.26
N ARG E 583 -51.06 -10.66 -36.72
CA ARG E 583 -49.92 -10.25 -37.53
C ARG E 583 -49.20 -11.44 -38.17
N PHE E 584 -49.44 -12.66 -37.68
CA PHE E 584 -49.04 -13.87 -38.41
C PHE E 584 -49.52 -13.77 -39.85
N PHE E 585 -50.75 -13.29 -40.02
CA PHE E 585 -51.38 -13.33 -41.34
C PHE E 585 -51.48 -12.02 -42.06
N GLU E 586 -51.41 -10.92 -41.32
CA GLU E 586 -51.63 -9.61 -41.91
C GLU E 586 -50.36 -8.82 -42.08
N GLN E 587 -49.33 -9.14 -41.30
CA GLN E 587 -48.13 -8.30 -41.26
C GLN E 587 -47.27 -8.53 -42.48
N GLU E 588 -47.26 -7.53 -43.35
CA GLU E 588 -46.33 -7.55 -44.45
C GLU E 588 -44.88 -7.33 -43.97
N VAL E 589 -43.97 -8.09 -44.58
CA VAL E 589 -42.56 -7.99 -44.33
C VAL E 589 -41.95 -7.30 -45.55
N TYR E 590 -41.15 -6.26 -45.32
CA TYR E 590 -40.50 -5.58 -46.41
C TYR E 590 -39.35 -6.41 -47.04
N VAL E 591 -39.38 -6.45 -48.37
CA VAL E 591 -38.33 -7.03 -49.21
C VAL E 591 -38.08 -6.02 -50.36
N PRO E 592 -36.81 -5.71 -50.66
CA PRO E 592 -36.52 -4.68 -51.68
C PRO E 592 -37.01 -5.12 -53.08
N ALA E 593 -37.59 -4.18 -53.83
CA ALA E 593 -38.00 -4.49 -55.21
C ALA E 593 -36.83 -5.16 -55.93
N GLY E 594 -37.13 -6.28 -56.60
CA GLY E 594 -36.13 -6.92 -57.44
C GLY E 594 -35.33 -7.99 -56.75
N TRP E 595 -35.43 -8.08 -55.41
CA TRP E 595 -34.65 -9.07 -54.65
C TRP E 595 -35.48 -10.34 -54.57
N SER E 596 -34.88 -11.49 -54.85
CA SER E 596 -35.56 -12.74 -54.54
C SER E 596 -34.60 -13.74 -53.93
N GLY E 597 -35.11 -14.63 -53.10
CA GLY E 597 -34.32 -15.70 -52.51
C GLY E 597 -35.25 -16.72 -51.88
N THR E 598 -34.70 -17.74 -51.25
CA THR E 598 -35.55 -18.74 -50.63
C THR E 598 -35.00 -19.17 -49.28
N MET E 599 -35.92 -19.52 -48.38
CA MET E 599 -35.55 -20.15 -47.12
C MET E 599 -35.15 -21.60 -47.39
N PRO E 600 -34.51 -22.25 -46.44
CA PRO E 600 -34.14 -23.66 -46.61
C PRO E 600 -35.29 -24.63 -46.94
N ASN E 601 -36.52 -24.29 -46.59
CA ASN E 601 -37.64 -25.17 -46.88
C ASN E 601 -38.33 -24.81 -48.21
N GLY E 602 -37.69 -23.93 -48.98
CA GLY E 602 -38.26 -23.46 -50.22
C GLY E 602 -39.20 -22.27 -50.14
N ASP E 603 -39.51 -21.75 -48.93
CA ASP E 603 -40.32 -20.52 -48.87
C ASP E 603 -39.65 -19.42 -49.69
N LYS E 604 -40.45 -18.71 -50.45
CA LYS E 604 -39.94 -17.68 -51.32
C LYS E 604 -39.90 -16.34 -50.61
N ILE E 605 -38.70 -15.78 -50.51
CA ILE E 605 -38.51 -14.44 -50.00
C ILE E 605 -38.61 -13.49 -51.18
N GLN E 606 -39.71 -12.74 -51.21
CA GLN E 606 -39.94 -11.80 -52.30
C GLN E 606 -40.88 -10.70 -51.79
N PRO E 607 -40.95 -9.56 -52.49
CA PRO E 607 -41.84 -8.48 -52.05
C PRO E 607 -43.26 -9.03 -51.90
N GLY E 608 -43.99 -8.56 -50.88
CA GLY E 608 -45.37 -8.97 -50.66
C GLY E 608 -45.53 -10.10 -49.65
N ILE E 609 -44.45 -10.76 -49.24
CA ILE E 609 -44.58 -11.75 -48.17
C ILE E 609 -45.16 -11.26 -46.83
N LYS E 610 -45.89 -12.17 -46.16
CA LYS E 610 -46.32 -11.97 -44.79
C LYS E 610 -45.46 -12.82 -43.88
N PHE E 611 -45.48 -12.49 -42.60
CA PHE E 611 -44.71 -13.20 -41.58
C PHE E 611 -44.79 -14.74 -41.77
N ILE E 612 -46.00 -15.24 -42.04
CA ILE E 612 -46.16 -16.69 -42.18
C ILE E 612 -45.51 -17.24 -43.44
N ASP E 613 -45.47 -16.45 -44.51
CA ASP E 613 -45.01 -16.91 -45.83
C ASP E 613 -43.57 -17.31 -45.86
N ILE E 614 -42.77 -16.83 -44.91
CA ILE E 614 -41.36 -17.23 -44.87
C ILE E 614 -41.07 -18.13 -43.66
N ARG E 615 -42.15 -18.58 -43.00
CA ARG E 615 -42.11 -19.46 -41.84
C ARG E 615 -43.17 -20.55 -41.95
N THR E 616 -43.31 -21.06 -43.15
CA THR E 616 -44.33 -22.05 -43.54
C THR E 616 -44.40 -23.34 -42.70
N LYS E 617 -43.28 -23.77 -42.12
CA LYS E 617 -43.31 -24.87 -41.16
C LYS E 617 -44.30 -24.64 -40.00
N TYR E 618 -44.64 -23.38 -39.73
CA TYR E 618 -45.60 -23.04 -38.66
C TYR E 618 -47.00 -23.61 -38.90
N ARG E 619 -47.34 -23.89 -40.16
CA ARG E 619 -48.59 -24.57 -40.46
C ARG E 619 -48.68 -25.98 -39.84
N GLN E 620 -47.55 -26.60 -39.52
CA GLN E 620 -47.57 -27.91 -38.90
C GLN E 620 -47.49 -27.83 -37.36
N ASP E 621 -47.58 -26.62 -36.80
CA ASP E 621 -47.48 -26.43 -35.35
C ASP E 621 -48.77 -26.85 -34.64
N PRO E 622 -48.63 -27.51 -33.49
CA PRO E 622 -49.80 -27.86 -32.66
C PRO E 622 -50.71 -26.68 -32.34
N TYR E 623 -50.20 -25.45 -32.36
CA TYR E 623 -50.99 -24.28 -31.97
C TYR E 623 -51.52 -23.46 -33.14
N TYR E 624 -51.15 -23.83 -34.36
CA TYR E 624 -51.49 -23.05 -35.54
C TYR E 624 -52.98 -23.04 -35.79
N ASP E 625 -53.63 -24.18 -35.68
CA ASP E 625 -55.07 -24.24 -35.86
C ASP E 625 -55.76 -23.21 -34.97
N ILE E 626 -55.33 -23.12 -33.72
CA ILE E 626 -56.01 -22.22 -32.80
C ILE E 626 -55.82 -20.76 -33.22
N VAL E 627 -54.61 -20.39 -33.63
CA VAL E 627 -54.34 -18.99 -33.97
C VAL E 627 -54.88 -18.61 -35.33
N TYR E 628 -54.78 -19.52 -36.30
CA TYR E 628 -55.40 -19.24 -37.61
C TYR E 628 -56.92 -19.15 -37.54
N GLN E 629 -57.53 -20.06 -36.81
CA GLN E 629 -58.99 -19.99 -36.69
C GLN E 629 -59.49 -18.81 -35.89
N ALA E 630 -58.73 -18.36 -34.90
CA ALA E 630 -59.08 -17.12 -34.19
C ALA E 630 -59.03 -15.99 -35.20
N TYR E 631 -58.03 -16.02 -36.08
CA TYR E 631 -57.89 -14.99 -37.07
C TYR E 631 -59.09 -15.00 -38.04
N LEU E 632 -59.58 -16.18 -38.40
CA LEU E 632 -60.73 -16.24 -39.30
C LEU E 632 -62.03 -15.69 -38.70
N ARG E 633 -62.20 -15.81 -37.38
CA ARG E 633 -63.38 -15.31 -36.67
C ARG E 633 -63.18 -13.88 -36.13
N GLY E 634 -62.11 -13.21 -36.54
CA GLY E 634 -61.81 -11.89 -36.01
C GLY E 634 -61.54 -11.83 -34.50
N GLU E 635 -60.90 -12.84 -33.94
CA GLU E 635 -60.67 -12.88 -32.50
C GLU E 635 -59.20 -12.98 -32.14
N ALA E 636 -58.87 -12.53 -30.94
CA ALA E 636 -57.56 -12.80 -30.33
C ALA E 636 -57.52 -14.28 -29.89
N PRO E 637 -56.51 -15.06 -30.30
CA PRO E 637 -56.38 -16.42 -29.79
C PRO E 637 -56.00 -16.38 -28.33
N VAL E 638 -56.49 -17.31 -27.52
CA VAL E 638 -56.04 -17.40 -26.13
C VAL E 638 -54.94 -18.46 -26.06
N LEU E 639 -53.82 -18.11 -25.44
CA LEU E 639 -52.66 -19.01 -25.34
C LEU E 639 -52.21 -19.35 -23.91
N ASN E 640 -51.61 -20.53 -23.76
CA ASN E 640 -51.04 -20.95 -22.49
C ASN E 640 -49.55 -21.19 -22.69
N TYR E 641 -48.71 -20.53 -21.90
CA TYR E 641 -47.28 -20.55 -22.15
C TYR E 641 -46.47 -20.86 -20.92
N HIS E 642 -45.50 -21.77 -21.07
CA HIS E 642 -44.50 -21.99 -20.03
C HIS E 642 -43.16 -21.38 -20.50
N ARG E 643 -42.96 -20.08 -20.27
CA ARG E 643 -41.70 -19.37 -20.64
C ARG E 643 -40.64 -19.82 -19.63
N PHE E 644 -39.48 -20.22 -20.13
CA PHE E 644 -38.42 -20.66 -19.22
C PHE E 644 -38.16 -19.58 -18.16
N TRP E 645 -37.93 -18.35 -18.61
CA TRP E 645 -37.63 -17.27 -17.68
C TRP E 645 -38.75 -16.92 -16.71
N HIS E 646 -40.00 -17.17 -17.12
CA HIS E 646 -41.14 -16.98 -16.24
C HIS E 646 -41.02 -17.94 -15.06
N GLU E 647 -40.72 -19.21 -15.35
CA GLU E 647 -40.61 -20.24 -14.31
C GLU E 647 -39.48 -19.84 -13.38
N VAL E 648 -38.38 -19.38 -13.96
CA VAL E 648 -37.19 -19.07 -13.16
C VAL E 648 -37.39 -17.82 -12.29
N ASP E 649 -37.94 -16.74 -12.86
CA ASP E 649 -38.20 -15.56 -12.02
C ASP E 649 -39.07 -15.85 -10.79
N LEU E 650 -40.07 -16.72 -10.95
CA LEU E 650 -40.97 -17.02 -9.85
C LEU E 650 -40.22 -17.88 -8.86
N ALA E 651 -39.47 -18.85 -9.36
CA ALA E 651 -38.68 -19.73 -8.49
C ALA E 651 -37.67 -18.91 -7.69
N VAL E 652 -36.93 -18.04 -8.37
CA VAL E 652 -35.91 -17.23 -7.70
C VAL E 652 -36.53 -16.30 -6.63
N ALA E 653 -37.71 -15.75 -6.91
CA ALA E 653 -38.41 -14.95 -5.89
C ALA E 653 -38.75 -15.83 -4.68
N MET E 654 -39.16 -17.08 -4.94
CA MET E 654 -39.36 -18.02 -3.84
C MET E 654 -38.07 -18.18 -3.01
N GLY E 655 -36.94 -18.35 -3.69
CA GLY E 655 -35.65 -18.49 -3.00
C GLY E 655 -35.27 -17.26 -2.17
N VAL E 656 -35.55 -16.07 -2.70
CA VAL E 656 -35.23 -14.84 -1.99
C VAL E 656 -36.02 -14.79 -0.70
N LEU E 657 -37.29 -15.13 -0.77
CA LEU E 657 -38.12 -15.25 0.41
C LEU E 657 -37.53 -16.28 1.38
N ALA E 658 -37.20 -17.47 0.88
CA ALA E 658 -36.50 -18.50 1.66
C ALA E 658 -35.17 -18.02 2.29
N THR E 659 -34.47 -17.15 1.57
CA THR E 659 -33.16 -16.71 1.99
C THR E 659 -33.22 -15.61 3.06
N TYR E 660 -34.03 -14.58 2.85
CA TYR E 660 -34.08 -13.46 3.81
C TYR E 660 -35.22 -13.52 4.83
N PHE E 661 -36.25 -14.29 4.57
CA PHE E 661 -37.35 -14.43 5.52
C PHE E 661 -37.76 -15.91 5.67
N PRO E 662 -36.84 -16.72 6.23
CA PRO E 662 -37.01 -18.18 6.29
C PRO E 662 -38.19 -18.70 7.13
N ASP E 663 -38.78 -17.88 8.00
CA ASP E 663 -39.97 -18.28 8.76
C ASP E 663 -41.26 -18.14 8.00
N MET E 664 -41.25 -17.30 6.97
CA MET E 664 -42.43 -17.09 6.13
C MET E 664 -42.80 -18.35 5.38
N THR E 665 -44.07 -18.39 5.02
CA THR E 665 -44.76 -19.60 4.67
C THR E 665 -45.87 -19.21 3.69
N TYR E 666 -46.06 -20.02 2.67
CA TYR E 666 -47.18 -19.85 1.74
C TYR E 666 -48.52 -20.07 2.44
N LYS E 667 -49.55 -19.31 2.06
CA LYS E 667 -50.96 -19.52 2.49
C LYS E 667 -51.87 -19.33 1.26
N VAL E 668 -53.03 -20.00 1.18
CA VAL E 668 -53.92 -19.73 0.03
C VAL E 668 -54.52 -18.33 0.10
N PRO E 669 -54.39 -17.60 -1.01
CA PRO E 669 -54.75 -16.17 -1.06
C PRO E 669 -56.26 -15.88 -1.00
N GLY F 28 -16.18 70.09 -24.64
CA GLY F 28 -16.65 69.48 -25.94
C GLY F 28 -15.54 68.94 -26.86
N PRO F 29 -15.78 67.84 -27.60
CA PRO F 29 -14.81 67.32 -28.58
C PRO F 29 -14.58 68.19 -29.84
N THR F 30 -13.36 68.19 -30.34
CA THR F 30 -13.01 68.90 -31.58
C THR F 30 -12.12 67.99 -32.46
N LYS F 31 -11.84 68.41 -33.69
CA LYS F 31 -11.02 67.60 -34.61
C LYS F 31 -9.54 67.61 -34.24
N ALA F 32 -8.90 66.46 -34.11
CA ALA F 32 -7.49 66.40 -33.77
C ALA F 32 -6.64 67.17 -34.79
N PRO F 33 -5.65 67.95 -34.33
CA PRO F 33 -4.74 68.66 -35.24
C PRO F 33 -3.61 67.77 -35.79
N THR F 34 -3.61 66.49 -35.40
CA THR F 34 -2.52 65.55 -35.70
C THR F 34 -2.25 65.46 -37.19
N LYS F 35 -0.97 65.51 -37.57
CA LYS F 35 -0.59 65.47 -38.99
C LYS F 35 -0.51 64.02 -39.48
N ASP F 36 -0.78 63.79 -40.78
CA ASP F 36 -0.71 62.45 -41.39
C ASP F 36 0.69 61.85 -41.24
N GLY F 37 0.75 60.52 -41.15
CA GLY F 37 2.03 59.83 -41.03
C GLY F 37 2.59 59.83 -39.63
N THR F 38 1.84 60.36 -38.65
CA THR F 38 2.21 60.20 -37.25
C THR F 38 2.07 58.73 -36.82
N SER F 39 3.16 58.18 -36.31
CA SER F 39 3.22 56.81 -35.83
C SER F 39 2.34 56.62 -34.58
N TYR F 40 1.66 55.48 -34.51
CA TYR F 40 0.88 55.15 -33.31
C TYR F 40 1.71 55.19 -32.03
N LYS F 41 2.99 54.88 -32.15
CA LYS F 41 3.90 55.07 -31.03
C LYS F 41 3.85 56.50 -30.47
N ASP F 42 3.85 57.49 -31.38
CA ASP F 42 3.84 58.89 -30.97
C ASP F 42 2.50 59.33 -30.44
N LEU F 43 1.42 58.79 -31.02
CA LEU F 43 0.10 59.08 -30.50
C LEU F 43 0.05 58.54 -29.10
N PHE F 44 0.55 57.31 -28.89
CA PHE F 44 0.54 56.73 -27.57
C PHE F 44 1.25 57.67 -26.60
N LEU F 45 2.50 58.03 -26.91
CA LEU F 45 3.30 58.93 -26.07
C LEU F 45 2.61 60.26 -25.75
N GLU F 46 1.87 60.78 -26.72
CA GLU F 46 1.09 61.98 -26.51
C GLU F 46 -0.03 61.72 -25.49
N LEU F 47 -0.86 60.71 -25.75
CA LEU F 47 -1.95 60.40 -24.84
C LEU F 47 -1.44 60.06 -23.44
N TYR F 48 -0.39 59.24 -23.37
CA TYR F 48 0.22 58.92 -22.09
C TYR F 48 0.54 60.20 -21.32
N GLY F 49 1.26 61.12 -21.98
CA GLY F 49 1.69 62.34 -21.32
C GLY F 49 0.52 63.11 -20.79
N LYS F 50 -0.60 63.04 -21.48
CA LYS F 50 -1.76 63.83 -21.10
C LYS F 50 -2.49 63.22 -19.91
N ILE F 51 -2.54 61.88 -19.87
CA ILE F 51 -3.11 61.17 -18.72
C ILE F 51 -2.28 61.43 -17.47
N LYS F 52 -0.97 61.51 -17.63
CA LYS F 52 -0.09 61.58 -16.47
C LYS F 52 0.20 63.00 -15.97
N ASP F 53 -0.22 63.99 -16.74
CA ASP F 53 0.03 65.40 -16.45
C ASP F 53 -0.83 65.85 -15.26
N PRO F 54 -0.18 66.18 -14.14
CA PRO F 54 -0.89 66.57 -12.91
C PRO F 54 -1.91 67.68 -13.16
N LYS F 55 -1.58 68.62 -14.06
CA LYS F 55 -2.46 69.72 -14.37
C LYS F 55 -3.83 69.19 -14.85
N ASN F 56 -3.87 67.98 -15.42
CA ASN F 56 -5.12 67.43 -15.95
C ASN F 56 -6.06 66.71 -14.95
N GLY F 57 -5.57 66.39 -13.75
CA GLY F 57 -6.43 65.96 -12.68
C GLY F 57 -6.99 64.54 -12.74
N TYR F 58 -6.35 63.67 -13.52
CA TYR F 58 -6.71 62.24 -13.55
C TYR F 58 -6.41 61.48 -12.25
N PHE F 59 -5.34 61.88 -11.55
CA PHE F 59 -4.97 61.21 -10.29
C PHE F 59 -5.10 62.14 -9.12
N SER F 60 -5.33 61.58 -7.94
CA SER F 60 -5.45 62.39 -6.75
C SER F 60 -4.13 63.12 -6.46
N PRO F 61 -4.23 64.38 -6.03
CA PRO F 61 -3.02 65.19 -5.79
C PRO F 61 -2.20 64.63 -4.63
N ASP F 62 -2.86 64.13 -3.59
CA ASP F 62 -2.11 63.71 -2.39
C ASP F 62 -1.52 62.28 -2.44
N GLU F 63 -2.05 61.40 -3.29
CA GLU F 63 -1.64 59.98 -3.26
C GLU F 63 -1.25 59.42 -4.63
N GLY F 64 -1.60 60.15 -5.69
CA GLY F 64 -1.47 59.64 -7.04
C GLY F 64 -2.44 58.49 -7.33
N ILE F 65 -3.60 58.47 -6.68
CA ILE F 65 -4.65 57.51 -7.00
C ILE F 65 -5.47 58.00 -8.21
N PRO F 66 -5.66 57.12 -9.21
CA PRO F 66 -6.50 57.46 -10.38
C PRO F 66 -7.99 57.53 -10.03
N TYR F 67 -8.66 58.61 -10.41
CA TYR F 67 -10.11 58.75 -10.26
C TYR F 67 -10.83 57.94 -11.33
N HIS F 68 -12.08 57.64 -11.08
CA HIS F 68 -12.92 57.11 -12.16
C HIS F 68 -12.93 58.05 -13.38
N SER F 69 -13.16 59.32 -13.13
CA SER F 69 -13.06 60.35 -14.15
C SER F 69 -12.68 61.71 -13.58
N ILE F 70 -12.21 62.59 -14.47
CA ILE F 70 -11.92 63.97 -14.13
C ILE F 70 -13.14 64.62 -13.50
N GLU F 71 -14.29 64.50 -14.16
CA GLU F 71 -15.55 65.14 -13.75
C GLU F 71 -16.15 64.48 -12.50
N THR F 72 -16.89 65.23 -11.67
CA THR F 72 -17.37 64.60 -10.43
C THR F 72 -18.79 64.05 -10.61
N LEU F 73 -19.64 64.78 -11.34
CA LEU F 73 -21.01 64.36 -11.58
C LEU F 73 -21.06 63.27 -12.66
N ILE F 74 -21.17 62.01 -12.23
CA ILE F 74 -21.27 60.90 -13.17
C ILE F 74 -21.83 59.68 -12.47
N VAL F 75 -22.80 59.03 -13.10
CA VAL F 75 -23.43 57.89 -12.48
C VAL F 75 -23.52 56.79 -13.52
N GLU F 76 -22.93 55.65 -13.20
CA GLU F 76 -23.01 54.40 -13.98
C GLU F 76 -22.48 53.42 -12.92
N ALA F 77 -21.92 52.27 -13.21
CA ALA F 77 -21.38 51.44 -12.08
C ALA F 77 -20.99 52.17 -10.73
N PRO F 78 -19.92 52.98 -10.67
CA PRO F 78 -19.74 53.88 -9.53
C PRO F 78 -20.70 55.05 -9.70
N ASP F 79 -21.02 55.76 -8.64
CA ASP F 79 -22.00 56.82 -8.74
C ASP F 79 -21.42 58.22 -8.46
N TYR F 80 -20.11 58.31 -8.28
CA TYR F 80 -19.46 59.62 -8.08
C TYR F 80 -18.07 59.54 -8.74
N GLY F 81 -17.68 60.61 -9.44
CA GLY F 81 -16.53 60.59 -10.32
C GLY F 81 -15.16 60.44 -9.65
N HIS F 82 -15.10 60.93 -8.42
CA HIS F 82 -13.84 60.91 -7.71
C HIS F 82 -13.77 59.79 -6.67
N VAL F 83 -14.56 58.74 -6.88
CA VAL F 83 -14.20 57.49 -6.23
C VAL F 83 -13.05 56.94 -7.07
N THR F 84 -12.37 55.93 -6.54
CA THR F 84 -11.52 55.11 -7.37
C THR F 84 -12.09 53.69 -7.36
N THR F 85 -11.77 52.94 -8.41
CA THR F 85 -12.14 51.55 -8.49
C THR F 85 -10.88 50.71 -8.67
N SER F 86 -10.97 49.42 -8.33
CA SER F 86 -9.95 48.45 -8.72
C SER F 86 -9.80 48.32 -10.26
N GLU F 87 -10.90 48.49 -10.96
CA GLU F 87 -10.88 48.73 -12.41
C GLU F 87 -9.83 49.79 -12.84
N ALA F 88 -9.96 51.03 -12.39
CA ALA F 88 -8.97 52.07 -12.68
C ALA F 88 -7.52 51.67 -12.41
N PHE F 89 -7.22 51.10 -11.24
CA PHE F 89 -5.84 50.72 -10.92
C PHE F 89 -5.29 49.69 -11.91
N SER F 90 -6.17 48.78 -12.36
CA SER F 90 -5.74 47.76 -13.31
C SER F 90 -5.46 48.38 -14.69
N TYR F 91 -6.22 49.39 -15.08
CA TYR F 91 -5.91 50.17 -16.30
C TYR F 91 -4.64 50.98 -16.16
N TYR F 92 -4.42 51.48 -14.95
CA TYR F 92 -3.24 52.24 -14.61
C TYR F 92 -1.97 51.34 -14.80
N VAL F 93 -1.96 50.14 -14.21
CA VAL F 93 -0.84 49.21 -14.46
C VAL F 93 -0.64 48.92 -15.95
N TRP F 94 -1.74 48.76 -16.67
CA TRP F 94 -1.67 48.44 -18.10
C TRP F 94 -1.09 49.60 -18.89
N LEU F 95 -1.45 50.82 -18.49
CA LEU F 95 -0.91 52.01 -19.14
C LEU F 95 0.62 52.01 -19.03
N GLU F 96 1.13 51.80 -17.81
CA GLU F 96 2.56 51.85 -17.52
C GLU F 96 3.32 50.69 -18.14
N ALA F 97 2.68 49.53 -18.22
CA ALA F 97 3.30 48.41 -18.93
C ALA F 97 3.59 48.77 -20.40
N MET F 98 2.60 49.36 -21.06
CA MET F 98 2.73 49.69 -22.46
C MET F 98 3.80 50.78 -22.60
N TYR F 99 3.81 51.72 -21.67
CA TYR F 99 4.80 52.79 -21.64
C TYR F 99 6.24 52.24 -21.57
N GLY F 100 6.43 51.29 -20.65
CA GLY F 100 7.70 50.60 -20.48
C GLY F 100 8.12 49.98 -21.79
N ASN F 101 7.21 49.25 -22.42
CA ASN F 101 7.42 48.65 -23.74
C ASN F 101 7.95 49.66 -24.77
N LEU F 102 7.31 50.82 -24.86
CA LEU F 102 7.59 51.70 -25.97
C LEU F 102 8.75 52.66 -25.70
N THR F 103 9.28 52.61 -24.48
CA THR F 103 10.15 53.66 -23.98
C THR F 103 11.37 53.13 -23.24
N GLY F 104 11.31 51.92 -22.71
CA GLY F 104 12.43 51.37 -21.97
C GLY F 104 12.49 51.81 -20.51
N ASN F 105 11.54 52.64 -20.06
CA ASN F 105 11.48 53.12 -18.69
C ASN F 105 10.37 52.47 -17.85
N TRP F 106 10.79 51.67 -16.86
CA TRP F 106 9.90 50.80 -16.11
C TRP F 106 9.47 51.27 -14.72
N SER F 107 9.90 52.45 -14.29
CA SER F 107 9.68 52.84 -12.90
C SER F 107 8.18 52.98 -12.65
N GLY F 108 7.47 53.42 -13.69
CA GLY F 108 6.03 53.60 -13.65
C GLY F 108 5.20 52.38 -13.27
N VAL F 109 5.66 51.19 -13.67
CA VAL F 109 4.96 49.95 -13.31
C VAL F 109 5.06 49.71 -11.79
N GLU F 110 6.25 49.96 -11.24
CA GLU F 110 6.54 49.80 -9.82
C GLU F 110 5.78 50.80 -9.01
N THR F 111 5.65 52.02 -9.53
CA THR F 111 4.87 53.07 -8.88
C THR F 111 3.38 52.72 -8.80
N ALA F 112 2.80 52.30 -9.92
CA ALA F 112 1.38 51.91 -9.96
C ALA F 112 1.07 50.80 -8.95
N TRP F 113 1.86 49.73 -8.95
CA TRP F 113 1.61 48.66 -7.99
C TRP F 113 1.70 49.17 -6.54
N LYS F 114 2.68 50.03 -6.28
CA LYS F 114 2.85 50.58 -4.93
C LYS F 114 1.65 51.46 -4.49
N VAL F 115 1.12 52.29 -5.39
CA VAL F 115 -0.09 53.04 -5.07
C VAL F 115 -1.25 52.05 -4.77
N MET F 116 -1.37 51.02 -5.56
CA MET F 116 -2.31 49.95 -5.29
C MET F 116 -2.13 49.32 -3.92
N GLU F 117 -0.94 48.83 -3.61
CA GLU F 117 -0.69 48.21 -2.30
C GLU F 117 -0.94 49.15 -1.14
N ASP F 118 -0.68 50.43 -1.33
CA ASP F 118 -0.78 51.40 -0.23
C ASP F 118 -2.21 51.72 0.08
N TRP F 119 -3.10 51.58 -0.91
CA TRP F 119 -4.46 52.09 -0.77
C TRP F 119 -5.62 51.09 -1.01
N ILE F 120 -5.63 50.39 -2.15
CA ILE F 120 -6.84 49.66 -2.48
C ILE F 120 -6.82 48.17 -2.09
N ILE F 121 -5.65 47.65 -1.78
CA ILE F 121 -5.50 46.29 -1.21
C ILE F 121 -5.45 46.39 0.29
N PRO F 122 -6.49 45.94 1.00
CA PRO F 122 -6.46 45.93 2.47
C PRO F 122 -5.20 45.19 3.01
N ASP F 123 -4.44 45.88 3.86
CA ASP F 123 -3.22 45.28 4.42
C ASP F 123 -3.51 44.48 5.70
N SER F 124 -2.45 43.92 6.31
CA SER F 124 -2.58 43.14 7.57
C SER F 124 -3.38 43.87 8.64
N THR F 125 -3.25 45.19 8.65
CA THR F 125 -3.85 46.05 9.66
C THR F 125 -5.33 46.24 9.48
N GLU F 126 -5.81 46.01 8.27
CA GLU F 126 -7.18 46.37 7.93
C GLU F 126 -8.10 45.15 7.82
N GLN F 127 -7.57 44.00 8.20
CA GLN F 127 -8.31 42.75 8.15
C GLN F 127 -8.26 42.04 9.50
N PRO F 128 -8.57 42.73 10.61
CA PRO F 128 -8.41 42.12 11.95
C PRO F 128 -9.33 40.91 12.14
N GLY F 129 -8.79 39.81 12.62
CA GLY F 129 -9.60 38.63 12.88
C GLY F 129 -9.53 37.56 11.82
N MET F 130 -8.86 37.84 10.70
CA MET F 130 -8.81 36.87 9.61
C MET F 130 -8.27 35.53 10.02
N SER F 131 -7.39 35.51 11.01
CA SER F 131 -6.79 34.25 11.42
C SER F 131 -7.79 33.32 12.18
N SER F 132 -8.94 33.88 12.56
CA SER F 132 -10.08 33.15 13.15
C SER F 132 -10.99 32.46 12.13
N TYR F 133 -10.70 32.66 10.85
CA TYR F 133 -11.52 32.12 9.77
C TYR F 133 -11.59 30.60 9.88
N ASN F 134 -12.79 30.06 9.71
CA ASN F 134 -12.98 28.62 9.78
C ASN F 134 -13.38 28.07 8.42
N PRO F 135 -12.47 27.41 7.73
CA PRO F 135 -12.76 26.88 6.39
C PRO F 135 -13.93 25.91 6.41
N ASN F 136 -14.28 25.42 7.61
CA ASN F 136 -15.39 24.49 7.77
C ASN F 136 -16.71 25.19 8.11
N SER F 137 -16.66 26.51 8.30
CA SER F 137 -17.87 27.31 8.57
C SER F 137 -17.67 28.75 8.07
N PRO F 138 -17.54 28.87 6.74
CA PRO F 138 -16.95 30.05 6.11
C PRO F 138 -17.83 31.29 6.17
N ALA F 139 -19.14 31.12 6.05
CA ALA F 139 -20.06 32.23 6.15
C ALA F 139 -21.41 31.74 6.65
N THR F 140 -22.34 32.68 6.82
CA THR F 140 -23.68 32.31 7.20
C THR F 140 -24.64 32.56 6.04
N TYR F 141 -25.46 31.57 5.70
CA TYR F 141 -26.40 31.67 4.58
C TYR F 141 -27.43 32.79 4.68
N ALA F 142 -27.70 33.47 3.56
CA ALA F 142 -28.86 34.34 3.40
C ALA F 142 -29.42 34.32 1.95
N ASP F 143 -30.74 34.44 1.81
CA ASP F 143 -31.36 34.61 0.50
C ASP F 143 -30.92 35.90 -0.21
N GLU F 144 -30.93 35.86 -1.53
CA GLU F 144 -30.95 37.07 -2.37
C GLU F 144 -32.39 37.17 -2.88
N TYR F 145 -32.82 38.39 -3.20
CA TYR F 145 -34.24 38.65 -3.53
C TYR F 145 -34.44 39.47 -4.79
N GLU F 146 -35.64 39.32 -5.38
CA GLU F 146 -35.97 39.96 -6.65
C GLU F 146 -36.09 41.47 -6.64
N ASP F 147 -36.11 42.09 -5.45
CA ASP F 147 -36.39 43.52 -5.35
C ASP F 147 -35.76 44.05 -4.05
N PRO F 148 -35.20 45.27 -4.05
CA PRO F 148 -34.61 45.83 -2.81
C PRO F 148 -35.61 45.87 -1.65
N SER F 149 -36.90 45.96 -1.97
CA SER F 149 -37.90 46.14 -0.96
C SER F 149 -38.00 44.91 -0.04
N TYR F 150 -37.46 43.76 -0.46
CA TYR F 150 -37.38 42.59 0.41
C TYR F 150 -36.31 42.67 1.50
N TYR F 151 -35.30 43.52 1.32
CA TYR F 151 -34.16 43.58 2.21
C TYR F 151 -34.52 44.46 3.43
N PRO F 152 -33.88 44.27 4.61
CA PRO F 152 -32.71 43.39 4.81
C PRO F 152 -33.02 41.90 4.77
N SER F 153 -32.03 41.13 4.36
CA SER F 153 -32.14 39.68 4.28
C SER F 153 -31.56 39.04 5.55
N GLU F 154 -32.32 38.13 6.13
CA GLU F 154 -31.96 37.50 7.40
C GLU F 154 -30.96 36.38 7.27
N LEU F 155 -29.92 36.46 8.10
CA LEU F 155 -28.95 35.38 8.21
C LEU F 155 -29.63 34.14 8.81
N LYS F 156 -29.39 32.99 8.21
CA LYS F 156 -30.03 31.75 8.63
C LYS F 156 -28.96 30.89 9.32
N PHE F 157 -28.75 31.17 10.60
CA PHE F 157 -27.66 30.61 11.41
C PHE F 157 -27.70 29.09 11.66
N ASP F 158 -28.85 28.55 12.08
CA ASP F 158 -28.84 27.13 12.51
C ASP F 158 -29.48 26.17 11.51
N THR F 159 -30.09 26.77 10.49
CA THR F 159 -31.11 26.16 9.65
C THR F 159 -30.59 25.78 8.27
N VAL F 160 -29.46 26.34 7.87
CA VAL F 160 -28.89 26.04 6.55
C VAL F 160 -27.40 25.77 6.70
N ARG F 161 -26.99 24.54 6.45
CA ARG F 161 -25.58 24.27 6.47
C ARG F 161 -24.94 24.72 5.14
N VAL F 162 -23.72 25.22 5.26
CA VAL F 162 -23.00 25.85 4.22
C VAL F 162 -21.83 24.89 3.91
N GLY F 163 -21.28 24.94 2.70
CA GLY F 163 -20.19 24.04 2.34
C GLY F 163 -18.83 24.40 2.96
N SER F 164 -17.76 23.74 2.50
CA SER F 164 -16.38 23.97 2.95
C SER F 164 -15.48 24.64 1.91
N ASP F 165 -14.54 25.44 2.41
CA ASP F 165 -13.60 26.16 1.58
C ASP F 165 -12.25 25.40 1.42
N PRO F 166 -11.99 24.88 0.22
CA PRO F 166 -10.86 23.96 -0.01
C PRO F 166 -9.54 24.61 -0.43
N VAL F 167 -9.53 25.93 -0.41
CA VAL F 167 -8.42 26.71 -0.95
C VAL F 167 -7.78 27.57 0.14
N HIS F 168 -8.45 27.73 1.29
CA HIS F 168 -7.96 28.67 2.30
C HIS F 168 -6.57 28.41 2.86
N ASN F 169 -6.34 27.27 3.52
CA ASN F 169 -5.05 26.94 4.13
C ASN F 169 -3.93 26.78 3.14
N ASP F 170 -4.26 26.19 1.99
CA ASP F 170 -3.31 26.16 0.87
C ASP F 170 -2.72 27.60 0.68
N LEU F 171 -3.58 28.62 0.68
CA LEU F 171 -3.15 29.99 0.56
C LEU F 171 -2.42 30.47 1.81
N VAL F 172 -3.03 30.23 2.98
CA VAL F 172 -2.45 30.56 4.28
C VAL F 172 -1.02 30.00 4.41
N SER F 173 -0.84 28.76 4.01
CA SER F 173 0.44 28.09 4.18
C SER F 173 1.51 28.78 3.33
N ALA F 174 1.12 29.40 2.23
CA ALA F 174 2.08 30.12 1.40
C ALA F 174 2.26 31.59 1.80
N TYR F 175 1.21 32.24 2.35
CA TYR F 175 1.24 33.71 2.55
C TYR F 175 0.75 34.27 3.88
N GLY F 176 0.34 33.44 4.82
CA GLY F 176 -0.24 33.95 6.05
C GLY F 176 -1.76 34.13 6.02
N PRO F 177 -2.29 34.73 7.08
CA PRO F 177 -3.74 34.77 7.31
C PRO F 177 -4.57 35.68 6.38
N ASN F 178 -3.96 36.62 5.67
CA ASN F 178 -4.71 37.67 5.00
C ASN F 178 -4.99 37.51 3.50
N MET F 179 -6.05 38.17 3.04
CA MET F 179 -6.38 38.22 1.61
C MET F 179 -5.54 39.27 0.90
N TYR F 180 -5.00 38.89 -0.26
CA TYR F 180 -4.28 39.82 -1.10
C TYR F 180 -5.06 40.07 -2.39
N LEU F 181 -5.97 41.02 -2.29
CA LEU F 181 -6.98 41.37 -3.33
C LEU F 181 -7.38 42.83 -3.15
N MET F 182 -7.84 43.46 -4.22
CA MET F 182 -8.35 44.83 -4.09
C MET F 182 -9.79 44.82 -3.61
N HIS F 183 -10.14 45.75 -2.73
CA HIS F 183 -11.53 46.12 -2.56
C HIS F 183 -11.85 46.94 -3.82
N TRP F 184 -13.07 46.84 -4.32
CA TRP F 184 -13.36 47.44 -5.62
C TRP F 184 -13.58 48.96 -5.61
N LEU F 185 -13.92 49.52 -4.46
CA LEU F 185 -14.37 50.92 -4.40
C LEU F 185 -13.79 51.71 -3.25
N MET F 186 -13.28 52.89 -3.55
CA MET F 186 -12.71 53.69 -2.48
C MET F 186 -13.06 55.15 -2.74
N ASP F 187 -13.49 55.83 -1.69
CA ASP F 187 -13.83 57.24 -1.74
C ASP F 187 -12.55 58.06 -1.50
N VAL F 188 -11.86 58.41 -2.57
CA VAL F 188 -10.48 58.91 -2.51
C VAL F 188 -10.27 60.12 -1.61
N ASP F 189 -11.14 61.12 -1.76
CA ASP F 189 -11.05 62.35 -0.97
C ASP F 189 -12.20 62.48 0.01
N ASN F 190 -12.80 61.35 0.37
CA ASN F 190 -13.78 61.30 1.45
C ASN F 190 -15.03 62.18 1.21
N TRP F 191 -15.48 62.23 -0.03
CA TRP F 191 -16.66 63.01 -0.41
C TRP F 191 -17.91 62.59 0.35
N TYR F 192 -18.03 61.31 0.67
CA TYR F 192 -19.20 60.84 1.38
C TYR F 192 -19.12 61.22 2.87
N GLY F 193 -17.89 61.41 3.36
CA GLY F 193 -17.70 61.87 4.71
C GLY F 193 -17.58 60.75 5.73
N PHE F 194 -17.48 59.50 5.30
CA PHE F 194 -17.43 58.41 6.28
C PHE F 194 -16.11 58.34 7.06
N GLY F 195 -15.02 58.78 6.44
CA GLY F 195 -13.72 58.75 7.09
C GLY F 195 -13.45 60.08 7.75
N THR F 196 -12.25 60.27 8.29
CA THR F 196 -11.88 61.55 8.90
C THR F 196 -11.22 62.46 7.88
N GLY F 197 -11.55 63.75 8.00
CA GLY F 197 -10.94 64.74 7.16
C GLY F 197 -11.19 64.48 5.69
N THR F 198 -10.13 64.07 5.02
CA THR F 198 -10.07 63.99 3.57
C THR F 198 -9.49 62.63 3.12
N ARG F 199 -9.31 61.72 4.08
CA ARG F 199 -8.65 60.43 3.88
C ARG F 199 -9.42 59.46 2.96
N ALA F 200 -8.72 58.90 1.97
CA ALA F 200 -9.22 57.79 1.17
C ALA F 200 -9.87 56.73 2.06
N THR F 201 -11.10 56.36 1.73
CA THR F 201 -11.92 55.53 2.60
C THR F 201 -12.62 54.43 1.79
N PHE F 202 -12.48 53.19 2.26
CA PHE F 202 -13.17 52.06 1.65
C PHE F 202 -14.68 52.22 1.80
N ILE F 203 -15.40 52.15 0.69
CA ILE F 203 -16.85 52.20 0.77
C ILE F 203 -17.45 51.11 -0.10
N ASN F 204 -18.77 50.93 0.05
CA ASN F 204 -19.51 50.01 -0.79
C ASN F 204 -20.88 50.57 -1.08
N THR F 205 -21.53 50.01 -2.09
CA THR F 205 -22.88 50.43 -2.46
C THR F 205 -23.84 49.26 -2.67
N PHE F 206 -23.69 48.54 -3.78
CA PHE F 206 -24.62 47.44 -4.13
C PHE F 206 -24.72 46.39 -3.02
N GLN F 207 -25.94 46.08 -2.59
CA GLN F 207 -26.16 45.11 -1.53
C GLN F 207 -27.49 44.37 -1.70
N ARG F 208 -28.40 44.89 -2.50
CA ARG F 208 -29.78 44.46 -2.42
C ARG F 208 -30.29 43.75 -3.72
N GLY F 209 -29.45 42.87 -4.26
CA GLY F 209 -29.86 42.01 -5.35
C GLY F 209 -30.04 42.63 -6.72
N GLU F 210 -30.68 41.86 -7.60
CA GLU F 210 -30.60 42.06 -9.04
C GLU F 210 -31.34 43.28 -9.51
N GLN F 211 -32.30 43.78 -8.73
CA GLN F 211 -33.00 44.98 -9.14
C GLN F 211 -32.55 46.23 -8.42
N GLU F 212 -31.39 46.18 -7.77
CA GLU F 212 -30.84 47.42 -7.23
C GLU F 212 -29.86 47.97 -8.25
N SER F 213 -30.33 48.88 -9.10
CA SER F 213 -29.42 49.62 -9.97
C SER F 213 -28.55 50.57 -9.15
N THR F 214 -27.66 51.28 -9.83
CA THR F 214 -26.73 52.25 -9.25
C THR F 214 -27.45 53.38 -8.55
N TRP F 215 -28.69 53.60 -8.96
CA TRP F 215 -29.50 54.70 -8.48
C TRP F 215 -30.25 54.34 -7.22
N GLU F 216 -30.21 53.07 -6.84
CA GLU F 216 -31.11 52.59 -5.80
C GLU F 216 -30.37 52.09 -4.55
N THR F 217 -29.07 52.38 -4.48
CA THR F 217 -28.20 51.94 -3.40
C THR F 217 -28.16 52.95 -2.26
N ILE F 218 -27.62 52.52 -1.13
CA ILE F 218 -27.31 53.41 -0.01
C ILE F 218 -25.82 53.26 0.26
N PRO F 219 -25.00 54.19 -0.22
CA PRO F 219 -23.55 54.13 -0.01
C PRO F 219 -23.22 54.08 1.47
N HIS F 220 -22.16 53.37 1.80
CA HIS F 220 -21.86 53.11 3.20
C HIS F 220 -20.39 52.70 3.36
N PRO F 221 -19.83 52.88 4.56
CA PRO F 221 -18.41 52.59 4.77
C PRO F 221 -18.17 51.08 4.91
N SER F 222 -17.07 50.57 4.37
CA SER F 222 -16.67 49.16 4.52
C SER F 222 -16.29 48.82 5.95
N ILE F 223 -15.77 49.80 6.65
CA ILE F 223 -15.47 49.64 8.07
C ILE F 223 -16.61 50.26 8.89
N GLU F 224 -17.46 49.41 9.42
CA GLU F 224 -18.67 49.85 10.09
C GLU F 224 -18.43 50.01 11.61
N GLU F 225 -18.47 51.25 12.09
CA GLU F 225 -18.08 51.58 13.47
C GLU F 225 -19.23 52.30 14.15
N PHE F 226 -20.38 52.27 13.49
CA PHE F 226 -21.65 52.85 13.93
C PHE F 226 -21.65 54.36 14.01
N LYS F 227 -20.66 55.01 13.42
CA LYS F 227 -20.55 56.45 13.57
C LYS F 227 -21.64 57.13 12.71
N TYR F 228 -21.98 56.53 11.58
CA TYR F 228 -22.99 57.11 10.68
C TYR F 228 -24.06 56.10 10.38
N GLY F 229 -25.19 56.58 9.88
CA GLY F 229 -26.29 55.71 9.52
C GLY F 229 -27.32 55.70 10.63
N GLY F 230 -27.76 54.51 11.01
CA GLY F 230 -28.71 54.37 12.09
C GLY F 230 -27.98 53.90 13.34
N PRO F 231 -28.74 53.39 14.32
CA PRO F 231 -28.13 52.90 15.57
C PRO F 231 -27.22 51.69 15.32
N ASN F 232 -27.44 50.96 14.23
CA ASN F 232 -26.54 49.87 13.85
C ASN F 232 -25.74 50.18 12.59
N GLY F 233 -25.53 51.47 12.35
CA GLY F 233 -24.82 51.93 11.19
C GLY F 233 -25.71 51.65 10.00
N PHE F 234 -25.13 51.03 8.98
CA PHE F 234 -25.90 50.62 7.83
C PHE F 234 -26.26 49.14 7.84
N LEU F 235 -25.76 48.39 8.83
CA LEU F 235 -25.82 46.93 8.76
C LEU F 235 -27.22 46.40 8.48
N ASP F 236 -28.20 46.92 9.24
CA ASP F 236 -29.55 46.38 9.23
C ASP F 236 -30.41 46.91 8.09
N LEU F 237 -29.81 47.61 7.14
CA LEU F 237 -30.50 47.89 5.88
C LEU F 237 -30.39 46.70 4.95
N PHE F 238 -29.38 45.86 5.16
CA PHE F 238 -28.96 44.92 4.15
C PHE F 238 -29.06 43.47 4.59
N THR F 239 -28.67 43.22 5.82
CA THR F 239 -28.76 41.89 6.35
C THR F 239 -29.15 41.85 7.82
N LYS F 240 -30.18 41.07 8.11
CA LYS F 240 -30.76 41.02 9.44
C LYS F 240 -30.03 39.99 10.31
N ASP F 241 -29.66 40.40 11.52
CA ASP F 241 -28.93 39.54 12.45
C ASP F 241 -29.67 39.54 13.82
N ARG F 242 -29.33 38.62 14.73
CA ARG F 242 -29.89 38.68 16.11
C ARG F 242 -29.39 39.89 16.87
N SER F 243 -28.11 40.20 16.71
CA SER F 243 -27.53 41.42 17.24
C SER F 243 -26.53 42.01 16.22
N TYR F 244 -26.24 43.30 16.37
CA TYR F 244 -25.37 44.01 15.45
C TYR F 244 -24.07 44.41 16.11
N ALA F 245 -22.96 44.22 15.41
CA ALA F 245 -21.65 44.46 15.99
C ALA F 245 -20.76 45.17 14.99
N LYS F 246 -19.83 46.00 15.47
CA LYS F 246 -18.91 46.71 14.58
C LYS F 246 -18.09 45.73 13.75
N GLN F 247 -17.87 46.04 12.49
CA GLN F 247 -17.29 45.05 11.61
C GLN F 247 -16.78 45.66 10.32
N TRP F 248 -15.89 44.94 9.65
CA TRP F 248 -15.36 45.30 8.35
C TRP F 248 -15.73 44.24 7.31
N ARG F 249 -15.85 44.66 6.04
CA ARG F 249 -16.02 43.73 4.93
C ARG F 249 -15.51 44.32 3.62
N TYR F 250 -14.97 43.47 2.76
CA TYR F 250 -14.49 43.87 1.45
C TYR F 250 -15.05 43.03 0.31
N THR F 251 -15.05 43.60 -0.90
CA THR F 251 -15.48 42.88 -2.11
C THR F 251 -14.55 43.18 -3.27
N ASN F 252 -14.10 42.14 -3.98
CA ASN F 252 -13.29 42.35 -5.15
C ASN F 252 -14.16 42.28 -6.40
N ALA F 253 -13.64 42.77 -7.51
CA ALA F 253 -14.25 42.62 -8.81
C ALA F 253 -13.13 41.98 -9.57
N PRO F 254 -13.21 40.66 -9.75
CA PRO F 254 -12.04 39.89 -10.20
C PRO F 254 -11.53 40.25 -11.61
N ASP F 255 -12.34 40.90 -12.42
CA ASP F 255 -11.85 41.35 -13.72
C ASP F 255 -10.78 42.43 -13.57
N ALA F 256 -10.79 43.16 -12.45
CA ALA F 256 -9.70 44.13 -12.20
C ALA F 256 -8.37 43.41 -11.92
N GLU F 257 -8.35 42.50 -10.95
CA GLU F 257 -7.14 41.74 -10.69
C GLU F 257 -6.67 41.08 -11.98
N GLY F 258 -7.61 40.49 -12.74
CA GLY F 258 -7.26 39.76 -13.94
C GLY F 258 -6.56 40.65 -14.96
N ARG F 259 -7.08 41.84 -15.17
CA ARG F 259 -6.49 42.79 -16.10
C ARG F 259 -5.11 43.20 -15.57
N ALA F 260 -5.00 43.41 -14.25
CA ALA F 260 -3.71 43.76 -13.63
C ALA F 260 -2.64 42.72 -13.83
N ILE F 261 -2.98 41.43 -13.69
CA ILE F 261 -1.97 40.37 -13.86
C ILE F 261 -1.60 40.26 -15.33
N GLN F 262 -2.61 40.48 -16.17
CA GLN F 262 -2.44 40.48 -17.61
C GLN F 262 -1.39 41.55 -17.97
N ALA F 263 -1.57 42.75 -17.44
CA ALA F 263 -0.62 43.83 -17.68
C ALA F 263 0.80 43.43 -17.28
N VAL F 264 0.91 42.76 -16.12
CA VAL F 264 2.23 42.45 -15.60
C VAL F 264 2.92 41.38 -16.44
N TYR F 265 2.16 40.45 -17.02
CA TYR F 265 2.77 39.50 -17.94
C TYR F 265 3.45 40.28 -19.08
N TRP F 266 2.77 41.26 -19.62
CA TRP F 266 3.32 42.05 -20.71
C TRP F 266 4.51 42.88 -20.21
N ALA F 267 4.37 43.51 -19.03
CA ALA F 267 5.49 44.28 -18.48
C ALA F 267 6.73 43.42 -18.46
N ASN F 268 6.57 42.18 -17.97
CA ASN F 268 7.65 41.20 -17.82
C ASN F 268 8.22 40.68 -19.14
N LYS F 269 7.37 40.42 -20.12
CA LYS F 269 7.83 39.99 -21.43
C LYS F 269 8.62 41.08 -22.12
N TRP F 270 8.07 42.29 -22.10
CA TRP F 270 8.66 43.44 -22.76
C TRP F 270 9.94 43.90 -22.06
N ALA F 271 9.94 43.90 -20.72
CA ALA F 271 11.13 44.28 -19.97
C ALA F 271 12.29 43.33 -20.27
N LYS F 272 12.00 42.04 -20.39
CA LYS F 272 13.04 41.03 -20.63
C LYS F 272 13.64 41.15 -22.00
N GLU F 273 12.80 41.42 -23.00
CA GLU F 273 13.23 41.74 -24.36
C GLU F 273 14.31 42.84 -24.42
N GLN F 274 14.33 43.72 -23.42
CA GLN F 274 15.22 44.89 -23.32
C GLN F 274 16.41 44.68 -22.34
N GLY F 275 16.60 43.45 -21.87
CA GLY F 275 17.54 43.17 -20.81
C GLY F 275 17.22 43.90 -19.52
N LYS F 276 15.97 44.33 -19.32
CA LYS F 276 15.60 45.10 -18.12
C LYS F 276 14.53 44.38 -17.28
N GLY F 277 14.44 43.08 -17.48
CA GLY F 277 13.46 42.28 -16.79
C GLY F 277 13.64 42.21 -15.29
N SER F 278 14.34 43.16 -14.70
CA SER F 278 14.51 43.07 -13.26
C SER F 278 13.93 44.28 -12.56
N ALA F 279 13.68 45.33 -13.34
CA ALA F 279 12.94 46.48 -12.85
C ALA F 279 11.50 46.12 -12.45
N VAL F 280 10.98 45.00 -12.97
CA VAL F 280 9.61 44.61 -12.65
C VAL F 280 9.48 43.34 -11.80
N ALA F 281 10.58 42.77 -11.36
CA ALA F 281 10.53 41.44 -10.74
C ALA F 281 9.66 41.32 -9.46
N SER F 282 9.67 42.35 -8.61
CA SER F 282 8.95 42.28 -7.34
C SER F 282 7.46 42.46 -7.57
N VAL F 283 7.12 43.21 -8.63
CA VAL F 283 5.74 43.35 -9.08
C VAL F 283 5.20 42.04 -9.66
N VAL F 284 6.01 41.38 -10.50
CA VAL F 284 5.68 40.07 -11.08
C VAL F 284 5.35 39.10 -9.93
N SER F 285 6.25 39.08 -8.94
CA SER F 285 6.06 38.23 -7.77
C SER F 285 4.76 38.56 -7.00
N LYS F 286 4.41 39.83 -6.92
CA LYS F 286 3.16 40.25 -6.31
C LYS F 286 1.89 39.93 -7.14
N ALA F 287 1.99 40.11 -8.46
CA ALA F 287 0.89 39.72 -9.31
C ALA F 287 0.66 38.19 -9.28
N ALA F 288 1.74 37.41 -9.12
CA ALA F 288 1.56 35.96 -9.00
C ALA F 288 0.77 35.63 -7.74
N LYS F 289 1.00 36.41 -6.68
CA LYS F 289 0.27 36.21 -5.44
C LYS F 289 -1.20 36.59 -5.63
N MET F 290 -1.45 37.74 -6.22
CA MET F 290 -2.81 38.17 -6.54
C MET F 290 -3.54 37.07 -7.33
N GLY F 291 -2.89 36.54 -8.37
CA GLY F 291 -3.49 35.49 -9.19
C GLY F 291 -3.89 34.27 -8.36
N ASP F 292 -3.07 33.96 -7.36
CA ASP F 292 -3.32 32.84 -6.45
C ASP F 292 -4.59 33.05 -5.63
N PHE F 293 -4.80 34.29 -5.15
CA PHE F 293 -5.97 34.63 -4.34
C PHE F 293 -7.26 34.66 -5.15
N LEU F 294 -7.12 34.86 -6.45
CA LEU F 294 -8.22 34.92 -7.35
C LEU F 294 -8.90 33.55 -7.46
N ARG F 295 -8.28 32.49 -6.93
CA ARG F 295 -9.00 31.21 -6.86
C ARG F 295 -10.23 31.28 -5.97
N ASN F 296 -10.30 32.31 -5.11
CA ASN F 296 -11.48 32.55 -4.25
C ASN F 296 -12.73 32.90 -5.04
N ASP F 297 -12.53 33.52 -6.21
CA ASP F 297 -13.63 33.87 -7.09
C ASP F 297 -14.17 32.68 -7.89
N MET F 298 -13.59 31.49 -7.71
CA MET F 298 -13.94 30.29 -8.49
C MET F 298 -15.00 29.42 -7.80
N PHE F 299 -15.53 29.91 -6.69
CA PHE F 299 -16.40 29.10 -5.82
C PHE F 299 -17.82 29.62 -5.70
N ASP F 300 -18.74 28.67 -5.60
CA ASP F 300 -20.12 28.99 -5.26
C ASP F 300 -20.17 29.88 -4.03
N LYS F 301 -21.10 30.84 -4.01
CA LYS F 301 -21.22 31.78 -2.89
C LYS F 301 -21.05 31.14 -1.49
N TYR F 302 -21.81 30.09 -1.22
CA TYR F 302 -21.82 29.41 0.07
C TYR F 302 -21.24 28.00 -0.02
N PHE F 303 -20.41 27.76 -1.02
CA PHE F 303 -19.76 26.49 -1.22
C PHE F 303 -20.76 25.34 -1.36
N MET F 304 -21.85 25.62 -2.05
CA MET F 304 -22.83 24.58 -2.37
C MET F 304 -22.32 23.80 -3.59
N LYS F 305 -22.69 22.52 -3.73
CA LYS F 305 -22.33 21.73 -4.89
C LYS F 305 -22.72 22.42 -6.18
N ILE F 306 -21.82 22.40 -7.18
CA ILE F 306 -22.20 22.80 -8.49
C ILE F 306 -23.24 21.84 -8.97
N GLY F 307 -24.35 22.40 -9.45
CA GLY F 307 -25.43 21.63 -10.02
C GLY F 307 -26.47 21.15 -9.02
N ALA F 308 -26.30 21.49 -7.74
CA ALA F 308 -27.22 20.95 -6.74
C ALA F 308 -28.70 21.29 -6.95
N GLN F 309 -28.98 22.49 -7.48
CA GLN F 309 -30.37 22.98 -7.61
C GLN F 309 -31.10 22.95 -6.27
N ASP F 310 -30.31 22.94 -5.21
CA ASP F 310 -30.69 23.51 -3.93
C ASP F 310 -29.52 23.61 -2.96
N LYS F 311 -29.80 23.76 -1.67
CA LYS F 311 -28.78 24.13 -0.71
C LYS F 311 -28.02 22.92 -0.21
N THR F 312 -27.31 22.24 -1.12
CA THR F 312 -26.50 21.09 -0.79
C THR F 312 -25.05 21.51 -0.61
N PRO F 313 -24.56 21.40 0.62
CA PRO F 313 -23.18 21.80 0.95
C PRO F 313 -22.17 20.89 0.26
N ALA F 314 -21.07 21.43 -0.22
CA ALA F 314 -20.04 20.65 -0.90
C ALA F 314 -18.85 20.48 0.05
N THR F 315 -17.97 19.51 -0.21
CA THR F 315 -16.73 19.46 0.56
C THR F 315 -15.43 19.62 -0.21
N GLY F 316 -15.34 19.36 -1.49
CA GLY F 316 -13.94 19.57 -1.91
C GLY F 316 -13.93 20.73 -2.86
N TYR F 317 -13.58 20.41 -4.11
CA TYR F 317 -13.74 21.29 -5.21
C TYR F 317 -15.12 21.09 -5.85
N ASP F 318 -15.98 20.34 -5.18
CA ASP F 318 -17.35 20.18 -5.68
C ASP F 318 -18.13 21.48 -5.72
N SER F 319 -17.66 22.50 -5.03
CA SER F 319 -18.28 23.82 -5.15
C SER F 319 -17.53 24.73 -6.10
N ALA F 320 -16.56 24.20 -6.86
CA ALA F 320 -15.79 25.03 -7.79
C ALA F 320 -16.44 25.03 -9.16
N HIS F 321 -16.90 26.19 -9.62
CA HIS F 321 -17.27 26.35 -11.03
C HIS F 321 -16.04 26.68 -11.86
N TYR F 322 -14.98 27.17 -11.21
CA TYR F 322 -13.70 27.48 -11.88
C TYR F 322 -13.80 28.64 -12.91
N LEU F 323 -14.79 29.53 -12.75
CA LEU F 323 -14.87 30.74 -13.55
C LEU F 323 -14.59 31.91 -12.64
N MET F 324 -14.42 33.09 -13.23
CA MET F 324 -14.32 34.26 -12.41
C MET F 324 -15.77 34.67 -12.16
N ALA F 325 -16.28 34.34 -10.99
CA ALA F 325 -17.62 34.78 -10.60
C ALA F 325 -17.67 36.32 -10.39
N TRP F 326 -18.85 36.86 -10.09
CA TRP F 326 -18.99 38.30 -9.94
C TRP F 326 -18.13 38.93 -8.87
N TYR F 327 -17.85 38.20 -7.78
CA TYR F 327 -17.03 38.73 -6.67
C TYR F 327 -16.60 37.61 -5.71
N THR F 328 -15.65 37.91 -4.81
CA THR F 328 -15.55 37.32 -3.47
C THR F 328 -15.74 38.46 -2.50
N ALA F 329 -16.33 38.17 -1.34
CA ALA F 329 -16.20 39.06 -0.20
C ALA F 329 -15.69 38.35 1.04
N TRP F 330 -15.10 39.13 1.95
CA TRP F 330 -14.70 38.59 3.24
C TRP F 330 -14.81 39.67 4.30
N GLY F 331 -14.88 39.30 5.57
CA GLY F 331 -15.07 40.26 6.64
C GLY F 331 -14.83 39.69 8.03
N GLY F 332 -14.97 40.53 9.03
CA GLY F 332 -14.73 40.10 10.38
C GLY F 332 -15.12 41.19 11.35
N GLY F 333 -15.10 40.84 12.62
CA GLY F 333 -15.48 41.78 13.65
C GLY F 333 -14.34 42.72 13.96
N ILE F 334 -14.68 43.88 14.47
CA ILE F 334 -13.70 44.81 14.95
C ILE F 334 -13.57 44.59 16.46
N GLY F 335 -14.70 44.44 17.13
CA GLY F 335 -14.66 44.15 18.55
C GLY F 335 -14.06 42.80 18.94
N ALA F 336 -14.31 41.78 18.13
CA ALA F 336 -14.13 40.39 18.53
C ALA F 336 -13.43 39.58 17.44
N SER F 337 -13.14 38.32 17.71
CA SER F 337 -12.46 37.49 16.73
C SER F 337 -13.40 36.52 16.00
N TRP F 338 -13.77 36.90 14.77
CA TRP F 338 -14.48 36.00 13.85
C TRP F 338 -14.31 36.55 12.45
N ALA F 339 -14.45 35.68 11.47
CA ALA F 339 -14.30 36.08 10.08
C ALA F 339 -15.11 35.19 9.18
N TRP F 340 -15.46 35.72 8.02
CA TRP F 340 -16.20 34.98 7.02
C TRP F 340 -15.71 35.31 5.61
N LYS F 341 -16.12 34.46 4.67
CA LYS F 341 -15.76 34.64 3.26
C LYS F 341 -16.78 33.93 2.41
N ILE F 342 -17.16 34.58 1.32
CA ILE F 342 -18.06 34.01 0.32
C ILE F 342 -17.44 34.07 -1.07
N GLY F 343 -17.78 33.10 -1.93
CA GLY F 343 -17.52 33.22 -3.34
C GLY F 343 -18.74 33.89 -3.95
N CYS F 344 -19.17 33.41 -5.12
CA CYS F 344 -20.37 33.94 -5.73
C CYS F 344 -20.84 32.88 -6.71
N SER F 345 -22.15 32.67 -6.77
CA SER F 345 -22.69 31.61 -7.59
C SER F 345 -22.89 32.03 -9.04
N HIS F 346 -22.71 33.33 -9.33
CA HIS F 346 -23.03 33.85 -10.65
C HIS F 346 -21.77 34.24 -11.42
N ALA F 347 -21.75 33.92 -12.71
CA ALA F 347 -20.60 34.22 -13.55
C ALA F 347 -21.03 34.86 -14.87
N HIS F 348 -20.35 35.92 -15.25
CA HIS F 348 -20.61 36.67 -16.48
C HIS F 348 -19.41 36.49 -17.41
N PHE F 349 -19.63 36.13 -18.67
CA PHE F 349 -18.51 35.93 -19.60
C PHE F 349 -17.57 37.17 -19.62
N GLY F 350 -18.15 38.35 -19.41
CA GLY F 350 -17.40 39.59 -19.45
C GLY F 350 -16.34 39.72 -18.37
N TYR F 351 -16.38 38.86 -17.37
CA TYR F 351 -15.40 38.85 -16.30
C TYR F 351 -14.38 37.78 -16.48
N GLN F 352 -14.51 36.93 -17.48
CA GLN F 352 -13.52 35.86 -17.63
C GLN F 352 -12.24 36.47 -18.13
N ASN F 353 -11.10 35.85 -17.80
CA ASN F 353 -9.81 36.24 -18.34
C ASN F 353 -8.90 34.99 -18.54
N PRO F 354 -9.17 34.22 -19.57
CA PRO F 354 -8.41 32.97 -19.81
C PRO F 354 -6.92 33.23 -20.10
N PHE F 355 -6.60 34.44 -20.53
CA PHE F 355 -5.21 34.84 -20.70
C PHE F 355 -4.46 34.90 -19.34
N GLN F 356 -4.98 35.70 -18.40
CA GLN F 356 -4.46 35.73 -17.04
C GLN F 356 -4.39 34.34 -16.43
N GLY F 357 -5.42 33.54 -16.65
CA GLY F 357 -5.45 32.20 -16.08
C GLY F 357 -4.38 31.31 -16.68
N TRP F 358 -4.21 31.41 -18.00
CA TRP F 358 -3.11 30.74 -18.66
C TRP F 358 -1.74 31.18 -18.11
N VAL F 359 -1.58 32.48 -17.84
CA VAL F 359 -0.32 32.99 -17.29
C VAL F 359 -0.06 32.35 -15.93
N SER F 360 -1.07 32.38 -15.05
CA SER F 360 -0.95 31.79 -13.75
C SER F 360 -0.72 30.29 -13.85
N ALA F 361 -1.36 29.64 -14.82
CA ALA F 361 -1.22 28.18 -14.99
C ALA F 361 0.12 27.75 -15.59
N THR F 362 0.66 28.49 -16.57
CA THR F 362 1.78 28.00 -17.35
C THR F 362 3.09 28.75 -17.17
N GLN F 363 3.07 30.02 -16.76
CA GLN F 363 4.30 30.81 -16.76
C GLN F 363 5.09 30.69 -15.44
N SER F 364 6.32 30.20 -15.56
CA SER F 364 7.20 30.05 -14.42
C SER F 364 7.27 31.28 -13.48
N ASP F 365 7.40 32.48 -14.04
CA ASP F 365 7.51 33.70 -13.22
C ASP F 365 6.21 33.95 -12.48
N PHE F 366 5.09 33.48 -13.02
CA PHE F 366 3.83 33.72 -12.34
C PHE F 366 3.31 32.50 -11.57
N ALA F 367 4.15 31.48 -11.39
CA ALA F 367 3.73 30.27 -10.69
C ALA F 367 3.27 30.62 -9.30
N PRO F 368 2.03 30.24 -8.97
CA PRO F 368 1.53 30.37 -7.58
C PRO F 368 2.51 29.74 -6.56
N LYS F 369 2.66 30.41 -5.46
CA LYS F 369 3.54 29.91 -4.42
C LYS F 369 2.83 28.88 -3.53
N SER F 370 1.49 28.84 -3.58
CA SER F 370 0.77 27.78 -2.88
C SER F 370 0.95 26.51 -3.66
N SER F 371 0.75 25.36 -3.03
CA SER F 371 1.01 24.11 -3.75
C SER F 371 -0.10 23.65 -4.73
N ASN F 372 -1.32 24.18 -4.65
CA ASN F 372 -2.36 23.75 -5.61
C ASN F 372 -2.79 24.81 -6.62
N GLY F 373 -2.20 26.00 -6.53
CA GLY F 373 -2.54 27.11 -7.40
C GLY F 373 -2.35 26.81 -8.87
N LYS F 374 -1.20 26.24 -9.23
CA LYS F 374 -0.87 26.00 -10.62
C LYS F 374 -1.87 25.03 -11.26
N ARG F 375 -2.21 23.97 -10.52
CA ARG F 375 -3.28 23.05 -10.90
C ARG F 375 -4.67 23.70 -10.99
N ASP F 376 -5.11 24.44 -9.97
CA ASP F 376 -6.43 25.09 -10.07
C ASP F 376 -6.53 26.04 -11.29
N TRP F 377 -5.46 26.77 -11.57
CA TRP F 377 -5.44 27.67 -12.70
C TRP F 377 -5.45 26.96 -14.07
N THR F 378 -4.79 25.81 -14.14
CA THR F 378 -4.80 24.99 -15.34
C THR F 378 -6.21 24.49 -15.67
N THR F 379 -6.94 24.02 -14.65
CA THR F 379 -8.36 23.66 -14.84
C THR F 379 -9.16 24.91 -15.27
N SER F 380 -8.99 26.01 -14.52
CA SER F 380 -9.80 27.22 -14.74
C SER F 380 -9.69 27.87 -16.15
N TYR F 381 -8.48 28.18 -16.62
CA TYR F 381 -8.39 28.85 -17.91
C TYR F 381 -9.06 28.06 -19.02
N LYS F 382 -8.88 26.74 -18.97
CA LYS F 382 -9.51 25.82 -19.92
C LYS F 382 -11.04 25.78 -19.78
N ARG F 383 -11.55 25.82 -18.56
CA ARG F 383 -13.00 25.87 -18.35
C ARG F 383 -13.54 27.22 -18.86
N GLN F 384 -12.86 28.31 -18.50
CA GLN F 384 -13.21 29.64 -19.03
C GLN F 384 -13.35 29.64 -20.56
N LEU F 385 -12.40 29.01 -21.24
CA LEU F 385 -12.43 28.90 -22.72
C LEU F 385 -13.67 28.20 -23.26
N GLU F 386 -14.07 27.11 -22.61
CA GLU F 386 -15.32 26.44 -22.98
C GLU F 386 -16.58 27.29 -22.77
N PHE F 387 -16.56 28.13 -21.73
CA PHE F 387 -17.64 29.05 -21.40
C PHE F 387 -17.96 30.02 -22.54
N TYR F 388 -16.92 30.66 -23.10
CA TYR F 388 -17.10 31.57 -24.22
C TYR F 388 -17.73 30.80 -25.38
N GLN F 389 -17.25 29.58 -25.63
CA GLN F 389 -17.73 28.81 -26.77
C GLN F 389 -19.20 28.44 -26.54
N TRP F 390 -19.54 27.97 -25.34
CA TRP F 390 -20.92 27.60 -25.02
C TRP F 390 -21.86 28.77 -25.26
N LEU F 391 -21.37 29.96 -24.93
CA LEU F 391 -22.21 31.14 -24.84
C LEU F 391 -22.33 31.91 -26.17
N GLN F 392 -21.65 31.42 -27.20
CA GLN F 392 -21.66 32.13 -28.48
C GLN F 392 -22.98 32.00 -29.26
N SER F 393 -23.65 33.13 -29.47
CA SER F 393 -24.91 33.21 -30.23
C SER F 393 -24.75 32.74 -31.68
N ALA F 394 -25.88 32.50 -32.36
CA ALA F 394 -25.88 32.18 -33.79
C ALA F 394 -25.18 33.27 -34.60
N GLU F 395 -25.37 34.53 -34.23
CA GLU F 395 -24.75 35.65 -34.94
C GLU F 395 -23.26 35.78 -34.63
N GLY F 396 -22.88 35.50 -33.38
CA GLY F 396 -21.46 35.55 -33.02
C GLY F 396 -21.10 36.20 -31.71
N GLY F 397 -21.89 37.16 -31.25
CA GLY F 397 -21.64 37.79 -29.95
C GLY F 397 -21.81 36.76 -28.82
N ILE F 398 -21.15 37.04 -27.68
CA ILE F 398 -21.16 36.15 -26.51
C ILE F 398 -22.27 36.48 -25.49
N ALA F 399 -23.13 35.50 -25.17
CA ALA F 399 -24.23 35.73 -24.25
C ALA F 399 -23.77 35.79 -22.80
N GLY F 400 -24.69 36.10 -21.88
CA GLY F 400 -24.36 36.56 -20.54
C GLY F 400 -23.54 35.68 -19.61
N GLY F 401 -24.09 34.54 -19.26
CA GLY F 401 -23.37 33.64 -18.39
C GLY F 401 -24.28 32.60 -17.78
N ALA F 402 -24.07 32.32 -16.49
CA ALA F 402 -24.70 31.17 -15.85
C ALA F 402 -24.66 31.30 -14.34
N THR F 403 -25.46 30.49 -13.67
CA THR F 403 -25.52 30.55 -12.24
C THR F 403 -25.67 29.20 -11.62
N ASN F 404 -25.17 29.08 -10.39
CA ASN F 404 -25.39 27.88 -9.61
C ASN F 404 -26.44 28.06 -8.53
N SER F 405 -27.03 29.26 -8.49
CA SER F 405 -28.00 29.56 -7.46
C SER F 405 -29.16 30.30 -8.09
N TRP F 406 -30.17 29.55 -8.55
CA TRP F 406 -31.19 30.15 -9.38
C TRP F 406 -32.00 31.06 -8.48
N ASN F 407 -32.21 32.30 -8.92
CA ASN F 407 -32.90 33.34 -8.12
C ASN F 407 -32.18 33.69 -6.81
N GLY F 408 -30.90 33.31 -6.68
CA GLY F 408 -30.11 33.60 -5.49
C GLY F 408 -30.48 32.80 -4.24
N ARG F 409 -31.31 31.77 -4.42
CA ARG F 409 -31.80 31.00 -3.29
C ARG F 409 -31.74 29.48 -3.63
N TYR F 410 -30.86 29.11 -4.55
CA TYR F 410 -30.73 27.72 -4.93
C TYR F 410 -32.07 27.06 -5.30
N GLU F 411 -32.83 27.73 -6.14
CA GLU F 411 -34.06 27.12 -6.59
C GLU F 411 -33.73 26.09 -7.68
N LYS F 412 -34.68 25.20 -7.93
CA LYS F 412 -34.66 24.30 -9.07
C LYS F 412 -34.64 25.12 -10.36
N TYR F 413 -33.88 24.68 -11.35
CA TYR F 413 -33.86 25.40 -12.60
C TYR F 413 -35.22 25.26 -13.26
N PRO F 414 -35.81 26.35 -13.76
CA PRO F 414 -37.04 26.26 -14.55
C PRO F 414 -36.98 25.20 -15.63
N ALA F 415 -38.14 24.64 -15.98
CA ALA F 415 -38.19 23.65 -17.06
C ALA F 415 -37.53 24.26 -18.29
N GLY F 416 -36.67 23.47 -18.93
CA GLY F 416 -36.10 23.84 -20.21
C GLY F 416 -34.79 24.60 -20.13
N THR F 417 -34.28 24.81 -18.92
CA THR F 417 -33.08 25.61 -18.74
C THR F 417 -31.86 24.89 -19.29
N SER F 418 -31.14 25.60 -20.13
CA SER F 418 -29.92 25.06 -20.70
C SER F 418 -28.77 25.22 -19.65
N THR F 419 -27.83 24.29 -19.63
CA THR F 419 -26.77 24.27 -18.61
C THR F 419 -25.34 24.14 -19.12
N PHE F 420 -24.42 24.51 -18.26
CA PHE F 420 -22.98 24.43 -18.55
C PHE F 420 -22.33 23.82 -17.32
N TYR F 421 -21.80 22.60 -17.43
CA TYR F 421 -21.23 21.96 -16.26
C TYR F 421 -22.13 22.05 -15.01
N GLY F 422 -23.44 21.94 -15.20
CA GLY F 422 -24.39 21.92 -14.09
C GLY F 422 -24.94 23.26 -13.69
N MET F 423 -24.34 24.34 -14.21
CA MET F 423 -24.88 25.68 -13.97
C MET F 423 -25.91 26.09 -15.01
N ALA F 424 -26.87 26.91 -14.60
CA ALA F 424 -27.97 27.34 -15.46
C ALA F 424 -27.66 28.62 -16.24
N TYR F 425 -28.05 28.65 -17.51
CA TYR F 425 -27.86 29.82 -18.34
C TYR F 425 -28.69 30.97 -17.83
N VAL F 426 -28.08 32.16 -17.75
CA VAL F 426 -28.84 33.37 -17.51
C VAL F 426 -28.37 34.48 -18.48
N PRO F 427 -29.30 35.07 -19.21
CA PRO F 427 -28.96 36.11 -20.19
C PRO F 427 -28.26 37.33 -19.54
N HIS F 428 -28.68 37.70 -18.32
CA HIS F 428 -28.13 38.85 -17.64
C HIS F 428 -27.74 38.51 -16.19
N PRO F 429 -26.58 37.89 -15.99
CA PRO F 429 -26.14 37.52 -14.65
C PRO F 429 -26.09 38.71 -13.70
N VAL F 430 -26.61 38.48 -12.49
CA VAL F 430 -26.57 39.39 -11.35
C VAL F 430 -27.48 40.61 -11.40
N TYR F 431 -27.48 41.41 -12.47
CA TYR F 431 -28.32 42.61 -12.49
C TYR F 431 -29.28 42.62 -13.64
N ALA F 432 -30.52 43.00 -13.34
CA ALA F 432 -31.59 43.15 -14.33
C ALA F 432 -31.85 44.57 -14.87
N ASP F 433 -31.37 45.64 -14.21
CA ASP F 433 -31.70 47.06 -14.58
C ASP F 433 -30.45 47.97 -14.68
N PRO F 434 -29.91 48.17 -15.88
CA PRO F 434 -30.32 47.42 -17.07
C PRO F 434 -29.68 46.05 -16.96
N GLY F 435 -30.07 45.11 -17.82
CA GLY F 435 -29.45 43.80 -17.87
C GLY F 435 -27.94 43.95 -17.98
N SER F 436 -27.22 43.13 -17.22
CA SER F 436 -25.77 43.12 -17.20
C SER F 436 -25.10 42.70 -18.52
N ASN F 437 -25.88 42.26 -19.50
CA ASN F 437 -25.27 41.94 -20.77
C ASN F 437 -25.87 42.71 -21.92
N GLN F 438 -26.52 43.82 -21.59
CA GLN F 438 -26.93 44.77 -22.61
C GLN F 438 -25.74 45.58 -23.13
N TRP F 439 -24.78 45.88 -22.26
CA TRP F 439 -23.61 46.69 -22.62
C TRP F 439 -22.68 45.93 -23.59
N PHE F 440 -22.54 46.45 -24.81
CA PHE F 440 -21.61 45.84 -25.77
C PHE F 440 -20.15 45.79 -25.28
N GLY F 441 -19.77 46.71 -24.39
CA GLY F 441 -18.41 46.77 -23.84
C GLY F 441 -17.80 45.45 -23.37
N PHE F 442 -18.59 44.59 -22.75
CA PHE F 442 -18.04 43.31 -22.32
C PHE F 442 -17.55 42.47 -23.49
N GLN F 443 -18.18 42.61 -24.65
CA GLN F 443 -17.76 41.86 -25.84
C GLN F 443 -16.32 42.22 -26.12
N ALA F 444 -16.02 43.51 -26.23
CA ALA F 444 -14.65 43.98 -26.46
C ALA F 444 -13.70 43.61 -25.31
N TRP F 445 -14.08 43.90 -24.07
CA TRP F 445 -13.15 43.79 -22.96
C TRP F 445 -12.72 42.34 -22.81
N SER F 446 -13.68 41.44 -22.94
CA SER F 446 -13.46 40.04 -22.63
C SER F 446 -12.89 39.25 -23.81
N MET F 447 -13.37 39.51 -25.03
CA MET F 447 -12.79 38.86 -26.21
C MET F 447 -11.37 39.36 -26.50
N GLN F 448 -11.04 40.56 -26.07
CA GLN F 448 -9.67 41.03 -26.19
C GLN F 448 -8.70 40.08 -25.45
N ARG F 449 -9.14 39.52 -24.32
CA ARG F 449 -8.27 38.64 -23.53
C ARG F 449 -8.12 37.32 -24.25
N VAL F 450 -9.19 36.87 -24.89
CA VAL F 450 -9.10 35.66 -25.71
C VAL F 450 -8.12 35.86 -26.90
N MET F 451 -8.16 37.03 -27.52
CA MET F 451 -7.23 37.30 -28.60
C MET F 451 -5.80 37.15 -28.08
N GLU F 452 -5.49 37.75 -26.93
CA GLU F 452 -4.13 37.67 -26.37
C GLU F 452 -3.73 36.22 -26.13
N TYR F 453 -4.68 35.42 -25.66
CA TYR F 453 -4.45 34.01 -25.42
C TYR F 453 -4.10 33.27 -26.74
N TYR F 454 -4.83 33.58 -27.81
CA TYR F 454 -4.54 32.98 -29.07
C TYR F 454 -3.16 33.39 -29.56
N LEU F 455 -2.87 34.69 -29.47
CA LEU F 455 -1.59 35.27 -29.81
C LEU F 455 -0.44 34.48 -29.17
N GLU F 456 -0.48 34.33 -27.86
CA GLU F 456 0.64 33.74 -27.12
C GLU F 456 0.73 32.21 -27.13
N THR F 457 -0.33 31.52 -27.53
CA THR F 457 -0.31 30.05 -27.51
C THR F 457 -0.52 29.43 -28.87
N GLY F 458 -1.28 30.09 -29.74
CA GLY F 458 -1.62 29.55 -31.03
C GLY F 458 -2.60 28.41 -30.96
N ASP F 459 -3.28 28.26 -29.82
CA ASP F 459 -4.25 27.19 -29.57
C ASP F 459 -5.30 27.20 -30.64
N SER F 460 -5.35 26.15 -31.45
CA SER F 460 -6.32 26.04 -32.53
C SER F 460 -7.77 25.77 -32.08
N SER F 461 -7.97 25.29 -30.84
CA SER F 461 -9.32 24.96 -30.36
C SER F 461 -10.22 26.19 -30.18
N VAL F 462 -9.60 27.36 -30.35
CA VAL F 462 -10.23 28.64 -30.04
C VAL F 462 -10.45 29.47 -31.33
N LYS F 463 -9.97 28.94 -32.46
CA LYS F 463 -10.09 29.60 -33.77
C LYS F 463 -11.51 29.84 -34.26
N ASN F 464 -12.37 28.83 -34.22
CA ASN F 464 -13.71 29.04 -34.70
C ASN F 464 -14.41 30.06 -33.85
N LEU F 465 -14.20 29.99 -32.53
CA LEU F 465 -14.74 30.97 -31.61
C LEU F 465 -14.35 32.40 -32.03
N ILE F 466 -13.05 32.61 -32.20
CA ILE F 466 -12.51 33.92 -32.53
C ILE F 466 -12.95 34.43 -33.91
N LYS F 467 -12.88 33.61 -34.97
CA LYS F 467 -13.29 34.07 -36.31
C LYS F 467 -14.76 34.47 -36.37
N LYS F 468 -15.63 33.65 -35.80
CA LYS F 468 -17.06 33.95 -35.79
C LYS F 468 -17.35 35.22 -35.00
N TRP F 469 -16.59 35.49 -33.93
CA TRP F 469 -16.82 36.72 -33.19
C TRP F 469 -16.32 37.90 -33.99
N VAL F 470 -15.18 37.72 -34.64
CA VAL F 470 -14.57 38.78 -35.45
C VAL F 470 -15.50 39.09 -36.61
N ASP F 471 -16.08 38.07 -37.27
CA ASP F 471 -17.04 38.36 -38.37
C ASP F 471 -18.20 39.20 -37.87
N TRP F 472 -18.74 38.83 -36.70
CA TRP F 472 -19.89 39.54 -36.15
C TRP F 472 -19.57 41.02 -35.92
N VAL F 473 -18.54 41.26 -35.14
CA VAL F 473 -18.13 42.59 -34.80
C VAL F 473 -17.77 43.42 -36.06
N MET F 474 -17.15 42.77 -37.06
CA MET F 474 -16.79 43.42 -38.33
C MET F 474 -18.04 43.85 -39.09
N SER F 475 -19.13 43.10 -38.94
CA SER F 475 -20.38 43.42 -39.58
C SER F 475 -21.11 44.52 -38.84
N GLU F 476 -20.64 44.88 -37.66
CA GLU F 476 -21.41 45.84 -36.83
C GLU F 476 -20.73 47.18 -36.60
N ILE F 477 -19.43 47.28 -36.89
CA ILE F 477 -18.75 48.56 -36.82
C ILE F 477 -19.25 49.48 -37.96
N LYS F 478 -19.65 50.70 -37.64
CA LYS F 478 -20.10 51.65 -38.67
C LYS F 478 -19.04 52.67 -39.01
N LEU F 479 -18.49 52.59 -40.22
CA LEU F 479 -17.61 53.66 -40.73
C LEU F 479 -18.34 54.54 -41.73
N TYR F 480 -18.19 55.86 -41.61
CA TYR F 480 -18.96 56.79 -42.40
C TYR F 480 -18.08 57.71 -43.23
N ASP F 481 -18.60 58.11 -44.39
CA ASP F 481 -17.85 58.89 -45.40
C ASP F 481 -17.45 60.28 -44.93
N ASP F 482 -18.07 60.79 -43.88
CA ASP F 482 -17.65 62.09 -43.34
C ASP F 482 -16.51 61.94 -42.31
N GLY F 483 -15.98 60.72 -42.14
CA GLY F 483 -14.89 60.48 -41.21
C GLY F 483 -15.30 60.13 -39.79
N THR F 484 -16.59 59.99 -39.52
CA THR F 484 -17.05 59.53 -38.23
C THR F 484 -17.27 58.00 -38.21
N PHE F 485 -17.69 57.50 -37.05
CA PHE F 485 -17.93 56.07 -36.84
C PHE F 485 -18.97 55.93 -35.74
N ALA F 486 -19.56 54.74 -35.66
CA ALA F 486 -20.32 54.29 -34.51
C ALA F 486 -20.05 52.80 -34.29
N ILE F 487 -20.23 52.35 -33.05
CA ILE F 487 -20.08 50.93 -32.70
C ILE F 487 -21.32 50.54 -31.89
N PRO F 488 -21.62 49.24 -31.81
CA PRO F 488 -22.73 48.76 -30.97
C PRO F 488 -22.66 49.28 -29.53
N SER F 489 -23.81 49.66 -29.00
CA SER F 489 -23.86 50.22 -27.69
C SER F 489 -24.68 49.26 -26.78
N ASP F 490 -25.92 49.01 -27.20
CA ASP F 490 -26.90 48.19 -26.50
C ASP F 490 -27.18 46.91 -27.27
N LEU F 491 -27.28 45.81 -26.54
CA LEU F 491 -27.56 44.51 -27.10
C LEU F 491 -28.87 43.93 -26.50
N GLU F 492 -29.66 43.25 -27.34
CA GLU F 492 -30.87 42.57 -26.89
C GLU F 492 -30.74 41.07 -27.21
N TRP F 493 -30.91 40.25 -26.19
CA TRP F 493 -30.69 38.81 -26.34
C TRP F 493 -31.99 38.07 -26.35
N SER F 494 -32.02 36.90 -26.97
CA SER F 494 -33.19 36.02 -26.88
C SER F 494 -32.78 34.57 -27.10
N GLY F 495 -33.56 33.67 -26.50
CA GLY F 495 -33.29 32.25 -26.62
C GLY F 495 -32.20 31.84 -25.65
N GLN F 496 -31.66 30.65 -25.89
CA GLN F 496 -30.70 30.03 -25.00
C GLN F 496 -29.69 29.28 -25.84
N PRO F 497 -28.45 29.16 -25.39
CA PRO F 497 -27.52 28.25 -26.04
C PRO F 497 -28.07 26.84 -25.85
N ASP F 498 -27.66 25.88 -26.67
CA ASP F 498 -27.92 24.49 -26.36
C ASP F 498 -27.06 24.07 -25.15
N THR F 499 -27.54 23.12 -24.37
CA THR F 499 -26.79 22.60 -23.25
C THR F 499 -25.40 22.15 -23.68
N TRP F 500 -24.40 22.50 -22.87
CA TRP F 500 -23.02 22.16 -23.21
C TRP F 500 -22.76 20.68 -23.14
N THR F 501 -22.35 20.17 -24.28
CA THR F 501 -22.19 18.76 -24.49
C THR F 501 -20.72 18.53 -24.93
N GLY F 502 -19.91 19.59 -24.81
CA GLY F 502 -18.48 19.52 -25.12
C GLY F 502 -18.16 19.85 -26.56
N THR F 503 -19.11 20.45 -27.28
CA THR F 503 -18.92 20.86 -28.67
C THR F 503 -19.90 21.95 -28.99
N TYR F 504 -19.41 22.94 -29.73
CA TYR F 504 -20.25 24.03 -30.18
C TYR F 504 -21.28 23.51 -31.17
N THR F 505 -22.54 23.64 -30.87
CA THR F 505 -23.55 23.26 -31.85
C THR F 505 -23.85 24.38 -32.85
N GLY F 506 -23.31 25.57 -32.64
CA GLY F 506 -23.76 26.69 -33.46
C GLY F 506 -24.83 27.50 -32.75
N ASN F 507 -25.50 26.94 -31.71
CA ASN F 507 -26.55 27.65 -30.96
C ASN F 507 -27.51 28.40 -31.87
N PRO F 508 -28.23 27.67 -32.74
CA PRO F 508 -29.11 28.32 -33.71
C PRO F 508 -30.28 29.07 -33.05
N ASN F 509 -30.57 28.76 -31.79
CA ASN F 509 -31.71 29.41 -31.10
C ASN F 509 -31.35 30.55 -30.11
N LEU F 510 -30.08 30.97 -30.11
CA LEU F 510 -29.57 32.04 -29.28
C LEU F 510 -29.21 33.25 -30.17
N HIS F 511 -29.88 34.36 -29.91
CA HIS F 511 -29.80 35.48 -30.81
C HIS F 511 -29.49 36.75 -30.09
N VAL F 512 -28.69 37.57 -30.76
CA VAL F 512 -28.37 38.89 -30.29
C VAL F 512 -28.66 39.89 -31.42
N ARG F 513 -29.24 41.01 -31.06
CA ARG F 513 -29.44 42.09 -31.99
C ARG F 513 -28.85 43.37 -31.33
N VAL F 514 -28.07 44.13 -32.08
CA VAL F 514 -27.65 45.44 -31.59
C VAL F 514 -28.86 46.37 -31.69
N THR F 515 -29.27 47.00 -30.58
CA THR F 515 -30.43 47.90 -30.65
C THR F 515 -30.12 49.39 -30.66
N SER F 516 -28.87 49.76 -30.44
CA SER F 516 -28.43 51.14 -30.58
C SER F 516 -26.94 51.19 -30.76
N TYR F 517 -26.45 52.30 -31.32
CA TYR F 517 -25.04 52.47 -31.65
C TYR F 517 -24.67 53.76 -31.03
N GLY F 518 -23.39 53.91 -30.73
CA GLY F 518 -22.95 55.13 -30.09
C GLY F 518 -21.48 55.25 -30.39
N THR F 519 -20.80 55.95 -29.52
CA THR F 519 -19.52 56.47 -29.88
C THR F 519 -18.55 56.40 -28.70
N ASP F 520 -18.75 55.40 -27.83
CA ASP F 520 -18.02 55.18 -26.57
C ASP F 520 -16.53 54.95 -26.83
N LEU F 521 -15.69 55.85 -26.35
CA LEU F 521 -14.26 55.81 -26.67
C LEU F 521 -13.48 54.63 -26.07
N GLY F 522 -13.79 54.28 -24.83
CA GLY F 522 -13.17 53.13 -24.20
C GLY F 522 -13.54 51.86 -24.93
N VAL F 523 -14.80 51.71 -25.31
CA VAL F 523 -15.14 50.51 -26.03
C VAL F 523 -14.47 50.48 -27.40
N ALA F 524 -14.46 51.63 -28.07
CA ALA F 524 -13.81 51.73 -29.37
C ALA F 524 -12.34 51.28 -29.24
N GLY F 525 -11.64 51.78 -28.21
CA GLY F 525 -10.25 51.44 -28.04
C GLY F 525 -10.03 49.95 -27.81
N SER F 526 -10.81 49.39 -26.89
CA SER F 526 -10.77 48.00 -26.54
C SER F 526 -11.09 47.10 -27.73
N LEU F 527 -12.06 47.48 -28.53
CA LEU F 527 -12.34 46.77 -29.78
C LEU F 527 -11.15 46.85 -30.78
N ALA F 528 -10.56 48.04 -30.92
CA ALA F 528 -9.38 48.17 -31.79
C ALA F 528 -8.33 47.19 -31.28
N ASN F 529 -8.10 47.22 -29.97
CA ASN F 529 -7.13 46.33 -29.36
C ASN F 529 -7.41 44.84 -29.70
N ALA F 530 -8.64 44.38 -29.50
CA ALA F 530 -9.03 43.04 -29.91
C ALA F 530 -8.66 42.77 -31.36
N LEU F 531 -9.15 43.61 -32.27
CA LEU F 531 -8.90 43.40 -33.69
C LEU F 531 -7.40 43.34 -34.05
N ALA F 532 -6.59 44.24 -33.47
CA ALA F 532 -5.18 44.27 -33.80
C ALA F 532 -4.46 43.05 -33.23
N THR F 533 -4.75 42.76 -31.96
CA THR F 533 -4.18 41.58 -31.33
C THR F 533 -4.49 40.29 -32.12
N TYR F 534 -5.75 40.19 -32.55
CA TYR F 534 -6.17 39.11 -33.42
C TYR F 534 -5.38 39.08 -34.74
N ALA F 535 -5.28 40.25 -35.40
CA ALA F 535 -4.48 40.39 -36.59
C ALA F 535 -3.07 39.89 -36.33
N ALA F 536 -2.42 40.38 -35.27
CA ALA F 536 -1.06 39.91 -34.99
C ALA F 536 -1.02 38.38 -34.87
N ALA F 537 -2.04 37.81 -34.25
CA ALA F 537 -2.16 36.36 -34.06
C ALA F 537 -2.26 35.57 -35.36
N THR F 538 -3.06 36.06 -36.34
CA THR F 538 -3.10 35.38 -37.63
C THR F 538 -1.73 35.39 -38.30
N GLU F 539 -0.96 36.46 -38.11
CA GLU F 539 0.34 36.54 -38.74
C GLU F 539 1.26 35.46 -38.14
N ARG F 540 1.25 35.38 -36.81
CA ARG F 540 2.16 34.45 -36.12
C ARG F 540 1.79 32.99 -36.44
N TRP F 541 0.50 32.67 -36.39
CA TRP F 541 0.07 31.27 -36.43
C TRP F 541 -0.53 30.77 -37.70
N GLU F 542 -1.12 31.64 -38.52
CA GLU F 542 -1.86 31.12 -39.65
C GLU F 542 -1.11 31.31 -40.98
N GLY F 543 -1.73 30.87 -42.08
CA GLY F 543 -1.14 31.08 -43.41
C GLY F 543 -0.84 32.54 -43.77
N LYS F 544 -1.77 33.45 -43.48
CA LYS F 544 -1.60 34.85 -43.82
C LYS F 544 -2.14 35.79 -42.75
N LEU F 545 -1.61 36.99 -42.76
CA LEU F 545 -2.13 38.09 -41.96
C LEU F 545 -3.58 38.48 -42.33
N ASP F 546 -4.48 38.58 -41.35
CA ASP F 546 -5.82 39.19 -41.55
C ASP F 546 -5.78 40.73 -41.64
N THR F 547 -5.54 41.16 -42.86
CA THR F 547 -5.41 42.56 -43.27
C THR F 547 -6.59 43.45 -42.88
N LYS F 548 -7.81 42.91 -43.07
CA LYS F 548 -9.02 43.65 -42.82
C LYS F 548 -9.17 43.97 -41.33
N ALA F 549 -8.81 43.02 -40.47
CA ALA F 549 -8.84 43.25 -39.03
C ALA F 549 -7.79 44.28 -38.60
N ARG F 550 -6.57 44.17 -39.13
CA ARG F 550 -5.54 45.14 -38.89
C ARG F 550 -6.02 46.56 -39.24
N ASP F 551 -6.58 46.71 -40.44
CA ASP F 551 -7.04 48.02 -40.94
C ASP F 551 -8.22 48.60 -40.17
N MET F 552 -9.11 47.73 -39.71
CA MET F 552 -10.28 48.18 -38.94
C MET F 552 -9.87 48.70 -37.55
N ALA F 553 -8.84 48.08 -36.95
CA ALA F 553 -8.26 48.56 -35.70
C ALA F 553 -7.72 49.97 -35.86
N ALA F 554 -7.01 50.21 -36.96
CA ALA F 554 -6.45 51.54 -37.21
C ALA F 554 -7.55 52.55 -37.49
N GLU F 555 -8.58 52.14 -38.23
CA GLU F 555 -9.73 52.98 -38.51
C GLU F 555 -10.43 53.41 -37.23
N LEU F 556 -10.65 52.46 -36.32
CA LEU F 556 -11.23 52.80 -35.02
C LEU F 556 -10.34 53.71 -34.21
N VAL F 557 -9.03 53.44 -34.16
CA VAL F 557 -8.18 54.36 -33.42
C VAL F 557 -8.17 55.74 -34.08
N ASN F 558 -8.03 55.78 -35.40
CA ASN F 558 -7.98 57.06 -36.15
C ASN F 558 -9.23 57.90 -35.91
N ARG F 559 -10.39 57.27 -36.05
CA ARG F 559 -11.66 57.97 -35.95
C ARG F 559 -12.02 58.36 -34.53
N ALA F 560 -11.57 57.61 -33.54
CA ALA F 560 -11.81 58.00 -32.15
C ALA F 560 -11.00 59.26 -31.80
N TRP F 561 -9.70 59.20 -32.08
CA TRP F 561 -8.77 60.29 -31.85
C TRP F 561 -9.13 61.51 -32.69
N TYR F 562 -9.47 61.30 -33.97
CA TYR F 562 -9.74 62.45 -34.83
C TYR F 562 -10.98 63.22 -34.35
N ASN F 563 -12.05 62.49 -34.07
CA ASN F 563 -13.34 63.10 -33.81
C ASN F 563 -13.56 63.55 -32.37
N PHE F 564 -12.74 63.06 -31.44
CA PHE F 564 -13.01 63.32 -30.04
C PHE F 564 -11.85 63.92 -29.29
N TYR F 565 -10.94 64.54 -30.01
CA TYR F 565 -9.81 65.23 -29.43
C TYR F 565 -10.27 66.32 -28.46
N CYS F 566 -9.60 66.39 -27.31
CA CYS F 566 -9.86 67.43 -26.32
C CYS F 566 -8.96 68.61 -26.61
N SER F 567 -9.58 69.73 -26.99
CA SER F 567 -8.84 70.98 -27.23
C SER F 567 -8.03 71.47 -26.05
N GLU F 568 -8.54 71.29 -24.83
CA GLU F 568 -7.88 71.82 -23.64
C GLU F 568 -6.68 70.95 -23.21
N GLY F 569 -6.31 69.95 -24.03
CA GLY F 569 -5.15 69.11 -23.75
C GLY F 569 -5.31 67.90 -22.84
N LYS F 570 -6.54 67.49 -22.54
CA LYS F 570 -6.73 66.38 -21.61
C LYS F 570 -6.72 64.96 -22.19
N GLY F 571 -6.60 64.81 -23.50
CA GLY F 571 -6.68 63.50 -24.10
C GLY F 571 -7.82 63.44 -25.09
N VAL F 572 -8.78 62.54 -24.86
CA VAL F 572 -10.01 62.53 -25.65
C VAL F 572 -11.20 62.74 -24.75
N VAL F 573 -12.31 63.17 -25.34
CA VAL F 573 -13.46 63.53 -24.55
C VAL F 573 -14.73 63.13 -25.28
N THR F 574 -15.72 62.83 -24.48
CA THR F 574 -16.90 62.18 -24.92
C THR F 574 -17.99 63.24 -25.11
N GLU F 575 -18.99 62.96 -25.95
CA GLU F 575 -20.22 63.75 -25.95
C GLU F 575 -21.39 62.78 -25.91
N GLU F 576 -22.07 62.75 -24.78
CA GLU F 576 -23.04 61.70 -24.56
C GLU F 576 -24.29 62.27 -23.92
N ALA F 577 -25.43 61.98 -24.55
CA ALA F 577 -26.76 62.28 -23.98
C ALA F 577 -27.04 61.31 -22.83
N ARG F 578 -27.42 61.84 -21.67
CA ARG F 578 -27.65 60.96 -20.51
C ARG F 578 -29.08 61.02 -20.01
N ALA F 579 -29.97 60.38 -20.75
CA ALA F 579 -31.40 60.41 -20.45
C ALA F 579 -31.67 59.78 -19.08
N ASP F 580 -30.81 58.83 -18.69
CA ASP F 580 -30.90 58.23 -17.38
C ASP F 580 -30.78 59.24 -16.19
N TYR F 581 -30.19 60.41 -16.41
CA TYR F 581 -29.96 61.35 -15.31
C TYR F 581 -31.21 61.96 -14.70
N LYS F 582 -32.36 61.74 -15.33
CA LYS F 582 -33.62 62.05 -14.67
C LYS F 582 -33.74 61.30 -13.37
N ARG F 583 -33.07 60.15 -13.28
CA ARG F 583 -33.12 59.31 -12.10
C ARG F 583 -32.50 59.98 -10.86
N PHE F 584 -31.68 61.03 -11.03
CA PHE F 584 -31.27 61.89 -9.89
C PHE F 584 -32.46 62.35 -9.03
N PHE F 585 -33.57 62.63 -9.69
CA PHE F 585 -34.70 63.34 -9.08
C PHE F 585 -35.99 62.49 -8.98
N GLU F 586 -36.13 61.51 -9.87
CA GLU F 586 -37.28 60.58 -9.86
C GLU F 586 -37.05 59.26 -9.11
N GLN F 587 -35.83 58.74 -9.12
CA GLN F 587 -35.56 57.45 -8.52
C GLN F 587 -35.70 57.44 -6.98
N GLU F 588 -36.69 56.69 -6.57
CA GLU F 588 -36.92 56.48 -5.17
C GLU F 588 -35.98 55.38 -4.70
N VAL F 589 -35.31 55.68 -3.59
CA VAL F 589 -34.38 54.75 -2.96
C VAL F 589 -35.16 54.09 -1.82
N TYR F 590 -35.21 52.77 -1.83
CA TYR F 590 -35.95 52.02 -0.81
C TYR F 590 -35.35 52.13 0.60
N VAL F 591 -36.18 52.42 1.61
CA VAL F 591 -35.72 52.36 2.99
C VAL F 591 -36.83 51.67 3.76
N PRO F 592 -36.50 50.66 4.57
CA PRO F 592 -37.52 49.91 5.32
C PRO F 592 -38.40 50.84 6.14
N ALA F 593 -39.69 50.54 6.26
CA ALA F 593 -40.59 51.32 7.10
C ALA F 593 -40.06 51.31 8.53
N GLY F 594 -40.12 52.48 9.19
CA GLY F 594 -39.66 52.57 10.56
C GLY F 594 -38.15 52.74 10.73
N TRP F 595 -37.39 52.68 9.64
CA TRP F 595 -35.93 52.79 9.72
C TRP F 595 -35.56 54.25 9.44
N SER F 596 -34.57 54.78 10.18
CA SER F 596 -34.03 56.10 9.87
C SER F 596 -32.57 56.23 10.29
N GLY F 597 -31.81 57.02 9.54
CA GLY F 597 -30.44 57.32 9.89
C GLY F 597 -30.05 58.61 9.19
N THR F 598 -28.80 59.00 9.36
CA THR F 598 -28.27 60.14 8.64
C THR F 598 -26.94 59.80 7.98
N MET F 599 -26.69 60.45 6.85
CA MET F 599 -25.37 60.44 6.22
C MET F 599 -24.51 61.45 6.97
N PRO F 600 -23.19 61.38 6.79
CA PRO F 600 -22.28 62.33 7.44
C PRO F 600 -22.64 63.81 7.30
N ASN F 601 -23.10 64.25 6.15
CA ASN F 601 -23.48 65.65 5.99
C ASN F 601 -24.87 66.00 6.57
N GLY F 602 -25.52 65.08 7.27
CA GLY F 602 -26.86 65.36 7.79
C GLY F 602 -28.04 64.85 6.96
N ASP F 603 -27.85 64.47 5.69
CA ASP F 603 -28.98 64.01 4.87
C ASP F 603 -29.69 62.86 5.59
N LYS F 604 -31.01 62.91 5.55
CA LYS F 604 -31.83 61.97 6.29
C LYS F 604 -32.13 60.74 5.45
N ILE F 605 -31.80 59.56 5.98
CA ILE F 605 -32.10 58.32 5.26
C ILE F 605 -33.42 57.79 5.82
N GLN F 606 -34.47 57.77 5.02
CA GLN F 606 -35.79 57.39 5.53
C GLN F 606 -36.72 57.06 4.37
N PRO F 607 -37.85 56.39 4.59
CA PRO F 607 -38.73 56.07 3.46
C PRO F 607 -39.09 57.34 2.70
N GLY F 608 -39.21 57.25 1.38
CA GLY F 608 -39.47 58.40 0.56
C GLY F 608 -38.29 59.08 -0.11
N ILE F 609 -37.05 58.85 0.34
CA ILE F 609 -35.91 59.52 -0.31
C ILE F 609 -35.74 59.22 -1.81
N LYS F 610 -35.16 60.17 -2.51
CA LYS F 610 -34.72 60.00 -3.89
C LYS F 610 -33.23 59.94 -3.89
N PHE F 611 -32.65 59.53 -5.02
CA PHE F 611 -31.18 59.38 -5.16
C PHE F 611 -30.43 60.64 -4.71
N ILE F 612 -30.95 61.81 -5.08
CA ILE F 612 -30.32 63.05 -4.71
C ILE F 612 -30.43 63.30 -3.20
N ASP F 613 -31.49 62.83 -2.56
CA ASP F 613 -31.72 63.17 -1.16
C ASP F 613 -30.64 62.71 -0.15
N ILE F 614 -29.85 61.72 -0.51
CA ILE F 614 -28.77 61.26 0.36
C ILE F 614 -27.44 61.60 -0.24
N ARG F 615 -27.47 62.43 -1.29
CA ARG F 615 -26.25 62.92 -1.93
C ARG F 615 -26.35 64.45 -2.19
N THR F 616 -26.83 65.15 -1.18
CA THR F 616 -27.04 66.59 -1.17
C THR F 616 -25.84 67.46 -1.58
N LYS F 617 -24.62 67.01 -1.29
CA LYS F 617 -23.40 67.66 -1.81
C LYS F 617 -23.37 67.81 -3.33
N TYR F 618 -24.11 66.96 -4.05
CA TYR F 618 -24.15 67.05 -5.50
C TYR F 618 -24.75 68.38 -5.98
N ARG F 619 -25.54 69.04 -5.13
CA ARG F 619 -26.11 70.33 -5.49
C ARG F 619 -25.04 71.42 -5.66
N GLN F 620 -23.86 71.24 -5.07
CA GLN F 620 -22.75 72.19 -5.23
C GLN F 620 -21.89 71.83 -6.44
N ASP F 621 -22.27 70.78 -7.16
CA ASP F 621 -21.47 70.32 -8.29
C ASP F 621 -21.50 71.29 -9.49
N PRO F 622 -20.34 71.56 -10.07
CA PRO F 622 -20.25 72.45 -11.24
C PRO F 622 -21.26 72.10 -12.30
N TYR F 623 -21.52 70.82 -12.52
CA TYR F 623 -22.43 70.44 -13.59
C TYR F 623 -23.85 70.05 -13.07
N TYR F 624 -24.15 70.39 -11.81
CA TYR F 624 -25.48 70.14 -11.24
C TYR F 624 -26.65 70.89 -11.86
N ASP F 625 -26.52 72.21 -12.03
CA ASP F 625 -27.58 73.01 -12.65
C ASP F 625 -27.96 72.51 -14.04
N ILE F 626 -26.96 72.11 -14.81
CA ILE F 626 -27.25 71.56 -16.13
C ILE F 626 -28.14 70.32 -16.11
N VAL F 627 -27.90 69.39 -15.18
CA VAL F 627 -28.77 68.20 -15.16
C VAL F 627 -30.10 68.48 -14.48
N TYR F 628 -30.13 69.33 -13.45
CA TYR F 628 -31.40 69.75 -12.82
C TYR F 628 -32.31 70.43 -13.85
N GLN F 629 -31.82 71.51 -14.48
CA GLN F 629 -32.60 72.18 -15.52
C GLN F 629 -33.11 71.25 -16.63
N ALA F 630 -32.28 70.30 -17.05
CA ALA F 630 -32.69 69.39 -18.12
C ALA F 630 -33.83 68.48 -17.62
N TYR F 631 -33.71 68.04 -16.37
CA TYR F 631 -34.80 67.31 -15.74
C TYR F 631 -36.08 68.15 -15.72
N LEU F 632 -35.98 69.42 -15.27
CA LEU F 632 -37.15 70.32 -15.21
C LEU F 632 -37.83 70.53 -16.55
N ARG F 633 -37.08 70.39 -17.64
CA ARG F 633 -37.65 70.63 -18.96
C ARG F 633 -38.02 69.34 -19.67
N GLY F 634 -37.77 68.19 -19.02
CA GLY F 634 -38.11 66.90 -19.60
C GLY F 634 -37.18 66.52 -20.72
N GLU F 635 -35.98 67.06 -20.70
CA GLU F 635 -34.99 66.78 -21.73
C GLU F 635 -33.79 65.98 -21.20
N ALA F 636 -33.10 65.29 -22.11
CA ALA F 636 -31.90 64.54 -21.74
C ALA F 636 -30.68 65.48 -21.70
N PRO F 637 -29.97 65.53 -20.57
CA PRO F 637 -28.77 66.38 -20.45
C PRO F 637 -27.60 65.78 -21.22
N VAL F 638 -26.77 66.63 -21.83
CA VAL F 638 -25.67 66.18 -22.68
C VAL F 638 -24.39 66.45 -21.94
N LEU F 639 -23.57 65.41 -21.77
CA LEU F 639 -22.34 65.51 -20.99
C LEU F 639 -21.06 65.15 -21.73
N ASN F 640 -19.98 65.73 -21.23
CA ASN F 640 -18.64 65.53 -21.74
C ASN F 640 -17.81 64.86 -20.67
N TYR F 641 -17.25 63.68 -20.94
CA TYR F 641 -16.49 62.96 -19.90
C TYR F 641 -15.12 62.51 -20.34
N HIS F 642 -14.17 62.61 -19.40
CA HIS F 642 -12.84 62.09 -19.55
C HIS F 642 -12.68 60.94 -18.52
N ARG F 643 -13.26 59.78 -18.82
CA ARG F 643 -13.10 58.62 -17.94
C ARG F 643 -11.67 58.08 -18.05
N PHE F 644 -11.06 57.81 -16.91
CA PHE F 644 -9.71 57.26 -16.88
C PHE F 644 -9.59 56.06 -17.81
N TRP F 645 -10.45 55.07 -17.66
CA TRP F 645 -10.25 53.86 -18.43
C TRP F 645 -10.48 54.05 -19.93
N HIS F 646 -11.32 55.02 -20.32
CA HIS F 646 -11.53 55.36 -21.74
C HIS F 646 -10.20 55.80 -22.35
N GLU F 647 -9.50 56.74 -21.69
CA GLU F 647 -8.21 57.22 -22.16
C GLU F 647 -7.21 56.06 -22.32
N VAL F 648 -7.19 55.17 -21.33
CA VAL F 648 -6.25 54.07 -21.33
C VAL F 648 -6.62 53.00 -22.38
N ASP F 649 -7.88 52.60 -22.44
CA ASP F 649 -8.25 51.66 -23.48
C ASP F 649 -7.82 52.15 -24.89
N LEU F 650 -8.02 53.44 -25.15
CA LEU F 650 -7.60 54.01 -26.42
C LEU F 650 -6.06 54.08 -26.54
N ALA F 651 -5.39 54.47 -25.45
CA ALA F 651 -3.92 54.55 -25.46
C ALA F 651 -3.33 53.17 -25.77
N VAL F 652 -3.80 52.16 -25.05
CA VAL F 652 -3.25 50.83 -25.18
C VAL F 652 -3.50 50.28 -26.58
N ALA F 653 -4.63 50.63 -27.18
CA ALA F 653 -4.88 50.25 -28.57
C ALA F 653 -3.79 50.83 -29.51
N MET F 654 -3.44 52.11 -29.34
CA MET F 654 -2.35 52.73 -30.13
C MET F 654 -1.07 51.96 -29.92
N GLY F 655 -0.83 51.58 -28.66
CA GLY F 655 0.36 50.83 -28.31
C GLY F 655 0.43 49.47 -28.96
N VAL F 656 -0.72 48.81 -29.11
CA VAL F 656 -0.75 47.49 -29.71
C VAL F 656 -0.42 47.60 -31.21
N LEU F 657 -1.06 48.56 -31.88
CA LEU F 657 -0.67 48.91 -33.23
C LEU F 657 0.87 49.19 -33.30
N ALA F 658 1.41 49.95 -32.35
CA ALA F 658 2.84 50.29 -32.41
C ALA F 658 3.74 49.06 -32.26
N THR F 659 3.24 48.05 -31.56
CA THR F 659 4.01 46.88 -31.21
C THR F 659 3.95 45.86 -32.34
N TYR F 660 2.76 45.52 -32.81
CA TYR F 660 2.69 44.47 -33.82
C TYR F 660 2.77 45.01 -35.25
N PHE F 661 2.45 46.30 -35.42
CA PHE F 661 2.43 46.93 -36.73
C PHE F 661 3.17 48.27 -36.74
N PRO F 662 4.48 48.23 -36.48
CA PRO F 662 5.24 49.46 -36.15
C PRO F 662 5.39 50.41 -37.34
N ASP F 663 5.12 49.90 -38.54
CA ASP F 663 5.15 50.68 -39.78
C ASP F 663 3.87 51.45 -40.04
N MET F 664 2.79 51.06 -39.36
CA MET F 664 1.53 51.76 -39.55
C MET F 664 1.54 53.16 -38.96
N THR F 665 0.66 53.98 -39.52
CA THR F 665 0.64 55.40 -39.34
C THR F 665 -0.77 55.96 -39.31
N TYR F 666 -1.02 56.94 -38.44
CA TYR F 666 -2.29 57.66 -38.42
C TYR F 666 -2.50 58.53 -39.67
N LYS F 667 -3.71 58.50 -40.22
CA LYS F 667 -4.15 59.40 -41.28
C LYS F 667 -5.51 59.93 -40.83
N VAL F 668 -5.83 61.19 -41.17
CA VAL F 668 -7.16 61.73 -40.92
C VAL F 668 -8.19 61.00 -41.80
N PRO F 669 -9.30 60.57 -41.21
CA PRO F 669 -10.27 59.71 -41.90
C PRO F 669 -11.27 60.49 -42.77
#